data_7LX2
#
_entry.id   7LX2
#
loop_
_entity.id
_entity.type
_entity.pdbx_description
1 polymer 'Env glycoprotein gp160'
2 polymer 'PGT122 Fab light chain'
3 polymer 'PGT122 Fab heavy chain'
4 branched 2-acetamido-2-deoxy-beta-D-glucopyranose-(1-4)-2-acetamido-2-deoxy-beta-D-glucopyranose
5 branched alpha-D-mannopyranose-(1-3)-alpha-D-mannopyranose-(1-3)-[alpha-D-mannopyranose-(1-6)]beta-D-mannopyranose-(1-4)-2-acetamido-2-deoxy-beta-D-glucopyranose-(1-4)-2-acetamido-2-deoxy-beta-D-glucopyranose
6 branched alpha-D-mannopyranose-(1-2)-alpha-D-mannopyranose-(1-2)-alpha-D-mannopyranose-(1-3)-[alpha-D-mannopyranose-(1-3)-[alpha-D-mannopyranose-(1-6)]alpha-D-mannopyranose-(1-6)]beta-D-mannopyranose-(1-4)-2-acetamido-2-deoxy-beta-D-glucopyranose-(1-4)-2-acetamido-2-deoxy-beta-D-glucopyranose
7 branched alpha-D-mannopyranose-(1-2)-alpha-D-mannopyranose-(1-3)-[alpha-D-mannopyranose-(1-6)]beta-D-mannopyranose-(1-4)-2-acetamido-2-deoxy-beta-D-glucopyranose-(1-4)-2-acetamido-2-deoxy-beta-D-glucopyranose
8 non-polymer 2-acetamido-2-deoxy-beta-D-glucopyranose
#
loop_
_entity_poly.entity_id
_entity_poly.type
_entity_poly.pdbx_seq_one_letter_code
_entity_poly.pdbx_strand_id
1 'polypeptide(L)'
;MDAMKRGLCCVLLLCGAVFVSPSQEIHARFRRGARSRVENLWVTVYYGVPVWKDAETTLFCASDAKAYDTEKRNVWATHA
CVPTDPNPQEIVLENVTENFNMWKNNMVEQMHTDIISLWDQSLKPCVKLTPLCVTLNCTNVNVTNTTNNTEEKGEIKNCS
FNITTELRDKKKKVYALFYRLDVVPIDDNNNNSSNYRLINCNTSAITQACPKVSFEPIPIHYCAPAGFAILKCNDKKFNG
TGPCKNVSTVQCTHGIKPVVSTQLLLNGSLAEEEIIIRSENITNNAKTIIVQLNESVEINCTRPNNNTRKSIRIGPGQWF
YATGDIIGDIRQAHCNISGTKWNKTLQQVVKKLREHFNNKTIIFNPSSGGDLEITTHSFNCGGEFFYCNTSGLFNSTWIG
NGTKNNNNTNDTITLPCRIKQIINMWQRVGQPMYAPPIQGKIRCVSNITGLLLTRDGGNNNTNETETFRPGGGDMRDNWR
SELYKYKVVKIEPLGVAPTRCKRRVVEGGGGGSGGGGSAVGIGAVFLGFLGAAGSTMGAASMTLTVQARNLLSGGSGSGS
GSTVWGIKQLQARVLAVERYLRDQQLLGIWGCSGKLICCTNVPWNSSWSNKSQDEIWDNMTWMEWDKEINNYTDIIYSLI
EESQNQQEKNEQDLLALD
;
A,B,C
2 'polypeptide(L)'
;APTFVSVAPGQTARITCGEESLGSRSVIWYQQRPGQAPSLIIYNNNDRPSGIPDRFSGSPGSTFGTTATLTITSVEAGDE
ADYYCHIWDSRRPTNWVFGEGTTLIVLSQPKAAPSVTLFPPSSEELQANKATLVCLISDFYPGAVTVAWKADSSPVKAGV
ETTTPSKQSNNKYAASSYLSLTPEQWKSHKSYSCQVTHEGSTVEKTVAPTECS
;
L,M,O
3 'polypeptide(L)'
;QVHLQESGPGLVKPSETLSLTCNVSGTLVRDNYWSWIRQPLGKQPEWIGYVHDSGDTNYNPSLKSRVHLSLDKSKNLVSL
RLTGVTAADSAIYYCATTKHGRRIYGVVAFKEWFTYFYMDVWGKGTSVTVSSASTKGPSVFPLAPSSKSTSGGTAALGCL
VKDYFPEPVTVSWNSGALTSGVHTFPAVLQSSGLYSLSSVVTVPSSSLGTQTYICNVNHKPSNTKVDKRVEPKSC
;
H,N,P
#
loop_
_chem_comp.id
_chem_comp.type
_chem_comp.name
_chem_comp.formula
BMA D-saccharide, beta linking beta-D-mannopyranose 'C6 H12 O6'
MAN D-saccharide, alpha linking alpha-D-mannopyranose 'C6 H12 O6'
NAG D-saccharide, beta linking 2-acetamido-2-deoxy-beta-D-glucopyranose 'C8 H15 N O6'
#
# COMPACT_ATOMS: atom_id res chain seq x y z
N GLU A 39 -63.06 22.72 -30.51
CA GLU A 39 -64.15 21.77 -30.33
C GLU A 39 -64.15 21.23 -28.89
N ASN A 40 -63.90 19.93 -28.74
CA ASN A 40 -63.89 19.28 -27.45
C ASN A 40 -62.69 18.38 -27.32
N LEU A 41 -61.50 18.96 -27.35
CA LEU A 41 -60.31 18.15 -27.25
C LEU A 41 -59.75 18.33 -25.87
N TRP A 42 -59.18 17.27 -25.33
CA TRP A 42 -58.65 17.24 -23.99
C TRP A 42 -57.22 16.77 -23.99
N VAL A 43 -56.46 17.18 -23.01
CA VAL A 43 -55.09 16.73 -22.93
C VAL A 43 -55.06 15.26 -22.53
N THR A 44 -54.32 14.46 -23.28
CA THR A 44 -54.12 13.06 -22.94
C THR A 44 -52.66 12.85 -22.72
N VAL A 45 -52.32 12.18 -21.63
CA VAL A 45 -50.96 11.92 -21.26
C VAL A 45 -50.52 10.54 -21.72
N TYR A 46 -49.41 10.49 -22.42
CA TYR A 46 -48.88 9.23 -22.91
C TYR A 46 -47.54 8.92 -22.30
N TYR A 47 -47.39 7.73 -21.75
CA TYR A 47 -46.11 7.36 -21.17
C TYR A 47 -45.54 6.19 -21.93
N GLY A 48 -44.29 6.31 -22.35
CA GLY A 48 -43.61 5.31 -23.16
C GLY A 48 -43.47 5.82 -24.60
N VAL A 49 -43.53 7.13 -24.76
CA VAL A 49 -43.42 7.81 -26.04
C VAL A 49 -41.99 7.73 -26.59
N PRO A 50 -41.76 7.30 -27.85
CA PRO A 50 -40.45 7.11 -28.44
C PRO A 50 -39.73 8.37 -28.88
N VAL A 51 -39.39 9.20 -27.91
CA VAL A 51 -38.62 10.41 -28.18
C VAL A 51 -37.42 10.44 -27.29
N TRP A 52 -36.44 11.24 -27.66
CA TRP A 52 -35.21 11.32 -26.92
C TRP A 52 -34.51 12.64 -27.04
N LYS A 53 -33.58 12.86 -26.12
CA LYS A 53 -32.75 14.06 -26.11
C LYS A 53 -31.31 13.65 -25.89
N ASP A 54 -30.37 14.43 -26.41
CA ASP A 54 -28.96 14.08 -26.25
C ASP A 54 -28.56 14.03 -24.81
N ALA A 55 -27.72 13.06 -24.45
CA ALA A 55 -27.32 12.96 -23.06
C ALA A 55 -26.01 12.26 -22.83
N GLU A 56 -25.43 12.49 -21.67
CA GLU A 56 -24.22 11.81 -21.28
C GLU A 56 -24.57 10.81 -20.18
N THR A 57 -23.91 9.66 -20.18
CA THR A 57 -24.08 8.69 -19.11
C THR A 57 -22.92 7.76 -19.02
N THR A 58 -23.06 6.78 -18.16
CA THR A 58 -22.03 5.78 -17.96
C THR A 58 -22.42 4.53 -18.71
N LEU A 59 -21.56 4.07 -19.58
CA LEU A 59 -21.86 2.88 -20.35
C LEU A 59 -21.18 1.70 -19.71
N PHE A 60 -21.67 0.49 -19.95
CA PHE A 60 -21.01 -0.67 -19.39
C PHE A 60 -20.38 -1.43 -20.51
N CYS A 61 -19.37 -2.24 -20.23
CA CYS A 61 -18.74 -2.91 -21.34
C CYS A 61 -19.44 -4.21 -21.55
N ALA A 62 -19.17 -4.85 -22.65
CA ALA A 62 -19.55 -6.23 -22.80
C ALA A 62 -18.38 -6.90 -23.53
N SER A 63 -18.11 -8.15 -23.22
CA SER A 63 -17.00 -8.83 -23.90
C SER A 63 -17.18 -10.32 -24.16
N ASP A 64 -16.22 -10.91 -24.85
CA ASP A 64 -16.25 -12.33 -25.17
C ASP A 64 -14.84 -12.88 -25.33
N LYS A 72 -3.77 -16.87 -19.85
CA LYS A 72 -4.87 -15.93 -19.97
C LYS A 72 -4.47 -14.57 -19.42
N ARG A 73 -5.21 -14.06 -18.42
CA ARG A 73 -4.88 -12.79 -17.78
C ARG A 73 -4.66 -11.64 -18.74
N ASN A 74 -5.48 -11.50 -19.74
CA ASN A 74 -5.28 -10.39 -20.66
C ASN A 74 -5.46 -9.07 -19.95
N VAL A 75 -4.62 -8.09 -20.25
CA VAL A 75 -4.67 -6.77 -19.62
C VAL A 75 -6.01 -6.06 -19.87
N TRP A 76 -6.71 -6.44 -20.93
CA TRP A 76 -7.98 -5.81 -21.27
C TRP A 76 -9.17 -6.64 -20.83
N ALA A 77 -8.93 -7.69 -20.05
CA ALA A 77 -9.98 -8.57 -19.59
C ALA A 77 -9.90 -8.75 -18.09
N THR A 78 -10.31 -7.71 -17.36
CA THR A 78 -10.24 -7.70 -15.91
C THR A 78 -11.55 -8.23 -15.32
N HIS A 79 -12.50 -8.48 -16.23
CA HIS A 79 -13.84 -8.98 -15.95
C HIS A 79 -14.65 -8.10 -15.03
N ALA A 80 -14.52 -6.79 -15.19
CA ALA A 80 -15.30 -5.82 -14.43
C ALA A 80 -16.64 -5.63 -15.10
N CYS A 81 -16.72 -6.11 -16.32
CA CYS A 81 -17.85 -6.00 -17.20
C CYS A 81 -18.40 -7.37 -17.64
N VAL A 82 -19.68 -7.38 -18.01
CA VAL A 82 -20.47 -8.55 -18.42
C VAL A 82 -20.09 -9.15 -19.78
N PRO A 83 -20.48 -10.41 -20.06
CA PRO A 83 -20.37 -11.05 -21.35
C PRO A 83 -21.39 -10.48 -22.31
N THR A 84 -21.09 -10.54 -23.61
CA THR A 84 -22.02 -10.10 -24.65
C THR A 84 -23.15 -11.04 -24.93
N ASP A 85 -24.17 -10.49 -25.55
CA ASP A 85 -25.31 -11.21 -26.08
C ASP A 85 -24.86 -11.80 -27.41
N PRO A 86 -24.95 -13.12 -27.66
CA PRO A 86 -24.49 -13.76 -28.88
C PRO A 86 -25.21 -13.27 -30.15
N ASN A 87 -26.38 -12.65 -30.01
CA ASN A 87 -27.11 -12.16 -31.18
C ASN A 87 -27.67 -10.75 -30.96
N PRO A 88 -26.82 -9.69 -30.92
CA PRO A 88 -27.19 -8.33 -30.62
C PRO A 88 -28.19 -7.85 -31.65
N GLN A 89 -29.12 -7.03 -31.22
CA GLN A 89 -30.11 -6.50 -32.12
C GLN A 89 -29.80 -5.11 -32.61
N GLU A 90 -30.32 -4.83 -33.81
CA GLU A 90 -30.27 -3.53 -34.45
C GLU A 90 -31.59 -3.23 -35.11
N ILE A 91 -32.14 -2.07 -34.81
CA ILE A 91 -33.42 -1.66 -35.34
C ILE A 91 -33.32 -0.46 -36.22
N VAL A 92 -33.64 -0.59 -37.48
CA VAL A 92 -33.51 0.57 -38.33
C VAL A 92 -34.64 1.51 -38.06
N LEU A 93 -34.36 2.79 -37.86
CA LEU A 93 -35.42 3.71 -37.59
C LEU A 93 -35.72 4.39 -38.91
N GLU A 94 -36.88 4.13 -39.46
CA GLU A 94 -37.17 4.72 -40.75
C GLU A 94 -37.51 6.16 -40.56
N ASN A 95 -37.21 7.00 -41.51
CA ASN A 95 -37.57 8.42 -41.45
C ASN A 95 -37.02 9.13 -40.23
N VAL A 96 -35.80 8.81 -39.81
CA VAL A 96 -35.20 9.53 -38.70
C VAL A 96 -33.94 10.21 -39.13
N THR A 97 -33.88 11.51 -38.90
CA THR A 97 -32.69 12.27 -39.21
C THR A 97 -32.11 12.69 -37.89
N GLU A 98 -30.84 12.43 -37.70
CA GLU A 98 -30.20 12.75 -36.42
C GLU A 98 -28.89 13.47 -36.66
N ASN A 99 -28.65 14.54 -35.92
CA ASN A 99 -27.40 15.28 -36.06
C ASN A 99 -26.30 14.72 -35.20
N PHE A 100 -25.23 14.29 -35.83
CA PHE A 100 -24.10 13.68 -35.17
C PHE A 100 -22.93 14.65 -35.14
N ASN A 101 -22.08 14.49 -34.13
CA ASN A 101 -20.85 15.25 -34.08
C ASN A 101 -19.79 14.48 -33.33
N MET A 102 -18.93 13.80 -34.07
CA MET A 102 -17.93 12.92 -33.48
C MET A 102 -16.89 13.61 -32.65
N TRP A 103 -16.79 14.93 -32.76
CA TRP A 103 -15.78 15.67 -32.05
C TRP A 103 -16.26 16.10 -30.68
N LYS A 104 -17.55 15.92 -30.41
CA LYS A 104 -18.16 16.34 -29.15
C LYS A 104 -18.70 15.13 -28.41
N ASN A 105 -18.45 13.97 -28.96
CA ASN A 105 -18.93 12.68 -28.51
C ASN A 105 -18.33 12.36 -27.15
N ASN A 106 -19.15 12.00 -26.18
CA ASN A 106 -18.59 11.73 -24.86
C ASN A 106 -18.32 10.25 -24.64
N MET A 107 -18.49 9.44 -25.68
CA MET A 107 -18.20 8.02 -25.55
C MET A 107 -16.71 7.85 -25.64
N VAL A 108 -16.05 8.88 -26.17
CA VAL A 108 -14.63 8.90 -26.39
C VAL A 108 -13.96 9.10 -25.05
N GLU A 109 -14.47 10.02 -24.25
CA GLU A 109 -13.93 10.26 -22.94
C GLU A 109 -14.17 9.06 -22.06
N GLN A 110 -15.33 8.41 -22.24
CA GLN A 110 -15.62 7.22 -21.46
C GLN A 110 -14.65 6.13 -21.81
N MET A 111 -14.36 5.94 -23.09
CA MET A 111 -13.46 4.88 -23.43
C MET A 111 -12.07 5.21 -22.94
N HIS A 112 -11.63 6.44 -23.11
CA HIS A 112 -10.27 6.75 -22.72
C HIS A 112 -10.08 6.47 -21.23
N THR A 113 -11.03 6.89 -20.40
CA THR A 113 -10.89 6.64 -18.97
C THR A 113 -10.88 5.15 -18.66
N ASP A 114 -11.76 4.36 -19.28
CA ASP A 114 -11.77 2.94 -18.99
C ASP A 114 -10.50 2.25 -19.41
N ILE A 115 -9.91 2.66 -20.53
CA ILE A 115 -8.68 2.05 -20.97
C ILE A 115 -7.56 2.31 -19.99
N ILE A 116 -7.47 3.54 -19.48
CA ILE A 116 -6.42 3.82 -18.53
C ILE A 116 -6.62 2.97 -17.29
N SER A 117 -7.85 2.86 -16.80
CA SER A 117 -8.06 2.08 -15.61
C SER A 117 -7.74 0.61 -15.81
N LEU A 118 -8.10 0.01 -16.95
CA LEU A 118 -7.81 -1.41 -17.10
C LEU A 118 -6.30 -1.63 -17.03
N TRP A 119 -5.56 -0.72 -17.63
CA TRP A 119 -4.12 -0.80 -17.64
C TRP A 119 -3.57 -0.69 -16.22
N ASP A 120 -4.00 0.34 -15.50
CA ASP A 120 -3.47 0.56 -14.18
C ASP A 120 -3.85 -0.53 -13.20
N GLN A 121 -5.05 -1.08 -13.33
CA GLN A 121 -5.44 -2.15 -12.42
C GLN A 121 -4.57 -3.34 -12.65
N SER A 122 -4.27 -3.62 -13.91
CA SER A 122 -3.49 -4.78 -14.27
C SER A 122 -2.07 -4.72 -13.80
N LEU A 123 -1.52 -3.52 -13.64
CA LEU A 123 -0.14 -3.41 -13.17
C LEU A 123 -0.03 -3.34 -11.65
N LYS A 124 -1.13 -3.36 -10.92
CA LYS A 124 -0.95 -3.26 -9.48
C LYS A 124 -0.30 -4.49 -8.83
N PRO A 125 -0.76 -5.72 -9.07
CA PRO A 125 -0.28 -6.89 -8.37
C PRO A 125 1.02 -7.48 -8.89
N CYS A 126 2.08 -6.68 -8.93
CA CYS A 126 3.37 -7.20 -9.35
C CYS A 126 4.55 -6.32 -8.96
N VAL A 127 5.73 -6.86 -9.23
CA VAL A 127 7.03 -6.37 -8.81
C VAL A 127 7.47 -5.01 -9.24
N LYS A 128 7.94 -4.26 -8.24
CA LYS A 128 8.48 -2.94 -8.43
C LYS A 128 9.94 -3.12 -8.66
N LEU A 129 10.52 -2.28 -9.47
CA LEU A 129 11.94 -2.36 -9.75
C LEU A 129 12.74 -1.32 -9.02
N THR A 130 12.17 -0.74 -7.97
CA THR A 130 12.87 0.25 -7.17
C THR A 130 14.27 -0.25 -6.78
N PRO A 131 14.48 -1.52 -6.37
CA PRO A 131 15.76 -2.08 -6.00
C PRO A 131 16.82 -2.04 -7.10
N LEU A 132 16.44 -1.78 -8.35
CA LEU A 132 17.41 -1.72 -9.42
C LEU A 132 17.96 -0.33 -9.63
N CYS A 133 17.50 0.65 -8.87
CA CYS A 133 18.05 1.98 -9.06
C CYS A 133 19.38 2.12 -8.36
N VAL A 134 20.37 1.49 -8.96
CA VAL A 134 21.74 1.42 -8.50
C VAL A 134 22.61 1.84 -9.65
N THR A 135 23.85 2.15 -9.38
CA THR A 135 24.72 2.48 -10.48
C THR A 135 25.03 1.24 -11.30
N LEU A 136 24.94 1.36 -12.62
CA LEU A 136 25.23 0.28 -13.52
C LEU A 136 26.60 0.49 -14.16
N ASN A 137 27.31 -0.59 -14.39
CA ASN A 137 28.56 -0.52 -15.13
C ASN A 137 28.34 -1.09 -16.51
N CYS A 138 28.14 -0.22 -17.49
CA CYS A 138 27.74 -0.68 -18.82
C CYS A 138 28.82 -0.54 -19.86
N THR A 139 29.02 -1.63 -20.57
CA THR A 139 29.98 -1.74 -21.66
C THR A 139 29.42 -2.37 -22.91
N ASN A 140 30.27 -2.51 -23.90
CA ASN A 140 29.90 -3.14 -25.15
C ASN A 140 30.96 -4.17 -25.51
N VAL A 141 31.41 -4.91 -24.52
CA VAL A 141 32.49 -5.87 -24.66
C VAL A 141 32.20 -7.10 -25.51
N ASN A 142 30.97 -7.59 -25.46
CA ASN A 142 30.63 -8.78 -26.21
C ASN A 142 29.32 -8.73 -26.96
N VAL A 143 28.87 -7.57 -27.41
CA VAL A 143 27.59 -7.59 -28.09
C VAL A 143 27.82 -7.40 -29.58
N THR A 144 28.50 -6.32 -29.96
CA THR A 144 28.76 -6.06 -31.36
C THR A 144 30.24 -5.98 -31.63
N ASN A 145 30.61 -6.01 -32.90
CA ASN A 145 31.99 -5.88 -33.31
C ASN A 145 32.48 -4.47 -33.03
N GLU A 155 23.79 -0.04 -29.48
CA GLU A 155 22.45 0.32 -29.04
C GLU A 155 21.98 -0.62 -27.97
N ILE A 156 22.78 -1.63 -27.72
CA ILE A 156 22.55 -2.61 -26.67
C ILE A 156 23.77 -2.64 -25.78
N LYS A 157 23.56 -2.44 -24.49
CA LYS A 157 24.67 -2.42 -23.55
C LYS A 157 24.67 -3.58 -22.59
N ASN A 158 25.85 -4.04 -22.24
CA ASN A 158 26.02 -5.12 -21.28
C ASN A 158 26.33 -4.53 -19.92
N CYS A 159 25.36 -4.53 -19.01
CA CYS A 159 25.53 -3.85 -17.76
C CYS A 159 25.63 -4.74 -16.55
N SER A 160 26.58 -4.46 -15.68
CA SER A 160 26.68 -5.22 -14.45
C SER A 160 26.26 -4.36 -13.30
N PHE A 161 25.68 -4.98 -12.29
CA PHE A 161 25.23 -4.25 -11.12
C PHE A 161 25.05 -5.11 -9.90
N ASN A 162 24.97 -4.49 -8.73
CA ASN A 162 24.74 -5.22 -7.50
C ASN A 162 23.30 -5.19 -7.06
N ILE A 163 22.77 -6.35 -6.73
CA ILE A 163 21.41 -6.48 -6.23
C ILE A 163 21.38 -7.23 -4.93
N THR A 164 20.28 -7.10 -4.20
CA THR A 164 20.11 -7.91 -3.01
C THR A 164 19.55 -9.24 -3.42
N THR A 165 19.65 -10.22 -2.54
CA THR A 165 19.03 -11.52 -2.78
C THR A 165 17.84 -11.57 -1.86
N GLU A 166 17.22 -12.74 -1.67
CA GLU A 166 16.09 -12.78 -0.76
C GLU A 166 16.51 -12.50 0.68
N LEU A 167 17.81 -12.58 0.97
CA LEU A 167 18.27 -12.25 2.30
C LEU A 167 18.74 -10.81 2.27
N ARG A 168 18.33 -10.07 3.26
CA ARG A 168 18.60 -8.66 3.35
C ARG A 168 20.04 -8.31 3.68
N ASP A 169 20.79 -9.29 4.15
CA ASP A 169 22.18 -9.07 4.45
C ASP A 169 23.10 -9.54 3.33
N LYS A 170 22.55 -9.96 2.18
CA LYS A 170 23.41 -10.47 1.12
C LYS A 170 23.16 -9.82 -0.23
N LYS A 171 24.27 -9.55 -0.92
CA LYS A 171 24.22 -9.00 -2.27
C LYS A 171 25.05 -9.82 -3.24
N LYS A 172 24.66 -9.75 -4.50
CA LYS A 172 25.40 -10.41 -5.56
C LYS A 172 25.49 -9.54 -6.80
N LYS A 173 26.53 -9.78 -7.58
CA LYS A 173 26.70 -9.09 -8.84
C LYS A 173 26.03 -9.84 -9.97
N VAL A 174 25.22 -9.13 -10.75
CA VAL A 174 24.53 -9.75 -11.88
C VAL A 174 24.77 -8.97 -13.15
N TYR A 175 24.46 -9.60 -14.27
CA TYR A 175 24.58 -8.95 -15.57
C TYR A 175 23.27 -8.96 -16.32
N ALA A 176 23.01 -7.92 -17.11
CA ALA A 176 21.84 -7.89 -17.96
C ALA A 176 22.09 -7.03 -19.18
N LEU A 177 21.37 -7.30 -20.26
CA LEU A 177 21.50 -6.40 -21.38
C LEU A 177 20.37 -5.40 -21.30
N PHE A 178 20.67 -4.16 -21.63
CA PHE A 178 19.69 -3.09 -21.70
C PHE A 178 19.78 -2.35 -23.00
N TYR A 179 18.69 -1.81 -23.46
CA TYR A 179 18.74 -1.01 -24.66
C TYR A 179 19.23 0.37 -24.29
N ARG A 180 19.95 0.99 -25.19
CA ARG A 180 20.48 2.31 -24.93
C ARG A 180 19.42 3.33 -24.58
N LEU A 181 18.23 3.22 -25.13
CA LEU A 181 17.19 4.22 -24.85
C LEU A 181 16.66 4.19 -23.44
N ASP A 182 16.91 3.11 -22.71
CA ASP A 182 16.42 2.95 -21.35
C ASP A 182 17.44 3.33 -20.29
N VAL A 183 18.66 3.67 -20.72
CA VAL A 183 19.76 3.92 -19.80
C VAL A 183 20.42 5.28 -20.06
N VAL A 184 20.67 6.05 -19.01
CA VAL A 184 21.29 7.36 -19.18
C VAL A 184 22.57 7.43 -18.36
N PRO A 185 23.60 8.15 -18.79
CA PRO A 185 24.86 8.30 -18.10
C PRO A 185 24.70 9.13 -16.87
N ILE A 186 25.55 8.89 -15.90
CA ILE A 186 25.60 9.68 -14.70
C ILE A 186 26.65 10.76 -14.86
N SER A 194 30.82 1.83 -13.24
CA SER A 194 29.97 2.76 -12.52
C SER A 194 29.72 4.00 -13.37
N ASN A 195 28.97 3.83 -14.44
CA ASN A 195 28.77 4.89 -15.43
C ASN A 195 27.32 5.31 -15.64
N TYR A 196 26.38 4.36 -15.50
CA TYR A 196 24.99 4.59 -15.92
C TYR A 196 23.88 4.34 -14.92
N ARG A 197 22.75 4.96 -15.19
CA ARG A 197 21.54 4.87 -14.41
C ARG A 197 20.32 4.50 -15.26
N LEU A 198 19.31 3.84 -14.69
CA LEU A 198 18.11 3.63 -15.50
C LEU A 198 17.47 4.98 -15.71
N ILE A 199 16.87 5.18 -16.87
CA ILE A 199 16.32 6.47 -17.23
C ILE A 199 15.31 7.11 -16.29
N ASN A 200 14.50 6.36 -15.54
CA ASN A 200 13.54 7.04 -14.67
C ASN A 200 13.85 7.00 -13.18
N CYS A 201 15.07 6.67 -12.78
CA CYS A 201 15.31 6.60 -11.35
C CYS A 201 15.30 7.93 -10.60
N ASN A 202 15.40 9.07 -11.26
CA ASN A 202 15.32 10.33 -10.54
C ASN A 202 13.93 10.93 -10.66
N THR A 203 13.01 10.18 -11.24
CA THR A 203 11.65 10.68 -11.45
C THR A 203 10.63 9.86 -10.70
N SER A 204 10.65 8.54 -10.85
CA SER A 204 9.61 7.73 -10.21
C SER A 204 9.98 6.27 -10.08
N ALA A 205 9.06 5.48 -9.54
CA ALA A 205 9.33 4.05 -9.41
C ALA A 205 8.86 3.35 -10.67
N ILE A 206 9.64 2.37 -11.11
CA ILE A 206 9.31 1.64 -12.32
C ILE A 206 8.66 0.31 -11.97
N THR A 207 7.48 0.05 -12.49
CA THR A 207 6.79 -1.21 -12.19
C THR A 207 6.99 -2.16 -13.35
N GLN A 208 7.42 -3.40 -13.15
CA GLN A 208 7.55 -4.20 -14.36
C GLN A 208 6.19 -4.73 -14.71
N ALA A 209 5.96 -4.99 -15.98
CA ALA A 209 4.70 -5.56 -16.36
C ALA A 209 4.56 -6.87 -15.71
N CYS A 210 3.38 -7.18 -15.28
CA CYS A 210 3.18 -8.45 -14.67
C CYS A 210 3.46 -9.44 -15.84
N PRO A 211 4.37 -10.40 -15.70
CA PRO A 211 4.88 -11.26 -16.76
C PRO A 211 3.90 -12.20 -17.43
N LYS A 212 2.79 -12.51 -16.79
CA LYS A 212 1.82 -13.41 -17.38
C LYS A 212 0.71 -12.67 -18.10
N VAL A 213 0.76 -11.35 -18.08
CA VAL A 213 -0.28 -10.56 -18.68
C VAL A 213 0.00 -10.23 -20.12
N SER A 214 -0.92 -10.58 -20.97
CA SER A 214 -0.82 -10.29 -22.39
C SER A 214 -1.37 -8.93 -22.71
N PHE A 215 -0.76 -8.26 -23.69
CA PHE A 215 -1.26 -6.96 -24.07
C PHE A 215 -2.08 -6.99 -25.34
N GLU A 216 -2.31 -8.19 -25.86
CA GLU A 216 -3.05 -8.34 -27.11
C GLU A 216 -4.48 -7.81 -26.95
N PRO A 217 -4.96 -6.90 -27.80
CA PRO A 217 -6.26 -6.29 -27.70
C PRO A 217 -7.39 -7.29 -27.88
N ILE A 218 -8.43 -7.08 -27.09
CA ILE A 218 -9.67 -7.82 -27.11
C ILE A 218 -10.76 -6.84 -27.42
N PRO A 219 -11.64 -7.07 -28.39
CA PRO A 219 -12.72 -6.16 -28.69
C PRO A 219 -13.57 -5.89 -27.48
N ILE A 220 -13.91 -4.63 -27.27
CA ILE A 220 -14.74 -4.21 -26.16
C ILE A 220 -16.01 -3.61 -26.71
N HIS A 221 -17.17 -4.06 -26.24
CA HIS A 221 -18.41 -3.49 -26.72
C HIS A 221 -18.92 -2.54 -25.66
N TYR A 222 -19.40 -1.36 -26.04
CA TYR A 222 -20.01 -0.48 -25.04
C TYR A 222 -21.49 -0.47 -25.14
N CYS A 223 -22.17 -0.85 -24.05
CA CYS A 223 -23.62 -1.01 -24.13
C CYS A 223 -24.38 -0.05 -23.23
N ALA A 224 -25.58 0.35 -23.70
CA ALA A 224 -26.40 1.33 -22.97
C ALA A 224 -27.08 0.79 -21.71
N PRO A 225 -27.17 1.61 -20.64
CA PRO A 225 -27.90 1.38 -19.41
C PRO A 225 -29.38 1.60 -19.60
N ALA A 226 -30.19 1.14 -18.66
CA ALA A 226 -31.63 1.37 -18.74
C ALA A 226 -31.95 2.85 -18.80
N GLY A 227 -32.90 3.19 -19.65
CA GLY A 227 -33.33 4.56 -19.87
C GLY A 227 -32.60 5.26 -21.01
N PHE A 228 -31.57 4.63 -21.56
CA PHE A 228 -30.74 5.17 -22.63
C PHE A 228 -30.67 4.31 -23.86
N ALA A 229 -30.27 4.93 -24.97
CA ALA A 229 -30.10 4.21 -26.21
C ALA A 229 -28.90 4.69 -26.98
N ILE A 230 -28.30 3.80 -27.75
CA ILE A 230 -27.22 4.18 -28.63
C ILE A 230 -27.68 4.18 -30.05
N LEU A 231 -27.51 5.30 -30.72
CA LEU A 231 -27.92 5.41 -32.10
C LEU A 231 -26.69 5.29 -32.95
N LYS A 232 -26.83 4.61 -34.08
CA LYS A 232 -25.74 4.42 -35.01
C LYS A 232 -26.03 5.06 -36.36
N CYS A 233 -25.04 5.72 -36.92
CA CYS A 233 -25.20 6.33 -38.24
C CYS A 233 -24.73 5.40 -39.34
N ASN A 234 -25.61 5.10 -40.28
CA ASN A 234 -25.29 4.18 -41.35
C ASN A 234 -25.00 4.83 -42.71
N ASP A 235 -24.78 6.13 -42.73
CA ASP A 235 -24.45 6.77 -44.00
C ASP A 235 -23.02 6.47 -44.40
N LYS A 236 -22.90 5.89 -45.58
CA LYS A 236 -21.62 5.42 -46.11
C LYS A 236 -20.59 6.53 -46.30
N LYS A 237 -21.05 7.72 -46.61
CA LYS A 237 -20.17 8.86 -46.82
C LYS A 237 -20.10 9.78 -45.62
N PHE A 238 -20.62 9.36 -44.47
CA PHE A 238 -20.61 10.22 -43.31
C PHE A 238 -19.19 10.49 -42.85
N ASN A 239 -18.89 11.77 -42.67
CA ASN A 239 -17.55 12.16 -42.27
C ASN A 239 -17.40 12.30 -40.77
N GLY A 240 -18.45 12.68 -40.09
CA GLY A 240 -18.32 12.86 -38.67
C GLY A 240 -19.28 13.87 -38.11
N THR A 241 -19.76 14.79 -38.93
CA THR A 241 -20.69 15.77 -38.42
C THR A 241 -21.91 15.93 -39.29
N GLY A 242 -22.93 16.54 -38.75
CA GLY A 242 -24.10 16.89 -39.53
C GLY A 242 -25.13 15.78 -39.49
N PRO A 243 -26.24 15.94 -40.19
CA PRO A 243 -27.34 15.01 -40.19
C PRO A 243 -26.98 13.71 -40.83
N CYS A 244 -27.47 12.65 -40.24
CA CYS A 244 -27.35 11.32 -40.77
C CYS A 244 -28.75 10.91 -41.16
N LYS A 245 -28.93 10.46 -42.38
CA LYS A 245 -30.27 10.15 -42.89
C LYS A 245 -30.68 8.70 -42.73
N ASN A 246 -29.80 7.90 -42.18
CA ASN A 246 -30.05 6.49 -41.97
C ASN A 246 -29.58 6.13 -40.58
N VAL A 247 -30.49 6.12 -39.63
CA VAL A 247 -30.12 5.94 -38.25
C VAL A 247 -30.73 4.68 -37.70
N SER A 248 -29.93 3.87 -37.05
CA SER A 248 -30.45 2.66 -36.45
C SER A 248 -30.16 2.63 -34.97
N THR A 249 -30.99 1.95 -34.22
CA THR A 249 -30.76 1.83 -32.78
C THR A 249 -30.10 0.52 -32.50
N VAL A 250 -29.06 0.55 -31.70
CA VAL A 250 -28.39 -0.70 -31.41
C VAL A 250 -28.38 -0.94 -29.94
N GLN A 251 -28.37 -2.21 -29.54
CA GLN A 251 -28.26 -2.46 -28.12
C GLN A 251 -26.92 -1.97 -27.65
N CYS A 252 -25.92 -2.20 -28.50
CA CYS A 252 -24.57 -1.77 -28.27
C CYS A 252 -23.65 -1.71 -29.47
N THR A 253 -22.45 -1.19 -29.24
CA THR A 253 -21.49 -0.96 -30.31
C THR A 253 -20.86 -2.23 -30.77
N HIS A 254 -20.14 -2.15 -31.89
CA HIS A 254 -19.41 -3.28 -32.38
C HIS A 254 -18.25 -3.41 -31.46
N GLY A 255 -17.50 -4.49 -31.57
CA GLY A 255 -16.38 -4.55 -30.66
C GLY A 255 -15.31 -3.63 -31.17
N ILE A 256 -14.75 -2.85 -30.27
CA ILE A 256 -13.67 -1.97 -30.61
C ILE A 256 -12.41 -2.44 -29.99
N LYS A 257 -11.39 -2.65 -30.79
CA LYS A 257 -10.15 -3.13 -30.23
C LYS A 257 -9.33 -1.97 -29.73
N PRO A 258 -8.84 -1.97 -28.49
CA PRO A 258 -8.04 -0.93 -27.90
C PRO A 258 -6.61 -1.01 -28.40
N VAL A 259 -6.42 -0.79 -29.68
CA VAL A 259 -5.11 -0.84 -30.28
C VAL A 259 -4.43 0.49 -30.04
N VAL A 260 -3.21 0.46 -29.55
CA VAL A 260 -2.48 1.67 -29.28
C VAL A 260 -1.43 1.90 -30.34
N SER A 261 -1.50 3.07 -30.98
CA SER A 261 -0.56 3.44 -32.02
C SER A 261 -0.52 4.95 -32.14
N THR A 262 0.36 5.48 -32.98
CA THR A 262 0.49 6.92 -33.14
C THR A 262 0.22 7.39 -34.56
N GLN A 263 1.23 7.45 -35.38
CA GLN A 263 1.08 8.03 -36.70
C GLN A 263 0.13 7.29 -37.65
N LEU A 264 0.10 5.97 -37.56
CA LEU A 264 -0.77 5.16 -38.38
C LEU A 264 -1.69 4.39 -37.47
N LEU A 265 -2.94 4.31 -37.87
CA LEU A 265 -3.97 3.60 -37.13
C LEU A 265 -4.00 2.19 -37.64
N LEU A 266 -3.81 1.25 -36.75
CA LEU A 266 -3.77 -0.13 -37.13
C LEU A 266 -5.00 -0.89 -36.70
N ASN A 267 -5.35 -1.88 -37.49
CA ASN A 267 -6.39 -2.85 -37.22
C ASN A 267 -7.75 -2.24 -36.89
N GLY A 268 -8.13 -1.17 -37.56
CA GLY A 268 -9.43 -0.57 -37.30
C GLY A 268 -10.41 -0.94 -38.39
N SER A 269 -11.48 -0.17 -38.48
CA SER A 269 -12.49 -0.40 -39.48
C SER A 269 -12.13 0.30 -40.77
N LEU A 270 -12.52 -0.26 -41.89
CA LEU A 270 -12.33 0.39 -43.17
C LEU A 270 -13.57 1.09 -43.64
N ALA A 271 -13.36 2.10 -44.46
CA ALA A 271 -14.43 2.84 -45.11
C ALA A 271 -14.99 1.94 -46.19
N GLU A 272 -16.25 2.09 -46.56
CA GLU A 272 -16.77 1.19 -47.58
C GLU A 272 -16.72 1.67 -49.02
N GLU A 273 -16.80 2.97 -49.26
CA GLU A 273 -16.85 3.43 -50.64
C GLU A 273 -15.61 4.18 -51.12
N GLU A 274 -15.04 4.97 -50.24
CA GLU A 274 -13.94 5.83 -50.59
C GLU A 274 -13.15 6.19 -49.36
N ILE A 275 -12.01 6.83 -49.55
CA ILE A 275 -11.28 7.30 -48.39
C ILE A 275 -12.00 8.47 -47.81
N ILE A 276 -12.23 8.45 -46.52
CA ILE A 276 -12.93 9.55 -45.89
C ILE A 276 -12.00 10.37 -45.06
N ILE A 277 -11.94 11.64 -45.38
CA ILE A 277 -11.07 12.54 -44.66
C ILE A 277 -11.94 13.36 -43.77
N ARG A 278 -11.69 13.27 -42.48
CA ARG A 278 -12.52 13.95 -41.52
C ARG A 278 -11.75 14.70 -40.46
N SER A 279 -12.23 15.87 -40.10
CA SER A 279 -11.61 16.69 -39.09
C SER A 279 -12.64 17.61 -38.48
N GLU A 280 -12.34 18.18 -37.31
CA GLU A 280 -13.25 19.14 -36.68
C GLU A 280 -13.37 20.40 -37.51
N ASN A 281 -12.23 20.82 -38.05
CA ASN A 281 -12.12 22.01 -38.87
C ASN A 281 -11.00 21.82 -39.89
N ILE A 282 -11.36 21.54 -41.12
CA ILE A 282 -10.41 21.19 -42.16
C ILE A 282 -9.52 22.33 -42.56
N THR A 283 -9.86 23.55 -42.17
CA THR A 283 -9.04 24.70 -42.54
C THR A 283 -8.20 25.20 -41.37
N ASN A 284 -8.20 24.48 -40.26
CA ASN A 284 -7.37 24.94 -39.13
C ASN A 284 -6.01 24.24 -39.21
N ASN A 285 -5.12 24.58 -38.29
CA ASN A 285 -3.81 23.93 -38.21
C ASN A 285 -3.71 23.25 -36.86
N ALA A 286 -4.60 23.64 -35.97
CA ALA A 286 -4.61 23.16 -34.59
C ALA A 286 -5.39 21.88 -34.43
N LYS A 287 -5.99 21.41 -35.50
CA LYS A 287 -6.83 20.24 -35.46
C LYS A 287 -6.21 19.15 -36.27
N THR A 288 -6.38 17.90 -35.84
CA THR A 288 -5.84 16.79 -36.59
C THR A 288 -6.83 16.33 -37.61
N ILE A 289 -6.34 15.59 -38.60
CA ILE A 289 -7.15 15.01 -39.63
C ILE A 289 -7.09 13.51 -39.56
N ILE A 290 -8.23 12.86 -39.50
CA ILE A 290 -8.23 11.42 -39.46
C ILE A 290 -8.59 10.95 -40.83
N VAL A 291 -7.75 10.13 -41.41
CA VAL A 291 -8.01 9.65 -42.75
C VAL A 291 -8.36 8.18 -42.67
N GLN A 292 -9.56 7.82 -43.08
CA GLN A 292 -9.98 6.43 -43.02
C GLN A 292 -9.91 5.80 -44.39
N LEU A 293 -9.16 4.73 -44.50
CA LEU A 293 -8.94 4.11 -45.79
C LEU A 293 -10.03 3.13 -46.11
N ASN A 294 -10.29 2.88 -47.40
CA ASN A 294 -11.26 1.85 -47.76
C ASN A 294 -10.58 0.54 -48.14
N GLU A 295 -9.26 0.52 -48.06
CA GLU A 295 -8.44 -0.65 -48.35
C GLU A 295 -7.36 -0.68 -47.31
N SER A 296 -7.01 -1.86 -46.84
CA SER A 296 -5.92 -1.95 -45.90
C SER A 296 -4.59 -2.05 -46.59
N VAL A 297 -3.55 -1.62 -45.89
CA VAL A 297 -2.18 -1.81 -46.35
C VAL A 297 -1.45 -2.63 -45.32
N GLU A 298 -0.88 -3.75 -45.71
CA GLU A 298 -0.21 -4.56 -44.70
C GLU A 298 1.14 -4.04 -44.33
N ILE A 299 1.42 -4.11 -43.04
CA ILE A 299 2.71 -3.75 -42.50
C ILE A 299 3.27 -4.96 -41.73
N ASN A 300 4.41 -5.45 -42.17
CA ASN A 300 5.04 -6.63 -41.56
C ASN A 300 6.15 -6.24 -40.63
N CYS A 301 5.96 -6.41 -39.34
CA CYS A 301 7.00 -5.96 -38.42
C CYS A 301 7.70 -7.11 -37.75
N THR A 302 8.99 -6.94 -37.51
CA THR A 302 9.74 -7.96 -36.84
C THR A 302 10.83 -7.47 -35.93
N ARG A 303 11.16 -8.33 -35.00
CA ARG A 303 12.23 -8.17 -34.03
C ARG A 303 13.17 -9.38 -34.21
N PRO A 304 14.15 -9.32 -35.12
CA PRO A 304 14.99 -10.41 -35.57
C PRO A 304 16.00 -10.97 -34.57
N ASN A 305 16.24 -10.29 -33.46
CA ASN A 305 17.22 -10.76 -32.49
C ASN A 305 16.65 -11.85 -31.62
N ASN A 306 17.38 -12.93 -31.49
CA ASN A 306 16.88 -14.01 -30.66
C ASN A 306 17.25 -13.78 -29.20
N ASN A 307 16.42 -13.02 -28.51
CA ASN A 307 16.68 -12.69 -27.12
C ASN A 307 16.36 -13.85 -26.22
N THR A 308 17.12 -13.96 -25.16
CA THR A 308 16.93 -14.96 -24.11
C THR A 308 16.42 -14.28 -22.87
N ARG A 309 15.39 -14.82 -22.24
CA ARG A 309 14.92 -14.20 -21.01
C ARG A 309 15.68 -14.78 -19.83
N LYS A 310 16.14 -13.94 -18.92
CA LYS A 310 16.80 -14.41 -17.72
C LYS A 310 16.05 -13.96 -16.50
N SER A 311 15.92 -14.85 -15.53
CA SER A 311 15.18 -14.51 -14.33
C SER A 311 16.07 -14.26 -13.13
N ILE A 312 16.01 -13.04 -12.61
CA ILE A 312 16.83 -12.59 -11.49
C ILE A 312 16.00 -12.41 -10.22
N ARG A 313 16.39 -13.03 -9.12
CA ARG A 313 15.60 -12.84 -7.91
C ARG A 313 16.02 -11.57 -7.19
N ILE A 314 15.09 -10.67 -7.02
CA ILE A 314 15.31 -9.37 -6.38
C ILE A 314 14.92 -9.42 -4.92
N GLY A 315 13.86 -10.14 -4.65
CA GLY A 315 13.35 -10.19 -3.29
C GLY A 315 12.58 -11.48 -3.00
N PRO A 316 11.86 -11.54 -1.89
CA PRO A 316 11.14 -12.69 -1.39
C PRO A 316 9.93 -12.98 -2.24
N GLY A 317 10.15 -13.67 -3.35
CA GLY A 317 9.10 -14.01 -4.31
C GLY A 317 9.01 -12.98 -5.43
N GLN A 318 10.00 -12.10 -5.49
CA GLN A 318 10.01 -11.06 -6.50
C GLN A 318 11.07 -11.28 -7.55
N TRP A 319 10.63 -11.59 -8.75
CA TRP A 319 11.56 -11.83 -9.84
C TRP A 319 11.57 -10.69 -10.81
N PHE A 320 12.74 -10.39 -11.33
CA PHE A 320 12.98 -9.41 -12.37
C PHE A 320 13.32 -10.11 -13.65
N TYR A 321 12.71 -9.69 -14.75
CA TYR A 321 13.05 -10.36 -15.99
C TYR A 321 13.95 -9.51 -16.84
N ALA A 322 15.15 -10.02 -17.04
CA ALA A 322 16.22 -9.33 -17.73
C ALA A 322 16.50 -9.94 -19.06
N THR A 323 17.08 -9.17 -19.95
CA THR A 323 17.50 -9.75 -21.21
C THR A 323 18.84 -10.42 -20.97
N GLY A 324 18.96 -11.67 -21.36
CA GLY A 324 20.19 -12.43 -21.24
C GLY A 324 20.94 -12.33 -22.54
N ASP A 325 21.84 -13.24 -22.82
CA ASP A 325 22.58 -13.12 -24.05
C ASP A 325 21.74 -13.25 -25.29
N ILE A 326 22.14 -12.50 -26.31
CA ILE A 326 21.52 -12.55 -27.62
C ILE A 326 22.18 -13.65 -28.40
N ILE A 327 21.40 -14.50 -29.00
CA ILE A 327 21.92 -15.60 -29.77
C ILE A 327 21.88 -15.26 -31.22
N GLY A 328 23.00 -15.39 -31.87
CA GLY A 328 23.09 -15.07 -33.27
C GLY A 328 23.49 -13.65 -33.50
N ASP A 329 23.08 -13.12 -34.64
CA ASP A 329 23.50 -11.83 -35.09
C ASP A 329 22.76 -10.74 -34.38
N ILE A 330 23.36 -9.57 -34.32
CA ILE A 330 22.66 -8.44 -33.76
C ILE A 330 22.09 -7.73 -34.96
N ARG A 331 20.79 -7.63 -35.03
CA ARG A 331 20.08 -7.05 -36.13
C ARG A 331 19.08 -5.99 -35.68
N GLN A 332 18.76 -5.09 -36.59
CA GLN A 332 17.82 -4.03 -36.33
C GLN A 332 16.38 -4.40 -36.61
N ALA A 333 15.49 -4.02 -35.70
CA ALA A 333 14.07 -4.26 -35.82
C ALA A 333 13.55 -3.44 -36.97
N HIS A 334 12.55 -3.93 -37.67
CA HIS A 334 12.02 -3.18 -38.80
C HIS A 334 10.63 -3.55 -39.23
N CYS A 335 10.02 -2.67 -40.03
CA CYS A 335 8.73 -2.93 -40.64
C CYS A 335 8.72 -2.81 -42.15
N ASN A 336 8.01 -3.71 -42.81
CA ASN A 336 7.91 -3.77 -44.27
C ASN A 336 6.55 -3.41 -44.82
N ILE A 337 6.52 -2.37 -45.66
CA ILE A 337 5.29 -1.90 -46.33
C ILE A 337 5.46 -2.00 -47.83
N SER A 338 4.53 -2.62 -48.55
CA SER A 338 4.74 -2.70 -50.00
C SER A 338 4.79 -1.32 -50.62
N GLY A 339 5.72 -1.11 -51.55
CA GLY A 339 5.89 0.19 -52.17
C GLY A 339 4.70 0.62 -53.00
N THR A 340 4.12 -0.31 -53.75
CA THR A 340 3.02 0.07 -54.62
C THR A 340 1.73 0.26 -53.89
N LYS A 341 1.48 -0.49 -52.83
CA LYS A 341 0.25 -0.30 -52.11
C LYS A 341 0.28 1.03 -51.40
N TRP A 342 1.44 1.39 -50.85
CA TRP A 342 1.52 2.65 -50.20
C TRP A 342 1.31 3.78 -51.19
N ASN A 343 1.90 3.66 -52.39
CA ASN A 343 1.73 4.73 -53.35
C ASN A 343 0.29 4.86 -53.83
N LYS A 344 -0.43 3.74 -54.01
CA LYS A 344 -1.81 3.84 -54.42
C LYS A 344 -2.61 4.51 -53.33
N THR A 345 -2.30 4.18 -52.09
CA THR A 345 -2.99 4.75 -50.98
C THR A 345 -2.80 6.24 -50.98
N LEU A 346 -1.58 6.72 -51.18
CA LEU A 346 -1.40 8.16 -51.20
C LEU A 346 -2.05 8.80 -52.41
N GLN A 347 -2.06 8.17 -53.57
CA GLN A 347 -2.72 8.85 -54.68
C GLN A 347 -4.16 9.11 -54.34
N GLN A 348 -4.80 8.13 -53.69
CA GLN A 348 -6.19 8.25 -53.32
C GLN A 348 -6.37 9.27 -52.19
N VAL A 349 -5.46 9.30 -51.21
CA VAL A 349 -5.58 10.25 -50.11
C VAL A 349 -5.43 11.65 -50.64
N VAL A 350 -4.49 11.87 -51.54
CA VAL A 350 -4.31 13.19 -52.09
C VAL A 350 -5.49 13.59 -52.94
N LYS A 351 -5.99 12.71 -53.79
CA LYS A 351 -7.13 13.05 -54.63
C LYS A 351 -8.29 13.57 -53.81
N LYS A 352 -8.55 12.97 -52.66
CA LYS A 352 -9.63 13.38 -51.78
C LYS A 352 -9.30 14.54 -50.87
N LEU A 353 -8.06 14.94 -50.83
CA LEU A 353 -7.61 15.99 -49.94
C LEU A 353 -7.74 17.29 -50.73
N ARG A 354 -7.62 17.17 -52.05
CA ARG A 354 -7.76 18.31 -52.95
C ARG A 354 -9.23 18.68 -53.12
N GLU A 355 -10.11 17.92 -52.51
CA GLU A 355 -11.53 18.26 -52.52
C GLU A 355 -11.85 19.23 -51.39
N HIS A 356 -10.92 19.39 -50.43
CA HIS A 356 -11.11 20.31 -49.31
C HIS A 356 -10.20 21.51 -49.45
N PHE A 357 -9.07 21.30 -50.11
CA PHE A 357 -8.05 22.30 -50.33
C PHE A 357 -8.13 22.63 -51.79
N ASN A 358 -7.65 23.77 -52.18
CA ASN A 358 -7.74 24.12 -53.59
C ASN A 358 -6.73 23.27 -54.31
N ASN A 359 -6.62 23.42 -55.63
CA ASN A 359 -5.71 22.57 -56.38
C ASN A 359 -4.28 23.06 -56.27
N LYS A 360 -3.73 22.83 -55.10
CA LYS A 360 -2.42 23.21 -54.67
C LYS A 360 -1.53 22.01 -54.65
N THR A 361 -0.25 22.27 -54.68
CA THR A 361 0.73 21.22 -54.49
C THR A 361 0.62 20.73 -53.06
N ILE A 362 0.59 19.42 -52.89
CA ILE A 362 0.54 18.83 -51.56
C ILE A 362 1.80 18.08 -51.23
N ILE A 363 2.40 18.43 -50.10
CA ILE A 363 3.61 17.73 -49.75
C ILE A 363 3.47 17.05 -48.41
N PHE A 364 4.09 15.89 -48.33
CA PHE A 364 4.13 15.11 -47.12
C PHE A 364 5.53 15.11 -46.58
N ASN A 365 5.64 15.46 -45.32
CA ASN A 365 6.92 15.49 -44.65
C ASN A 365 6.91 14.66 -43.38
N PRO A 366 8.06 14.21 -42.87
CA PRO A 366 8.25 13.54 -41.60
C PRO A 366 7.86 14.52 -40.52
N SER A 367 7.53 14.04 -39.33
CA SER A 367 7.14 14.98 -38.30
C SER A 367 8.33 15.86 -37.93
N SER A 368 8.03 17.01 -37.34
CA SER A 368 9.04 18.02 -37.02
C SER A 368 9.99 17.77 -35.86
N GLY A 369 9.63 16.94 -34.91
CA GLY A 369 10.54 16.72 -33.79
C GLY A 369 9.82 16.52 -32.49
N GLY A 370 10.60 16.47 -31.41
CA GLY A 370 10.04 16.21 -30.09
C GLY A 370 10.30 14.79 -29.66
N ASP A 371 9.53 14.33 -28.69
CA ASP A 371 9.71 13.04 -28.05
C ASP A 371 9.56 11.88 -29.04
N LEU A 372 10.29 10.80 -28.79
CA LEU A 372 10.27 9.64 -29.69
C LEU A 372 8.85 9.10 -29.86
N GLU A 373 8.05 9.19 -28.82
CA GLU A 373 6.67 8.72 -28.83
C GLU A 373 5.78 9.48 -29.83
N ILE A 374 6.22 10.65 -30.25
CA ILE A 374 5.51 11.49 -31.20
C ILE A 374 6.11 11.38 -32.59
N THR A 375 7.44 11.38 -32.67
CA THR A 375 8.13 11.38 -33.95
C THR A 375 8.13 10.04 -34.65
N THR A 376 7.91 8.97 -33.91
CA THR A 376 7.84 7.65 -34.50
C THR A 376 6.47 7.01 -34.44
N HIS A 377 6.34 5.94 -35.18
CA HIS A 377 5.16 5.12 -35.18
C HIS A 377 5.30 4.09 -34.12
N SER A 378 4.53 4.21 -33.03
CA SER A 378 4.75 3.23 -32.01
C SER A 378 3.66 2.21 -32.01
N PHE A 379 3.99 1.02 -31.57
CA PHE A 379 3.00 -0.04 -31.42
C PHE A 379 3.50 -1.17 -30.55
N ASN A 380 2.57 -1.97 -30.07
CA ASN A 380 2.87 -3.15 -29.29
C ASN A 380 2.75 -4.41 -30.14
N CYS A 381 3.86 -5.02 -30.48
CA CYS A 381 3.93 -6.18 -31.37
C CYS A 381 4.46 -7.40 -30.66
N GLY A 382 3.58 -8.31 -30.31
CA GLY A 382 3.99 -9.52 -29.62
C GLY A 382 4.27 -9.28 -28.15
N GLY A 383 4.05 -8.06 -27.71
CA GLY A 383 4.33 -7.62 -26.36
C GLY A 383 5.56 -6.70 -26.31
N GLU A 384 6.31 -6.56 -27.41
CA GLU A 384 7.45 -5.64 -27.39
C GLU A 384 7.00 -4.27 -27.88
N PHE A 385 7.67 -3.23 -27.42
CA PHE A 385 7.30 -1.88 -27.82
C PHE A 385 8.24 -1.31 -28.84
N PHE A 386 7.71 -1.13 -30.04
CA PHE A 386 8.41 -0.65 -31.21
C PHE A 386 8.18 0.80 -31.45
N TYR A 387 9.22 1.49 -31.91
CA TYR A 387 9.21 2.89 -32.31
C TYR A 387 9.78 3.03 -33.71
N CYS A 388 8.93 2.99 -34.74
CA CYS A 388 9.43 2.92 -36.10
C CYS A 388 9.50 4.28 -36.80
N ASN A 389 10.51 4.41 -37.61
CA ASN A 389 10.79 5.61 -38.38
C ASN A 389 10.02 5.63 -39.70
N THR A 390 9.05 6.53 -39.80
CA THR A 390 8.13 6.63 -40.92
C THR A 390 8.52 7.68 -41.93
N SER A 391 9.74 8.18 -41.85
CA SER A 391 10.21 9.19 -42.80
C SER A 391 10.32 8.60 -44.19
N GLY A 392 10.30 7.29 -44.27
CA GLY A 392 10.34 6.59 -45.53
C GLY A 392 8.96 6.56 -46.21
N LEU A 393 7.93 6.96 -45.47
CA LEU A 393 6.58 6.95 -46.01
C LEU A 393 6.13 8.37 -46.31
N PHE A 394 6.32 9.24 -45.35
CA PHE A 394 5.87 10.61 -45.47
C PHE A 394 6.93 11.52 -46.02
N ASN A 395 7.35 11.25 -47.24
CA ASN A 395 8.37 12.04 -47.89
C ASN A 395 8.10 12.15 -49.40
N SER A 396 7.15 13.00 -49.77
CA SER A 396 6.77 13.10 -51.19
C SER A 396 6.09 14.41 -51.58
N THR A 397 6.08 14.70 -52.88
CA THR A 397 5.37 15.86 -53.43
C THR A 397 4.37 15.46 -54.48
N TRP A 398 3.13 15.91 -54.32
CA TRP A 398 2.09 15.59 -55.26
C TRP A 398 1.57 16.82 -55.98
N ILE A 399 1.49 16.72 -57.29
CA ILE A 399 1.00 17.80 -58.15
C ILE A 399 -0.06 17.32 -59.09
N GLY A 400 -0.82 18.24 -59.66
CA GLY A 400 -1.82 17.92 -60.67
C GLY A 400 -1.40 16.71 -61.51
N ASP A 411 8.67 -2.84 -55.32
CA ASP A 411 9.65 -2.85 -54.25
C ASP A 411 9.01 -2.79 -52.87
N THR A 412 9.83 -2.77 -51.83
CA THR A 412 9.37 -2.75 -50.45
C THR A 412 10.01 -1.60 -49.69
N ILE A 413 9.22 -0.93 -48.88
CA ILE A 413 9.71 0.14 -48.05
C ILE A 413 10.08 -0.44 -46.71
N THR A 414 11.33 -0.29 -46.31
CA THR A 414 11.75 -0.86 -45.03
C THR A 414 11.95 0.26 -44.03
N LEU A 415 11.24 0.20 -42.93
CA LEU A 415 11.33 1.21 -41.90
C LEU A 415 12.16 0.66 -40.75
N PRO A 416 13.26 1.27 -40.33
CA PRO A 416 14.02 0.81 -39.19
C PRO A 416 13.22 1.11 -37.96
N CYS A 417 13.35 0.30 -36.92
CA CYS A 417 12.66 0.55 -35.66
C CYS A 417 13.55 0.41 -34.45
N ARG A 418 13.20 1.12 -33.38
CA ARG A 418 13.89 0.97 -32.12
C ARG A 418 12.98 0.26 -31.14
N ILE A 419 13.57 -0.41 -30.16
CA ILE A 419 12.81 -1.09 -29.12
C ILE A 419 13.11 -0.49 -27.77
N LYS A 420 12.09 -0.24 -26.95
CA LYS A 420 12.32 0.26 -25.59
C LYS A 420 11.72 -0.66 -24.57
N GLN A 421 12.34 -0.79 -23.41
CA GLN A 421 11.70 -1.54 -22.35
C GLN A 421 11.05 -0.63 -21.33
N ILE A 422 11.52 0.61 -21.16
CA ILE A 422 10.88 1.47 -20.17
C ILE A 422 10.01 2.46 -20.88
N ILE A 423 8.71 2.37 -20.65
CA ILE A 423 7.79 3.21 -21.38
C ILE A 423 6.86 4.02 -20.49
N ASN A 424 6.30 5.10 -21.05
CA ASN A 424 5.37 5.98 -20.35
C ASN A 424 4.15 6.24 -21.21
N MET A 425 3.15 5.40 -21.05
CA MET A 425 1.96 5.46 -21.89
C MET A 425 1.00 6.55 -21.50
N TRP A 426 0.22 6.99 -22.49
CA TRP A 426 -0.83 8.00 -22.38
C TRP A 426 -0.33 9.32 -21.88
N GLN A 427 0.93 9.56 -22.16
CA GLN A 427 1.64 10.78 -21.84
C GLN A 427 1.59 11.11 -20.35
N ARG A 428 1.63 10.09 -19.49
CA ARG A 428 1.64 10.36 -18.08
C ARG A 428 3.05 10.34 -17.54
N VAL A 429 3.51 11.48 -17.11
CA VAL A 429 4.85 11.59 -16.59
C VAL A 429 4.89 11.12 -15.16
N GLY A 430 5.86 10.28 -14.82
CA GLY A 430 6.00 9.79 -13.47
C GLY A 430 5.43 8.40 -13.22
N GLN A 431 4.94 7.73 -14.24
CA GLN A 431 4.43 6.38 -14.06
C GLN A 431 4.96 5.39 -15.09
N PRO A 432 6.28 5.16 -15.15
CA PRO A 432 6.93 4.28 -16.07
C PRO A 432 6.66 2.83 -15.79
N MET A 433 6.70 2.04 -16.86
CA MET A 433 6.54 0.61 -16.76
C MET A 433 7.65 -0.08 -17.49
N TYR A 434 8.11 -1.20 -16.94
CA TYR A 434 9.17 -1.97 -17.59
C TYR A 434 8.62 -3.20 -18.28
N ALA A 435 8.77 -3.27 -19.57
CA ALA A 435 8.27 -4.40 -20.28
C ALA A 435 9.36 -5.48 -20.24
N PRO A 436 9.11 -6.69 -19.72
CA PRO A 436 10.08 -7.72 -19.62
C PRO A 436 10.34 -8.12 -21.03
N PRO A 437 11.50 -8.63 -21.37
CA PRO A 437 11.84 -9.09 -22.69
C PRO A 437 11.08 -10.32 -23.00
N ILE A 438 10.77 -10.49 -24.27
CA ILE A 438 10.11 -11.68 -24.72
C ILE A 438 11.05 -12.59 -25.45
N GLN A 439 11.14 -13.81 -24.97
CA GLN A 439 12.07 -14.76 -25.53
C GLN A 439 11.66 -15.26 -26.88
N GLY A 440 12.65 -15.34 -27.78
CA GLY A 440 12.42 -15.83 -29.13
C GLY A 440 12.24 -14.68 -30.11
N LYS A 441 12.03 -15.00 -31.38
CA LYS A 441 11.88 -13.94 -32.37
C LYS A 441 10.43 -13.50 -32.46
N ILE A 442 10.21 -12.25 -32.80
CA ILE A 442 8.85 -11.72 -32.93
C ILE A 442 8.47 -11.23 -34.29
N ARG A 443 7.30 -11.66 -34.72
CA ARG A 443 6.75 -11.20 -35.98
C ARG A 443 5.26 -10.96 -35.84
N CYS A 444 4.78 -9.87 -36.43
CA CYS A 444 3.36 -9.61 -36.46
C CYS A 444 2.95 -8.89 -37.74
N VAL A 445 1.76 -9.18 -38.21
CA VAL A 445 1.27 -8.51 -39.39
C VAL A 445 0.07 -7.67 -39.08
N SER A 446 0.19 -6.38 -39.33
CA SER A 446 -0.90 -5.48 -39.01
C SER A 446 -1.47 -4.83 -40.23
N ASN A 447 -2.68 -4.34 -40.09
CA ASN A 447 -3.36 -3.64 -41.17
C ASN A 447 -3.39 -2.15 -40.98
N ILE A 448 -2.82 -1.39 -41.88
CA ILE A 448 -2.93 0.04 -41.75
C ILE A 448 -4.30 0.34 -42.28
N THR A 449 -5.16 0.92 -41.45
CA THR A 449 -6.54 1.21 -41.83
C THR A 449 -6.82 2.70 -41.86
N GLY A 450 -5.82 3.47 -41.50
CA GLY A 450 -5.99 4.91 -41.46
C GLY A 450 -4.73 5.63 -41.05
N LEU A 451 -4.76 6.94 -41.22
CA LEU A 451 -3.65 7.82 -40.92
C LEU A 451 -4.05 8.98 -40.04
N LEU A 452 -3.14 9.48 -39.22
CA LEU A 452 -3.41 10.73 -38.53
C LEU A 452 -2.48 11.80 -39.08
N LEU A 453 -3.05 12.81 -39.72
CA LEU A 453 -2.26 13.89 -40.33
C LEU A 453 -2.49 15.24 -39.69
N THR A 454 -1.47 16.08 -39.68
CA THR A 454 -1.59 17.44 -39.18
C THR A 454 -1.06 18.44 -40.22
N ARG A 455 -1.75 19.56 -40.39
CA ARG A 455 -1.28 20.62 -41.28
C ARG A 455 -0.30 21.56 -40.64
N ASP A 456 0.75 21.89 -41.36
CA ASP A 456 1.69 22.87 -40.84
C ASP A 456 1.12 24.25 -41.10
N GLY A 457 1.59 25.22 -40.34
CA GLY A 457 1.16 26.60 -40.50
C GLY A 457 0.98 26.95 -41.97
N THR A 465 1.12 25.91 -51.57
CA THR A 465 1.51 24.54 -51.23
C THR A 465 1.13 24.20 -49.81
N GLU A 466 0.39 23.10 -49.65
CA GLU A 466 -0.03 22.64 -48.33
C GLU A 466 0.93 21.63 -47.80
N THR A 467 1.20 21.69 -46.50
CA THR A 467 2.13 20.75 -45.90
C THR A 467 1.48 19.87 -44.87
N PHE A 468 1.64 18.57 -45.02
CA PHE A 468 1.07 17.65 -44.07
C PHE A 468 2.16 16.80 -43.45
N ARG A 469 2.02 16.57 -42.17
CA ARG A 469 2.93 15.71 -41.45
C ARG A 469 2.14 14.70 -40.67
N PRO A 470 2.61 13.50 -40.45
CA PRO A 470 1.96 12.50 -39.67
C PRO A 470 2.05 12.88 -38.24
N GLY A 471 1.10 12.47 -37.43
CA GLY A 471 1.28 12.71 -36.01
C GLY A 471 0.02 12.82 -35.17
N GLY A 472 0.25 13.05 -33.89
CA GLY A 472 -0.74 13.16 -32.85
C GLY A 472 -0.64 11.97 -31.93
N GLY A 473 -0.17 12.21 -30.70
CA GLY A 473 0.02 11.16 -29.71
C GLY A 473 -1.12 11.09 -28.69
N ASP A 474 -2.18 11.83 -28.96
CA ASP A 474 -3.33 11.89 -28.08
C ASP A 474 -4.26 10.78 -28.46
N MET A 475 -4.37 9.79 -27.59
CA MET A 475 -5.11 8.59 -27.86
C MET A 475 -6.56 8.79 -28.13
N ARG A 476 -7.12 9.91 -27.74
CA ARG A 476 -8.52 10.06 -28.02
C ARG A 476 -8.76 10.13 -29.52
N ASP A 477 -7.75 10.53 -30.31
CA ASP A 477 -7.98 10.60 -31.73
C ASP A 477 -7.99 9.24 -32.36
N ASN A 478 -7.53 8.21 -31.65
CA ASN A 478 -7.57 6.90 -32.25
C ASN A 478 -8.95 6.37 -32.01
N TRP A 479 -9.48 6.62 -30.82
CA TRP A 479 -10.79 6.10 -30.48
C TRP A 479 -11.91 6.81 -31.19
N ARG A 480 -11.69 8.06 -31.57
CA ARG A 480 -12.69 8.76 -32.33
C ARG A 480 -12.87 8.13 -33.70
N SER A 481 -11.90 7.35 -34.18
CA SER A 481 -12.02 6.75 -35.50
C SER A 481 -12.95 5.55 -35.50
N GLU A 482 -13.29 5.01 -34.33
CA GLU A 482 -14.19 3.86 -34.25
C GLU A 482 -15.55 4.27 -33.69
N LEU A 483 -15.56 5.25 -32.80
CA LEU A 483 -16.78 5.70 -32.16
C LEU A 483 -17.52 6.80 -32.89
N TYR A 484 -17.04 7.18 -34.07
CA TYR A 484 -17.65 8.26 -34.82
C TYR A 484 -19.07 7.97 -35.24
N LYS A 485 -19.45 6.71 -35.35
CA LYS A 485 -20.78 6.37 -35.77
C LYS A 485 -21.78 6.35 -34.65
N TYR A 486 -21.34 6.45 -33.39
CA TYR A 486 -22.29 6.27 -32.32
C TYR A 486 -22.62 7.50 -31.52
N LYS A 487 -23.88 7.59 -31.13
CA LYS A 487 -24.36 8.68 -30.28
C LYS A 487 -25.21 8.17 -29.14
N VAL A 488 -25.08 8.76 -27.96
CA VAL A 488 -25.90 8.34 -26.84
C VAL A 488 -27.03 9.31 -26.56
N VAL A 489 -28.24 8.80 -26.48
CA VAL A 489 -29.37 9.65 -26.19
C VAL A 489 -30.14 9.11 -25.00
N LYS A 490 -30.88 9.98 -24.32
CA LYS A 490 -31.71 9.62 -23.19
C LYS A 490 -33.14 9.58 -23.62
N ILE A 491 -33.85 8.57 -23.18
CA ILE A 491 -35.24 8.45 -23.57
C ILE A 491 -36.08 9.29 -22.66
N GLU A 492 -36.99 10.05 -23.26
CA GLU A 492 -37.89 10.92 -22.54
C GLU A 492 -39.32 10.45 -22.78
N PRO A 493 -39.81 9.46 -22.03
CA PRO A 493 -41.01 8.72 -22.26
C PRO A 493 -42.31 9.45 -22.02
N LEU A 494 -42.29 10.61 -21.39
CA LEU A 494 -43.55 11.25 -21.08
C LEU A 494 -43.88 12.38 -22.02
N GLY A 495 -45.13 12.43 -22.48
CA GLY A 495 -45.54 13.56 -23.30
C GLY A 495 -47.05 13.64 -23.40
N VAL A 496 -47.54 14.72 -23.98
CA VAL A 496 -48.98 14.93 -24.09
C VAL A 496 -49.38 15.28 -25.50
N ALA A 497 -50.65 15.08 -25.81
CA ALA A 497 -51.24 15.47 -27.09
C ALA A 497 -52.74 15.58 -26.95
N PRO A 498 -53.46 16.40 -27.74
CA PRO A 498 -54.90 16.48 -27.72
C PRO A 498 -55.58 15.27 -28.30
N THR A 499 -56.60 14.79 -27.61
CA THR A 499 -57.44 13.67 -28.03
C THR A 499 -58.89 14.01 -27.79
N ARG A 500 -59.81 13.18 -28.28
CA ARG A 500 -61.22 13.45 -28.07
C ARG A 500 -61.85 12.82 -26.83
N CYS A 501 -61.05 12.12 -26.03
CA CYS A 501 -61.54 11.48 -24.82
C CYS A 501 -61.74 12.51 -23.71
N LYS A 502 -62.55 12.18 -22.72
CA LYS A 502 -62.67 13.03 -21.55
C LYS A 502 -62.65 12.12 -20.34
N ARG A 503 -61.92 12.49 -19.29
CA ARG A 503 -61.90 11.64 -18.11
C ARG A 503 -63.32 11.48 -17.57
N PHE A 526 -45.09 -5.45 -33.96
CA PHE A 526 -43.93 -5.26 -33.10
C PHE A 526 -42.70 -4.87 -33.87
N LEU A 527 -42.25 -3.65 -33.63
CA LEU A 527 -41.07 -3.15 -34.33
C LEU A 527 -39.81 -3.27 -33.48
N GLY A 528 -39.96 -3.24 -32.17
CA GLY A 528 -38.82 -3.24 -31.26
C GLY A 528 -38.60 -1.86 -30.70
N PHE A 529 -37.63 -1.74 -29.80
CA PHE A 529 -37.39 -0.48 -29.11
C PHE A 529 -37.08 0.65 -30.04
N LEU A 530 -37.85 1.72 -29.90
CA LEU A 530 -37.80 2.92 -30.73
C LEU A 530 -38.09 2.62 -32.18
N GLY A 531 -38.60 1.45 -32.49
CA GLY A 531 -38.89 1.12 -33.88
C GLY A 531 -39.93 2.05 -34.45
N ALA A 532 -40.78 2.54 -33.59
CA ALA A 532 -41.86 3.42 -33.95
C ALA A 532 -41.42 4.86 -33.99
N ALA A 533 -40.14 5.14 -33.77
CA ALA A 533 -39.67 6.51 -33.74
C ALA A 533 -40.01 7.26 -35.01
N GLY A 534 -40.03 6.58 -36.14
CA GLY A 534 -40.36 7.21 -37.41
C GLY A 534 -41.83 7.13 -37.78
N SER A 535 -42.64 6.52 -36.93
CA SER A 535 -44.04 6.32 -37.21
C SER A 535 -44.80 7.54 -36.80
N THR A 536 -46.01 7.67 -37.28
CA THR A 536 -46.80 8.80 -36.89
C THR A 536 -47.31 8.60 -35.49
N MET A 537 -47.77 9.66 -34.88
CA MET A 537 -48.22 9.58 -33.51
C MET A 537 -49.32 8.56 -33.29
N GLY A 538 -50.24 8.43 -34.24
CA GLY A 538 -51.35 7.51 -34.09
C GLY A 538 -50.96 6.05 -34.23
N ALA A 539 -49.75 5.79 -34.68
CA ALA A 539 -49.24 4.44 -34.82
C ALA A 539 -48.26 4.14 -33.72
N ALA A 540 -47.48 5.13 -33.35
CA ALA A 540 -46.45 4.99 -32.34
C ALA A 540 -47.05 4.82 -30.96
N SER A 541 -48.25 5.34 -30.76
CA SER A 541 -48.94 5.23 -29.48
C SER A 541 -49.35 3.80 -29.20
N MET A 542 -49.30 2.91 -30.20
CA MET A 542 -49.67 1.53 -29.97
C MET A 542 -48.52 0.66 -29.51
N THR A 543 -47.32 1.23 -29.39
CA THR A 543 -46.15 0.46 -28.96
C THR A 543 -45.49 1.13 -27.77
N LEU A 544 -46.28 1.56 -26.77
CA LEU A 544 -45.75 2.27 -25.61
C LEU A 544 -45.08 1.35 -24.60
N THR A 545 -45.53 0.10 -24.55
CA THR A 545 -45.00 -0.85 -23.58
C THR A 545 -43.56 -1.17 -23.91
N VAL A 546 -43.21 -1.06 -25.17
CA VAL A 546 -41.88 -1.39 -25.59
C VAL A 546 -40.86 -0.47 -24.95
N GLN A 547 -41.14 0.83 -24.91
CA GLN A 547 -40.21 1.77 -24.30
C GLN A 547 -40.36 1.77 -22.80
N ALA A 548 -41.56 1.64 -22.26
CA ALA A 548 -41.70 1.68 -20.80
C ALA A 548 -40.88 0.58 -20.13
N ARG A 549 -40.80 -0.58 -20.76
CA ARG A 549 -40.06 -1.71 -20.22
C ARG A 549 -38.55 -1.49 -20.21
N ASN A 550 -38.07 -0.54 -21.01
CA ASN A 550 -36.66 -0.28 -21.14
C ASN A 550 -36.21 0.84 -20.24
N LEU A 551 -37.10 1.26 -19.33
CA LEU A 551 -36.71 2.25 -18.36
C LEU A 551 -36.18 1.52 -17.15
N LEU A 552 -36.64 0.28 -16.94
CA LEU A 552 -36.15 -0.50 -15.81
C LEU A 552 -35.07 -1.49 -16.23
N SER A 553 -35.21 -2.11 -17.41
CA SER A 553 -34.25 -3.10 -17.90
C SER A 553 -33.12 -3.41 -16.92
N GLY A 566 -19.06 -2.16 -9.83
CA GLY A 566 -18.37 -1.17 -9.03
C GLY A 566 -19.28 0.02 -8.73
N ILE A 567 -18.70 1.08 -8.19
CA ILE A 567 -19.50 2.25 -7.85
C ILE A 567 -20.12 2.89 -9.07
N LYS A 568 -19.39 3.03 -10.16
CA LYS A 568 -20.04 3.72 -11.27
C LYS A 568 -21.28 3.00 -11.77
N GLN A 569 -21.34 1.67 -11.64
CA GLN A 569 -22.54 0.98 -12.08
C GLN A 569 -23.61 1.05 -11.03
N LEU A 570 -23.26 1.03 -9.74
CA LEU A 570 -24.30 1.17 -8.75
C LEU A 570 -24.90 2.55 -8.86
N GLN A 571 -24.11 3.57 -9.13
CA GLN A 571 -24.71 4.88 -9.22
C GLN A 571 -25.64 4.95 -10.41
N ALA A 572 -25.26 4.35 -11.53
CA ALA A 572 -26.12 4.37 -12.69
C ALA A 572 -27.44 3.63 -12.44
N ARG A 573 -27.38 2.51 -11.72
CA ARG A 573 -28.57 1.74 -11.45
C ARG A 573 -29.47 2.36 -10.41
N VAL A 574 -28.89 2.96 -9.38
CA VAL A 574 -29.70 3.60 -8.38
C VAL A 574 -30.40 4.76 -9.01
N LEU A 575 -29.68 5.52 -9.84
CA LEU A 575 -30.29 6.65 -10.48
C LEU A 575 -31.39 6.21 -11.43
N ALA A 576 -31.21 5.14 -12.20
CA ALA A 576 -32.28 4.74 -13.10
C ALA A 576 -33.55 4.43 -12.31
N VAL A 577 -33.40 3.82 -11.13
CA VAL A 577 -34.56 3.54 -10.32
C VAL A 577 -35.19 4.83 -9.83
N GLU A 578 -34.39 5.78 -9.38
CA GLU A 578 -34.95 7.03 -8.92
C GLU A 578 -35.67 7.77 -10.03
N ARG A 579 -35.13 7.74 -11.25
CA ARG A 579 -35.81 8.43 -12.35
C ARG A 579 -37.16 7.78 -12.64
N TYR A 580 -37.20 6.45 -12.62
CA TYR A 580 -38.45 5.75 -12.86
C TYR A 580 -39.47 6.13 -11.83
N LEU A 581 -39.09 6.10 -10.56
CA LEU A 581 -40.03 6.41 -9.51
C LEU A 581 -40.50 7.84 -9.55
N ARG A 582 -39.64 8.79 -9.91
CA ARG A 582 -40.14 10.16 -10.00
C ARG A 582 -41.20 10.29 -11.08
N ASP A 583 -41.04 9.60 -12.21
CA ASP A 583 -42.09 9.70 -13.23
C ASP A 583 -43.36 9.03 -12.76
N GLN A 584 -43.25 7.93 -12.04
CA GLN A 584 -44.45 7.28 -11.55
C GLN A 584 -45.14 8.12 -10.49
N GLN A 585 -44.37 8.82 -9.65
CA GLN A 585 -44.98 9.66 -8.64
C GLN A 585 -45.75 10.77 -9.31
N LEU A 586 -45.18 11.32 -10.39
CA LEU A 586 -45.84 12.39 -11.10
C LEU A 586 -47.14 11.93 -11.70
N LEU A 587 -47.15 10.75 -12.29
CA LEU A 587 -48.39 10.28 -12.85
C LEU A 587 -49.38 10.03 -11.73
N GLY A 588 -48.95 9.51 -10.60
CA GLY A 588 -49.92 9.29 -9.52
C GLY A 588 -50.56 10.59 -9.07
N ILE A 589 -49.79 11.67 -9.04
CA ILE A 589 -50.30 12.97 -8.67
C ILE A 589 -51.31 13.49 -9.68
N TRP A 590 -51.02 13.37 -10.97
CA TRP A 590 -51.96 13.79 -12.00
C TRP A 590 -53.19 12.91 -12.11
N GLY A 591 -53.03 11.65 -11.78
CA GLY A 591 -54.07 10.65 -11.87
C GLY A 591 -53.54 9.60 -12.82
N CYS A 592 -54.19 8.44 -12.85
CA CYS A 592 -53.75 7.33 -13.70
C CYS A 592 -52.39 6.78 -13.30
N SER A 593 -52.22 6.45 -12.03
CA SER A 593 -50.93 5.93 -11.59
C SER A 593 -50.52 4.64 -12.29
N GLY A 594 -51.48 3.86 -12.72
CA GLY A 594 -51.19 2.60 -13.39
C GLY A 594 -51.35 2.61 -14.91
N LYS A 595 -51.53 3.76 -15.55
CA LYS A 595 -51.81 3.68 -16.97
C LYS A 595 -50.73 4.25 -17.87
N LEU A 596 -50.59 3.66 -19.05
CA LEU A 596 -49.68 4.22 -20.05
C LEU A 596 -50.39 5.31 -20.83
N ILE A 597 -51.71 5.21 -20.98
CA ILE A 597 -52.46 6.26 -21.64
C ILE A 597 -53.48 6.80 -20.67
N CYS A 598 -53.35 8.06 -20.33
CA CYS A 598 -54.18 8.70 -19.34
C CYS A 598 -54.97 9.89 -19.82
N CYS A 599 -56.27 9.77 -19.80
CA CYS A 599 -57.09 10.86 -20.28
C CYS A 599 -57.32 11.82 -19.12
N THR A 600 -57.14 13.14 -19.33
CA THR A 600 -57.34 14.13 -18.26
C THR A 600 -58.52 15.04 -18.57
N ASN A 601 -58.82 15.95 -17.64
CA ASN A 601 -59.89 16.92 -17.78
C ASN A 601 -59.41 18.31 -18.15
N VAL A 602 -58.18 18.44 -18.61
CA VAL A 602 -57.71 19.74 -19.02
C VAL A 602 -58.08 19.92 -20.48
N PRO A 603 -58.83 20.95 -20.88
CA PRO A 603 -59.23 21.18 -22.24
C PRO A 603 -58.00 21.58 -23.01
N TRP A 604 -57.96 21.26 -24.28
CA TRP A 604 -56.83 21.66 -25.08
C TRP A 604 -56.95 23.08 -25.56
N ASN A 605 -55.88 23.83 -25.40
CA ASN A 605 -55.80 25.20 -25.86
C ASN A 605 -55.26 25.28 -27.28
N SER A 606 -56.05 25.82 -28.19
CA SER A 606 -55.64 25.91 -29.59
C SER A 606 -54.43 26.82 -29.74
N SER A 607 -54.15 27.62 -28.72
CA SER A 607 -53.00 28.48 -28.71
C SER A 607 -51.71 27.69 -28.50
N TRP A 608 -51.79 26.49 -27.89
CA TRP A 608 -50.61 25.66 -27.70
C TRP A 608 -50.30 25.03 -29.03
N SER A 609 -51.37 24.64 -29.69
CA SER A 609 -51.33 24.06 -31.01
C SER A 609 -52.67 24.10 -31.67
N ASN A 610 -52.70 24.62 -32.89
CA ASN A 610 -53.92 24.74 -33.65
C ASN A 610 -53.97 23.77 -34.82
N LYS A 611 -53.22 22.69 -34.72
CA LYS A 611 -53.25 21.66 -35.75
C LYS A 611 -54.47 20.78 -35.54
N SER A 612 -55.02 20.26 -36.62
CA SER A 612 -56.19 19.39 -36.52
C SER A 612 -55.81 18.04 -36.01
N GLN A 613 -56.82 17.27 -35.65
CA GLN A 613 -56.61 15.91 -35.18
C GLN A 613 -55.97 15.01 -36.21
N ASP A 614 -56.23 15.23 -37.48
CA ASP A 614 -55.62 14.34 -38.45
C ASP A 614 -54.19 14.79 -38.67
N GLU A 615 -53.94 16.09 -38.63
CA GLU A 615 -52.57 16.53 -38.84
C GLU A 615 -51.67 16.01 -37.73
N ILE A 616 -52.18 16.00 -36.49
CA ILE A 616 -51.41 15.54 -35.36
C ILE A 616 -51.28 14.04 -35.32
N TRP A 617 -52.37 13.30 -35.52
CA TRP A 617 -52.25 11.87 -35.36
C TRP A 617 -51.84 11.08 -36.61
N ASP A 618 -52.15 11.57 -37.82
CA ASP A 618 -51.79 10.83 -39.04
C ASP A 618 -50.53 11.29 -39.75
N ASN A 619 -50.12 12.53 -39.58
CA ASN A 619 -48.95 13.01 -40.31
C ASN A 619 -47.71 13.16 -39.44
N MET A 620 -47.86 13.79 -38.29
CA MET A 620 -46.72 14.04 -37.41
C MET A 620 -46.24 12.85 -36.65
N THR A 621 -44.94 12.89 -36.30
CA THR A 621 -44.30 11.91 -35.43
C THR A 621 -44.22 12.50 -34.03
N TRP A 622 -43.90 11.67 -33.03
CA TRP A 622 -43.79 12.22 -31.67
C TRP A 622 -42.61 13.12 -31.50
N MET A 623 -41.57 12.89 -32.28
CA MET A 623 -40.39 13.72 -32.16
C MET A 623 -40.67 15.14 -32.64
N GLU A 624 -41.52 15.27 -33.65
CA GLU A 624 -41.84 16.60 -34.16
C GLU A 624 -42.82 17.29 -33.23
N TRP A 625 -43.74 16.52 -32.67
CA TRP A 625 -44.73 17.05 -31.76
C TRP A 625 -44.07 17.61 -30.55
N ASP A 626 -43.05 16.91 -30.06
CA ASP A 626 -42.34 17.36 -28.90
C ASP A 626 -41.77 18.76 -29.13
N LYS A 627 -41.33 19.06 -30.36
CA LYS A 627 -40.81 20.38 -30.64
C LYS A 627 -41.94 21.41 -30.72
N GLU A 628 -43.06 21.03 -31.34
CA GLU A 628 -44.15 21.99 -31.55
C GLU A 628 -44.72 22.53 -30.26
N ILE A 629 -44.80 21.70 -29.23
CA ILE A 629 -45.34 22.20 -27.97
C ILE A 629 -44.29 22.26 -26.89
N ASN A 630 -43.03 22.34 -27.26
CA ASN A 630 -41.94 22.38 -26.28
C ASN A 630 -42.05 23.52 -25.31
N ASN A 631 -42.62 24.64 -25.73
CA ASN A 631 -42.70 25.79 -24.88
C ASN A 631 -43.95 25.82 -24.01
N TYR A 632 -44.78 24.81 -24.12
CA TYR A 632 -46.00 24.78 -23.34
C TYR A 632 -46.07 23.65 -22.35
N THR A 633 -45.04 22.80 -22.23
CA THR A 633 -45.22 21.66 -21.37
C THR A 633 -45.22 22.00 -19.91
N ASP A 634 -44.68 23.14 -19.52
CA ASP A 634 -44.73 23.45 -18.10
C ASP A 634 -46.11 23.97 -17.75
N ILE A 635 -46.74 24.63 -18.71
CA ILE A 635 -48.07 25.14 -18.50
C ILE A 635 -49.04 23.98 -18.44
N ILE A 636 -48.90 23.06 -19.38
CA ILE A 636 -49.79 21.94 -19.43
C ILE A 636 -49.63 21.08 -18.20
N TYR A 637 -48.41 20.81 -17.77
CA TYR A 637 -48.25 19.97 -16.62
C TYR A 637 -48.86 20.62 -15.39
N SER A 638 -48.72 21.93 -15.21
CA SER A 638 -49.33 22.55 -14.06
C SER A 638 -50.84 22.45 -14.12
N LEU A 639 -51.44 22.63 -15.30
CA LEU A 639 -52.88 22.54 -15.40
C LEU A 639 -53.40 21.15 -15.09
N ILE A 640 -52.64 20.12 -15.48
CA ILE A 640 -53.08 18.76 -15.21
C ILE A 640 -53.11 18.55 -13.71
N GLU A 641 -52.05 18.97 -13.01
CA GLU A 641 -52.04 18.78 -11.58
C GLU A 641 -53.11 19.61 -10.87
N GLU A 642 -53.24 20.88 -11.25
CA GLU A 642 -54.20 21.75 -10.57
C GLU A 642 -55.61 21.24 -10.74
N SER A 643 -55.92 20.68 -11.90
CA SER A 643 -57.25 20.18 -12.16
C SER A 643 -57.56 18.90 -11.38
N GLN A 644 -56.54 18.15 -10.96
CA GLN A 644 -56.73 16.93 -10.19
C GLN A 644 -57.16 17.28 -8.79
N ASN A 645 -56.67 18.40 -8.29
CA ASN A 645 -56.97 18.82 -6.93
C ASN A 645 -58.38 19.40 -6.80
N GLN A 646 -59.05 19.59 -7.93
CA GLN A 646 -60.39 20.12 -7.98
C GLN A 646 -61.38 19.03 -8.31
N ALA B 1 50.58 -25.15 -28.97
CA ALA B 1 49.53 -24.52 -29.75
C ALA B 1 48.74 -25.49 -30.66
N PRO B 2 49.38 -26.38 -31.46
CA PRO B 2 48.70 -27.28 -32.38
C PRO B 2 48.00 -28.46 -31.71
N THR B 3 47.00 -28.95 -32.41
CA THR B 3 46.26 -30.17 -32.10
C THR B 3 46.67 -31.23 -33.10
N PHE B 4 46.61 -32.50 -32.73
CA PHE B 4 46.95 -33.54 -33.69
C PHE B 4 45.84 -34.55 -33.84
N VAL B 5 45.67 -35.06 -35.05
CA VAL B 5 44.76 -36.15 -35.30
C VAL B 5 45.52 -37.19 -36.09
N SER B 6 45.09 -38.45 -36.03
CA SER B 6 45.75 -39.50 -36.78
C SER B 6 44.71 -40.38 -37.44
N VAL B 7 44.78 -40.40 -38.76
CA VAL B 7 43.79 -41.08 -39.57
C VAL B 7 44.45 -42.06 -40.55
N ALA B 8 43.96 -43.28 -40.61
CA ALA B 8 44.52 -44.20 -41.56
C ALA B 8 44.08 -43.77 -42.93
N PRO B 9 44.84 -44.01 -43.99
CA PRO B 9 44.43 -43.63 -45.29
C PRO B 9 43.13 -44.36 -45.57
N GLY B 10 42.19 -43.64 -46.15
CA GLY B 10 40.86 -44.14 -46.48
C GLY B 10 39.83 -43.78 -45.41
N GLN B 11 40.28 -43.34 -44.24
CA GLN B 11 39.41 -42.95 -43.14
C GLN B 11 39.11 -41.47 -43.20
N THR B 12 38.06 -41.04 -42.50
CA THR B 12 37.68 -39.63 -42.46
C THR B 12 38.34 -38.87 -41.29
N ALA B 13 38.89 -37.69 -41.60
CA ALA B 13 39.49 -36.84 -40.57
C ALA B 13 38.52 -35.76 -40.12
N ARG B 14 38.59 -35.39 -38.86
CA ARG B 14 37.80 -34.25 -38.40
C ARG B 14 38.67 -33.24 -37.70
N ILE B 15 38.69 -32.04 -38.26
CA ILE B 15 39.48 -30.92 -37.79
C ILE B 15 38.62 -29.76 -37.33
N THR B 16 38.86 -29.21 -36.14
CA THR B 16 38.03 -28.08 -35.71
C THR B 16 38.83 -26.82 -35.33
N CYS B 17 38.13 -25.67 -35.25
CA CYS B 17 38.80 -24.42 -34.89
C CYS B 17 38.01 -23.51 -33.96
N GLY B 18 38.78 -22.76 -33.20
CA GLY B 18 38.28 -21.59 -32.51
C GLY B 18 37.32 -21.80 -31.39
N GLU B 19 36.61 -20.74 -31.14
CA GLU B 19 35.64 -20.60 -30.09
C GLU B 19 34.29 -20.80 -30.69
N GLU B 20 33.28 -20.74 -29.87
CA GLU B 20 31.95 -20.88 -30.36
C GLU B 20 31.52 -19.69 -31.23
N SER B 21 30.79 -20.02 -32.27
CA SER B 21 30.20 -19.06 -33.19
C SER B 21 29.26 -18.13 -32.45
N LEU B 22 29.35 -16.82 -32.70
CA LEU B 22 28.42 -15.92 -32.03
C LEU B 22 27.37 -15.48 -32.99
N GLY B 23 27.79 -15.19 -34.20
CA GLY B 23 26.89 -14.70 -35.22
C GLY B 23 27.17 -15.39 -36.52
N SER B 24 26.68 -14.86 -37.61
CA SER B 24 26.92 -15.49 -38.87
C SER B 24 28.40 -15.49 -39.15
N ARG B 25 28.89 -16.58 -39.71
CA ARG B 25 30.31 -16.66 -39.98
C ARG B 25 30.66 -17.07 -41.38
N SER B 26 31.89 -16.76 -41.73
CA SER B 26 32.49 -17.14 -42.98
C SER B 26 33.87 -17.70 -42.67
N VAL B 27 33.96 -19.01 -42.62
CA VAL B 27 35.18 -19.69 -42.27
C VAL B 27 36.02 -20.05 -43.47
N ILE B 28 37.29 -19.70 -43.41
CA ILE B 28 38.21 -19.97 -44.50
C ILE B 28 39.28 -20.98 -44.07
N TRP B 29 39.39 -22.08 -44.81
CA TRP B 29 40.33 -23.13 -44.43
C TRP B 29 41.53 -23.20 -45.35
N TYR B 30 42.72 -23.37 -44.76
CA TYR B 30 43.98 -23.49 -45.50
C TYR B 30 44.76 -24.78 -45.18
N GLN B 31 45.47 -25.31 -46.17
CA GLN B 31 46.29 -26.51 -46.01
C GLN B 31 47.76 -26.21 -46.22
N GLN B 32 48.58 -26.51 -45.22
CA GLN B 32 50.01 -26.22 -45.34
C GLN B 32 50.93 -27.40 -45.32
N ARG B 33 51.55 -27.64 -46.45
CA ARG B 33 52.49 -28.73 -46.59
C ARG B 33 53.78 -28.24 -45.94
N PRO B 34 54.48 -29.03 -45.13
CA PRO B 34 55.71 -28.59 -44.52
C PRO B 34 56.67 -28.09 -45.58
N GLY B 35 57.27 -26.93 -45.32
CA GLY B 35 58.24 -26.31 -46.22
C GLY B 35 57.61 -25.47 -47.34
N GLN B 36 56.29 -25.41 -47.38
CA GLN B 36 55.57 -24.68 -48.43
C GLN B 36 54.60 -23.64 -47.89
N ALA B 37 54.27 -22.67 -48.73
CA ALA B 37 53.25 -21.69 -48.38
C ALA B 37 51.94 -22.45 -48.29
N PRO B 38 50.98 -22.04 -47.45
CA PRO B 38 49.67 -22.61 -47.33
C PRO B 38 48.86 -22.31 -48.55
N SER B 39 47.84 -23.09 -48.82
CA SER B 39 46.93 -22.78 -49.91
C SER B 39 45.50 -22.93 -49.47
N LEU B 40 44.59 -22.31 -50.20
CA LEU B 40 43.17 -22.33 -49.85
C LEU B 40 42.45 -23.60 -50.23
N ILE B 41 41.71 -24.14 -49.27
CA ILE B 41 40.90 -25.32 -49.49
C ILE B 41 39.43 -24.94 -49.58
N ILE B 42 38.96 -24.19 -48.59
CA ILE B 42 37.57 -23.74 -48.55
C ILE B 42 37.41 -22.28 -48.19
N TYR B 43 36.55 -21.58 -48.90
CA TYR B 43 36.23 -20.21 -48.51
C TYR B 43 34.73 -20.14 -48.29
N ASN B 44 34.27 -19.20 -47.48
CA ASN B 44 32.84 -19.06 -47.26
C ASN B 44 32.17 -20.35 -46.76
N ASN B 45 32.80 -21.05 -45.81
CA ASN B 45 32.28 -22.26 -45.15
C ASN B 45 32.30 -23.52 -46.02
N ASN B 46 31.69 -23.49 -47.21
CA ASN B 46 31.72 -24.64 -48.12
C ASN B 46 31.99 -24.40 -49.60
N ASP B 47 32.60 -23.29 -49.99
CA ASP B 47 32.84 -23.10 -51.40
C ASP B 47 34.29 -23.40 -51.71
N ARG B 48 34.55 -24.50 -52.38
CA ARG B 48 35.94 -24.82 -52.62
C ARG B 48 36.34 -24.24 -53.97
N PRO B 49 37.57 -23.76 -54.15
CA PRO B 49 38.11 -23.26 -55.39
C PRO B 49 38.42 -24.44 -56.30
N SER B 50 38.53 -24.17 -57.59
CA SER B 50 38.88 -25.23 -58.51
C SER B 50 40.22 -25.83 -58.14
N GLY B 51 40.31 -27.15 -58.28
CA GLY B 51 41.50 -27.93 -57.98
C GLY B 51 41.36 -28.66 -56.65
N ILE B 52 40.37 -28.28 -55.84
CA ILE B 52 40.14 -28.95 -54.59
C ILE B 52 39.01 -29.96 -54.78
N PRO B 53 39.20 -31.24 -54.39
CA PRO B 53 38.26 -32.31 -54.51
C PRO B 53 37.12 -32.19 -53.53
N ASP B 54 36.09 -32.98 -53.75
CA ASP B 54 34.88 -32.99 -52.93
C ASP B 54 35.04 -33.74 -51.64
N ARG B 55 36.26 -34.19 -51.38
CA ARG B 55 36.56 -34.85 -50.15
C ARG B 55 36.66 -33.82 -49.03
N PHE B 56 36.77 -32.52 -49.39
CA PHE B 56 36.87 -31.47 -48.38
C PHE B 56 35.59 -30.67 -48.26
N SER B 57 34.99 -30.67 -47.08
CA SER B 57 33.75 -29.94 -46.83
C SER B 57 33.70 -29.55 -45.37
N GLY B 58 32.77 -28.70 -44.96
CA GLY B 58 32.73 -28.34 -43.55
C GLY B 58 31.38 -27.88 -43.05
N SER B 59 31.39 -27.40 -41.82
CA SER B 59 30.17 -26.96 -41.17
C SER B 59 29.68 -25.68 -41.79
N PRO B 60 28.37 -25.38 -41.72
CA PRO B 60 27.75 -24.16 -42.18
C PRO B 60 28.10 -23.02 -41.25
N GLY B 61 28.00 -21.79 -41.76
CA GLY B 61 28.21 -20.59 -40.97
C GLY B 61 26.91 -20.04 -40.42
N SER B 62 25.83 -20.77 -40.61
CA SER B 62 24.49 -20.39 -40.20
C SER B 62 24.15 -20.70 -38.75
N THR B 63 24.99 -21.48 -38.09
CA THR B 63 24.71 -21.88 -36.73
C THR B 63 25.48 -21.08 -35.72
N PHE B 64 25.01 -21.13 -34.48
CA PHE B 64 25.64 -20.39 -33.41
C PHE B 64 25.94 -21.39 -32.30
N GLY B 65 26.94 -21.11 -31.47
CA GLY B 65 27.22 -21.98 -30.34
C GLY B 65 28.12 -23.18 -30.68
N THR B 66 28.58 -23.25 -31.91
CA THR B 66 29.41 -24.34 -32.38
C THR B 66 30.76 -23.90 -32.84
N THR B 67 31.61 -24.86 -33.20
CA THR B 67 32.97 -24.54 -33.64
C THR B 67 33.18 -24.85 -35.12
N ALA B 68 34.23 -24.27 -35.71
CA ALA B 68 34.43 -24.54 -37.12
C ALA B 68 34.78 -25.97 -37.27
N THR B 69 34.27 -26.63 -38.31
CA THR B 69 34.64 -28.01 -38.59
C THR B 69 34.99 -28.25 -40.06
N LEU B 70 36.11 -28.93 -40.29
CA LEU B 70 36.52 -29.39 -41.60
C LEU B 70 36.48 -30.91 -41.60
N THR B 71 35.83 -31.47 -42.59
CA THR B 71 35.75 -32.90 -42.73
C THR B 71 36.51 -33.31 -43.97
N ILE B 72 37.45 -34.23 -43.80
CA ILE B 72 38.20 -34.70 -44.95
C ILE B 72 37.93 -36.17 -45.14
N THR B 73 37.22 -36.53 -46.19
CA THR B 73 36.90 -37.94 -46.32
C THR B 73 37.98 -38.63 -47.10
N SER B 74 38.03 -39.96 -46.99
CA SER B 74 38.98 -40.75 -47.76
C SER B 74 40.38 -40.14 -47.72
N VAL B 75 40.90 -39.89 -46.52
CA VAL B 75 42.19 -39.21 -46.40
C VAL B 75 43.28 -39.93 -47.13
N GLU B 76 44.07 -39.17 -47.89
CA GLU B 76 45.16 -39.70 -48.68
C GLU B 76 46.50 -39.35 -48.04
N ALA B 77 47.57 -39.99 -48.47
CA ALA B 77 48.92 -39.64 -47.99
C ALA B 77 49.23 -38.19 -48.35
N GLY B 78 48.63 -37.71 -49.42
CA GLY B 78 48.82 -36.36 -49.92
C GLY B 78 48.15 -35.32 -49.04
N ASP B 79 47.41 -35.76 -48.01
CA ASP B 79 46.76 -34.84 -47.11
C ASP B 79 47.55 -34.66 -45.84
N GLU B 80 48.77 -35.23 -45.79
CA GLU B 80 49.55 -35.01 -44.60
C GLU B 80 50.10 -33.60 -44.67
N ALA B 81 49.37 -32.73 -44.02
CA ALA B 81 49.61 -31.31 -44.00
C ALA B 81 49.04 -30.71 -42.74
N ASP B 82 49.52 -29.55 -42.37
CA ASP B 82 48.93 -28.87 -41.25
C ASP B 82 47.70 -28.14 -41.76
N TYR B 83 46.76 -27.87 -40.89
CA TYR B 83 45.57 -27.13 -41.32
C TYR B 83 45.30 -25.92 -40.49
N TYR B 84 45.07 -24.82 -41.18
CA TYR B 84 44.83 -23.52 -40.56
C TYR B 84 43.46 -23.01 -40.85
N CYS B 85 42.97 -22.19 -39.96
CA CYS B 85 41.60 -21.79 -40.08
C CYS B 85 41.39 -20.35 -39.69
N HIS B 86 40.91 -19.57 -40.64
CA HIS B 86 40.74 -18.14 -40.47
C HIS B 86 39.26 -17.85 -40.32
N ILE B 87 38.86 -17.34 -39.17
CA ILE B 87 37.44 -17.16 -38.92
C ILE B 87 36.95 -15.74 -39.01
N TRP B 88 35.97 -15.49 -39.86
CA TRP B 88 35.34 -14.19 -39.87
C TRP B 88 34.00 -14.38 -39.14
N ASP B 89 33.62 -13.45 -38.28
CA ASP B 89 32.38 -13.54 -37.48
C ASP B 89 31.76 -12.18 -37.34
N SER B 90 30.45 -12.08 -37.56
CA SER B 90 29.73 -10.81 -37.53
C SER B 90 29.70 -10.05 -36.20
N ARG B 91 30.00 -10.70 -35.09
CA ARG B 91 30.02 -10.01 -33.80
C ARG B 91 31.44 -9.82 -33.28
N ARG B 92 32.35 -10.70 -33.65
CA ARG B 92 33.71 -10.50 -33.18
C ARG B 92 34.45 -9.50 -34.10
N PRO B 93 35.47 -8.77 -33.62
CA PRO B 93 36.35 -7.94 -34.42
C PRO B 93 37.12 -8.79 -35.41
N THR B 94 37.62 -8.18 -36.46
CA THR B 94 38.39 -8.90 -37.46
C THR B 94 39.57 -9.60 -36.85
N ASN B 95 39.70 -10.87 -37.20
CA ASN B 95 40.81 -11.69 -36.77
C ASN B 95 41.94 -11.59 -37.76
N TRP B 96 43.04 -11.02 -37.33
CA TRP B 96 44.20 -10.82 -38.17
C TRP B 96 45.17 -11.97 -38.10
N VAL B 97 44.88 -12.91 -37.23
CA VAL B 97 45.75 -14.04 -37.01
C VAL B 97 44.95 -15.30 -37.28
N PHE B 98 45.51 -16.22 -38.04
CA PHE B 98 44.83 -17.45 -38.37
C PHE B 98 44.78 -18.21 -37.07
N GLY B 99 43.80 -19.06 -36.84
CA GLY B 99 43.83 -19.77 -35.57
C GLY B 99 44.85 -20.88 -35.58
N GLU B 100 45.04 -21.49 -34.40
CA GLU B 100 45.99 -22.57 -34.23
C GLU B 100 45.54 -23.71 -35.08
N GLY B 101 46.49 -24.39 -35.70
CA GLY B 101 46.11 -25.47 -36.58
C GLY B 101 46.04 -26.83 -35.95
N THR B 102 45.64 -27.77 -36.78
CA THR B 102 45.55 -29.18 -36.44
C THR B 102 46.34 -29.97 -37.44
N THR B 103 47.27 -30.75 -36.99
CA THR B 103 48.08 -31.52 -37.92
C THR B 103 47.44 -32.83 -38.24
N LEU B 104 47.34 -33.13 -39.53
CA LEU B 104 46.80 -34.41 -39.91
C LEU B 104 47.90 -35.39 -40.22
N ILE B 105 47.94 -36.44 -39.43
CA ILE B 105 48.91 -37.50 -39.55
C ILE B 105 48.27 -38.61 -40.33
N VAL B 106 48.92 -39.03 -41.39
CA VAL B 106 48.34 -40.07 -42.21
C VAL B 106 49.21 -41.32 -42.04
N LEU B 107 48.55 -42.40 -41.68
CA LEU B 107 49.21 -43.65 -41.36
C LEU B 107 49.55 -44.51 -42.55
N SER B 108 50.32 -45.56 -42.28
CA SER B 108 50.72 -46.57 -43.26
C SER B 108 51.42 -46.02 -44.50
N GLN B 109 52.33 -45.09 -44.30
CA GLN B 109 53.08 -44.55 -45.40
C GLN B 109 53.86 -45.65 -46.09
N GLN C 1 48.22 -18.49 -65.18
CA GLN C 1 48.79 -18.77 -63.86
C GLN C 1 49.57 -17.60 -63.33
N VAL C 2 49.18 -17.15 -62.15
CA VAL C 2 49.90 -16.10 -61.47
C VAL C 2 51.05 -16.67 -60.67
N HIS C 3 52.20 -16.05 -60.81
CA HIS C 3 53.39 -16.44 -60.10
C HIS C 3 53.87 -15.28 -59.28
N LEU C 4 54.14 -15.55 -58.01
CA LEU C 4 54.64 -14.50 -57.14
C LEU C 4 56.00 -14.88 -56.62
N GLN C 5 57.02 -14.17 -57.06
CA GLN C 5 58.36 -14.53 -56.60
C GLN C 5 58.81 -13.59 -55.52
N GLU C 6 59.54 -14.08 -54.54
CA GLU C 6 59.95 -13.15 -53.50
C GLU C 6 61.41 -13.17 -53.16
N SER C 7 61.86 -11.99 -52.77
CA SER C 7 63.21 -11.79 -52.31
C SER C 7 63.29 -10.75 -51.20
N GLY C 8 64.43 -10.76 -50.52
CA GLY C 8 64.72 -9.85 -49.43
C GLY C 8 66.16 -10.08 -49.02
N PRO C 9 66.68 -9.32 -48.03
CA PRO C 9 68.05 -9.37 -47.56
C PRO C 9 68.44 -10.64 -46.83
N GLY C 10 67.47 -11.40 -46.36
CA GLY C 10 67.75 -12.60 -45.58
C GLY C 10 68.04 -12.20 -44.13
N LEU C 11 69.09 -11.41 -43.97
CA LEU C 11 69.50 -10.90 -42.68
C LEU C 11 69.27 -9.41 -42.55
N VAL C 12 68.58 -9.04 -41.50
CA VAL C 12 68.33 -7.65 -41.22
C VAL C 12 68.76 -7.37 -39.78
N LYS C 13 69.30 -6.20 -39.55
CA LYS C 13 69.71 -5.82 -38.22
C LYS C 13 68.48 -5.43 -37.41
N PRO C 14 68.49 -5.52 -36.09
CA PRO C 14 67.48 -5.00 -35.19
C PRO C 14 67.40 -3.50 -35.35
N SER C 15 66.22 -2.95 -35.13
CA SER C 15 65.96 -1.51 -35.17
C SER C 15 66.41 -0.92 -36.49
N GLU C 16 66.05 -1.60 -37.56
CA GLU C 16 66.36 -1.28 -38.94
C GLU C 16 65.13 -1.54 -39.82
N THR C 17 65.11 -0.92 -40.99
CA THR C 17 64.02 -1.16 -41.94
C THR C 17 64.24 -2.39 -42.81
N LEU C 18 63.22 -3.23 -42.85
CA LEU C 18 63.18 -4.41 -43.68
C LEU C 18 62.35 -4.13 -44.91
N SER C 19 62.89 -4.43 -46.07
CA SER C 19 62.14 -4.21 -47.30
C SER C 19 62.13 -5.45 -48.16
N LEU C 20 60.94 -6.02 -48.34
CA LEU C 20 60.77 -7.24 -49.11
C LEU C 20 60.02 -6.96 -50.40
N THR C 21 60.42 -7.64 -51.47
CA THR C 21 59.75 -7.43 -52.76
C THR C 21 59.18 -8.68 -53.37
N CYS C 22 57.95 -8.54 -53.81
CA CYS C 22 57.18 -9.56 -54.48
C CYS C 22 57.01 -9.24 -55.97
N ASN C 23 57.62 -10.06 -56.80
CA ASN C 23 57.62 -9.87 -58.24
C ASN C 23 56.40 -10.54 -58.84
N VAL C 24 55.47 -9.73 -59.34
CA VAL C 24 54.23 -10.28 -59.83
C VAL C 24 54.28 -10.56 -61.32
N SER C 25 53.88 -11.76 -61.72
CA SER C 25 53.85 -12.14 -63.12
C SER C 25 52.63 -13.00 -63.45
N GLY C 26 52.01 -12.72 -64.60
CA GLY C 26 50.82 -13.45 -65.05
C GLY C 26 49.53 -12.65 -64.81
N THR C 27 49.67 -11.55 -64.07
CA THR C 27 48.60 -10.63 -63.76
C THR C 27 49.22 -9.30 -63.43
N LEU C 28 48.44 -8.25 -63.47
CA LEU C 28 48.95 -6.96 -63.09
C LEU C 28 48.59 -6.60 -61.68
N VAL C 29 49.49 -5.87 -61.08
CA VAL C 29 49.34 -5.40 -59.72
C VAL C 29 48.12 -4.53 -59.53
N ARG C 30 47.85 -3.69 -60.50
CA ARG C 30 46.75 -2.74 -60.46
C ARG C 30 45.37 -3.39 -60.46
N ASP C 31 45.29 -4.67 -60.84
CA ASP C 31 43.99 -5.31 -60.95
C ASP C 31 43.57 -6.18 -59.78
N ASN C 32 44.36 -6.24 -58.69
CA ASN C 32 43.98 -7.11 -57.59
C ASN C 32 44.31 -6.59 -56.22
N TYR C 33 43.93 -7.35 -55.21
CA TYR C 33 44.27 -7.01 -53.83
C TYR C 33 45.47 -7.80 -53.47
N TRP C 34 46.36 -7.21 -52.71
CA TRP C 34 47.53 -7.93 -52.30
C TRP C 34 47.64 -8.02 -50.81
N SER C 35 48.10 -9.15 -50.31
CA SER C 35 48.33 -9.31 -48.88
C SER C 35 49.70 -9.78 -48.56
N TRP C 36 50.14 -9.40 -47.37
CA TRP C 36 51.38 -9.90 -46.80
C TRP C 36 51.05 -10.69 -45.56
N ILE C 37 51.68 -11.84 -45.46
CA ILE C 37 51.48 -12.78 -44.40
C ILE C 37 52.81 -13.21 -43.85
N ARG C 38 52.91 -13.47 -42.56
CA ARG C 38 54.16 -14.00 -42.06
C ARG C 38 53.92 -15.17 -41.12
N GLN C 39 54.85 -16.10 -41.12
CA GLN C 39 54.74 -17.26 -40.26
C GLN C 39 55.99 -17.51 -39.44
N PRO C 40 56.03 -17.11 -38.17
CA PRO C 40 57.14 -17.34 -37.29
C PRO C 40 57.27 -18.84 -37.25
N LEU C 41 58.48 -19.36 -37.21
CA LEU C 41 58.61 -20.80 -37.22
C LEU C 41 57.91 -21.43 -36.04
N GLY C 42 57.08 -22.43 -36.32
CA GLY C 42 56.36 -23.17 -35.29
C GLY C 42 55.00 -22.56 -34.94
N LYS C 43 54.67 -21.43 -35.55
CA LYS C 43 53.43 -20.72 -35.29
C LYS C 43 52.47 -20.68 -36.47
N GLN C 44 51.22 -20.38 -36.15
CA GLN C 44 50.18 -20.16 -37.12
C GLN C 44 50.49 -18.82 -37.78
N PRO C 45 50.22 -18.64 -39.07
CA PRO C 45 50.48 -17.41 -39.80
C PRO C 45 49.62 -16.23 -39.38
N GLU C 46 50.22 -15.06 -39.49
CA GLU C 46 49.66 -13.74 -39.24
C GLU C 46 49.47 -12.94 -40.50
N TRP C 47 48.31 -12.30 -40.62
CA TRP C 47 47.99 -11.46 -41.75
C TRP C 47 48.45 -10.06 -41.35
N ILE C 48 49.42 -9.52 -42.08
CA ILE C 48 50.04 -8.24 -41.78
C ILE C 48 49.16 -7.07 -42.12
N GLY C 49 48.54 -7.19 -43.26
CA GLY C 49 47.71 -6.18 -43.84
C GLY C 49 47.48 -6.51 -45.30
N TYR C 50 46.71 -5.66 -45.94
CA TYR C 50 46.43 -5.80 -47.34
C TYR C 50 46.41 -4.44 -47.98
N VAL C 51 46.78 -4.41 -49.25
CA VAL C 51 46.85 -3.19 -50.03
C VAL C 51 46.21 -3.31 -51.40
N HIS C 52 45.59 -2.23 -51.84
CA HIS C 52 44.94 -2.19 -53.14
C HIS C 52 44.89 -0.75 -53.62
N ASP C 53 44.34 -0.56 -54.79
CA ASP C 53 44.18 0.78 -55.29
C ASP C 53 42.94 1.36 -54.64
N SER C 54 42.65 2.61 -54.98
CA SER C 54 41.48 3.35 -54.50
C SER C 54 41.51 3.58 -52.99
N GLY C 55 42.67 3.40 -52.38
CA GLY C 55 42.84 3.62 -50.97
C GLY C 55 42.34 2.46 -50.12
N ASP C 56 41.97 1.33 -50.74
CA ASP C 56 41.42 0.24 -49.94
C ASP C 56 42.54 -0.61 -49.33
N THR C 57 43.14 -0.03 -48.30
CA THR C 57 44.29 -0.58 -47.61
C THR C 57 44.04 -0.61 -46.11
N ASN C 58 44.49 -1.68 -45.45
CA ASN C 58 44.33 -1.75 -44.01
C ASN C 58 45.45 -2.58 -43.42
N TYR C 59 45.68 -2.40 -42.12
CA TYR C 59 46.78 -3.07 -41.44
C TYR C 59 46.40 -3.73 -40.14
N ASN C 60 47.15 -4.77 -39.81
CA ASN C 60 47.05 -5.44 -38.52
C ASN C 60 47.35 -4.39 -37.48
N PRO C 61 46.45 -4.09 -36.53
CA PRO C 61 46.65 -3.08 -35.53
C PRO C 61 47.98 -3.16 -34.79
N SER C 62 48.55 -4.36 -34.60
CA SER C 62 49.83 -4.42 -33.87
C SER C 62 50.98 -3.87 -34.69
N LEU C 63 50.77 -3.75 -35.99
CA LEU C 63 51.73 -3.27 -36.94
C LEU C 63 51.26 -1.92 -37.52
N LYS C 64 50.28 -1.30 -36.87
CA LYS C 64 49.69 -0.07 -37.40
C LYS C 64 50.71 1.03 -37.63
N SER C 65 51.72 1.13 -36.77
CA SER C 65 52.75 2.14 -36.88
C SER C 65 54.08 1.58 -37.37
N ARG C 66 54.11 0.31 -37.77
CA ARG C 66 55.36 -0.33 -38.18
C ARG C 66 55.38 -0.73 -39.65
N VAL C 67 54.19 -0.91 -40.24
CA VAL C 67 54.10 -1.38 -41.61
C VAL C 67 53.51 -0.43 -42.62
N HIS C 68 54.24 -0.32 -43.72
CA HIS C 68 53.83 0.41 -44.89
C HIS C 68 53.78 -0.53 -46.10
N LEU C 69 52.58 -0.72 -46.65
CA LEU C 69 52.45 -1.58 -47.83
C LEU C 69 52.25 -0.72 -49.05
N SER C 70 52.81 -1.15 -50.18
CA SER C 70 52.61 -0.39 -51.40
C SER C 70 52.65 -1.23 -52.66
N LEU C 71 52.10 -0.64 -53.72
CA LEU C 71 52.05 -1.25 -55.03
C LEU C 71 52.71 -0.39 -56.09
N ASP C 72 53.66 -0.97 -56.83
CA ASP C 72 54.38 -0.27 -57.89
C ASP C 72 53.83 -0.66 -59.25
N LYS C 73 52.92 0.14 -59.79
CA LYS C 73 52.23 -0.23 -61.01
C LYS C 73 53.16 -0.32 -62.22
N SER C 74 54.16 0.56 -62.28
CA SER C 74 55.07 0.60 -63.42
C SER C 74 55.97 -0.61 -63.49
N LYS C 75 56.47 -1.07 -62.34
CA LYS C 75 57.35 -2.24 -62.35
C LYS C 75 56.58 -3.53 -62.08
N ASN C 76 55.29 -3.40 -61.78
CA ASN C 76 54.38 -4.50 -61.49
C ASN C 76 54.90 -5.29 -60.29
N LEU C 77 55.33 -4.54 -59.27
CA LEU C 77 55.84 -5.12 -58.05
C LEU C 77 54.96 -4.80 -56.85
N VAL C 78 54.97 -5.71 -55.90
CA VAL C 78 54.27 -5.58 -54.63
C VAL C 78 55.30 -5.55 -53.51
N SER C 79 55.22 -4.60 -52.59
CA SER C 79 56.25 -4.59 -51.56
C SER C 79 55.80 -4.24 -50.15
N LEU C 80 56.64 -4.68 -49.21
CA LEU C 80 56.50 -4.46 -47.79
C LEU C 80 57.65 -3.73 -47.14
N ARG C 81 57.34 -2.64 -46.43
CA ARG C 81 58.34 -1.89 -45.70
C ARG C 81 58.03 -1.92 -44.20
N LEU C 82 58.77 -2.75 -43.47
CA LEU C 82 58.56 -2.98 -42.04
C LEU C 82 59.67 -2.29 -41.25
N THR C 83 59.32 -1.35 -40.38
CA THR C 83 60.39 -0.63 -39.72
C THR C 83 60.54 -0.90 -38.24
N GLY C 84 61.79 -0.94 -37.79
CA GLY C 84 62.05 -1.13 -36.37
C GLY C 84 61.99 -2.60 -36.02
N VAL C 85 62.52 -3.44 -36.90
CA VAL C 85 62.46 -4.88 -36.72
C VAL C 85 63.12 -5.39 -35.44
N THR C 86 62.50 -6.40 -34.87
CA THR C 86 62.94 -7.06 -33.65
C THR C 86 62.95 -8.58 -33.77
N ALA C 87 63.26 -9.26 -32.68
CA ALA C 87 63.35 -10.73 -32.69
C ALA C 87 62.02 -11.40 -33.09
N ALA C 88 60.93 -10.76 -32.71
CA ALA C 88 59.58 -11.24 -32.97
C ALA C 88 59.23 -11.23 -34.45
N ASP C 89 60.02 -10.53 -35.27
CA ASP C 89 59.75 -10.39 -36.69
C ASP C 89 60.52 -11.44 -37.48
N SER C 90 61.23 -12.34 -36.80
CA SER C 90 62.01 -13.37 -37.48
C SER C 90 61.09 -14.51 -37.92
N ALA C 91 60.51 -14.32 -39.08
CA ALA C 91 59.47 -15.16 -39.67
C ALA C 91 59.64 -15.31 -41.16
N ILE C 92 58.93 -16.27 -41.75
CA ILE C 92 58.95 -16.35 -43.21
C ILE C 92 57.82 -15.49 -43.71
N TYR C 93 58.13 -14.62 -44.65
CA TYR C 93 57.15 -13.70 -45.19
C TYR C 93 56.65 -14.19 -46.52
N TYR C 94 55.34 -14.00 -46.74
CA TYR C 94 54.72 -14.39 -47.98
C TYR C 94 53.88 -13.29 -48.59
N CYS C 95 53.93 -13.26 -49.90
CA CYS C 95 53.12 -12.44 -50.77
C CYS C 95 52.00 -13.29 -51.33
N ALA C 96 50.79 -12.77 -51.32
CA ALA C 96 49.68 -13.52 -51.90
C ALA C 96 48.66 -12.60 -52.54
N THR C 97 47.95 -13.13 -53.53
CA THR C 97 46.86 -12.35 -54.10
C THR C 97 45.74 -12.50 -53.12
N THR C 98 44.80 -11.60 -53.17
CA THR C 98 43.66 -11.68 -52.30
C THR C 98 42.36 -11.49 -53.07
N LYS C 99 41.37 -12.27 -52.74
CA LYS C 99 40.03 -12.13 -53.26
C LYS C 99 39.09 -11.88 -52.13
N HIS C 100 37.93 -11.31 -52.42
CA HIS C 100 37.00 -11.03 -51.37
C HIS C 100 35.59 -11.24 -51.80
N GLY C 101 34.70 -11.24 -50.84
CA GLY C 101 33.29 -11.38 -51.11
C GLY C 101 32.47 -10.92 -49.94
N ARG C 102 31.16 -10.96 -50.07
CA ARG C 102 30.33 -10.44 -49.00
C ARG C 102 29.42 -11.45 -48.36
N ARG C 103 29.45 -11.48 -47.04
CA ARG C 103 28.60 -12.34 -46.26
C ARG C 103 27.42 -11.52 -45.82
N ILE C 104 26.22 -11.91 -46.21
CA ILE C 104 25.04 -11.13 -45.86
C ILE C 104 24.20 -11.87 -44.88
N TYR C 105 23.91 -11.25 -43.75
CA TYR C 105 23.14 -11.94 -42.74
C TYR C 105 21.79 -11.30 -42.47
N GLY C 106 21.66 -10.02 -42.78
CA GLY C 106 20.42 -9.31 -42.53
C GLY C 106 20.03 -8.40 -43.68
N VAL C 107 19.51 -7.22 -43.37
CA VAL C 107 19.04 -6.27 -44.37
C VAL C 107 20.23 -5.53 -44.95
N VAL C 108 20.37 -5.52 -46.26
CA VAL C 108 21.54 -4.87 -46.81
C VAL C 108 21.50 -3.36 -46.63
N ALA C 109 20.32 -2.80 -46.61
CA ALA C 109 20.09 -1.38 -46.43
C ALA C 109 20.53 -0.88 -45.08
N PHE C 110 20.66 -1.78 -44.11
CA PHE C 110 21.05 -1.42 -42.76
C PHE C 110 22.50 -1.83 -42.53
N LYS C 111 23.16 -2.23 -43.61
CA LYS C 111 24.52 -2.74 -43.62
C LYS C 111 24.71 -3.97 -42.78
N GLU C 112 23.74 -4.89 -42.79
CA GLU C 112 23.87 -6.11 -42.03
C GLU C 112 24.58 -7.19 -42.85
N TRP C 113 25.85 -6.92 -43.06
CA TRP C 113 26.77 -7.74 -43.83
C TRP C 113 28.22 -7.39 -43.52
N PHE C 114 29.13 -8.23 -43.97
CA PHE C 114 30.54 -7.92 -43.84
C PHE C 114 31.34 -8.43 -45.01
N THR C 115 32.51 -7.85 -45.21
CA THR C 115 33.37 -8.28 -46.29
C THR C 115 34.43 -9.19 -45.74
N TYR C 116 34.60 -10.33 -46.36
CA TYR C 116 35.62 -11.26 -45.95
C TYR C 116 36.64 -11.38 -47.03
N PHE C 117 37.85 -11.73 -46.64
CA PHE C 117 38.94 -11.90 -47.58
C PHE C 117 39.59 -13.26 -47.43
N TYR C 118 40.07 -13.77 -48.56
CA TYR C 118 40.81 -15.01 -48.61
C TYR C 118 41.96 -14.96 -49.60
N MET C 119 42.99 -15.77 -49.35
CA MET C 119 44.12 -15.79 -50.26
C MET C 119 44.20 -17.07 -51.07
N ASP C 120 44.06 -16.94 -52.38
CA ASP C 120 44.09 -18.07 -53.28
C ASP C 120 45.51 -18.39 -53.80
N VAL C 121 46.19 -17.39 -54.33
CA VAL C 121 47.53 -17.61 -54.89
C VAL C 121 48.61 -17.11 -53.96
N TRP C 122 49.47 -18.02 -53.55
CA TRP C 122 50.55 -17.72 -52.64
C TRP C 122 51.89 -17.88 -53.33
N GLY C 123 52.85 -17.04 -52.96
CA GLY C 123 54.20 -17.16 -53.48
C GLY C 123 54.99 -18.15 -52.66
N LYS C 124 56.29 -18.24 -52.89
CA LYS C 124 57.11 -19.20 -52.16
C LYS C 124 57.55 -18.62 -50.82
N GLY C 125 57.65 -17.32 -50.77
CA GLY C 125 58.05 -16.60 -49.57
C GLY C 125 59.55 -16.45 -49.45
N THR C 126 59.95 -15.65 -48.47
CA THR C 126 61.35 -15.42 -48.18
C THR C 126 61.59 -15.41 -46.68
N SER C 127 62.65 -16.06 -46.25
CA SER C 127 62.96 -16.17 -44.83
C SER C 127 63.78 -15.02 -44.30
N VAL C 128 63.26 -14.32 -43.29
CA VAL C 128 63.97 -13.17 -42.76
C VAL C 128 64.34 -13.34 -41.29
N THR C 129 65.62 -13.17 -41.01
CA THR C 129 66.13 -13.26 -39.65
C THR C 129 66.57 -11.91 -39.14
N VAL C 130 66.11 -11.56 -37.95
CA VAL C 130 66.52 -10.31 -37.35
C VAL C 130 67.57 -10.69 -36.32
N SER C 131 68.79 -10.18 -36.47
CA SER C 131 69.86 -10.62 -35.55
C SER C 131 70.17 -9.62 -34.44
N GLU D 39 -71.45 9.74 14.89
CA GLU D 39 -72.26 9.97 13.69
C GLU D 39 -71.86 9.01 12.57
N ASN D 40 -71.29 9.54 11.49
CA ASN D 40 -70.87 8.75 10.35
C ASN D 40 -69.51 9.19 9.88
N LEU D 41 -68.51 9.02 10.73
CA LEU D 41 -67.18 9.43 10.34
C LEU D 41 -66.39 8.20 10.02
N TRP D 42 -65.51 8.32 9.05
CA TRP D 42 -64.71 7.23 8.55
C TRP D 42 -63.25 7.57 8.58
N VAL D 43 -62.39 6.59 8.70
CA VAL D 43 -60.98 6.85 8.68
C VAL D 43 -60.56 7.24 7.27
N THR D 44 -59.84 8.35 7.15
CA THR D 44 -59.28 8.77 5.88
C THR D 44 -57.79 8.81 6.01
N VAL D 45 -57.10 8.23 5.05
CA VAL D 45 -55.67 8.16 5.05
C VAL D 45 -55.06 9.27 4.23
N TYR D 46 -54.13 9.99 4.83
CA TYR D 46 -53.47 11.09 4.15
C TYR D 46 -51.99 10.83 4.00
N TYR D 47 -51.48 10.97 2.80
CA TYR D 47 -50.07 10.75 2.58
C TYR D 47 -49.44 12.04 2.11
N GLY D 48 -48.36 12.44 2.76
CA GLY D 48 -47.68 13.71 2.49
C GLY D 48 -47.96 14.70 3.61
N VAL D 49 -48.32 14.18 4.77
CA VAL D 49 -48.63 14.96 5.95
C VAL D 49 -47.37 15.59 6.55
N PRO D 50 -47.33 16.91 6.82
CA PRO D 50 -46.17 17.62 7.32
C PRO D 50 -45.84 17.43 8.78
N VAL D 51 -45.49 16.22 9.14
CA VAL D 51 -45.06 15.92 10.50
C VAL D 51 -43.73 15.23 10.48
N TRP D 52 -43.05 15.24 11.60
CA TRP D 52 -41.73 14.66 11.68
C TRP D 52 -41.36 14.16 13.04
N LYS D 53 -40.33 13.34 13.08
CA LYS D 53 -39.77 12.81 14.31
C LYS D 53 -38.27 12.95 14.30
N ASP D 54 -37.66 13.08 15.45
CA ASP D 54 -36.21 13.25 15.50
C ASP D 54 -35.50 12.06 14.91
N ALA D 55 -34.42 12.30 14.17
CA ALA D 55 -33.72 11.18 13.57
C ALA D 55 -32.28 11.43 13.26
N GLU D 56 -31.53 10.36 13.11
CA GLU D 56 -30.16 10.45 12.69
C GLU D 56 -30.04 9.96 11.26
N THR D 57 -29.17 10.59 10.49
CA THR D 57 -28.90 10.14 9.13
C THR D 57 -27.57 10.62 8.65
N THR D 58 -27.32 10.37 7.39
CA THR D 58 -26.08 10.79 6.76
C THR D 58 -26.37 12.03 5.94
N LEU D 59 -25.64 13.09 6.21
CA LEU D 59 -25.85 14.32 5.47
C LEU D 59 -24.82 14.41 4.37
N PHE D 60 -25.10 15.18 3.34
CA PHE D 60 -24.10 15.32 2.28
C PHE D 60 -23.59 16.74 2.32
N CYS D 61 -22.41 16.98 1.80
CA CYS D 61 -21.89 18.33 1.91
C CYS D 61 -22.33 19.10 0.70
N ALA D 62 -22.12 20.38 0.74
CA ALA D 62 -22.22 21.17 -0.46
C ALA D 62 -21.13 22.22 -0.36
N SER D 63 -20.54 22.62 -1.48
CA SER D 63 -19.49 23.63 -1.41
C SER D 63 -19.41 24.59 -2.60
N ASP D 64 -18.51 25.56 -2.50
CA ASP D 64 -18.32 26.54 -3.56
C ASP D 64 -16.90 27.07 -3.55
N LYS D 72 -4.22 25.04 -6.31
CA LYS D 72 -5.50 24.65 -5.75
C LYS D 72 -5.32 23.53 -4.72
N ARG D 73 -5.94 22.38 -4.94
CA ARG D 73 -5.79 21.24 -4.04
C ARG D 73 -6.01 21.54 -2.58
N ASN D 74 -7.03 22.27 -2.24
CA ASN D 74 -7.26 22.56 -0.84
C ASN D 74 -7.56 21.27 -0.09
N VAL D 75 -7.02 21.12 1.11
CA VAL D 75 -7.23 19.92 1.93
C VAL D 75 -8.69 19.67 2.24
N TRP D 76 -9.52 20.71 2.21
CA TRP D 76 -10.93 20.60 2.54
C TRP D 76 -11.79 20.51 1.29
N ALA D 77 -11.18 20.38 0.12
CA ALA D 77 -11.91 20.33 -1.13
C ALA D 77 -11.48 19.14 -1.94
N THR D 78 -11.94 17.96 -1.53
CA THR D 78 -11.57 16.71 -2.17
C THR D 78 -12.59 16.35 -3.26
N HIS D 79 -13.63 17.18 -3.33
CA HIS D 79 -14.74 17.10 -4.26
C HIS D 79 -15.53 15.80 -4.17
N ALA D 80 -15.71 15.30 -2.95
CA ALA D 80 -16.50 14.11 -2.71
C ALA D 80 -17.97 14.48 -2.65
N CYS D 81 -18.20 15.78 -2.51
CA CYS D 81 -19.50 16.38 -2.36
C CYS D 81 -19.81 17.41 -3.46
N VAL D 82 -21.11 17.62 -3.67
CA VAL D 82 -21.70 18.51 -4.69
C VAL D 82 -21.51 20.02 -4.47
N PRO D 83 -21.68 20.85 -5.51
CA PRO D 83 -21.71 22.29 -5.42
C PRO D 83 -23.01 22.74 -4.76
N THR D 84 -22.98 23.91 -4.13
CA THR D 84 -24.18 24.49 -3.53
C THR D 84 -25.14 25.11 -4.49
N ASP D 85 -26.37 25.25 -4.01
CA ASP D 85 -27.44 25.96 -4.69
C ASP D 85 -27.23 27.44 -4.39
N PRO D 86 -27.09 28.33 -5.39
CA PRO D 86 -26.83 29.75 -5.21
C PRO D 86 -27.93 30.50 -4.45
N ASN D 87 -29.15 29.92 -4.37
CA ASN D 87 -30.25 30.57 -3.67
C ASN D 87 -31.02 29.61 -2.77
N PRO D 88 -30.47 29.17 -1.63
CA PRO D 88 -31.07 28.23 -0.71
C PRO D 88 -32.36 28.83 -0.21
N GLN D 89 -33.37 28.00 0.01
CA GLN D 89 -34.64 28.51 0.48
C GLN D 89 -34.96 28.19 1.93
N GLU D 90 -35.07 29.24 2.73
CA GLU D 90 -35.39 29.13 4.13
C GLU D 90 -36.87 29.40 4.33
N ILE D 91 -37.57 28.42 4.88
CA ILE D 91 -39.01 28.54 5.08
C ILE D 91 -39.37 28.69 6.53
N VAL D 92 -39.94 29.81 6.89
CA VAL D 92 -40.25 29.98 8.31
C VAL D 92 -41.48 29.18 8.63
N LEU D 93 -41.44 28.40 9.71
CA LEU D 93 -42.59 27.63 10.07
C LEU D 93 -43.29 28.40 11.16
N GLU D 94 -44.47 28.91 10.87
CA GLU D 94 -45.13 29.71 11.86
C GLU D 94 -45.74 28.79 12.89
N ASN D 95 -45.82 29.23 14.12
CA ASN D 95 -46.44 28.45 15.18
C ASN D 95 -45.82 27.07 15.39
N VAL D 96 -44.50 26.97 15.28
CA VAL D 96 -43.85 25.71 15.55
C VAL D 96 -42.89 25.85 16.69
N THR D 97 -43.04 25.01 17.69
CA THR D 97 -42.13 25.01 18.82
C THR D 97 -41.39 23.70 18.74
N GLU D 98 -40.08 23.77 18.80
CA GLU D 98 -39.27 22.57 18.67
C GLU D 98 -38.19 22.54 19.73
N ASN D 99 -38.00 21.40 20.37
CA ASN D 99 -36.97 21.26 21.39
C ASN D 99 -35.61 20.90 20.82
N PHE D 100 -34.66 21.78 21.01
CA PHE D 100 -33.31 21.63 20.51
C PHE D 100 -32.36 21.26 21.63
N ASN D 101 -31.29 20.55 21.29
CA ASN D 101 -30.27 20.24 22.28
C ASN D 101 -28.92 20.09 21.60
N MET D 102 -28.07 21.10 21.69
CA MET D 102 -26.80 21.10 20.98
C MET D 102 -25.84 20.06 21.50
N TRP D 103 -26.08 19.53 22.68
CA TRP D 103 -25.18 18.61 23.31
C TRP D 103 -25.50 17.18 22.96
N LYS D 104 -26.64 16.96 22.30
CA LYS D 104 -27.08 15.62 21.95
C LYS D 104 -27.23 15.49 20.45
N ASN D 105 -26.78 16.51 19.75
CA ASN D 105 -26.85 16.63 18.32
C ASN D 105 -25.93 15.62 17.68
N ASN D 106 -26.35 15.06 16.55
CA ASN D 106 -25.51 14.10 15.86
C ASN D 106 -24.84 14.67 14.62
N MET D 107 -25.09 15.95 14.34
CA MET D 107 -24.48 16.58 13.18
C MET D 107 -23.04 16.87 13.49
N VAL D 108 -22.74 16.88 14.77
CA VAL D 108 -21.45 17.15 15.33
C VAL D 108 -20.55 15.98 15.07
N GLU D 109 -21.09 14.78 15.25
CA GLU D 109 -20.34 13.55 15.04
C GLU D 109 -20.13 13.36 13.56
N GLN D 110 -21.12 13.76 12.77
CA GLN D 110 -21.00 13.65 11.34
C GLN D 110 -19.91 14.57 10.86
N MET D 111 -19.89 15.80 11.37
CA MET D 111 -18.86 16.69 10.93
C MET D 111 -17.50 16.22 11.39
N HIS D 112 -17.38 15.78 12.64
CA HIS D 112 -16.07 15.39 13.11
C HIS D 112 -15.52 14.28 12.24
N THR D 113 -16.33 13.27 11.92
CA THR D 113 -15.85 12.18 11.10
C THR D 113 -15.46 12.65 9.72
N ASP D 114 -16.27 13.51 9.08
CA ASP D 114 -15.93 13.97 7.75
C ASP D 114 -14.65 14.77 7.74
N ILE D 115 -14.42 15.57 8.76
CA ILE D 115 -13.20 16.37 8.80
C ILE D 115 -11.99 15.47 8.90
N ILE D 116 -12.04 14.44 9.72
CA ILE D 116 -10.90 13.56 9.82
C ILE D 116 -10.66 12.90 8.48
N SER D 117 -11.70 12.43 7.81
CA SER D 117 -11.48 11.77 6.54
C SER D 117 -10.90 12.71 5.50
N LEU D 118 -11.36 13.95 5.42
CA LEU D 118 -10.81 14.81 4.38
C LEU D 118 -9.32 14.99 4.58
N TRP D 119 -8.93 15.11 5.85
CA TRP D 119 -7.54 15.28 6.20
C TRP D 119 -6.73 14.04 5.80
N ASP D 120 -7.21 12.87 6.21
CA ASP D 120 -6.46 11.67 5.93
C ASP D 120 -6.40 11.34 4.47
N GLN D 121 -7.44 11.63 3.72
CA GLN D 121 -7.40 11.34 2.30
C GLN D 121 -6.37 12.20 1.64
N SER D 122 -6.30 13.45 2.06
CA SER D 122 -5.39 14.40 1.49
C SER D 122 -3.94 14.09 1.72
N LEU D 123 -3.62 13.41 2.82
CA LEU D 123 -2.24 13.06 3.09
C LEU D 123 -1.82 11.72 2.50
N LYS D 124 -2.72 10.99 1.84
CA LYS D 124 -2.26 9.72 1.33
C LYS D 124 -1.23 9.82 0.19
N PRO D 125 -1.45 10.59 -0.89
CA PRO D 125 -0.61 10.60 -2.05
C PRO D 125 0.65 11.45 -1.93
N CYS D 126 1.48 11.19 -0.93
CA CYS D 126 2.73 11.92 -0.82
C CYS D 126 3.76 11.26 0.08
N VAL D 127 4.94 11.87 0.08
CA VAL D 127 6.18 11.40 0.66
C VAL D 127 6.22 11.10 2.12
N LYS D 128 6.74 9.91 2.42
CA LYS D 128 6.92 9.45 3.78
C LYS D 128 8.31 9.89 4.18
N LEU D 129 8.49 10.19 5.44
CA LEU D 129 9.80 10.59 5.91
C LEU D 129 10.49 9.51 6.70
N THR D 130 10.05 8.27 6.53
CA THR D 130 10.69 7.14 7.20
C THR D 130 12.21 7.18 7.01
N PRO D 131 12.77 7.46 5.80
CA PRO D 131 14.18 7.55 5.54
C PRO D 131 14.94 8.56 6.38
N LEU D 132 14.25 9.48 7.06
CA LEU D 132 14.95 10.46 7.88
C LEU D 132 15.12 9.99 9.30
N CYS D 133 14.64 8.80 9.64
CA CYS D 133 14.85 8.33 11.01
C CYS D 133 16.25 7.78 11.17
N VAL D 134 17.19 8.70 11.22
CA VAL D 134 18.61 8.48 11.32
C VAL D 134 19.11 9.30 12.48
N THR D 135 20.31 9.04 12.94
CA THR D 135 20.82 9.88 14.00
C THR D 135 21.21 11.24 13.44
N LEU D 136 20.80 12.30 14.11
CA LEU D 136 21.12 13.66 13.70
C LEU D 136 22.23 14.22 14.57
N ASN D 137 23.09 15.01 13.97
CA ASN D 137 24.11 15.73 14.71
C ASN D 137 23.73 17.19 14.81
N CYS D 138 23.15 17.59 15.93
CA CYS D 138 22.58 18.92 16.03
C CYS D 138 23.36 19.86 16.92
N THR D 139 23.62 21.03 16.39
CA THR D 139 24.33 22.10 17.06
C THR D 139 23.67 23.46 16.94
N ASN D 140 24.32 24.45 17.51
CA ASN D 140 23.84 25.82 17.45
C ASN D 140 24.99 26.73 17.03
N VAL D 141 25.76 26.28 16.06
CA VAL D 141 26.97 26.96 15.62
C VAL D 141 26.75 28.29 14.90
N ASN D 142 25.69 28.40 14.12
CA ASN D 142 25.45 29.60 13.35
C ASN D 142 24.03 30.13 13.39
N VAL D 143 23.27 29.89 14.45
CA VAL D 143 21.90 30.36 14.38
C VAL D 143 21.76 31.59 15.29
N THR D 144 22.13 31.46 16.55
CA THR D 144 22.01 32.57 17.46
C THR D 144 23.35 32.90 18.05
N ASN D 145 23.41 34.01 18.74
CA ASN D 145 24.61 34.39 19.46
C ASN D 145 24.75 33.49 20.67
N GLU D 155 16.41 27.48 20.31
CA GLU D 155 15.15 26.81 20.03
C GLU D 155 15.12 26.31 18.60
N ILE D 156 16.15 26.66 17.87
CA ILE D 156 16.36 26.22 16.50
C ILE D 156 17.71 25.57 16.42
N LYS D 157 17.75 24.34 15.93
CA LYS D 157 19.00 23.60 15.84
C LYS D 157 19.44 23.35 14.43
N ASN D 158 20.75 23.38 14.21
CA ASN D 158 21.33 23.10 12.91
C ASN D 158 21.80 21.67 12.88
N CYS D 159 21.06 20.80 12.18
CA CYS D 159 21.37 19.39 12.23
C CYS D 159 21.91 18.80 10.96
N SER D 160 22.95 17.99 11.08
CA SER D 160 23.48 17.31 9.91
C SER D 160 23.14 15.85 9.99
N PHE D 161 22.93 15.25 8.84
CA PHE D 161 22.60 13.84 8.79
C PHE D 161 22.88 13.20 7.45
N ASN D 162 22.88 11.88 7.41
CA ASN D 162 23.09 11.17 6.15
C ASN D 162 21.80 10.66 5.57
N ILE D 163 21.62 10.88 4.28
CA ILE D 163 20.46 10.40 3.55
C ILE D 163 20.86 9.65 2.31
N THR D 164 19.94 8.85 1.79
CA THR D 164 20.18 8.21 0.50
C THR D 164 19.81 9.17 -0.59
N THR D 165 20.28 8.91 -1.79
CA THR D 165 19.90 9.71 -2.95
C THR D 165 19.01 8.83 -3.79
N GLU D 166 18.73 9.21 -5.05
CA GLU D 166 17.87 8.35 -5.86
C GLU D 166 18.53 7.00 -6.14
N LEU D 167 19.84 6.92 -5.94
CA LEU D 167 20.51 5.65 -6.13
C LEU D 167 20.64 5.00 -4.76
N ARG D 168 20.29 3.74 -4.71
CA ARG D 168 20.26 3.00 -3.47
C ARG D 168 21.63 2.66 -2.92
N ASP D 169 22.66 2.79 -3.72
CA ASP D 169 23.99 2.53 -3.27
C ASP D 169 24.74 3.80 -2.90
N LYS D 170 24.05 4.96 -2.89
CA LYS D 170 24.76 6.20 -2.58
C LYS D 170 24.11 7.03 -1.49
N LYS D 171 24.95 7.57 -0.63
CA LYS D 171 24.51 8.46 0.44
C LYS D 171 25.26 9.77 0.43
N LYS D 172 24.60 10.80 0.93
CA LYS D 172 25.23 12.10 1.08
C LYS D 172 24.87 12.75 2.40
N LYS D 173 25.74 13.63 2.87
CA LYS D 173 25.50 14.39 4.07
C LYS D 173 24.77 15.68 3.75
N VAL D 174 23.70 15.94 4.48
CA VAL D 174 22.90 17.14 4.29
C VAL D 174 22.70 17.87 5.59
N TYR D 175 22.29 19.13 5.48
CA TYR D 175 21.99 19.95 6.67
C TYR D 175 20.58 20.48 6.62
N ALA D 176 19.96 20.63 7.77
CA ALA D 176 18.64 21.25 7.86
C ALA D 176 18.44 21.89 9.20
N LEU D 177 17.59 22.91 9.27
CA LEU D 177 17.27 23.42 10.58
C LEU D 177 16.00 22.78 11.05
N PHE D 178 15.96 22.48 12.34
CA PHE D 178 14.79 21.93 12.99
C PHE D 178 14.44 22.70 14.24
N TYR D 179 13.19 22.73 14.59
CA TYR D 179 12.82 23.39 15.83
C TYR D 179 13.09 22.43 16.96
N ARG D 180 13.46 22.95 18.10
CA ARG D 180 13.74 22.11 19.24
C ARG D 180 12.59 21.21 19.62
N LEU D 181 11.35 21.65 19.44
CA LEU D 181 10.22 20.83 19.84
C LEU D 181 10.01 19.57 19.00
N ASP D 182 10.64 19.51 17.84
CA ASP D 182 10.51 18.39 16.93
C ASP D 182 11.63 17.37 17.07
N VAL D 183 12.64 17.68 17.90
CA VAL D 183 13.83 16.86 18.01
C VAL D 183 14.09 16.45 19.46
N VAL D 184 14.32 15.18 19.71
CA VAL D 184 14.53 14.68 21.05
C VAL D 184 15.92 14.04 21.14
N PRO D 185 16.71 14.26 22.20
CA PRO D 185 18.04 13.69 22.35
C PRO D 185 17.97 12.21 22.55
N ILE D 186 19.01 11.53 22.10
CA ILE D 186 19.15 10.10 22.28
C ILE D 186 19.84 9.83 23.62
N SER D 194 26.15 13.12 16.49
CA SER D 194 25.30 11.96 16.68
C SER D 194 24.62 12.04 18.05
N ASN D 195 23.71 13.00 18.18
CA ASN D 195 23.09 13.30 19.47
C ASN D 195 21.57 13.16 19.50
N TYR D 196 20.90 13.43 18.37
CA TYR D 196 19.45 13.55 18.34
C TYR D 196 18.66 12.72 17.37
N ARG D 197 17.39 12.56 17.69
CA ARG D 197 16.42 11.83 16.90
C ARG D 197 15.16 12.65 16.63
N LEU D 198 14.44 12.40 15.53
CA LEU D 198 13.17 13.11 15.38
C LEU D 198 12.23 12.56 16.41
N ILE D 199 11.35 13.42 16.93
CA ILE D 199 10.47 13.02 18.02
C ILE D 199 9.61 11.77 17.83
N ASN D 200 9.13 11.47 16.63
CA ASN D 200 8.29 10.28 16.51
C ASN D 200 8.92 9.05 15.88
N CYS D 201 10.24 8.99 15.77
CA CYS D 201 10.80 7.80 15.13
C CYS D 201 10.67 6.48 15.89
N ASN D 202 10.38 6.49 17.18
CA ASN D 202 10.19 5.23 17.88
C ASN D 202 8.72 4.94 18.06
N THR D 203 7.87 5.75 17.44
CA THR D 203 6.43 5.60 17.57
C THR D 203 5.76 5.27 16.26
N SER D 204 6.04 6.04 15.22
CA SER D 204 5.36 5.82 13.95
C SER D 204 6.05 6.43 12.75
N ALA D 205 5.44 6.28 11.59
CA ALA D 205 6.02 6.89 10.40
C ALA D 205 5.46 8.29 10.24
N ILE D 206 6.31 9.22 9.85
CA ILE D 206 5.90 10.60 9.68
C ILE D 206 5.63 10.89 8.22
N THR D 207 4.45 11.39 7.89
CA THR D 207 4.14 11.70 6.50
C THR D 207 4.26 13.18 6.28
N GLN D 208 4.98 13.67 5.27
CA GLN D 208 5.00 15.12 5.19
C GLN D 208 3.75 15.58 4.52
N ALA D 209 3.32 16.78 4.81
CA ALA D 209 2.15 17.28 4.14
C ALA D 209 2.44 17.37 2.69
N CYS D 210 1.48 17.05 1.89
CA CYS D 210 1.69 17.15 0.48
C CYS D 210 1.91 18.67 0.29
N PRO D 211 3.01 19.11 -0.32
CA PRO D 211 3.45 20.51 -0.40
C PRO D 211 2.55 21.47 -1.15
N LYS D 212 1.71 20.97 -2.04
CA LYS D 212 0.83 21.85 -2.81
C LYS D 212 -0.52 22.02 -2.15
N VAL D 213 -0.75 21.31 -1.06
CA VAL D 213 -2.04 21.35 -0.42
C VAL D 213 -2.14 22.47 0.59
N SER D 214 -3.15 23.30 0.41
CA SER D 214 -3.42 24.39 1.31
C SER D 214 -4.29 23.95 2.45
N PHE D 215 -4.06 24.51 3.63
CA PHE D 215 -4.89 24.15 4.76
C PHE D 215 -5.94 25.20 5.08
N GLU D 216 -6.02 26.23 4.24
CA GLU D 216 -6.96 27.32 4.48
C GLU D 216 -8.39 26.79 4.45
N PRO D 217 -9.22 27.03 5.46
CA PRO D 217 -10.57 26.53 5.55
C PRO D 217 -11.48 27.08 4.47
N ILE D 218 -12.35 26.20 3.98
CA ILE D 218 -13.36 26.50 3.01
C ILE D 218 -14.69 26.18 3.66
N PRO D 219 -15.68 27.06 3.66
CA PRO D 219 -16.95 26.78 4.26
C PRO D 219 -17.57 25.54 3.68
N ILE D 220 -18.11 24.69 4.55
CA ILE D 220 -18.76 23.46 4.15
C ILE D 220 -20.22 23.55 4.55
N HIS D 221 -21.12 23.27 3.62
CA HIS D 221 -22.53 23.33 3.97
C HIS D 221 -23.02 21.92 4.11
N TYR D 222 -23.82 21.61 5.11
CA TYR D 222 -24.41 20.28 5.15
C TYR D 222 -25.82 20.33 4.67
N CYS D 223 -26.21 19.36 3.86
CA CYS D 223 -27.54 19.34 3.27
C CYS D 223 -28.30 18.06 3.56
N ALA D 224 -29.62 18.19 3.74
CA ALA D 224 -30.47 17.03 4.02
C ALA D 224 -30.69 16.11 2.81
N PRO D 225 -30.70 14.78 3.00
CA PRO D 225 -31.05 13.75 2.04
C PRO D 225 -32.56 13.68 1.87
N ALA D 226 -33.01 13.01 0.81
CA ALA D 226 -34.45 12.85 0.62
C ALA D 226 -35.09 12.14 1.80
N GLY D 227 -36.26 12.63 2.18
CA GLY D 227 -37.01 12.10 3.31
C GLY D 227 -36.71 12.79 4.63
N PHE D 228 -35.71 13.67 4.65
CA PHE D 228 -35.26 14.40 5.83
C PHE D 228 -35.26 15.90 5.69
N ALA D 229 -35.25 16.57 6.83
CA ALA D 229 -35.20 18.01 6.83
C ALA D 229 -34.31 18.54 7.94
N ILE D 230 -33.70 19.69 7.71
CA ILE D 230 -32.93 20.34 8.75
C ILE D 230 -33.69 21.53 9.27
N LEU D 231 -33.91 21.56 10.57
CA LEU D 231 -34.62 22.65 11.17
C LEU D 231 -33.61 23.57 11.81
N LYS D 232 -33.84 24.86 11.72
CA LYS D 232 -32.97 25.87 12.29
C LYS D 232 -33.67 26.70 13.34
N CYS D 233 -33.00 26.94 14.45
CA CYS D 233 -33.57 27.77 15.51
C CYS D 233 -33.14 29.22 15.36
N ASN D 234 -34.13 30.12 15.28
CA ASN D 234 -33.83 31.53 15.09
C ASN D 234 -34.01 32.41 16.33
N ASP D 235 -34.10 31.81 17.50
CA ASP D 235 -34.21 32.63 18.70
C ASP D 235 -32.88 33.25 19.05
N LYS D 236 -32.89 34.57 19.12
CA LYS D 236 -31.68 35.36 19.33
C LYS D 236 -30.96 35.08 20.64
N LYS D 237 -31.70 34.75 21.67
CA LYS D 237 -31.11 34.46 22.97
C LYS D 237 -31.02 32.98 23.25
N PHE D 238 -31.24 32.16 22.23
CA PHE D 238 -31.18 30.73 22.45
C PHE D 238 -29.80 30.30 22.84
N ASN D 239 -29.74 29.48 23.88
CA ASN D 239 -28.50 28.93 24.39
C ASN D 239 -28.37 27.50 23.87
N GLY D 240 -27.81 26.58 24.62
CA GLY D 240 -27.69 25.27 24.00
C GLY D 240 -28.93 24.39 23.93
N THR D 241 -29.89 24.56 24.85
CA THR D 241 -31.01 23.64 24.91
C THR D 241 -32.36 24.29 25.12
N GLY D 242 -33.41 23.51 24.91
CA GLY D 242 -34.75 23.94 25.23
C GLY D 242 -35.55 24.27 24.00
N PRO D 243 -36.81 24.66 24.15
CA PRO D 243 -37.72 24.96 23.09
C PRO D 243 -37.29 26.19 22.37
N CYS D 244 -37.45 26.17 21.07
CA CYS D 244 -37.20 27.30 20.23
C CYS D 244 -38.53 27.71 19.67
N LYS D 245 -38.89 28.98 19.78
CA LYS D 245 -40.20 29.44 19.36
C LYS D 245 -40.26 30.01 17.95
N ASN D 246 -39.13 30.00 17.29
CA ASN D 246 -39.03 30.50 15.93
C ASN D 246 -38.19 29.52 15.13
N VAL D 247 -38.85 28.63 14.42
CA VAL D 247 -38.14 27.56 13.74
C VAL D 247 -38.34 27.66 12.27
N SER D 248 -37.25 27.60 11.51
CA SER D 248 -37.36 27.62 10.07
C SER D 248 -36.76 26.37 9.47
N THR D 249 -37.22 25.99 8.30
CA THR D 249 -36.69 24.83 7.61
C THR D 249 -35.71 25.25 6.56
N VAL D 250 -34.56 24.59 6.53
CA VAL D 250 -33.57 24.95 5.54
C VAL D 250 -33.18 23.74 4.74
N GLN D 251 -32.61 23.98 3.56
CA GLN D 251 -32.16 22.87 2.75
C GLN D 251 -30.78 22.44 3.20
N CYS D 252 -29.99 23.44 3.59
CA CYS D 252 -28.63 23.25 4.01
C CYS D 252 -28.26 24.20 5.13
N THR D 253 -27.19 23.90 5.81
CA THR D 253 -26.67 24.75 6.86
C THR D 253 -25.94 25.89 6.23
N HIS D 254 -25.58 26.88 7.05
CA HIS D 254 -24.78 27.97 6.53
C HIS D 254 -23.42 27.36 6.31
N GLY D 255 -22.53 28.06 5.65
CA GLY D 255 -21.25 27.42 5.48
C GLY D 255 -20.52 27.47 6.79
N ILE D 256 -19.94 26.36 7.17
CA ILE D 256 -19.18 26.29 8.39
C ILE D 256 -17.74 26.09 8.06
N LYS D 257 -16.88 26.95 8.56
CA LYS D 257 -15.48 26.81 8.27
C LYS D 257 -14.84 25.87 9.25
N PRO D 258 -14.11 24.84 8.82
CA PRO D 258 -13.43 23.89 9.67
C PRO D 258 -12.15 24.48 10.23
N VAL D 259 -12.29 25.48 11.06
CA VAL D 259 -11.16 26.15 11.67
C VAL D 259 -10.74 25.35 12.87
N VAL D 260 -9.47 25.05 12.98
CA VAL D 260 -8.97 24.28 14.10
C VAL D 260 -8.24 25.17 15.08
N SER D 261 -8.67 25.15 16.33
CA SER D 261 -8.09 25.94 17.40
C SER D 261 -8.41 25.28 18.73
N THR D 262 -7.87 25.81 19.83
CA THR D 262 -8.10 25.22 21.14
C THR D 262 -8.76 26.19 22.10
N GLN D 263 -7.98 26.95 22.82
CA GLN D 263 -8.52 27.79 23.87
C GLN D 263 -9.47 28.89 23.40
N LEU D 264 -9.19 29.47 22.24
CA LEU D 264 -10.02 30.52 21.68
C LEU D 264 -10.54 30.05 20.34
N LEU D 265 -11.82 30.33 20.09
CA LEU D 265 -12.48 29.96 18.86
C LEU D 265 -12.32 31.08 17.89
N LEU D 266 -11.74 30.78 16.74
CA LEU D 266 -11.51 31.82 15.77
C LEU D 266 -12.42 31.71 14.58
N ASN D 267 -12.72 32.86 14.01
CA ASN D 267 -13.44 33.01 12.76
C ASN D 267 -14.79 32.30 12.74
N GLY D 268 -15.53 32.32 13.82
CA GLY D 268 -16.83 31.69 13.82
C GLY D 268 -17.91 32.73 13.72
N SER D 269 -19.12 32.35 14.10
CA SER D 269 -20.24 33.25 14.06
C SER D 269 -20.31 34.04 15.35
N LEU D 270 -20.82 35.26 15.27
CA LEU D 270 -21.04 36.05 16.46
C LEU D 270 -22.48 36.00 16.90
N ALA D 271 -22.68 36.22 18.18
CA ALA D 271 -23.99 36.31 18.78
C ALA D 271 -24.57 37.64 18.32
N GLU D 272 -25.88 37.77 18.24
CA GLU D 272 -26.42 39.04 17.75
C GLU D 272 -26.76 40.09 18.82
N GLU D 273 -27.16 39.67 20.00
CA GLU D 273 -27.56 40.66 21.01
C GLU D 273 -26.68 40.77 22.22
N GLU D 274 -26.14 39.65 22.67
CA GLU D 274 -25.37 39.62 23.90
C GLU D 274 -24.47 38.41 23.92
N ILE D 275 -23.59 38.34 24.90
CA ILE D 275 -22.77 37.15 25.02
C ILE D 275 -23.61 36.01 25.52
N ILE D 276 -23.53 34.90 24.83
CA ILE D 276 -24.31 33.74 25.22
C ILE D 276 -23.42 32.65 25.75
N ILE D 277 -23.70 32.20 26.95
CA ILE D 277 -22.89 31.17 27.55
C ILE D 277 -23.61 29.84 27.49
N ARG D 278 -23.01 28.88 26.82
CA ARG D 278 -23.65 27.61 26.62
C ARG D 278 -22.92 26.47 27.31
N SER D 279 -23.64 25.64 28.00
CA SER D 279 -23.04 24.50 28.65
C SER D 279 -24.06 23.40 28.77
N GLU D 280 -23.61 22.15 28.91
CA GLU D 280 -24.53 21.04 29.11
C GLU D 280 -25.08 21.09 30.51
N ASN D 281 -24.20 21.40 31.44
CA ASN D 281 -24.50 21.54 32.85
C ASN D 281 -23.59 22.58 33.46
N ILE D 282 -24.12 23.77 33.66
CA ILE D 282 -23.33 24.91 34.11
C ILE D 282 -22.80 24.76 35.52
N THR D 283 -23.32 23.80 36.27
CA THR D 283 -22.85 23.61 37.63
C THR D 283 -21.91 22.43 37.75
N ASN D 284 -21.53 21.81 36.65
CA ASN D 284 -20.62 20.69 36.74
C ASN D 284 -19.19 21.22 36.60
N ASN D 285 -18.20 20.34 36.70
CA ASN D 285 -16.81 20.70 36.50
C ASN D 285 -16.28 19.93 35.31
N ALA D 286 -17.01 18.88 34.96
CA ALA D 286 -16.62 17.96 33.91
C ALA D 286 -17.09 18.39 32.54
N LYS D 287 -17.82 19.49 32.49
CA LYS D 287 -18.39 19.98 31.27
C LYS D 287 -17.74 21.28 30.88
N THR D 288 -17.56 21.51 29.60
CA THR D 288 -16.97 22.76 29.16
C THR D 288 -18.03 23.80 28.92
N ILE D 289 -17.58 25.04 28.90
CA ILE D 289 -18.45 26.16 28.66
C ILE D 289 -18.07 26.85 27.37
N ILE D 290 -19.02 27.00 26.48
CA ILE D 290 -18.73 27.67 25.22
C ILE D 290 -19.28 29.07 25.32
N VAL D 291 -18.41 30.05 25.20
CA VAL D 291 -18.85 31.42 25.32
C VAL D 291 -18.85 32.06 23.96
N GLN D 292 -20.01 32.48 23.48
CA GLN D 292 -20.08 33.10 22.17
C GLN D 292 -20.17 34.60 22.31
N LEU D 293 -19.28 35.31 21.65
CA LEU D 293 -19.23 36.75 21.78
C LEU D 293 -20.11 37.43 20.77
N ASN D 294 -20.58 38.65 21.07
CA ASN D 294 -21.35 39.41 20.09
C ASN D 294 -20.49 40.45 19.38
N GLU D 295 -19.22 40.47 19.71
CA GLU D 295 -18.24 41.37 19.12
C GLU D 295 -16.98 40.58 18.92
N SER D 296 -16.30 40.81 17.83
CA SER D 296 -15.06 40.11 17.61
C SER D 296 -13.90 40.87 18.23
N VAL D 297 -12.85 40.14 18.57
CA VAL D 297 -11.61 40.75 19.03
C VAL D 297 -10.53 40.33 18.07
N GLU D 298 -9.82 41.26 17.47
CA GLU D 298 -8.80 40.85 16.51
C GLU D 298 -7.55 40.38 17.17
N ILE D 299 -6.99 39.33 16.62
CA ILE D 299 -5.71 38.79 17.04
C ILE D 299 -4.77 38.78 15.83
N ASN D 300 -3.67 39.50 15.95
CA ASN D 300 -2.70 39.62 14.86
C ASN D 300 -1.51 38.71 15.07
N CYS D 301 -1.38 37.66 14.30
CA CYS D 301 -0.28 36.74 14.55
C CYS D 301 0.76 36.78 13.47
N THR D 302 2.00 36.61 13.88
CA THR D 302 3.09 36.62 12.94
C THR D 302 4.21 35.67 13.25
N ARG D 303 4.91 35.31 12.19
CA ARG D 303 6.10 34.50 12.20
C ARG D 303 7.18 35.36 11.55
N PRO D 304 7.91 36.18 12.31
CA PRO D 304 8.82 37.21 11.88
C PRO D 304 10.11 36.74 11.19
N ASN D 305 10.44 35.46 11.32
CA ASN D 305 11.66 34.95 10.71
C ASN D 305 11.48 34.76 9.23
N ASN D 306 12.49 35.13 8.47
CA ASN D 306 12.46 34.90 7.03
C ASN D 306 13.08 33.56 6.72
N ASN D 307 12.25 32.56 6.49
CA ASN D 307 12.80 31.23 6.28
C ASN D 307 13.00 30.97 4.82
N THR D 308 13.91 30.06 4.53
CA THR D 308 14.20 29.59 3.20
C THR D 308 13.77 28.15 3.07
N ARG D 309 13.06 27.81 2.02
CA ARG D 309 12.70 26.42 1.85
C ARG D 309 13.77 25.72 1.03
N LYS D 310 14.27 24.61 1.53
CA LYS D 310 15.27 23.86 0.79
C LYS D 310 14.72 22.51 0.40
N SER D 311 14.98 22.10 -0.82
CA SER D 311 14.45 20.82 -1.26
C SER D 311 15.53 19.74 -1.36
N ILE D 312 15.33 18.68 -0.61
CA ILE D 312 16.25 17.56 -0.51
C ILE D 312 15.70 16.30 -1.16
N ARG D 313 16.45 15.70 -2.06
CA ARG D 313 15.92 14.49 -2.69
C ARG D 313 16.22 13.27 -1.84
N ILE D 314 15.17 12.58 -1.41
CA ILE D 314 15.26 11.41 -0.56
C ILE D 314 15.27 10.15 -1.39
N GLY D 315 14.50 10.18 -2.46
CA GLY D 315 14.37 9.01 -3.30
C GLY D 315 13.84 9.34 -4.70
N PRO D 316 13.36 8.36 -5.46
CA PRO D 316 12.95 8.47 -6.84
C PRO D 316 11.66 9.25 -6.99
N GLY D 317 11.79 10.57 -6.99
CA GLY D 317 10.66 11.48 -7.07
C GLY D 317 10.14 11.84 -5.69
N GLN D 318 10.91 11.49 -4.68
CA GLN D 318 10.53 11.74 -3.31
C GLN D 318 11.29 12.91 -2.74
N TRP D 319 10.68 14.08 -2.70
CA TRP D 319 11.36 15.26 -2.18
C TRP D 319 10.94 15.57 -0.76
N PHE D 320 11.90 15.96 0.05
CA PHE D 320 11.71 16.42 1.42
C PHE D 320 11.92 17.89 1.53
N TYR D 321 11.02 18.58 2.21
CA TYR D 321 11.21 20.01 2.33
C TYR D 321 11.72 20.40 3.70
N ALA D 322 12.92 20.93 3.70
CA ALA D 322 13.65 21.28 4.90
C ALA D 322 13.76 22.76 5.09
N THR D 323 13.96 23.19 6.31
CA THR D 323 14.19 24.60 6.54
C THR D 323 15.66 24.85 6.24
N GLY D 324 15.93 25.83 5.41
CA GLY D 324 17.29 26.21 5.06
C GLY D 324 17.70 27.35 5.95
N ASP D 325 18.69 28.12 5.56
CA ASP D 325 19.12 29.20 6.45
C ASP D 325 18.08 30.25 6.69
N ILE D 326 18.09 30.75 7.91
CA ILE D 326 17.23 31.86 8.32
C ILE D 326 17.95 33.11 7.95
N ILE D 327 17.25 34.00 7.31
CA ILE D 327 17.85 35.24 6.87
C ILE D 327 17.43 36.37 7.76
N GLY D 328 18.39 37.08 8.29
CA GLY D 328 18.09 38.15 9.19
C GLY D 328 18.10 37.69 10.61
N ASP D 329 17.36 38.38 11.44
CA ASP D 329 17.39 38.15 12.87
C ASP D 329 16.61 36.93 13.25
N ILE D 330 16.93 36.35 14.38
CA ILE D 330 16.13 35.26 14.88
C ILE D 330 15.16 35.89 15.84
N ARG D 331 13.89 35.78 15.54
CA ARG D 331 12.85 36.38 16.33
C ARG D 331 11.78 35.39 16.73
N GLN D 332 11.10 35.70 17.82
CA GLN D 332 10.05 34.85 18.34
C GLN D 332 8.70 35.16 17.73
N ALA D 333 7.97 34.11 17.38
CA ALA D 333 6.63 34.23 16.83
C ALA D 333 5.73 34.77 17.89
N HIS D 334 4.73 35.54 17.51
CA HIS D 334 3.83 36.10 18.51
C HIS D 334 2.48 36.54 18.00
N CYS D 335 1.55 36.74 18.93
CA CYS D 335 0.24 37.29 18.60
C CYS D 335 -0.11 38.53 19.40
N ASN D 336 -0.74 39.50 18.73
CA ASN D 336 -1.13 40.77 19.33
C ASN D 336 -2.63 40.95 19.49
N ILE D 337 -3.06 41.16 20.73
CA ILE D 337 -4.46 41.40 21.08
C ILE D 337 -4.60 42.76 21.73
N SER D 338 -5.53 43.62 21.28
CA SER D 338 -5.61 44.92 21.93
C SER D 338 -5.98 44.77 23.38
N GLY D 339 -5.34 45.55 24.26
CA GLY D 339 -5.60 45.46 25.68
C GLY D 339 -6.99 45.86 26.08
N THR D 340 -7.52 46.92 25.47
CA THR D 340 -8.82 47.38 25.87
C THR D 340 -9.95 46.54 25.33
N LYS D 341 -9.79 45.98 24.14
CA LYS D 341 -10.85 45.16 23.62
C LYS D 341 -10.95 43.90 24.42
N TRP D 342 -9.81 43.34 24.81
CA TRP D 342 -9.86 42.15 25.60
C TRP D 342 -10.51 42.44 26.94
N ASN D 343 -10.18 43.58 27.56
CA ASN D 343 -10.77 43.87 28.85
C ASN D 343 -12.28 44.08 28.75
N LYS D 344 -12.77 44.74 27.68
CA LYS D 344 -14.20 44.93 27.56
C LYS D 344 -14.87 43.59 27.39
N THR D 345 -14.22 42.71 26.64
CA THR D 345 -14.77 41.40 26.41
C THR D 345 -14.89 40.67 27.72
N LEU D 346 -13.87 40.71 28.57
CA LEU D 346 -13.99 40.03 29.83
C LEU D 346 -15.02 40.67 30.75
N GLN D 347 -15.17 41.99 30.74
CA GLN D 347 -16.20 42.53 31.63
C GLN D 347 -17.54 41.98 31.23
N GLN D 348 -17.79 41.88 29.93
CA GLN D 348 -19.06 41.40 29.46
C GLN D 348 -19.23 39.91 29.77
N VAL D 349 -18.15 39.12 29.63
CA VAL D 349 -18.23 37.69 29.93
C VAL D 349 -18.51 37.50 31.39
N VAL D 350 -17.87 38.27 32.25
CA VAL D 350 -18.11 38.13 33.67
C VAL D 350 -19.54 38.55 34.02
N LYS D 351 -20.05 39.65 33.49
CA LYS D 351 -21.41 40.06 33.83
C LYS D 351 -22.41 38.96 33.54
N LYS D 352 -22.21 38.22 32.44
CA LYS D 352 -23.11 37.14 32.08
C LYS D 352 -22.80 35.82 32.76
N LEU D 353 -21.71 35.74 33.48
CA LEU D 353 -21.30 34.50 34.10
C LEU D 353 -21.86 34.54 35.51
N ARG D 354 -21.99 35.75 36.03
CA ARG D 354 -22.57 36.01 37.35
C ARG D 354 -24.07 35.76 37.34
N GLU D 355 -24.64 35.53 36.17
CA GLU D 355 -26.04 35.19 36.07
C GLU D 355 -26.27 33.73 36.41
N HIS D 356 -25.26 32.86 36.23
CA HIS D 356 -25.44 31.45 36.52
C HIS D 356 -24.82 31.09 37.85
N PHE D 357 -23.84 31.87 38.24
CA PHE D 357 -23.11 31.68 39.48
C PHE D 357 -23.59 32.74 40.41
N ASN D 358 -23.44 32.53 41.69
CA ASN D 358 -23.92 33.55 42.59
C ASN D 358 -22.95 34.72 42.50
N ASN D 359 -23.18 35.77 43.25
CA ASN D 359 -22.33 36.94 43.13
C ASN D 359 -21.04 36.74 43.91
N LYS D 360 -20.21 35.89 43.35
CA LYS D 360 -18.93 35.45 43.87
C LYS D 360 -17.84 36.11 43.09
N THR D 361 -16.66 36.13 43.69
CA THR D 361 -15.47 36.57 42.98
C THR D 361 -15.17 35.57 41.88
N ILE D 362 -14.89 36.08 40.69
CA ILE D 362 -14.54 35.23 39.56
C ILE D 362 -13.11 35.41 39.13
N ILE D 363 -12.37 34.32 39.08
CA ILE D 363 -10.99 34.48 38.67
C ILE D 363 -10.67 33.64 37.46
N PHE D 364 -9.82 34.20 36.62
CA PHE D 364 -9.35 33.54 35.44
C PHE D 364 -7.90 33.20 35.59
N ASN D 365 -7.59 31.94 35.34
CA ASN D 365 -6.22 31.45 35.43
C ASN D 365 -5.79 30.77 34.14
N PRO D 366 -4.48 30.65 33.87
CA PRO D 366 -3.89 29.90 32.79
C PRO D 366 -4.23 28.45 33.01
N SER D 367 -4.22 27.64 31.96
CA SER D 367 -4.56 26.26 32.17
C SER D 367 -3.51 25.59 33.04
N SER D 368 -3.88 24.51 33.69
CA SER D 368 -2.99 23.82 34.63
C SER D 368 -2.02 22.78 34.09
N GLY D 369 -2.24 22.24 32.91
CA GLY D 369 -1.32 21.20 32.47
C GLY D 369 -1.81 20.49 31.23
N GLY D 370 -1.09 19.45 30.86
CA GLY D 370 -1.40 18.70 29.65
C GLY D 370 -0.31 18.95 28.63
N ASP D 371 -0.49 18.45 27.43
CA ASP D 371 0.56 18.62 26.43
C ASP D 371 0.42 20.01 25.86
N LEU D 372 1.29 20.38 24.94
CA LEU D 372 1.28 21.72 24.39
C LEU D 372 -0.05 22.03 23.71
N GLU D 373 -0.71 21.00 23.17
CA GLU D 373 -2.01 21.14 22.49
C GLU D 373 -3.10 21.63 23.46
N ILE D 374 -2.91 21.39 24.74
CA ILE D 374 -3.87 21.74 25.76
C ILE D 374 -3.51 23.05 26.43
N THR D 375 -2.23 23.22 26.76
CA THR D 375 -1.80 24.38 27.51
C THR D 375 -1.68 25.64 26.67
N THR D 376 -1.58 25.50 25.36
CA THR D 376 -1.49 26.66 24.48
C THR D 376 -2.65 26.78 23.50
N HIS D 377 -2.71 27.95 22.89
CA HIS D 377 -3.67 28.23 21.86
C HIS D 377 -3.09 27.81 20.54
N SER D 378 -3.53 26.69 19.99
CA SER D 378 -2.92 26.31 18.76
C SER D 378 -3.75 26.78 17.60
N PHE D 379 -3.11 27.00 16.48
CA PHE D 379 -3.82 27.32 15.24
C PHE D 379 -2.94 27.20 14.01
N ASN D 380 -3.56 27.12 12.87
CA ASN D 380 -2.86 27.09 11.59
C ASN D 380 -2.91 28.45 10.91
N CYS D 381 -1.78 29.14 10.87
CA CYS D 381 -1.69 30.47 10.30
C CYS D 381 -0.88 30.44 9.03
N GLY D 382 -1.55 30.39 7.91
CA GLY D 382 -0.85 30.36 6.64
C GLY D 382 -0.11 29.06 6.38
N GLY D 383 -0.47 27.97 7.05
CA GLY D 383 0.23 26.72 6.90
C GLY D 383 1.22 26.44 8.03
N GLU D 384 1.57 27.43 8.88
CA GLU D 384 2.47 27.11 9.98
C GLU D 384 1.65 26.83 11.22
N PHE D 385 2.13 25.93 12.05
CA PHE D 385 1.40 25.57 13.25
C PHE D 385 1.96 26.24 14.48
N PHE D 386 1.17 27.17 15.00
CA PHE D 386 1.48 28.01 16.14
C PHE D 386 0.91 27.47 17.39
N TYR D 387 1.65 27.63 18.48
CA TYR D 387 1.26 27.28 19.84
C TYR D 387 1.46 28.47 20.75
N CYS D 388 0.44 29.29 20.95
CA CYS D 388 0.63 30.54 21.67
C CYS D 388 0.28 30.47 23.14
N ASN D 389 1.04 31.18 23.92
CA ASN D 389 0.89 31.27 25.36
C ASN D 389 -0.13 32.33 25.76
N THR D 390 -1.25 31.89 26.29
CA THR D 390 -2.40 32.73 26.61
C THR D 390 -2.47 33.11 28.07
N SER D 391 -1.39 32.90 28.81
CA SER D 391 -1.36 33.23 30.23
C SER D 391 -1.42 34.74 30.41
N GLY D 392 -1.19 35.47 29.33
CA GLY D 392 -1.27 36.91 29.33
C GLY D 392 -2.71 37.39 29.21
N LEU D 393 -3.63 36.47 28.91
CA LEU D 393 -5.03 36.84 28.77
C LEU D 393 -5.82 36.35 29.96
N PHE D 394 -5.62 35.10 30.32
CA PHE D 394 -6.37 34.49 31.39
C PHE D 394 -5.67 34.61 32.72
N ASN D 395 -5.48 35.83 33.15
CA ASN D 395 -4.82 36.09 34.42
C ASN D 395 -5.42 37.31 35.12
N SER D 396 -6.58 37.12 35.74
CA SER D 396 -7.28 38.27 36.36
C SER D 396 -8.28 37.90 37.44
N THR D 397 -8.62 38.88 38.28
CA THR D 397 -9.65 38.71 39.31
C THR D 397 -10.76 39.74 39.18
N TRP D 398 -11.99 39.26 39.12
CA TRP D 398 -13.11 40.15 38.99
C TRP D 398 -14.01 40.12 40.23
N ILE D 399 -14.34 41.30 40.70
CA ILE D 399 -15.20 41.47 41.88
C ILE D 399 -16.36 42.38 41.55
N GLY D 400 -17.37 42.40 42.41
CA GLY D 400 -18.53 43.26 42.18
C GLY D 400 -18.12 44.59 41.58
N ASP D 411 -2.97 49.91 25.37
CA ASP D 411 -1.80 49.07 25.16
C ASP D 411 -2.14 47.80 24.39
N THR D 412 -1.13 46.96 24.17
CA THR D 412 -1.27 45.72 23.42
C THR D 412 -0.74 44.56 24.23
N ILE D 413 -1.47 43.45 24.19
CA ILE D 413 -1.04 42.25 24.86
C ILE D 413 -0.29 41.40 23.87
N THR D 414 0.97 41.09 24.17
CA THR D 414 1.75 40.30 23.23
C THR D 414 1.92 38.90 23.77
N LEU D 415 1.49 37.91 23.02
CA LEU D 415 1.59 36.54 23.42
C LEU D 415 2.74 35.89 22.67
N PRO D 416 3.75 35.31 23.30
CA PRO D 416 4.82 34.63 22.63
C PRO D 416 4.25 33.34 22.09
N CYS D 417 4.77 32.86 20.96
CA CYS D 417 4.32 31.60 20.40
C CYS D 417 5.46 30.69 19.98
N ARG D 418 5.21 29.39 20.00
CA ARG D 418 6.17 28.43 19.48
C ARG D 418 5.67 27.86 18.18
N ILE D 419 6.58 27.41 17.34
CA ILE D 419 6.21 26.79 16.07
C ILE D 419 6.67 25.34 16.04
N LYS D 420 5.82 24.43 15.58
CA LYS D 420 6.23 23.03 15.44
C LYS D 420 6.05 22.55 14.03
N GLN D 421 6.93 21.66 13.57
CA GLN D 421 6.71 21.06 12.28
C GLN D 421 6.10 19.67 12.39
N ILE D 422 6.33 18.94 13.48
CA ILE D 422 5.75 17.60 13.57
C ILE D 422 4.56 17.63 14.49
N ILE D 423 3.39 17.38 13.94
CA ILE D 423 2.17 17.50 14.72
C ILE D 423 1.30 16.24 14.70
N ASN D 424 0.43 16.13 15.70
CA ASN D 424 -0.51 15.01 15.84
C ASN D 424 -1.91 15.51 16.10
N MET D 425 -2.64 15.76 15.04
CA MET D 425 -3.96 16.36 15.16
C MET D 425 -5.03 15.39 15.60
N TRP D 426 -6.07 15.96 16.21
CA TRP D 426 -7.26 15.27 16.72
C TRP D 426 -6.95 14.22 17.74
N GLN D 427 -5.86 14.45 18.44
CA GLN D 427 -5.37 13.62 19.51
C GLN D 427 -5.17 12.17 19.10
N ARG D 428 -4.74 11.94 17.86
CA ARG D 428 -4.48 10.60 17.43
C ARG D 428 -3.02 10.26 17.57
N VAL D 429 -2.72 9.37 18.48
CA VAL D 429 -1.36 8.99 18.73
C VAL D 429 -0.91 7.98 17.69
N GLY D 430 0.26 8.20 17.11
CA GLY D 430 0.78 7.28 16.11
C GLY D 430 0.58 7.71 14.67
N GLN D 431 0.03 8.89 14.43
CA GLN D 431 -0.14 9.34 13.05
C GLN D 431 0.35 10.77 12.84
N PRO D 432 1.65 11.05 13.05
CA PRO D 432 2.25 12.35 12.91
C PRO D 432 2.36 12.80 11.48
N MET D 433 2.33 14.10 11.33
CA MET D 433 2.50 14.72 10.04
C MET D 433 3.56 15.80 10.10
N TYR D 434 4.36 15.92 9.06
CA TYR D 434 5.38 16.95 9.02
C TYR D 434 4.98 18.10 8.14
N ALA D 435 4.87 19.27 8.71
CA ALA D 435 4.49 20.40 7.92
C ALA D 435 5.75 21.00 7.32
N PRO D 436 5.88 21.13 6.00
CA PRO D 436 7.05 21.64 5.36
C PRO D 436 7.07 23.08 5.74
N PRO D 437 8.23 23.72 5.79
CA PRO D 437 8.38 25.11 6.12
C PRO D 437 7.87 25.95 5.01
N ILE D 438 7.37 27.11 5.36
CA ILE D 438 6.92 28.06 4.37
C ILE D 438 7.87 29.22 4.22
N GLN D 439 8.33 29.41 3.00
CA GLN D 439 9.30 30.42 2.66
C GLN D 439 8.75 31.83 2.76
N GLY D 440 9.56 32.72 3.31
CA GLY D 440 9.14 34.10 3.49
C GLY D 440 8.64 34.31 4.91
N LYS D 441 7.81 35.33 5.10
CA LYS D 441 7.32 35.67 6.44
C LYS D 441 5.81 35.48 6.45
N ILE D 442 5.27 35.19 7.62
CA ILE D 442 3.84 34.94 7.74
C ILE D 442 3.08 35.86 8.65
N ARG D 443 1.97 36.35 8.14
CA ARG D 443 1.09 37.17 8.94
C ARG D 443 -0.35 36.81 8.66
N CYS D 444 -1.16 36.74 9.71
CA CYS D 444 -2.59 36.51 9.54
C CYS D 444 -3.39 37.23 10.60
N VAL D 445 -4.57 37.70 10.24
CA VAL D 445 -5.42 38.36 11.19
C VAL D 445 -6.67 37.57 11.42
N SER D 446 -6.89 37.15 12.64
CA SER D 446 -8.05 36.34 12.95
C SER D 446 -9.00 37.02 13.89
N ASN D 447 -10.22 36.55 13.88
CA ASN D 447 -11.24 37.09 14.77
C ASN D 447 -11.55 36.17 15.93
N ILE D 448 -11.35 36.62 17.15
CA ILE D 448 -11.73 35.79 18.25
C ILE D 448 -13.23 35.98 18.36
N THR D 449 -13.98 34.91 18.21
CA THR D 449 -15.44 34.98 18.23
C THR D 449 -16.04 34.24 19.42
N GLY D 450 -15.18 33.62 20.20
CA GLY D 450 -15.63 32.86 21.35
C GLY D 450 -14.50 32.25 22.13
N LEU D 451 -14.83 31.75 23.29
CA LEU D 451 -13.89 31.15 24.22
C LEU D 451 -14.32 29.78 24.69
N LEU D 452 -13.38 28.89 24.99
CA LEU D 452 -13.76 27.65 25.65
C LEU D 452 -13.22 27.67 27.06
N LEU D 453 -14.11 27.68 28.05
CA LEU D 453 -13.70 27.73 29.46
C LEU D 453 -14.07 26.47 30.23
N THR D 454 -13.28 26.14 31.23
CA THR D 454 -13.55 25.02 32.13
C THR D 454 -13.49 25.46 33.60
N ARG D 455 -14.42 24.98 34.42
CA ARG D 455 -14.38 25.27 35.84
C ARG D 455 -13.53 24.33 36.63
N ASP D 456 -12.76 24.88 37.56
CA ASP D 456 -11.97 24.05 38.42
C ASP D 456 -12.86 23.52 39.53
N GLY D 457 -12.45 22.45 40.15
CA GLY D 457 -13.19 21.86 41.26
C GLY D 457 -13.82 22.93 42.14
N THR D 465 -15.41 31.71 45.68
CA THR D 465 -14.69 32.13 44.48
C THR D 465 -14.71 31.03 43.43
N GLU D 466 -15.10 31.39 42.21
CA GLU D 466 -15.14 30.44 41.11
C GLU D 466 -13.87 30.57 40.28
N THR D 467 -13.32 29.46 39.84
CA THR D 467 -12.11 29.50 39.04
C THR D 467 -12.31 28.99 37.63
N PHE D 468 -11.99 29.82 36.66
CA PHE D 468 -12.13 29.41 35.28
C PHE D 468 -10.79 29.39 34.59
N ARG D 469 -10.60 28.37 33.79
CA ARG D 469 -9.39 28.22 33.01
C ARG D 469 -9.77 28.00 31.58
N PRO D 470 -9.00 28.45 30.60
CA PRO D 470 -9.26 28.21 29.21
C PRO D 470 -8.95 26.79 28.91
N GLY D 471 -9.58 26.22 27.91
CA GLY D 471 -9.15 24.90 27.50
C GLY D 471 -10.20 24.01 26.87
N GLY D 472 -9.75 22.80 26.54
CA GLY D 472 -10.50 21.75 25.89
C GLY D 472 -9.95 21.55 24.49
N GLY D 473 -9.29 20.40 24.28
CA GLY D 473 -8.67 20.07 23.01
C GLY D 473 -9.53 19.14 22.16
N ASP D 474 -10.77 18.92 22.58
CA ASP D 474 -11.68 18.03 21.89
C ASP D 474 -12.41 18.85 20.86
N MET D 475 -12.13 18.58 19.61
CA MET D 475 -12.63 19.36 18.50
C MET D 475 -14.12 19.38 18.36
N ARG D 476 -14.80 18.44 18.96
CA ARG D 476 -16.23 18.48 18.81
C ARG D 476 -16.79 19.72 19.48
N ASP D 477 -16.10 20.29 20.47
CA ASP D 477 -16.63 21.46 21.12
C ASP D 477 -16.50 22.68 20.24
N ASN D 478 -15.66 22.62 19.19
CA ASN D 478 -15.56 23.78 18.35
C ASN D 478 -16.71 23.72 17.39
N TRP D 479 -17.01 22.52 16.91
CA TRP D 479 -18.07 22.38 15.93
C TRP D 479 -19.45 22.55 16.52
N ARG D 480 -19.59 22.27 17.81
CA ARG D 480 -20.85 22.47 18.46
C ARG D 480 -21.19 23.95 18.50
N SER D 481 -20.20 24.85 18.35
CA SER D 481 -20.48 26.27 18.44
C SER D 481 -21.12 26.81 17.16
N GLU D 482 -21.06 26.03 16.06
CA GLU D 482 -21.68 26.47 14.80
C GLU D 482 -22.94 25.67 14.50
N LEU D 483 -22.97 24.42 14.93
CA LEU D 483 -24.09 23.53 14.66
C LEU D 483 -25.17 23.54 15.70
N TYR D 484 -25.06 24.41 16.70
CA TYR D 484 -26.03 24.47 17.79
C TYR D 484 -27.43 24.88 17.32
N LYS D 485 -27.52 25.54 16.19
CA LYS D 485 -28.80 25.99 15.69
C LYS D 485 -29.51 24.95 14.90
N TYR D 486 -28.87 23.83 14.57
CA TYR D 486 -29.52 22.91 13.66
C TYR D 486 -29.95 21.59 14.27
N LYS D 487 -31.05 21.08 13.78
CA LYS D 487 -31.56 19.78 14.16
C LYS D 487 -32.00 18.98 12.95
N VAL D 488 -31.76 17.68 12.95
CA VAL D 488 -32.21 16.85 11.83
C VAL D 488 -33.42 16.03 12.19
N VAL D 489 -34.46 16.12 11.36
CA VAL D 489 -35.65 15.35 11.62
C VAL D 489 -36.01 14.53 10.40
N LYS D 490 -36.76 13.46 10.61
CA LYS D 490 -37.23 12.58 9.56
C LYS D 490 -38.68 12.86 9.30
N ILE D 491 -39.05 12.91 8.04
CA ILE D 491 -40.44 13.20 7.72
C ILE D 491 -41.22 11.92 7.77
N GLU D 492 -42.38 11.99 8.42
CA GLU D 492 -43.26 10.85 8.57
C GLU D 492 -44.58 11.17 7.87
N PRO D 493 -44.68 10.98 6.55
CA PRO D 493 -45.73 11.44 5.68
C PRO D 493 -47.06 10.76 5.81
N LEU D 494 -47.14 9.65 6.51
CA LEU D 494 -48.42 8.95 6.54
C LEU D 494 -49.17 9.18 7.83
N GLY D 495 -50.46 9.44 7.73
CA GLY D 495 -51.28 9.56 8.93
C GLY D 495 -52.76 9.47 8.60
N VAL D 496 -53.58 9.40 9.64
CA VAL D 496 -55.01 9.26 9.45
C VAL D 496 -55.77 10.26 10.27
N ALA D 497 -57.02 10.52 9.89
CA ALA D 497 -57.93 11.40 10.62
C ALA D 497 -59.35 11.09 10.22
N PRO D 498 -60.38 11.31 11.05
CA PRO D 498 -61.77 11.13 10.70
C PRO D 498 -62.28 12.18 9.75
N THR D 499 -63.01 11.74 8.75
CA THR D 499 -63.67 12.59 7.76
C THR D 499 -65.07 12.09 7.52
N ARG D 500 -65.87 12.85 6.77
CA ARG D 500 -67.24 12.42 6.50
C ARG D 500 -67.44 11.61 5.22
N CYS D 501 -66.36 11.33 4.51
CA CYS D 501 -66.43 10.56 3.26
C CYS D 501 -66.60 9.09 3.57
N LYS D 502 -67.09 8.33 2.60
CA LYS D 502 -67.13 6.88 2.74
C LYS D 502 -66.66 6.29 1.44
N ARG D 503 -65.83 5.26 1.47
CA ARG D 503 -65.37 4.66 0.23
C ARG D 503 -66.58 4.16 -0.55
N PHE D 526 -49.14 28.18 -2.08
CA PHE D 526 -47.88 27.46 -1.98
C PHE D 526 -46.97 28.05 -0.95
N LEU D 527 -46.71 27.30 0.10
CA LEU D 527 -45.85 27.76 1.17
C LEU D 527 -44.43 27.21 1.04
N GLY D 528 -44.29 26.04 0.45
CA GLY D 528 -43.00 25.37 0.36
C GLY D 528 -42.96 24.21 1.32
N PHE D 529 -41.89 23.44 1.30
CA PHE D 529 -41.77 22.23 2.10
C PHE D 529 -41.91 22.50 3.57
N LEU D 530 -42.85 21.79 4.19
CA LEU D 530 -43.23 21.92 5.58
C LEU D 530 -43.76 23.30 5.92
N GLY D 531 -44.06 24.11 4.93
CA GLY D 531 -44.55 25.45 5.20
C GLY D 531 -45.86 25.39 5.94
N ALA D 532 -46.61 24.33 5.71
CA ALA D 532 -47.90 24.12 6.31
C ALA D 532 -47.79 23.46 7.66
N ALA D 533 -46.60 23.23 8.17
CA ALA D 533 -46.43 22.56 9.44
C ALA D 533 -47.18 23.26 10.56
N GLY D 534 -47.29 24.58 10.51
CA GLY D 534 -48.01 25.32 11.52
C GLY D 534 -49.47 25.57 11.19
N SER D 535 -49.94 25.07 10.07
CA SER D 535 -51.30 25.29 9.62
C SER D 535 -52.19 24.26 10.25
N THR D 536 -53.48 24.52 10.22
CA THR D 536 -54.39 23.56 10.77
C THR D 536 -54.53 22.42 9.82
N MET D 537 -55.06 21.32 10.29
CA MET D 537 -55.18 20.13 9.46
C MET D 537 -55.97 20.36 8.19
N GLY D 538 -57.02 21.17 8.25
CA GLY D 538 -57.87 21.41 7.10
C GLY D 538 -57.21 22.28 6.04
N ALA D 539 -56.08 22.90 6.38
CA ALA D 539 -55.36 23.73 5.45
C ALA D 539 -54.12 23.01 4.97
N ALA D 540 -53.49 22.26 5.87
CA ALA D 540 -52.28 21.55 5.59
C ALA D 540 -52.52 20.39 4.63
N SER D 541 -53.73 19.85 4.64
CA SER D 541 -54.10 18.75 3.76
C SER D 541 -54.12 19.19 2.31
N MET D 542 -54.10 20.49 2.03
CA MET D 542 -54.12 20.95 0.67
C MET D 542 -52.73 21.09 0.05
N THR D 543 -51.68 20.79 0.82
CA THR D 543 -50.32 20.90 0.31
C THR D 543 -49.57 19.60 0.52
N LEU D 544 -50.20 18.46 0.20
CA LEU D 544 -49.60 17.14 0.42
C LEU D 544 -48.56 16.79 -0.62
N THR D 545 -48.70 17.33 -1.83
CA THR D 545 -47.79 17.01 -2.91
C THR D 545 -46.42 17.57 -2.63
N VAL D 546 -46.38 18.63 -1.85
CA VAL D 546 -45.13 19.27 -1.56
C VAL D 546 -44.22 18.35 -0.77
N GLN D 547 -44.75 17.64 0.22
CA GLN D 547 -43.92 16.74 0.99
C GLN D 547 -43.74 15.41 0.27
N ALA D 548 -44.75 14.92 -0.43
CA ALA D 548 -44.58 13.63 -1.10
C ALA D 548 -43.42 13.67 -2.10
N ARG D 549 -43.24 14.79 -2.77
CA ARG D 549 -42.18 14.95 -3.75
C ARG D 549 -40.78 14.96 -3.13
N ASN D 550 -40.70 15.22 -1.83
CA ASN D 550 -39.43 15.32 -1.13
C ASN D 550 -39.04 14.03 -0.48
N LEU D 551 -39.79 12.96 -0.79
CA LEU D 551 -39.42 11.65 -0.30
C LEU D 551 -38.49 11.03 -1.30
N LEU D 552 -38.63 11.41 -2.58
CA LEU D 552 -37.76 10.87 -3.61
C LEU D 552 -36.61 11.81 -3.94
N SER D 553 -36.87 13.12 -3.95
CA SER D 553 -35.84 14.11 -4.29
C SER D 553 -34.49 13.52 -4.67
N GLY D 566 -19.82 7.95 -2.85
CA GLY D 566 -19.21 6.83 -2.15
C GLY D 566 -20.26 5.91 -1.55
N ILE D 567 -19.82 4.96 -0.73
CA ILE D 567 -20.76 4.03 -0.14
C ILE D 567 -21.74 4.70 0.78
N LYS D 568 -21.31 5.63 1.61
CA LYS D 568 -22.31 6.20 2.51
C LYS D 568 -23.46 6.88 1.76
N GLN D 569 -23.21 7.42 0.57
CA GLN D 569 -24.29 8.04 -0.16
C GLN D 569 -25.11 7.01 -0.89
N LEU D 570 -24.49 5.93 -1.39
CA LEU D 570 -25.31 4.93 -2.02
C LEU D 570 -26.20 4.28 -0.99
N GLN D 571 -25.71 4.08 0.22
CA GLN D 571 -26.58 3.45 1.19
C GLN D 571 -27.73 4.37 1.52
N ALA D 572 -27.48 5.67 1.64
CA ALA D 572 -28.56 6.59 1.93
C ALA D 572 -29.60 6.63 0.82
N ARG D 573 -29.16 6.57 -0.43
CA ARG D 573 -30.08 6.62 -1.56
C ARG D 573 -30.84 5.33 -1.75
N VAL D 574 -30.19 4.19 -1.55
CA VAL D 574 -30.89 2.93 -1.70
C VAL D 574 -31.93 2.85 -0.63
N LEU D 575 -31.58 3.25 0.59
CA LEU D 575 -32.55 3.21 1.65
C LEU D 575 -33.71 4.15 1.41
N ALA D 576 -33.46 5.37 0.90
CA ALA D 576 -34.60 6.24 0.66
C ALA D 576 -35.57 5.61 -0.32
N VAL D 577 -35.05 4.90 -1.33
CA VAL D 577 -35.93 4.22 -2.25
C VAL D 577 -36.71 3.13 -1.57
N GLU D 578 -36.04 2.32 -0.74
CA GLU D 578 -36.74 1.26 -0.05
C GLU D 578 -37.81 1.81 0.88
N ARG D 579 -37.56 2.93 1.56
CA ARG D 579 -38.58 3.48 2.44
C ARG D 579 -39.79 3.94 1.63
N TYR D 580 -39.54 4.57 0.49
CA TYR D 580 -40.64 5.02 -0.34
C TYR D 580 -41.48 3.86 -0.80
N LEU D 581 -40.84 2.80 -1.28
CA LEU D 581 -41.57 1.67 -1.76
C LEU D 581 -42.33 0.96 -0.69
N ARG D 582 -41.79 0.87 0.53
CA ARG D 582 -42.57 0.22 1.57
C ARG D 582 -43.84 0.99 1.87
N ASP D 583 -43.79 2.33 1.86
CA ASP D 583 -45.02 3.07 2.09
C ASP D 583 -45.99 2.90 0.95
N GLN D 584 -45.50 2.83 -0.28
CA GLN D 584 -46.41 2.62 -1.39
C GLN D 584 -47.02 1.23 -1.37
N GLN D 585 -46.25 0.23 -0.95
CA GLN D 585 -46.79 -1.11 -0.87
C GLN D 585 -47.90 -1.15 0.15
N LEU D 586 -47.72 -0.45 1.26
CA LEU D 586 -48.73 -0.43 2.30
C LEU D 586 -49.99 0.21 1.81
N LEU D 587 -49.87 1.31 1.09
CA LEU D 587 -51.07 1.93 0.59
C LEU D 587 -51.73 1.00 -0.43
N GLY D 588 -50.96 0.32 -1.26
CA GLY D 588 -51.61 -0.57 -2.21
C GLY D 588 -52.40 -1.67 -1.51
N ILE D 589 -51.88 -2.17 -0.40
CA ILE D 589 -52.57 -3.19 0.39
C ILE D 589 -53.86 -2.66 0.98
N TRP D 590 -53.83 -1.46 1.55
CA TRP D 590 -55.04 -0.84 2.12
C TRP D 590 -56.06 -0.42 1.07
N GLY D 591 -55.56 -0.06 -0.10
CA GLY D 591 -56.35 0.42 -1.20
C GLY D 591 -55.83 1.80 -1.51
N CYS D 592 -56.21 2.35 -2.65
CA CYS D 592 -55.75 3.66 -3.07
C CYS D 592 -54.25 3.71 -3.33
N SER D 593 -53.74 2.79 -4.14
CA SER D 593 -52.31 2.79 -4.40
C SER D 593 -51.79 4.06 -5.04
N GLY D 594 -52.64 4.75 -5.79
CA GLY D 594 -52.24 5.98 -6.45
C GLY D 594 -52.72 7.26 -5.81
N LYS D 595 -53.26 7.23 -4.59
CA LYS D 595 -53.83 8.48 -4.09
C LYS D 595 -53.10 9.06 -2.90
N LEU D 596 -53.10 10.39 -2.80
CA LEU D 596 -52.57 11.04 -1.62
C LEU D 596 -53.64 11.10 -0.55
N ILE D 597 -54.90 11.18 -0.95
CA ILE D 597 -55.99 11.16 0.03
C ILE D 597 -56.87 9.98 -0.25
N CYS D 598 -56.93 9.06 0.69
CA CYS D 598 -57.65 7.82 0.53
C CYS D 598 -58.76 7.58 1.53
N CYS D 599 -59.97 7.51 1.04
CA CYS D 599 -61.09 7.32 1.95
C CYS D 599 -61.26 5.82 2.18
N THR D 600 -61.42 5.37 3.43
CA THR D 600 -61.58 3.93 3.72
C THR D 600 -62.96 3.65 4.28
N ASN D 601 -63.24 2.36 4.53
CA ASN D 601 -64.50 1.91 5.11
C ASN D 601 -64.41 1.58 6.58
N VAL D 602 -63.36 2.02 7.25
CA VAL D 602 -63.27 1.77 8.67
C VAL D 602 -63.98 2.90 9.38
N PRO D 603 -65.00 2.67 10.21
CA PRO D 603 -65.72 3.70 10.91
C PRO D 603 -64.79 4.28 11.96
N TRP D 604 -64.96 5.53 12.28
CA TRP D 604 -64.14 6.12 13.31
C TRP D 604 -64.65 5.81 14.69
N ASN D 605 -63.75 5.40 15.56
CA ASN D 605 -64.07 5.12 16.95
C ASN D 605 -63.87 6.36 17.81
N SER D 606 -64.93 6.82 18.45
CA SER D 606 -64.86 8.01 19.28
C SER D 606 -63.94 7.78 20.47
N SER D 607 -63.63 6.52 20.75
CA SER D 607 -62.71 6.19 21.82
C SER D 607 -61.27 6.49 21.43
N TRP D 608 -60.96 6.57 20.13
CA TRP D 608 -59.60 6.90 19.67
C TRP D 608 -59.46 8.40 19.85
N SER D 609 -60.54 9.08 19.51
CA SER D 609 -60.66 10.52 19.64
C SER D 609 -62.08 10.94 19.58
N ASN D 610 -62.49 11.74 20.56
CA ASN D 610 -63.84 12.24 20.64
C ASN D 610 -63.93 13.72 20.33
N LYS D 611 -62.96 14.24 19.60
CA LYS D 611 -63.00 15.63 19.20
C LYS D 611 -63.93 15.78 18.01
N SER D 612 -64.58 16.93 17.90
CA SER D 612 -65.49 17.17 16.81
C SER D 612 -64.74 17.44 15.54
N GLN D 613 -65.46 17.43 14.43
CA GLN D 613 -64.87 17.71 13.14
C GLN D 613 -64.30 19.10 13.04
N ASP D 614 -64.86 20.07 13.73
CA ASP D 614 -64.31 21.40 13.60
C ASP D 614 -63.09 21.49 14.48
N GLU D 615 -63.11 20.84 15.63
CA GLU D 615 -61.94 20.91 16.50
C GLU D 615 -60.73 20.29 15.81
N ILE D 616 -60.96 19.19 15.09
CA ILE D 616 -59.89 18.50 14.41
C ILE D 616 -59.43 19.23 13.17
N TRP D 617 -60.35 19.67 12.32
CA TRP D 617 -59.90 20.26 11.07
C TRP D 617 -59.62 21.77 11.11
N ASP D 618 -60.28 22.54 11.98
CA ASP D 618 -60.04 23.98 12.02
C ASP D 618 -59.08 24.48 13.10
N ASN D 619 -58.92 23.74 14.19
CA ASN D 619 -58.07 24.24 15.26
C ASN D 619 -56.73 23.51 15.34
N MET D 620 -56.75 22.19 15.30
CA MET D 620 -55.54 21.41 15.43
C MET D 620 -54.65 21.38 14.22
N THR D 621 -53.35 21.18 14.46
CA THR D 621 -52.35 20.97 13.44
C THR D 621 -52.09 19.47 13.32
N TRP D 622 -51.41 19.04 12.25
CA TRP D 622 -51.13 17.61 12.13
C TRP D 622 -50.16 17.12 13.15
N MET D 623 -49.27 17.98 13.59
CA MET D 623 -48.29 17.59 14.58
C MET D 623 -48.96 17.27 15.91
N GLU D 624 -50.03 17.99 16.24
CA GLU D 624 -50.72 17.72 17.50
C GLU D 624 -51.59 16.48 17.37
N TRP D 625 -52.19 16.31 16.19
CA TRP D 625 -53.06 15.17 15.93
C TRP D 625 -52.28 13.89 16.07
N ASP D 626 -51.05 13.94 15.61
CA ASP D 626 -50.15 12.82 15.66
C ASP D 626 -49.92 12.37 17.09
N LYS D 627 -50.08 13.25 18.08
CA LYS D 627 -49.86 12.83 19.43
C LYS D 627 -51.17 12.31 20.02
N GLU D 628 -52.29 12.94 19.63
CA GLU D 628 -53.59 12.57 20.19
C GLU D 628 -53.96 11.14 19.89
N ILE D 629 -53.60 10.65 18.72
CA ILE D 629 -53.94 9.28 18.40
C ILE D 629 -52.72 8.41 18.26
N ASN D 630 -51.61 8.79 18.87
CA ASN D 630 -50.38 8.02 18.76
C ASN D 630 -50.51 6.60 19.25
N ASN D 631 -51.37 6.37 20.22
CA ASN D 631 -51.51 5.04 20.78
C ASN D 631 -52.51 4.17 20.03
N TYR D 632 -53.12 4.71 18.98
CA TYR D 632 -54.10 3.95 18.26
C TYR D 632 -53.72 3.66 16.83
N THR D 633 -52.53 4.08 16.37
CA THR D 633 -52.27 3.89 14.96
C THR D 633 -52.03 2.45 14.58
N ASP D 634 -51.67 1.59 15.51
CA ASP D 634 -51.48 0.21 15.10
C ASP D 634 -52.83 -0.46 14.99
N ILE D 635 -53.78 -0.02 15.80
CA ILE D 635 -55.11 -0.57 15.76
C ILE D 635 -55.77 -0.12 14.48
N ILE D 636 -55.64 1.17 14.17
CA ILE D 636 -56.27 1.69 12.99
C ILE D 636 -55.68 1.07 11.76
N TYR D 637 -54.36 0.95 11.69
CA TYR D 637 -53.78 0.37 10.50
C TYR D 637 -54.24 -1.06 10.29
N SER D 638 -54.34 -1.85 11.36
CA SER D 638 -54.82 -3.21 11.18
C SER D 638 -56.25 -3.23 10.69
N LEU D 639 -57.10 -2.34 11.21
CA LEU D 639 -58.48 -2.34 10.76
C LEU D 639 -58.60 -1.95 9.30
N ILE D 640 -57.76 -1.05 8.83
CA ILE D 640 -57.83 -0.63 7.45
C ILE D 640 -57.50 -1.81 6.58
N GLU D 641 -56.45 -2.55 6.90
CA GLU D 641 -56.09 -3.71 6.10
C GLU D 641 -57.12 -4.83 6.18
N GLU D 642 -57.60 -5.14 7.38
CA GLU D 642 -58.54 -6.23 7.52
C GLU D 642 -59.83 -5.97 6.77
N SER D 643 -60.23 -4.71 6.73
CA SER D 643 -61.46 -4.33 6.05
C SER D 643 -61.32 -4.35 4.53
N GLN D 644 -60.09 -4.41 4.01
CA GLN D 644 -59.87 -4.45 2.58
C GLN D 644 -60.04 -5.85 2.07
N ASN D 645 -59.71 -6.80 2.93
CA ASN D 645 -59.78 -8.21 2.57
C ASN D 645 -61.21 -8.73 2.58
N GLN D 646 -62.13 -7.90 3.05
CA GLN D 646 -63.54 -8.22 3.12
C GLN D 646 -64.30 -7.52 2.01
N ALA E 1 47.34 41.84 6.57
CA ALA E 1 46.05 42.11 7.18
C ALA E 1 45.31 43.32 6.56
N PRO E 2 45.94 44.52 6.36
CA PRO E 2 45.27 45.70 5.84
C PRO E 2 44.97 45.66 4.35
N THR E 3 43.96 46.43 3.99
CA THR E 3 43.56 46.70 2.62
C THR E 3 43.98 48.11 2.27
N PHE E 4 44.26 48.40 1.01
CA PHE E 4 44.60 49.75 0.65
C PHE E 4 43.72 50.28 -0.45
N VAL E 5 43.41 51.57 -0.37
CA VAL E 5 42.70 52.26 -1.43
C VAL E 5 43.47 53.52 -1.74
N SER E 6 43.31 54.05 -2.94
CA SER E 6 44.00 55.29 -3.31
C SER E 6 43.07 56.21 -4.04
N VAL E 7 42.88 57.38 -3.44
CA VAL E 7 41.91 58.35 -3.92
C VAL E 7 42.52 59.74 -4.07
N ALA E 8 42.32 60.38 -5.21
CA ALA E 8 42.83 61.73 -5.38
C ALA E 8 41.97 62.69 -4.57
N PRO E 9 42.47 63.81 -4.11
CA PRO E 9 41.67 64.77 -3.41
C PRO E 9 40.47 65.13 -4.27
N GLY E 10 39.32 65.16 -3.64
CA GLY E 10 38.05 65.49 -4.27
C GLY E 10 37.27 64.25 -4.74
N GLN E 11 37.93 63.10 -4.78
CA GLN E 11 37.31 61.86 -5.20
C GLN E 11 36.71 61.13 -4.01
N THR E 12 35.80 60.18 -4.28
CA THR E 12 35.16 59.41 -3.21
C THR E 12 35.90 58.12 -2.89
N ALA E 13 36.10 57.86 -1.59
CA ALA E 13 36.73 56.63 -1.13
C ALA E 13 35.69 55.61 -0.71
N ARG E 14 35.95 54.34 -0.93
CA ARG E 14 35.06 53.33 -0.40
C ARG E 14 35.83 52.30 0.41
N ILE E 15 35.48 52.22 1.67
CA ILE E 15 36.12 51.34 2.64
C ILE E 15 35.14 50.29 3.17
N THR E 16 35.52 49.01 3.17
CA THR E 16 34.58 48.00 3.66
C THR E 16 35.15 47.12 4.77
N CYS E 17 34.25 46.41 5.51
CA CYS E 17 34.71 45.53 6.59
C CYS E 17 33.96 44.22 6.69
N GLY E 18 34.70 43.24 7.19
CA GLY E 18 34.13 42.02 7.70
C GLY E 18 33.49 41.10 6.71
N GLU E 19 32.63 40.29 7.27
CA GLU E 19 31.90 39.27 6.59
C GLU E 19 30.53 39.81 6.27
N GLU E 20 29.72 39.02 5.62
CA GLU E 20 28.39 39.44 5.32
C GLU E 20 27.55 39.54 6.59
N SER E 21 26.72 40.57 6.63
CA SER E 21 25.79 40.82 7.71
C SER E 21 24.93 39.59 7.88
N LEU E 22 24.77 39.13 9.13
CA LEU E 22 23.97 37.95 9.33
C LEU E 22 22.62 38.34 9.88
N GLY E 23 22.63 39.29 10.82
CA GLY E 23 21.43 39.79 11.47
C GLY E 23 21.48 41.31 11.54
N SER E 24 20.63 41.93 12.34
CA SER E 24 20.68 43.39 12.42
C SER E 24 22.01 43.80 12.97
N ARG E 25 22.56 44.89 12.46
CA ARG E 25 23.86 45.33 12.94
C ARG E 25 23.96 46.76 13.35
N SER E 26 24.99 47.02 14.13
CA SER E 26 25.37 48.34 14.57
C SER E 26 26.86 48.48 14.35
N VAL E 27 27.22 49.10 13.24
CA VAL E 27 28.62 49.23 12.86
C VAL E 27 29.24 50.52 13.36
N ILE E 28 30.39 50.40 13.99
CA ILE E 28 31.09 51.55 14.52
C ILE E 28 32.42 51.78 13.78
N TRP E 29 32.60 52.96 13.22
CA TRP E 29 33.80 53.24 12.45
C TRP E 29 34.76 54.15 13.17
N TYR E 30 36.04 53.79 13.14
CA TYR E 30 37.11 54.56 13.76
C TYR E 30 38.19 54.98 12.76
N GLN E 31 38.82 56.10 13.02
CA GLN E 31 39.89 56.59 12.16
C GLN E 31 41.19 56.79 12.91
N GLN E 32 42.25 56.11 12.47
CA GLN E 32 43.53 56.25 13.13
C GLN E 32 44.60 56.94 12.34
N ARG E 33 45.02 58.08 12.83
CA ARG E 33 46.06 58.86 12.21
C ARG E 33 47.35 58.20 12.66
N PRO E 34 48.36 57.97 11.82
CA PRO E 34 49.59 57.36 12.26
C PRO E 34 50.19 58.14 13.42
N GLY E 35 50.59 57.39 14.45
CA GLY E 35 51.19 57.96 15.66
C GLY E 35 50.18 58.44 16.71
N GLN E 36 48.89 58.32 16.42
CA GLN E 36 47.85 58.79 17.31
C GLN E 36 46.82 57.72 17.67
N ALA E 37 46.13 57.93 18.78
CA ALA E 37 45.03 57.07 19.18
C ALA E 37 43.95 57.23 18.13
N PRO E 38 43.13 56.23 17.83
CA PRO E 38 42.02 56.29 16.93
C PRO E 38 40.92 57.12 17.51
N SER E 39 40.06 57.65 16.67
CA SER E 39 38.91 58.38 17.15
C SER E 39 37.66 57.91 16.44
N LEU E 40 36.51 58.20 17.00
CA LEU E 40 35.24 57.77 16.42
C LEU E 40 34.74 58.66 15.31
N ILE E 41 34.37 58.05 14.20
CA ILE E 41 33.80 58.77 13.07
C ILE E 41 32.29 58.53 13.00
N ILE E 42 31.89 57.27 13.06
CA ILE E 42 30.47 56.90 13.00
C ILE E 42 30.07 55.85 14.03
N TYR E 43 28.96 56.06 14.71
CA TYR E 43 28.46 55.01 15.60
C TYR E 43 27.06 54.64 15.12
N ASN E 44 26.62 53.44 15.43
CA ASN E 44 25.27 53.05 15.04
C ASN E 44 24.99 53.19 13.55
N ASN E 45 25.92 52.75 12.69
CA ASN E 45 25.80 52.74 11.23
C ASN E 45 25.90 54.12 10.57
N ASN E 46 25.06 55.08 10.95
CA ASN E 46 25.14 56.44 10.42
C ASN E 46 25.00 57.62 11.38
N ASP E 47 25.29 57.47 12.65
CA ASP E 47 25.17 58.60 13.53
C ASP E 47 26.54 59.15 13.83
N ARG E 48 26.87 60.29 13.26
CA ARG E 48 28.22 60.76 13.50
C ARG E 48 28.17 61.67 14.73
N PRO E 49 29.20 61.68 15.59
CA PRO E 49 29.32 62.54 16.73
C PRO E 49 29.65 63.94 16.27
N SER E 50 29.39 64.91 17.11
CA SER E 50 29.71 66.28 16.78
C SER E 50 31.19 66.41 16.50
N GLY E 51 31.51 67.20 15.49
CA GLY E 51 32.89 67.45 15.07
C GLY E 51 33.24 66.66 13.81
N ILE E 52 32.42 65.68 13.45
CA ILE E 52 32.68 64.90 12.24
C ILE E 52 31.91 65.50 11.05
N PRO E 53 32.60 65.79 9.94
CA PRO E 53 32.07 66.29 8.68
C PRO E 53 31.06 65.37 8.03
N ASP E 54 30.18 65.96 7.25
CA ASP E 54 29.10 65.30 6.54
C ASP E 54 29.56 64.42 5.40
N ARG E 55 30.83 64.54 5.04
CA ARG E 55 31.38 63.72 3.98
C ARG E 55 31.54 62.27 4.43
N PHE E 56 31.44 61.98 5.74
CA PHE E 56 31.58 60.61 6.24
C PHE E 56 30.22 59.97 6.52
N SER E 57 29.88 58.92 5.79
CA SER E 57 28.58 58.24 5.96
C SER E 57 28.75 56.78 5.59
N GLY E 58 27.76 55.93 5.87
CA GLY E 58 27.93 54.53 5.50
C GLY E 58 26.64 53.76 5.26
N SER E 59 26.80 52.45 5.11
CA SER E 59 25.69 51.57 4.82
C SER E 59 24.81 51.40 6.05
N PRO E 60 23.52 51.08 5.89
CA PRO E 60 22.58 50.78 6.93
C PRO E 60 22.87 49.43 7.55
N GLY E 61 22.40 49.24 8.78
CA GLY E 61 22.53 47.98 9.49
C GLY E 61 21.28 47.13 9.32
N SER E 62 20.36 47.58 8.50
CA SER E 62 19.08 46.93 8.27
C SER E 62 19.11 45.80 7.27
N THR E 63 20.20 45.67 6.52
CA THR E 63 20.26 44.67 5.49
C THR E 63 21.08 43.47 5.90
N PHE E 64 20.91 42.39 5.14
CA PHE E 64 21.62 41.17 5.44
C PHE E 64 22.35 40.76 4.17
N GLY E 65 23.45 40.01 4.29
CA GLY E 65 24.15 39.55 3.11
C GLY E 65 25.16 40.54 2.54
N THR E 66 25.32 41.68 3.19
CA THR E 66 26.24 42.71 2.73
C THR E 66 27.37 42.98 3.68
N THR E 67 28.31 43.81 3.29
CA THR E 67 29.44 44.10 4.16
C THR E 67 29.40 45.53 4.68
N ALA E 68 30.15 45.81 5.74
CA ALA E 68 30.10 47.18 6.23
C ALA E 68 30.70 48.06 5.21
N THR E 69 30.12 49.23 4.99
CA THR E 69 30.72 50.19 4.06
C THR E 69 30.78 51.60 4.62
N LEU E 70 31.94 52.23 4.49
CA LEU E 70 32.16 53.64 4.81
C LEU E 70 32.43 54.37 3.52
N THR E 71 31.72 55.44 3.30
CA THR E 71 31.90 56.24 2.12
C THR E 71 32.44 57.58 2.52
N ILE E 72 33.55 57.97 1.93
CA ILE E 72 34.09 59.28 2.25
C ILE E 72 34.08 60.11 0.99
N THR E 73 33.22 61.10 0.91
CA THR E 73 33.13 61.84 -0.32
C THR E 73 34.11 62.98 -0.23
N SER E 74 34.44 63.61 -1.33
CA SER E 74 35.31 64.77 -1.28
C SER E 74 36.54 64.51 -0.41
N VAL E 75 37.28 63.44 -0.67
CA VAL E 75 38.42 63.10 0.16
C VAL E 75 39.44 64.20 0.22
N GLU E 76 39.88 64.49 1.44
CA GLU E 76 40.87 65.51 1.73
C GLU E 76 42.18 64.87 2.16
N ALA E 77 43.26 65.63 2.14
CA ALA E 77 44.55 65.12 2.63
C ALA E 77 44.44 64.77 4.12
N GLY E 78 43.52 65.42 4.81
CA GLY E 78 43.30 65.20 6.24
C GLY E 78 42.61 63.87 6.51
N ASP E 79 42.21 63.16 5.45
CA ASP E 79 41.55 61.89 5.60
C ASP E 79 42.57 60.76 5.45
N GLU E 80 43.86 61.11 5.30
CA GLU E 80 44.84 60.06 5.18
C GLU E 80 45.03 59.43 6.55
N ALA E 81 44.33 58.33 6.72
CA ALA E 81 44.27 57.58 7.96
C ALA E 81 43.94 56.13 7.71
N ASP E 82 44.24 55.33 8.72
CA ASP E 82 44.00 53.89 8.78
C ASP E 82 42.59 53.66 9.38
N TYR E 83 41.63 53.23 8.58
CA TYR E 83 40.27 53.11 9.09
C TYR E 83 39.97 51.75 9.65
N TYR E 84 39.40 51.73 10.85
CA TYR E 84 39.05 50.52 11.59
C TYR E 84 37.58 50.37 11.78
N CYS E 85 37.13 49.15 11.92
CA CYS E 85 35.72 48.93 11.93
C CYS E 85 35.30 47.86 12.93
N HIS E 86 34.46 48.26 13.86
CA HIS E 86 34.04 47.39 14.94
C HIS E 86 32.58 47.00 14.69
N ILE E 87 32.34 45.71 14.50
CA ILE E 87 31.00 45.28 14.12
C ILE E 87 30.21 44.62 15.22
N TRP E 88 29.04 45.16 15.53
CA TRP E 88 28.17 44.46 16.45
C TRP E 88 27.10 43.81 15.57
N ASP E 89 26.74 42.57 15.85
CA ASP E 89 25.76 41.81 15.05
C ASP E 89 24.89 40.95 15.94
N SER E 90 23.58 41.00 15.77
CA SER E 90 22.61 40.30 16.62
C SER E 90 22.69 38.77 16.66
N ARG E 91 23.33 38.14 15.68
CA ARG E 91 23.48 36.70 15.65
C ARG E 91 24.89 36.26 16.00
N ARG E 92 25.85 37.16 15.91
CA ARG E 92 27.21 36.80 16.26
C ARG E 92 27.54 37.15 17.73
N PRO E 93 28.47 36.45 18.38
CA PRO E 93 29.01 36.77 19.67
C PRO E 93 29.71 38.11 19.60
N THR E 94 29.85 38.78 20.74
CA THR E 94 30.52 40.05 20.76
C THR E 94 31.92 39.98 20.23
N ASN E 95 32.21 40.90 19.33
CA ASN E 95 33.53 41.01 18.75
C ASN E 95 34.39 41.92 19.59
N TRP E 96 35.41 41.34 20.19
CA TRP E 96 36.28 42.08 21.07
C TRP E 96 37.47 42.67 20.34
N VAL E 97 37.57 42.35 19.08
CA VAL E 97 38.68 42.78 18.25
C VAL E 97 38.12 43.56 17.09
N PHE E 98 38.70 44.72 16.83
CA PHE E 98 38.23 45.56 15.74
C PHE E 98 38.63 44.81 14.50
N GLY E 99 37.94 44.95 13.39
CA GLY E 99 38.38 44.22 12.22
C GLY E 99 39.58 44.87 11.59
N GLU E 100 40.15 44.20 10.60
CA GLU E 100 41.32 44.69 9.87
C GLU E 100 40.96 45.97 9.20
N GLY E 101 41.87 46.92 9.20
CA GLY E 101 41.56 48.19 8.62
C GLY E 101 41.92 48.34 7.18
N THR E 102 41.60 49.52 6.68
CA THR E 102 41.89 49.93 5.32
C THR E 102 42.62 51.25 5.35
N THR E 103 43.72 51.33 4.63
CA THR E 103 44.45 52.58 4.61
C THR E 103 44.04 53.40 3.42
N LEU E 104 43.68 54.64 3.70
CA LEU E 104 43.33 55.55 2.65
C LEU E 104 44.50 56.41 2.28
N ILE E 105 44.96 56.24 1.07
CA ILE E 105 46.08 56.94 0.52
C ILE E 105 45.54 58.11 -0.26
N VAL E 106 46.00 59.30 0.06
CA VAL E 106 45.49 60.45 -0.63
C VAL E 106 46.60 60.97 -1.54
N LEU E 107 46.27 61.09 -2.80
CA LEU E 107 47.21 61.44 -3.86
C LEU E 107 47.45 62.92 -4.01
N SER E 108 48.51 63.24 -4.76
CA SER E 108 48.87 64.62 -5.11
C SER E 108 49.08 65.54 -3.91
N GLN E 109 49.78 65.04 -2.91
CA GLN E 109 50.07 65.85 -1.75
C GLN E 109 50.83 67.09 -2.18
N GLN F 1 36.06 69.47 27.84
CA GLN F 1 36.90 68.49 27.18
C GLN F 1 37.55 67.54 28.16
N VAL F 2 37.28 66.26 27.98
CA VAL F 2 37.88 65.25 28.83
C VAL F 2 39.30 64.94 28.38
N HIS F 3 40.20 64.95 29.34
CA HIS F 3 41.59 64.68 29.12
C HIS F 3 42.00 63.40 29.81
N LEU F 4 42.44 62.43 29.01
CA LEU F 4 42.86 61.17 29.59
C LEU F 4 44.37 61.04 29.43
N GLN F 5 45.09 61.16 30.54
CA GLN F 5 46.55 61.13 30.48
C GLN F 5 47.11 59.86 31.08
N GLU F 6 47.72 59.04 30.24
CA GLU F 6 48.23 57.78 30.70
C GLU F 6 49.69 57.79 31.11
N SER F 7 50.00 56.85 31.99
CA SER F 7 51.34 56.58 32.48
C SER F 7 51.55 55.10 32.77
N GLY F 8 52.79 54.65 32.60
CA GLY F 8 53.16 53.27 32.88
C GLY F 8 54.67 53.15 32.87
N PRO F 9 55.21 51.97 33.22
CA PRO F 9 56.63 51.68 33.35
C PRO F 9 57.43 51.68 32.06
N GLY F 10 56.77 51.54 30.92
CA GLY F 10 57.46 51.44 29.65
C GLY F 10 57.96 50.01 29.45
N LEU F 11 58.82 49.58 30.35
CA LEU F 11 59.39 48.23 30.35
C LEU F 11 58.87 47.37 31.48
N VAL F 12 58.37 46.20 31.11
CA VAL F 12 57.90 45.24 32.08
C VAL F 12 58.59 43.91 31.80
N LYS F 13 58.91 43.18 32.84
CA LYS F 13 59.52 41.88 32.70
C LYS F 13 58.45 40.86 32.29
N PRO F 14 58.79 39.77 31.61
CA PRO F 14 57.92 38.65 31.35
C PRO F 14 57.48 38.03 32.66
N SER F 15 56.27 37.50 32.66
CA SER F 15 55.67 36.81 33.80
C SER F 15 55.69 37.68 35.04
N GLU F 16 55.31 38.93 34.85
CA GLU F 16 55.23 39.97 35.85
C GLU F 16 53.94 40.74 35.64
N THR F 17 53.47 41.40 36.69
CA THR F 17 52.25 42.19 36.56
C THR F 17 52.50 43.59 36.06
N LEU F 18 51.76 43.96 35.03
CA LEU F 18 51.79 45.27 34.45
C LEU F 18 50.69 46.12 35.05
N SER F 19 51.01 47.35 35.42
CA SER F 19 49.98 48.22 35.93
C SER F 19 50.05 49.60 35.29
N LEU F 20 48.99 49.95 34.57
CA LEU F 20 48.91 51.21 33.86
C LEU F 20 47.85 52.11 34.47
N THR F 21 48.15 53.40 34.54
CA THR F 21 47.19 54.35 35.11
C THR F 21 46.80 55.46 34.18
N CYS F 22 45.51 55.68 34.10
CA CYS F 22 44.89 56.73 33.31
C CYS F 22 44.34 57.84 34.21
N ASN F 23 44.95 59.01 34.12
CA ASN F 23 44.58 60.14 34.93
C ASN F 23 43.42 60.87 34.28
N VAL F 24 42.26 60.83 34.91
CA VAL F 24 41.09 61.41 34.30
C VAL F 24 40.85 62.84 34.79
N SER F 25 40.65 63.75 33.84
CA SER F 25 40.37 65.13 34.16
C SER F 25 39.33 65.73 33.22
N GLY F 26 38.41 66.54 33.77
CA GLY F 26 37.35 67.18 32.99
C GLY F 26 36.01 66.46 33.17
N THR F 27 36.07 65.30 33.81
CA THR F 27 34.92 64.45 34.12
C THR F 27 35.29 63.58 35.28
N LEU F 28 34.32 63.03 35.95
CA LEU F 28 34.62 62.12 37.02
C LEU F 28 34.52 60.68 36.58
N VAL F 29 35.34 59.88 37.17
CA VAL F 29 35.42 58.47 36.91
C VAL F 29 34.12 57.75 37.21
N ARG F 30 33.47 58.15 38.28
CA ARG F 30 32.25 57.53 38.75
C ARG F 30 31.07 57.74 37.80
N ASP F 31 31.16 58.69 36.88
CA ASP F 31 30.03 58.98 36.03
C ASP F 31 30.06 58.36 34.63
N ASN F 32 31.06 57.53 34.32
CA ASN F 32 31.12 56.97 32.97
C ASN F 32 31.62 55.55 32.89
N TYR F 33 31.63 55.02 31.68
CA TYR F 33 32.17 53.69 31.44
C TYR F 33 33.56 53.88 30.96
N TRP F 34 34.45 52.99 31.37
CA TRP F 34 35.81 53.10 30.90
C TRP F 34 36.26 51.85 30.20
N SER F 35 37.05 52.02 29.15
CA SER F 35 37.60 50.88 28.44
C SER F 35 39.09 50.95 28.29
N TRP F 36 39.67 49.76 28.20
CA TRP F 36 41.08 49.63 27.87
C TRP F 36 41.20 48.92 26.55
N ILE F 37 42.05 49.46 25.71
CA ILE F 37 42.28 48.97 24.37
C ILE F 37 43.76 48.83 24.14
N ARG F 38 44.19 47.86 23.37
CA ARG F 38 45.61 47.81 23.04
C ARG F 38 45.83 47.55 21.57
N GLN F 39 46.91 48.09 21.05
CA GLN F 39 47.23 47.91 19.65
C GLN F 39 48.65 47.43 19.42
N PRO F 40 48.88 46.14 19.20
CA PRO F 40 50.17 45.58 18.91
C PRO F 40 50.62 46.31 17.69
N LEU F 41 51.89 46.63 17.58
CA LEU F 41 52.32 47.38 16.41
C LEU F 41 52.05 46.62 15.14
N GLY F 42 51.41 47.29 14.19
CA GLY F 42 51.09 46.71 12.89
C GLY F 42 49.75 45.99 12.84
N LYS F 43 49.07 45.92 13.98
CA LYS F 43 47.79 45.24 14.09
C LYS F 43 46.61 46.14 14.38
N GLN F 44 45.43 45.61 14.12
CA GLN F 44 44.19 46.26 14.46
C GLN F 44 44.05 46.19 15.97
N PRO F 45 43.48 47.21 16.63
CA PRO F 45 43.31 47.25 18.07
C PRO F 45 42.32 46.24 18.63
N GLU F 46 42.62 45.81 19.84
CA GLU F 46 41.86 44.88 20.66
C GLU F 46 41.25 45.55 21.88
N TRP F 47 39.98 45.26 22.13
CA TRP F 47 39.25 45.79 23.27
C TRP F 47 39.49 44.77 24.38
N ILE F 48 40.14 45.20 25.46
CA ILE F 48 40.53 44.32 26.56
C ILE F 48 39.36 43.97 27.43
N GLY F 49 38.57 44.98 27.70
CA GLY F 49 37.45 44.92 28.60
C GLY F 49 36.99 46.32 28.92
N TYR F 50 35.93 46.39 29.70
CA TYR F 50 35.39 47.67 30.14
C TYR F 50 34.94 47.54 31.57
N VAL F 51 34.99 48.66 32.27
CA VAL F 51 34.63 48.75 33.68
C VAL F 51 33.75 49.94 34.01
N HIS F 52 32.84 49.73 34.94
CA HIS F 52 31.93 50.77 35.39
C HIS F 52 31.47 50.46 36.79
N ASP F 53 30.67 51.33 37.34
CA ASP F 53 30.12 51.09 38.65
C ASP F 53 28.96 50.14 38.50
N SER F 54 28.34 49.79 39.61
CA SER F 54 27.17 48.91 39.65
C SER F 54 27.47 47.50 39.17
N GLY F 55 28.74 47.16 39.06
CA GLY F 55 29.16 45.83 38.65
C GLY F 55 29.11 45.64 37.14
N ASP F 56 28.88 46.70 36.36
CA ASP F 56 28.76 46.50 34.92
C ASP F 56 30.14 46.49 34.26
N THR F 57 30.82 45.38 34.47
CA THR F 57 32.19 45.14 34.03
C THR F 57 32.28 43.84 33.27
N ASN F 58 33.06 43.83 32.20
CA ASN F 58 33.24 42.61 31.43
C ASN F 58 34.62 42.60 30.79
N TYR F 59 35.06 41.41 30.43
CA TYR F 59 36.40 41.23 29.89
C TYR F 59 36.44 40.41 28.62
N ASN F 60 37.44 40.70 27.81
CA ASN F 60 37.76 39.93 26.63
C ASN F 60 38.14 38.55 27.08
N PRO F 61 37.46 37.48 26.66
CA PRO F 61 37.74 36.12 27.08
C PRO F 61 39.22 35.72 26.99
N SER F 62 39.97 36.27 26.04
CA SER F 62 41.37 35.90 25.91
C SER F 62 42.25 36.47 27.04
N LEU F 63 41.72 37.43 27.78
CA LEU F 63 42.43 38.00 28.90
C LEU F 63 41.59 37.77 30.16
N LYS F 64 40.70 36.78 30.14
CA LYS F 64 39.79 36.56 31.26
C LYS F 64 40.46 36.23 32.56
N SER F 65 41.54 35.48 32.48
CA SER F 65 42.28 35.04 33.65
C SER F 65 43.39 35.98 34.06
N ARG F 66 43.66 37.02 33.27
CA ARG F 66 44.80 37.87 33.53
C ARG F 66 44.48 39.33 33.84
N VAL F 67 43.33 39.82 33.38
CA VAL F 67 43.01 41.22 33.56
C VAL F 67 42.01 41.55 34.63
N HIS F 68 42.38 42.56 35.39
CA HIS F 68 41.54 43.15 36.39
C HIS F 68 41.45 44.65 36.15
N LEU F 69 40.24 45.14 35.97
CA LEU F 69 40.07 46.57 35.76
C LEU F 69 39.46 47.21 36.98
N SER F 70 39.85 48.44 37.25
CA SER F 70 39.26 49.13 38.39
C SER F 70 39.19 50.63 38.25
N LEU F 71 38.31 51.21 39.06
CA LEU F 71 38.11 52.64 39.10
C LEU F 71 38.35 53.20 40.50
N ASP F 72 39.23 54.18 40.61
CA ASP F 72 39.56 54.80 41.90
C ASP F 72 38.81 56.12 42.04
N LYS F 73 37.66 56.09 42.72
CA LYS F 73 36.82 57.27 42.79
C LYS F 73 37.46 58.43 43.52
N SER F 74 38.24 58.13 44.56
CA SER F 74 38.85 59.18 45.38
C SER F 74 39.94 59.93 44.64
N LYS F 75 40.75 59.22 43.86
CA LYS F 75 41.81 59.89 43.12
C LYS F 75 41.41 60.22 41.68
N ASN F 76 40.21 59.78 41.29
CA ASN F 76 39.63 59.98 39.96
C ASN F 76 40.56 59.38 38.91
N LEU F 77 41.02 58.17 39.19
CA LEU F 77 41.90 57.45 38.29
C LEU F 77 41.26 56.19 37.75
N VAL F 78 41.64 55.83 36.55
CA VAL F 78 41.23 54.61 35.88
C VAL F 78 42.43 53.70 35.69
N SER F 79 42.35 52.43 36.05
CA SER F 79 43.54 51.62 35.89
C SER F 79 43.33 50.20 35.40
N LEU F 80 44.42 49.69 34.83
CA LEU F 80 44.55 48.34 34.30
C LEU F 80 45.62 47.51 34.95
N ARG F 81 45.23 46.34 35.44
CA ARG F 81 46.16 45.38 36.01
C ARG F 81 46.19 44.12 35.15
N LEU F 82 47.35 43.84 34.56
CA LEU F 82 47.53 42.68 33.69
C LEU F 82 48.62 41.74 34.19
N THR F 83 48.24 40.52 34.58
CA THR F 83 49.24 39.61 35.10
C THR F 83 49.76 38.72 34.01
N GLY F 84 50.90 38.05 34.24
CA GLY F 84 51.38 37.08 33.26
C GLY F 84 51.84 37.69 31.94
N VAL F 85 52.43 38.88 31.95
CA VAL F 85 52.75 39.45 30.64
C VAL F 85 53.77 38.65 29.84
N THR F 86 53.53 38.56 28.56
CA THR F 86 54.39 37.88 27.60
C THR F 86 54.67 38.76 26.40
N ALA F 87 55.43 38.25 25.44
CA ALA F 87 55.82 39.02 24.26
C ALA F 87 54.62 39.52 23.45
N ALA F 88 53.55 38.75 23.46
CA ALA F 88 52.32 39.06 22.74
C ALA F 88 51.60 40.28 23.31
N ASP F 89 51.98 40.70 24.52
CA ASP F 89 51.35 41.81 25.20
C ASP F 89 52.10 43.11 24.93
N SER F 90 53.14 43.06 24.09
CA SER F 90 53.94 44.23 23.76
C SER F 90 53.21 45.09 22.73
N ALA F 91 52.35 45.95 23.26
CA ALA F 91 51.41 46.78 22.50
C ALA F 91 51.29 48.16 23.11
N ILE F 92 50.69 49.07 22.35
CA ILE F 92 50.41 50.37 22.95
C ILE F 92 49.04 50.29 23.59
N TYR F 93 48.96 50.70 24.84
CA TYR F 93 47.71 50.62 25.58
C TYR F 93 47.04 51.96 25.62
N TYR F 94 45.71 51.94 25.51
CA TYR F 94 44.93 53.14 25.56
C TYR F 94 43.79 53.06 26.55
N CYS F 95 43.55 54.20 27.16
CA CYS F 95 42.44 54.50 28.04
C CYS F 95 41.42 55.29 27.25
N ALA F 96 40.14 54.92 27.35
CA ALA F 96 39.13 55.68 26.65
C ALA F 96 37.82 55.71 27.43
N THR F 97 37.04 56.77 27.22
CA THR F 97 35.72 56.79 27.82
C THR F 97 34.90 55.93 26.92
N THR F 98 33.79 55.44 27.43
CA THR F 98 32.90 54.63 26.64
C THR F 98 31.47 55.10 26.78
N LYS F 99 30.75 55.12 25.68
CA LYS F 99 29.34 55.40 25.66
C LYS F 99 28.62 54.21 25.08
N HIS F 100 27.35 54.09 25.35
CA HIS F 100 26.63 52.95 24.84
C HIS F 100 25.23 53.31 24.46
N GLY F 101 24.59 52.41 23.76
CA GLY F 101 23.21 52.60 23.37
C GLY F 101 22.59 51.27 22.99
N ARG F 102 21.31 51.31 22.64
CA ARG F 102 20.64 50.05 22.35
C ARG F 102 20.13 49.93 20.93
N ARG F 103 20.44 48.80 20.32
CA ARG F 103 19.98 48.48 19.00
C ARG F 103 18.77 47.59 19.14
N ILE F 104 17.63 48.02 18.64
CA ILE F 104 16.41 47.23 18.80
C ILE F 104 15.98 46.69 17.48
N TYR F 105 15.80 45.39 17.40
CA TYR F 105 15.40 44.80 16.14
C TYR F 105 14.06 44.12 16.18
N GLY F 106 13.59 43.73 17.36
CA GLY F 106 12.32 43.05 17.48
C GLY F 106 11.52 43.58 18.65
N VAL F 107 10.84 42.67 19.35
CA VAL F 107 9.98 43.02 20.47
C VAL F 107 10.83 43.25 21.71
N VAL F 108 10.69 44.39 22.35
CA VAL F 108 11.56 44.64 23.50
C VAL F 108 11.24 43.73 24.66
N ALA F 109 10.00 43.33 24.79
CA ALA F 109 9.52 42.46 25.84
C ALA F 109 10.14 41.07 25.76
N PHE F 110 10.65 40.70 24.60
CA PHE F 110 11.23 39.39 24.41
C PHE F 110 12.75 39.52 24.37
N LYS F 111 13.24 40.71 24.71
CA LYS F 111 14.63 41.08 24.67
C LYS F 111 15.25 40.98 23.30
N GLU F 112 14.52 41.37 22.26
CA GLU F 112 15.08 41.33 20.91
C GLU F 112 15.80 42.63 20.58
N TRP F 113 16.91 42.79 21.28
CA TRP F 113 17.79 43.93 21.22
C TRP F 113 19.16 43.62 21.79
N PHE F 114 20.11 44.50 21.55
CA PHE F 114 21.42 44.35 22.17
C PHE F 114 22.04 45.68 22.51
N THR F 115 22.99 45.67 23.42
CA THR F 115 23.68 46.88 23.80
C THR F 115 24.99 46.95 23.08
N TYR F 116 25.25 48.08 22.45
CA TYR F 116 26.51 48.26 21.77
C TYR F 116 27.28 49.35 22.45
N PHE F 117 28.59 49.28 22.33
CA PHE F 117 29.46 50.27 22.93
C PHE F 117 30.39 50.88 21.91
N TYR F 118 30.73 52.14 22.14
CA TYR F 118 31.68 52.87 21.33
C TYR F 118 32.55 53.79 22.15
N MET F 119 33.76 54.05 21.66
CA MET F 119 34.66 54.95 22.38
C MET F 119 34.83 56.29 21.70
N ASP F 120 34.37 57.35 22.35
CA ASP F 120 34.46 58.68 21.82
C ASP F 120 35.77 59.41 22.19
N VAL F 121 36.11 59.42 23.46
CA VAL F 121 37.32 60.09 23.92
C VAL F 121 38.42 59.13 24.23
N TRP F 122 39.51 59.29 23.51
CA TRP F 122 40.68 58.44 23.66
C TRP F 122 41.83 59.22 24.25
N GLY F 123 42.64 58.58 25.07
CA GLY F 123 43.83 59.21 25.61
C GLY F 123 44.98 59.09 24.63
N LYS F 124 46.14 59.57 25.06
CA LYS F 124 47.34 59.57 24.23
C LYS F 124 47.87 58.16 24.02
N GLY F 125 47.77 57.36 25.08
CA GLY F 125 48.24 55.99 25.10
C GLY F 125 49.66 55.89 25.63
N THR F 126 50.02 54.70 26.09
CA THR F 126 51.37 54.47 26.60
C THR F 126 51.92 53.17 26.04
N SER F 127 53.17 53.22 25.58
CA SER F 127 53.80 52.04 24.96
C SER F 127 54.47 51.11 25.95
N VAL F 128 54.05 49.84 25.94
CA VAL F 128 54.62 48.88 26.88
C VAL F 128 55.33 47.73 26.18
N THR F 129 56.58 47.53 26.55
CA THR F 129 57.40 46.45 26.01
C THR F 129 57.65 45.37 27.04
N VAL F 130 57.41 44.13 26.65
CA VAL F 130 57.68 43.02 27.54
C VAL F 130 59.00 42.44 27.08
N SER F 131 60.00 42.42 27.95
CA SER F 131 61.33 41.96 27.51
C SER F 131 61.66 40.53 27.91
N GLU G 39 -67.01 -23.68 -19.20
CA GLU G 39 -68.09 -22.83 -18.68
C GLU G 39 -67.74 -21.37 -18.86
N ASN G 40 -67.55 -20.66 -17.76
CA ASN G 40 -67.24 -19.24 -17.78
C ASN G 40 -66.13 -18.94 -16.81
N LEU G 41 -64.96 -19.49 -17.04
CA LEU G 41 -63.85 -19.26 -16.14
C LEU G 41 -62.92 -18.31 -16.80
N TRP G 42 -62.30 -17.45 -16.01
CA TRP G 42 -61.42 -16.41 -16.47
C TRP G 42 -60.09 -16.49 -15.76
N VAL G 43 -59.04 -16.02 -16.41
CA VAL G 43 -57.75 -16.02 -15.76
C VAL G 43 -57.73 -14.96 -14.67
N THR G 44 -57.31 -15.35 -13.47
CA THR G 44 -57.14 -14.42 -12.38
C THR G 44 -55.70 -14.43 -11.97
N VAL G 45 -55.12 -13.25 -11.83
CA VAL G 45 -53.74 -13.10 -11.48
C VAL G 45 -53.56 -12.90 -10.00
N TYR G 46 -52.71 -13.69 -9.38
CA TYR G 46 -52.45 -13.58 -7.97
C TYR G 46 -51.02 -13.21 -7.69
N TYR G 47 -50.82 -12.19 -6.88
CA TYR G 47 -49.47 -11.78 -6.56
C TYR G 47 -49.24 -11.96 -5.08
N GLY G 48 -48.16 -12.64 -4.72
CA GLY G 48 -47.84 -12.96 -3.34
C GLY G 48 -48.07 -14.45 -3.09
N VAL G 49 -48.06 -15.22 -4.16
CA VAL G 49 -48.27 -16.66 -4.14
C VAL G 49 -47.07 -17.39 -3.52
N PRO G 50 -47.25 -18.28 -2.52
CA PRO G 50 -46.18 -18.96 -1.81
C PRO G 50 -45.52 -20.09 -2.55
N VAL G 51 -44.85 -19.78 -3.64
CA VAL G 51 -44.09 -20.76 -4.39
C VAL G 51 -42.67 -20.28 -4.57
N TRP G 52 -41.78 -21.19 -4.88
CA TRP G 52 -40.39 -20.87 -5.02
C TRP G 52 -39.65 -21.77 -5.96
N LYS G 53 -38.48 -21.31 -6.36
CA LYS G 53 -37.58 -22.06 -7.22
C LYS G 53 -36.18 -21.99 -6.66
N ASP G 54 -35.37 -23.00 -6.90
CA ASP G 54 -34.01 -23.01 -6.36
C ASP G 54 -33.21 -21.85 -6.89
N ALA G 55 -32.38 -21.25 -6.03
CA ALA G 55 -31.61 -20.11 -6.50
C ALA G 55 -30.35 -19.86 -5.73
N GLU G 56 -29.45 -19.12 -6.34
CA GLU G 56 -28.24 -18.69 -5.68
C GLU G 56 -28.34 -17.21 -5.40
N THR G 57 -27.81 -16.77 -4.27
CA THR G 57 -27.75 -15.36 -3.95
C THR G 57 -26.70 -15.05 -2.94
N THR G 58 -26.67 -13.81 -2.52
CA THR G 58 -25.72 -13.37 -1.51
C THR G 58 -26.43 -13.31 -0.19
N LEU G 59 -25.91 -14.00 0.79
CA LEU G 59 -26.51 -14.00 2.11
C LEU G 59 -25.79 -13.01 2.98
N PHE G 60 -26.42 -12.53 4.03
CA PHE G 60 -25.72 -11.62 4.92
C PHE G 60 -25.53 -12.30 6.24
N CYS G 61 -24.56 -11.89 7.02
CA CYS G 61 -24.32 -12.61 8.26
C CYS G 61 -25.15 -11.96 9.33
N ALA G 62 -25.26 -12.62 10.44
CA ALA G 62 -25.76 -11.97 11.62
C ALA G 62 -24.90 -12.50 12.77
N SER G 63 -24.65 -11.67 13.77
CA SER G 63 -23.84 -12.16 14.91
C SER G 63 -24.20 -11.58 16.27
N ASP G 64 -23.53 -12.09 17.30
CA ASP G 64 -23.77 -11.64 18.66
C ASP G 64 -22.52 -11.80 19.51
N LYS G 72 -10.83 -7.21 22.77
CA LYS G 72 -11.83 -7.61 21.80
C LYS G 72 -11.16 -7.97 20.47
N ARG G 73 -11.53 -7.29 19.39
CA ARG G 73 -10.93 -7.50 18.07
C ARG G 73 -10.87 -8.96 17.62
N ASN G 74 -11.93 -9.71 17.76
CA ASN G 74 -11.85 -11.09 17.30
C ASN G 74 -11.60 -11.13 15.81
N VAL G 75 -10.77 -12.06 15.37
CA VAL G 75 -10.42 -12.17 13.95
C VAL G 75 -11.63 -12.37 13.06
N TRP G 76 -12.71 -12.95 13.60
CA TRP G 76 -13.94 -13.26 12.89
C TRP G 76 -15.02 -12.22 13.11
N ALA G 77 -14.67 -11.10 13.72
CA ALA G 77 -15.64 -10.07 14.01
C ALA G 77 -15.15 -8.73 13.52
N THR G 78 -15.23 -8.52 12.20
CA THR G 78 -14.74 -7.29 11.59
C THR G 78 -15.91 -6.32 11.44
N HIS G 79 -17.09 -6.79 11.88
CA HIS G 79 -18.37 -6.08 11.90
C HIS G 79 -18.86 -5.61 10.55
N ALA G 80 -18.68 -6.45 9.54
CA ALA G 80 -19.18 -6.15 8.20
C ALA G 80 -20.66 -6.49 8.11
N CYS G 81 -21.11 -7.25 9.10
CA CYS G 81 -22.45 -7.78 9.20
C CYS G 81 -23.19 -7.34 10.48
N VAL G 82 -24.51 -7.35 10.39
CA VAL G 82 -25.48 -6.95 11.43
C VAL G 82 -25.59 -7.88 12.65
N PRO G 83 -26.17 -7.41 13.77
CA PRO G 83 -26.50 -8.20 14.94
C PRO G 83 -27.70 -9.10 14.64
N THR G 84 -27.79 -10.20 15.36
CA THR G 84 -28.93 -11.12 15.24
C THR G 84 -30.19 -10.67 15.92
N ASP G 85 -31.29 -11.26 15.47
CA ASP G 85 -32.60 -11.13 16.06
C ASP G 85 -32.66 -12.10 17.22
N PRO G 86 -32.93 -11.68 18.47
CA PRO G 86 -32.94 -12.51 19.66
C PRO G 86 -34.00 -13.63 19.62
N ASN G 87 -35.01 -13.52 18.75
CA ASN G 87 -36.06 -14.53 18.67
C ASN G 87 -36.40 -14.91 17.23
N PRO G 88 -35.54 -15.63 16.49
CA PRO G 88 -35.73 -16.01 15.10
C PRO G 88 -36.98 -16.86 15.02
N GLN G 89 -37.71 -16.72 13.92
CA GLN G 89 -38.93 -17.50 13.78
C GLN G 89 -38.86 -18.61 12.78
N GLU G 90 -39.02 -19.83 13.27
CA GLU G 90 -39.02 -21.02 12.43
C GLU G 90 -40.44 -21.45 12.14
N ILE G 91 -40.78 -21.51 10.87
CA ILE G 91 -42.14 -21.86 10.46
C ILE G 91 -42.20 -23.22 9.82
N VAL G 92 -42.90 -24.15 10.43
CA VAL G 92 -42.94 -25.47 9.86
C VAL G 92 -43.87 -25.48 8.68
N LEU G 93 -43.43 -26.03 7.54
CA LEU G 93 -44.29 -26.06 6.40
C LEU G 93 -44.92 -27.43 6.35
N GLU G 94 -46.21 -27.50 6.59
CA GLU G 94 -46.82 -28.80 6.61
C GLU G 94 -46.97 -29.29 5.20
N ASN G 95 -46.85 -30.57 4.97
CA ASN G 95 -47.05 -31.15 3.65
C ASN G 95 -46.12 -30.60 2.58
N VAL G 96 -44.87 -30.31 2.92
CA VAL G 96 -43.94 -29.86 1.90
C VAL G 96 -42.78 -30.81 1.80
N THR G 97 -42.57 -31.32 0.60
CA THR G 97 -41.44 -32.21 0.35
C THR G 97 -40.48 -31.44 -0.51
N GLU G 98 -39.23 -31.41 -0.10
CA GLU G 98 -38.23 -30.64 -0.83
C GLU G 98 -36.96 -31.44 -1.05
N ASN G 99 -36.42 -31.40 -2.26
CA ASN G 99 -35.18 -32.12 -2.54
C ASN G 99 -33.93 -31.35 -2.19
N PHE G 100 -33.15 -31.91 -1.29
CA PHE G 100 -31.93 -31.30 -0.80
C PHE G 100 -30.71 -32.01 -1.35
N ASN G 101 -29.61 -31.27 -1.47
CA ASN G 101 -28.36 -31.87 -1.89
C ASN G 101 -27.19 -31.09 -1.32
N MET G 102 -26.57 -31.60 -0.26
CA MET G 102 -25.53 -30.86 0.44
C MET G 102 -24.28 -30.68 -0.38
N TRP G 103 -24.14 -31.45 -1.45
CA TRP G 103 -22.93 -31.43 -2.25
C TRP G 103 -23.00 -30.40 -3.36
N LYS G 104 -24.19 -29.82 -3.57
CA LYS G 104 -24.40 -28.86 -4.64
C LYS G 104 -24.80 -27.51 -4.07
N ASN G 105 -24.80 -27.46 -2.75
CA ASN G 105 -25.22 -26.33 -1.95
C ASN G 105 -24.28 -25.16 -2.16
N ASN G 106 -24.81 -23.98 -2.49
CA ASN G 106 -23.91 -22.86 -2.75
C ASN G 106 -23.71 -21.99 -1.51
N MET G 107 -24.24 -22.43 -0.37
CA MET G 107 -24.04 -21.67 0.85
C MET G 107 -22.65 -21.98 1.35
N VAL G 108 -22.11 -23.06 0.86
CA VAL G 108 -20.82 -23.57 1.24
C VAL G 108 -19.76 -22.69 0.60
N GLU G 109 -19.95 -22.37 -0.67
CA GLU G 109 -19.03 -21.49 -1.36
C GLU G 109 -19.12 -20.10 -0.78
N GLN G 110 -20.32 -19.69 -0.38
CA GLN G 110 -20.48 -18.39 0.22
C GLN G 110 -19.75 -18.33 1.54
N MET G 111 -19.86 -19.38 2.35
CA MET G 111 -19.17 -19.33 3.61
C MET G 111 -17.68 -19.38 3.40
N HIS G 112 -17.20 -20.23 2.51
CA HIS G 112 -15.77 -20.33 2.35
C HIS G 112 -15.19 -18.99 1.95
N THR G 113 -15.82 -18.28 1.02
CA THR G 113 -15.31 -16.99 0.61
C THR G 113 -15.34 -15.99 1.75
N ASP G 114 -16.43 -15.94 2.53
CA ASP G 114 -16.48 -14.99 3.62
C ASP G 114 -15.43 -15.26 4.68
N ILE G 115 -15.15 -16.52 4.95
CA ILE G 115 -14.14 -16.84 5.94
C ILE G 115 -12.78 -16.37 5.50
N ILE G 116 -12.43 -16.57 4.23
CA ILE G 116 -11.14 -16.11 3.76
C ILE G 116 -11.09 -14.60 3.87
N SER G 117 -12.15 -13.91 3.46
CA SER G 117 -12.10 -12.47 3.52
C SER G 117 -11.97 -11.95 4.92
N LEU G 118 -12.65 -12.54 5.91
CA LEU G 118 -12.52 -12.03 7.26
C LEU G 118 -11.10 -12.19 7.74
N TRP G 119 -10.49 -13.32 7.40
CA TRP G 119 -9.13 -13.59 7.81
C TRP G 119 -8.18 -12.54 7.28
N ASP G 120 -8.28 -12.25 5.99
CA ASP G 120 -7.39 -11.28 5.40
C ASP G 120 -7.65 -9.87 5.89
N GLN G 121 -8.90 -9.51 6.13
CA GLN G 121 -9.16 -8.16 6.62
C GLN G 121 -8.51 -7.97 7.96
N SER G 122 -8.55 -9.00 8.79
CA SER G 122 -7.99 -8.95 10.12
C SER G 122 -6.47 -8.92 10.14
N LEU G 123 -5.78 -9.64 9.23
CA LEU G 123 -4.32 -9.60 9.23
C LEU G 123 -3.72 -8.42 8.49
N LYS G 124 -4.41 -7.93 7.46
CA LYS G 124 -3.93 -6.84 6.62
C LYS G 124 -3.18 -5.69 7.30
N PRO G 125 -3.68 -5.01 8.35
CA PRO G 125 -3.04 -3.87 8.98
C PRO G 125 -1.80 -4.13 9.83
N CYS G 126 -1.47 -5.37 10.12
CA CYS G 126 -0.35 -5.63 11.03
C CYS G 126 1.00 -5.77 10.36
N VAL G 127 2.02 -5.78 11.22
CA VAL G 127 3.45 -5.78 10.91
C VAL G 127 3.96 -6.90 10.04
N LYS G 128 4.73 -6.49 9.04
CA LYS G 128 5.34 -7.41 8.11
C LYS G 128 6.68 -7.79 8.72
N LEU G 129 7.08 -9.02 8.52
CA LEU G 129 8.34 -9.49 9.03
C LEU G 129 9.42 -9.58 7.99
N THR G 130 9.23 -8.88 6.87
CA THR G 130 10.23 -8.85 5.82
C THR G 130 11.64 -8.59 6.38
N PRO G 131 11.86 -7.64 7.33
CA PRO G 131 13.14 -7.33 7.92
C PRO G 131 13.83 -8.50 8.60
N LEU G 132 13.12 -9.61 8.86
CA LEU G 132 13.74 -10.74 9.52
C LEU G 132 14.32 -11.72 8.53
N CYS G 133 14.18 -11.48 7.23
CA CYS G 133 14.76 -12.41 6.29
C CYS G 133 16.25 -12.16 6.12
N VAL G 134 16.97 -12.58 7.15
CA VAL G 134 18.40 -12.44 7.30
C VAL G 134 18.93 -13.79 7.65
N THR G 135 20.22 -13.98 7.53
CA THR G 135 20.77 -15.27 7.93
C THR G 135 20.72 -15.39 9.44
N LEU G 136 20.26 -16.54 9.92
CA LEU G 136 20.19 -16.83 11.34
C LEU G 136 21.33 -17.77 11.73
N ASN G 137 21.86 -17.57 12.92
CA ASN G 137 22.84 -18.49 13.47
C ASN G 137 22.18 -19.33 14.55
N CYS G 138 21.78 -20.55 14.19
CA CYS G 138 20.98 -21.34 15.12
C CYS G 138 21.72 -22.52 15.70
N THR G 139 21.61 -22.63 17.01
CA THR G 139 22.20 -23.67 17.80
C THR G 139 21.26 -24.30 18.80
N ASN G 140 21.78 -25.25 19.55
CA ASN G 140 21.01 -25.90 20.59
C ASN G 140 21.84 -25.92 21.87
N VAL G 141 22.49 -24.81 22.16
CA VAL G 141 23.39 -24.68 23.28
C VAL G 141 22.76 -24.73 24.66
N ASN G 142 21.57 -24.19 24.81
CA ASN G 142 20.92 -24.14 26.10
C ASN G 142 19.47 -24.54 26.13
N VAL G 143 19.00 -25.40 25.23
CA VAL G 143 17.59 -25.69 25.28
C VAL G 143 17.40 -27.10 25.85
N THR G 144 18.02 -28.10 25.23
CA THR G 144 17.88 -29.46 25.69
C THR G 144 19.24 -30.03 26.07
N ASN G 145 19.21 -31.16 26.78
CA ASN G 145 20.42 -31.86 27.15
C ASN G 145 21.09 -32.42 25.91
N GLU G 155 14.19 -29.81 18.59
CA GLU G 155 13.07 -29.33 17.79
C GLU G 155 12.85 -27.87 18.01
N ILE G 156 13.60 -27.33 18.94
CA ILE G 156 13.60 -25.91 19.26
C ILE G 156 15.02 -25.40 19.14
N LYS G 157 15.21 -24.36 18.33
CA LYS G 157 16.54 -23.82 18.11
C LYS G 157 16.72 -22.43 18.68
N ASN G 158 17.91 -22.15 19.18
CA ASN G 158 18.26 -20.84 19.70
C ASN G 158 18.99 -20.06 18.64
N CYS G 159 18.32 -19.09 18.02
CA CYS G 159 18.91 -18.41 16.90
C CYS G 159 19.27 -16.97 17.14
N SER G 160 20.47 -16.58 16.70
CA SER G 160 20.85 -15.19 16.82
C SER G 160 20.85 -14.55 15.45
N PHE G 161 20.54 -13.27 15.41
CA PHE G 161 20.50 -12.56 14.15
C PHE G 161 20.61 -11.06 14.30
N ASN G 162 20.92 -10.38 13.21
CA ASN G 162 21.00 -8.92 13.23
C ASN G 162 19.75 -8.27 12.69
N ILE G 163 19.25 -7.29 13.43
CA ILE G 163 18.08 -6.53 13.02
C ILE G 163 18.36 -5.04 13.07
N THR G 164 17.55 -4.27 12.39
CA THR G 164 17.65 -2.83 12.50
C THR G 164 16.88 -2.39 13.71
N THR G 165 17.13 -1.19 14.17
CA THR G 165 16.36 -0.63 15.27
C THR G 165 15.49 0.44 14.65
N GLU G 166 14.86 1.31 15.44
CA GLU G 166 14.03 2.35 14.83
C GLU G 166 14.88 3.33 14.01
N LEU G 167 16.19 3.33 14.22
CA LEU G 167 17.04 4.17 13.43
C LEU G 167 17.60 3.33 12.31
N ARG G 168 17.55 3.87 11.12
CA ARG G 168 17.97 3.16 9.92
C ARG G 168 19.46 2.97 9.79
N ASP G 169 20.22 3.69 10.60
CA ASP G 169 21.66 3.58 10.59
C ASP G 169 22.19 2.74 11.76
N LYS G 170 21.31 2.05 12.50
CA LYS G 170 21.78 1.24 13.62
C LYS G 170 21.23 -0.18 13.59
N LYS G 171 22.10 -1.14 13.89
CA LYS G 171 21.70 -2.54 14.01
C LYS G 171 22.13 -3.13 15.32
N LYS G 172 21.40 -4.13 15.76
CA LYS G 172 21.75 -4.86 16.96
C LYS G 172 21.55 -6.35 16.80
N LYS G 173 22.29 -7.11 17.58
CA LYS G 173 22.16 -8.56 17.60
C LYS G 173 21.13 -8.98 18.62
N VAL G 174 20.20 -9.83 18.20
CA VAL G 174 19.16 -10.32 19.08
C VAL G 174 19.08 -11.82 19.05
N TYR G 175 18.41 -12.39 20.05
CA TYR G 175 18.20 -13.84 20.10
C TYR G 175 16.73 -14.18 20.17
N ALA G 176 16.36 -15.31 19.59
CA ALA G 176 14.99 -15.80 19.68
C ALA G 176 14.94 -17.30 19.55
N LEU G 177 13.93 -17.93 20.13
CA LEU G 177 13.80 -19.35 19.87
C LEU G 177 12.83 -19.54 18.74
N PHE G 178 13.13 -20.51 17.90
CA PHE G 178 12.27 -20.88 16.78
C PHE G 178 12.04 -22.37 16.77
N TYR G 179 10.91 -22.79 16.27
CA TYR G 179 10.68 -24.21 16.14
C TYR G 179 11.37 -24.68 14.89
N ARG G 180 11.87 -25.91 14.91
CA ARG G 180 12.55 -26.45 13.77
C ARG G 180 11.73 -26.43 12.50
N LEU G 181 10.42 -26.60 12.58
CA LEU G 181 9.60 -26.65 11.38
C LEU G 181 9.48 -25.32 10.65
N ASP G 182 9.85 -24.22 11.30
CA ASP G 182 9.75 -22.90 10.72
C ASP G 182 11.07 -22.41 10.13
N VAL G 183 12.13 -23.20 10.29
CA VAL G 183 13.47 -22.79 9.88
C VAL G 183 14.14 -23.82 8.96
N VAL G 184 14.75 -23.36 7.87
CA VAL G 184 15.40 -24.29 6.95
C VAL G 184 16.87 -23.90 6.80
N PRO G 185 17.78 -24.85 6.59
CA PRO G 185 19.19 -24.60 6.42
C PRO G 185 19.47 -23.95 5.10
N ILE G 186 20.54 -23.18 5.06
CA ILE G 186 21.00 -22.58 3.82
C ILE G 186 22.04 -23.48 3.18
N SER G 194 25.74 -18.55 11.06
CA SER G 194 25.21 -18.23 9.74
C SER G 194 24.83 -19.52 9.01
N ASN G 195 23.79 -20.18 9.48
CA ASN G 195 23.40 -21.49 8.99
C ASN G 195 21.99 -21.57 8.41
N TYR G 196 21.06 -20.78 8.96
CA TYR G 196 19.63 -20.95 8.67
C TYR G 196 18.85 -19.75 8.18
N ARG G 197 17.74 -20.04 7.54
CA ARG G 197 16.81 -19.08 6.99
C ARG G 197 15.37 -19.37 7.44
N LEU G 198 14.51 -18.35 7.53
CA LEU G 198 13.11 -18.68 7.83
C LEU G 198 12.57 -19.39 6.62
N ILE G 199 11.68 -20.34 6.84
CA ILE G 199 11.16 -21.17 5.77
C ILE G 199 10.53 -20.50 4.56
N ASN G 200 9.89 -19.33 4.70
CA ASN G 200 9.28 -18.72 3.52
C ASN G 200 10.00 -17.50 2.94
N CYS G 201 11.24 -17.26 3.31
CA CYS G 201 11.87 -16.06 2.76
C CYS G 201 12.21 -16.08 1.28
N ASN G 202 12.15 -17.22 0.61
CA ASN G 202 12.41 -17.23 -0.82
C ASN G 202 11.11 -17.33 -1.59
N THR G 203 9.99 -17.27 -0.88
CA THR G 203 8.69 -17.40 -1.50
C THR G 203 7.84 -16.16 -1.35
N SER G 204 7.73 -15.63 -0.13
CA SER G 204 6.86 -14.48 0.07
C SER G 204 7.13 -13.71 1.33
N ALA G 205 6.35 -12.67 1.57
CA ALA G 205 6.51 -11.90 2.79
C ALA G 205 5.65 -12.50 3.88
N ILE G 206 6.17 -12.55 5.09
CA ILE G 206 5.45 -13.12 6.20
C ILE G 206 4.81 -12.04 7.04
N THR G 207 3.51 -12.11 7.24
CA THR G 207 2.83 -11.08 8.05
C THR G 207 2.61 -11.63 9.43
N GLN G 208 2.98 -10.94 10.50
CA GLN G 208 2.68 -11.55 11.79
C GLN G 208 1.25 -11.25 12.13
N ALA G 209 0.65 -12.13 12.90
CA ALA G 209 -0.69 -11.90 13.35
C ALA G 209 -0.71 -10.79 14.32
N CYS G 210 -1.80 -10.10 14.36
CA CYS G 210 -1.97 -9.03 15.29
C CYS G 210 -2.03 -9.67 16.68
N PRO G 211 -1.22 -9.25 17.66
CA PRO G 211 -1.12 -9.84 18.99
C PRO G 211 -2.38 -9.66 19.84
N LYS G 212 -3.23 -8.73 19.44
CA LYS G 212 -4.45 -8.46 20.16
C LYS G 212 -5.66 -9.15 19.57
N VAL G 213 -5.45 -9.90 18.49
CA VAL G 213 -6.55 -10.53 17.81
C VAL G 213 -6.69 -12.00 18.10
N SER G 214 -7.78 -12.33 18.75
CA SER G 214 -8.12 -13.68 19.11
C SER G 214 -8.57 -14.47 17.92
N PHE G 215 -8.24 -15.75 17.89
CA PHE G 215 -8.70 -16.58 16.79
C PHE G 215 -9.87 -17.46 17.18
N GLU G 216 -10.36 -17.26 18.40
CA GLU G 216 -11.45 -18.07 18.92
C GLU G 216 -12.70 -17.87 18.07
N PRO G 217 -13.35 -18.92 17.56
CA PRO G 217 -14.50 -18.83 16.70
C PRO G 217 -15.71 -18.25 17.40
N ILE G 218 -16.47 -17.47 16.65
CA ILE G 218 -17.71 -16.86 17.06
C ILE G 218 -18.76 -17.38 16.12
N PRO G 219 -19.88 -17.92 16.57
CA PRO G 219 -20.91 -18.41 15.70
C PRO G 219 -21.38 -17.35 14.73
N ILE G 220 -21.54 -17.73 13.48
CA ILE G 220 -22.00 -16.85 12.42
C ILE G 220 -23.32 -17.34 11.92
N HIS G 221 -24.32 -16.48 11.85
CA HIS G 221 -25.61 -16.90 11.35
C HIS G 221 -25.78 -16.38 9.95
N TYR G 222 -26.17 -17.19 8.99
CA TYR G 222 -26.43 -16.62 7.67
C TYR G 222 -27.90 -16.35 7.53
N CYS G 223 -28.23 -15.18 6.99
CA CYS G 223 -29.62 -14.78 6.87
C CYS G 223 -30.02 -14.44 5.43
N ALA G 224 -31.27 -14.78 5.09
CA ALA G 224 -31.77 -14.52 3.75
C ALA G 224 -32.06 -13.04 3.47
N PRO G 225 -31.76 -12.53 2.26
CA PRO G 225 -32.08 -11.22 1.76
C PRO G 225 -33.53 -11.16 1.34
N ALA G 226 -34.06 -9.96 1.15
CA ALA G 226 -35.43 -9.82 0.69
C ALA G 226 -35.61 -10.55 -0.62
N GLY G 227 -36.75 -11.21 -0.76
CA GLY G 227 -37.10 -11.99 -1.95
C GLY G 227 -36.70 -13.45 -1.88
N PHE G 228 -35.93 -13.82 -0.87
CA PHE G 228 -35.42 -15.17 -0.67
C PHE G 228 -35.77 -15.80 0.65
N ALA G 229 -35.66 -17.12 0.70
CA ALA G 229 -35.92 -17.84 1.93
C ALA G 229 -34.95 -18.98 2.12
N ILE G 230 -34.66 -19.30 3.37
CA ILE G 230 -33.83 -20.46 3.65
C ILE G 230 -34.69 -21.57 4.19
N LEU G 231 -34.62 -22.71 3.56
CA LEU G 231 -35.39 -23.85 4.00
C LEU G 231 -34.50 -24.79 4.77
N LYS G 232 -35.01 -25.32 5.86
CA LYS G 232 -34.28 -26.23 6.70
C LYS G 232 -34.89 -27.62 6.72
N CYS G 233 -34.05 -28.63 6.57
CA CYS G 233 -34.54 -30.01 6.62
C CYS G 233 -34.47 -30.58 8.02
N ASN G 234 -35.61 -31.03 8.54
CA ASN G 234 -35.67 -31.54 9.90
C ASN G 234 -35.76 -33.05 10.03
N ASP G 235 -35.48 -33.78 8.96
CA ASP G 235 -35.50 -35.23 9.07
C ASP G 235 -34.30 -35.75 9.83
N LYS G 236 -34.57 -36.46 10.89
CA LYS G 236 -33.54 -36.95 11.81
C LYS G 236 -32.52 -37.88 11.18
N LYS G 237 -32.94 -38.67 10.21
CA LYS G 237 -32.05 -39.61 9.54
C LYS G 237 -31.58 -39.08 8.21
N PHE G 238 -31.82 -37.82 7.92
CA PHE G 238 -31.43 -37.28 6.64
C PHE G 238 -29.93 -37.28 6.51
N ASN G 239 -29.48 -37.75 5.35
CA ASN G 239 -28.07 -37.82 5.01
C ASN G 239 -27.75 -36.64 4.11
N GLY G 240 -26.87 -36.77 3.14
CA GLY G 240 -26.62 -35.58 2.36
C GLY G 240 -27.63 -35.22 1.26
N THR G 241 -28.42 -36.19 0.78
CA THR G 241 -29.27 -35.91 -0.38
C THR G 241 -30.68 -36.48 -0.32
N GLY G 242 -31.52 -36.01 -1.22
CA GLY G 242 -32.83 -36.59 -1.40
C GLY G 242 -33.92 -35.76 -0.77
N PRO G 243 -35.17 -36.20 -0.88
CA PRO G 243 -36.32 -35.50 -0.39
C PRO G 243 -36.32 -35.47 1.10
N CYS G 244 -36.74 -34.34 1.63
CA CYS G 244 -36.91 -34.15 3.05
C CYS G 244 -38.39 -33.98 3.26
N LYS G 245 -38.96 -34.75 4.17
CA LYS G 245 -40.42 -34.71 4.36
C LYS G 245 -40.88 -33.78 5.46
N ASN G 246 -39.95 -33.12 6.10
CA ASN G 246 -40.24 -32.18 7.15
C ASN G 246 -39.39 -30.94 6.96
N VAL G 247 -39.97 -29.93 6.34
CA VAL G 247 -39.22 -28.76 5.96
C VAL G 247 -39.75 -27.55 6.66
N SER G 248 -38.88 -26.78 7.27
CA SER G 248 -39.30 -25.55 7.92
C SER G 248 -38.60 -24.37 7.30
N THR G 249 -39.21 -23.22 7.37
CA THR G 249 -38.61 -22.00 6.86
C THR G 249 -37.98 -21.22 7.97
N VAL G 250 -36.75 -20.78 7.77
CA VAL G 250 -36.08 -20.01 8.80
C VAL G 250 -35.63 -18.69 8.27
N GLN G 251 -35.38 -17.75 9.16
CA GLN G 251 -34.87 -16.46 8.73
C GLN G 251 -33.37 -16.54 8.56
N CYS G 252 -32.75 -17.30 9.47
CA CYS G 252 -31.32 -17.45 9.50
C CYS G 252 -30.94 -18.86 9.89
N THR G 253 -29.69 -19.21 9.64
CA THR G 253 -29.16 -20.49 10.02
C THR G 253 -28.85 -20.46 11.48
N HIS G 254 -28.55 -21.62 12.07
CA HIS G 254 -28.12 -21.65 13.44
C HIS G 254 -26.76 -21.05 13.42
N GLY G 255 -26.19 -20.74 14.57
CA GLY G 255 -24.87 -20.17 14.47
C GLY G 255 -23.90 -21.26 14.11
N ILE G 256 -23.05 -20.98 13.16
CA ILE G 256 -22.03 -21.93 12.77
C ILE G 256 -20.70 -21.42 13.15
N LYS G 257 -19.96 -22.21 13.91
CA LYS G 257 -18.65 -21.76 14.33
C LYS G 257 -17.63 -22.09 13.27
N PRO G 258 -16.81 -21.15 12.80
CA PRO G 258 -15.78 -21.36 11.82
C PRO G 258 -14.56 -22.02 12.42
N VAL G 259 -14.73 -23.25 12.85
CA VAL G 259 -13.66 -24.01 13.46
C VAL G 259 -12.83 -24.60 12.35
N VAL G 260 -11.54 -24.44 12.42
CA VAL G 260 -10.66 -24.97 11.39
C VAL G 260 -9.95 -26.20 11.89
N SER G 261 -10.09 -27.30 11.17
CA SER G 261 -9.46 -28.57 11.53
C SER G 261 -9.34 -29.42 10.28
N THR G 262 -8.68 -30.58 10.39
CA THR G 262 -8.47 -31.45 9.24
C THR G 262 -9.09 -32.82 9.43
N GLN G 263 -8.35 -33.75 9.97
CA GLN G 263 -8.83 -35.12 10.04
C GLN G 263 -10.08 -35.35 10.90
N LEU G 264 -10.20 -34.61 11.99
CA LEU G 264 -11.35 -34.73 12.89
C LEU G 264 -12.03 -33.38 12.95
N LEU G 265 -13.35 -33.42 12.94
CA LEU G 265 -14.17 -32.23 13.00
C LEU G 265 -14.47 -31.94 14.44
N LEU G 266 -14.11 -30.76 14.88
CA LEU G 266 -14.30 -30.41 16.26
C LEU G 266 -15.41 -29.41 16.46
N ASN G 267 -16.05 -29.51 17.60
CA ASN G 267 -17.04 -28.57 18.09
C ASN G 267 -18.18 -28.30 17.13
N GLY G 268 -18.66 -29.31 16.43
CA GLY G 268 -19.78 -29.12 15.52
C GLY G 268 -21.05 -29.63 16.14
N SER G 269 -22.03 -29.87 15.29
CA SER G 269 -23.30 -30.38 15.74
C SER G 269 -23.27 -31.89 15.80
N LEU G 270 -24.02 -32.47 16.70
CA LEU G 270 -24.15 -33.93 16.76
C LEU G 270 -25.42 -34.40 16.11
N ALA G 271 -25.37 -35.64 15.64
CA ALA G 271 -26.52 -36.32 15.08
C ALA G 271 -27.44 -36.67 16.24
N GLU G 272 -28.74 -36.79 16.01
CA GLU G 272 -29.60 -37.09 17.15
C GLU G 272 -29.91 -38.56 17.42
N GLU G 273 -29.95 -39.40 16.39
CA GLU G 273 -30.33 -40.79 16.62
C GLU G 273 -29.24 -41.82 16.39
N GLU G 274 -28.40 -41.58 15.41
CA GLU G 274 -27.38 -42.54 15.02
C GLU G 274 -26.26 -41.85 14.31
N ILE G 275 -25.18 -42.57 14.06
CA ILE G 275 -24.10 -41.97 13.28
C ILE G 275 -24.54 -41.91 11.86
N ILE G 276 -24.42 -40.75 11.25
CA ILE G 276 -24.85 -40.59 9.88
C ILE G 276 -23.66 -40.44 8.98
N ILE G 277 -23.57 -41.29 7.98
CA ILE G 277 -22.46 -41.25 7.07
C ILE G 277 -22.90 -40.61 5.78
N ARG G 278 -22.28 -39.49 5.44
CA ARG G 278 -22.67 -38.74 4.27
C ARG G 278 -21.59 -38.70 3.22
N SER G 279 -21.97 -38.92 2.00
CA SER G 279 -21.02 -38.86 0.91
C SER G 279 -21.74 -38.48 -0.37
N GLU G 280 -21.00 -37.98 -1.36
CA GLU G 280 -21.60 -37.67 -2.64
C GLU G 280 -21.84 -38.96 -3.39
N ASN G 281 -20.86 -39.84 -3.30
CA ASN G 281 -20.87 -41.15 -3.92
C ASN G 281 -20.10 -42.13 -3.05
N ILE G 282 -20.82 -42.93 -2.30
CA ILE G 282 -20.23 -43.83 -1.31
C ILE G 282 -19.40 -44.93 -1.92
N THR G 283 -19.52 -45.14 -3.23
CA THR G 283 -18.75 -46.19 -3.87
C THR G 283 -17.58 -45.63 -4.66
N ASN G 284 -17.32 -44.33 -4.55
CA ASN G 284 -16.18 -43.78 -5.27
C ASN G 284 -14.96 -43.79 -4.34
N ASN G 285 -13.81 -43.35 -4.83
CA ASN G 285 -12.61 -43.24 -4.03
C ASN G 285 -12.18 -41.79 -4.03
N ALA G 286 -12.74 -41.06 -4.98
CA ALA G 286 -12.39 -39.66 -5.19
C ALA G 286 -13.21 -38.72 -4.33
N LYS G 287 -14.14 -39.27 -3.58
CA LYS G 287 -15.03 -38.49 -2.77
C LYS G 287 -14.77 -38.75 -1.31
N THR G 288 -14.93 -37.74 -0.48
CA THR G 288 -14.74 -37.93 0.94
C THR G 288 -16.01 -38.33 1.62
N ILE G 289 -15.86 -38.89 2.80
CA ILE G 289 -16.97 -39.30 3.61
C ILE G 289 -17.04 -38.51 4.89
N ILE G 290 -18.16 -37.88 5.15
CA ILE G 290 -18.30 -37.11 6.36
C ILE G 290 -19.08 -37.93 7.35
N VAL G 291 -18.49 -38.24 8.48
CA VAL G 291 -19.18 -39.06 9.45
C VAL G 291 -19.60 -38.20 10.61
N GLN G 292 -20.89 -38.10 10.86
CA GLN G 292 -21.38 -37.28 11.95
C GLN G 292 -21.76 -38.14 13.13
N LEU G 293 -21.17 -37.87 14.28
CA LEU G 293 -21.40 -38.69 15.45
C LEU G 293 -22.60 -38.25 16.22
N ASN G 294 -23.25 -39.14 16.97
CA ASN G 294 -24.35 -38.74 17.83
C ASN G 294 -23.91 -38.58 19.28
N GLU G 295 -22.63 -38.77 19.52
CA GLU G 295 -22.02 -38.64 20.82
C GLU G 295 -20.69 -37.94 20.62
N SER G 296 -20.33 -37.06 21.51
CA SER G 296 -19.04 -36.43 21.38
C SER G 296 -17.97 -37.24 22.07
N VAL G 297 -16.73 -37.07 21.60
CA VAL G 297 -15.58 -37.67 22.27
C VAL G 297 -14.66 -36.53 22.67
N GLU G 298 -14.31 -36.42 23.93
CA GLU G 298 -13.47 -35.31 24.31
C GLU G 298 -12.03 -35.55 23.97
N ILE G 299 -11.38 -34.49 23.50
CA ILE G 299 -9.96 -34.48 23.22
C ILE G 299 -9.32 -33.35 24.04
N ASN G 300 -8.40 -33.71 24.92
CA ASN G 300 -7.73 -32.75 25.78
C ASN G 300 -6.35 -32.39 25.27
N CYS G 301 -6.18 -31.18 24.78
CA CYS G 301 -4.89 -30.85 24.20
C CYS G 301 -4.12 -29.85 25.05
N THR G 302 -2.81 -30.02 25.06
CA THR G 302 -1.99 -29.12 25.81
C THR G 302 -0.64 -28.82 25.20
N ARG G 303 -0.13 -27.67 25.57
CA ARG G 303 1.18 -27.16 25.22
C ARG G 303 1.91 -26.90 26.54
N PRO G 304 2.59 -27.90 27.12
CA PRO G 304 3.19 -27.92 28.44
C PRO G 304 4.38 -27.01 28.69
N ASN G 305 4.99 -26.46 27.64
CA ASN G 305 6.16 -25.61 27.81
C ASN G 305 5.78 -24.22 28.23
N ASN G 306 6.43 -23.72 29.25
CA ASN G 306 6.11 -22.37 29.69
C ASN G 306 6.91 -21.35 28.90
N ASN G 307 6.36 -20.96 27.76
CA ASN G 307 7.05 -20.01 26.90
C ASN G 307 6.89 -18.62 27.42
N THR G 308 7.89 -17.80 27.14
CA THR G 308 7.92 -16.39 27.48
C THR G 308 7.81 -15.56 26.22
N ARG G 309 6.96 -14.55 26.21
CA ARG G 309 6.88 -13.71 25.03
C ARG G 309 7.88 -12.57 25.15
N LYS G 310 8.70 -12.38 24.13
CA LYS G 310 9.65 -11.29 24.14
C LYS G 310 9.35 -10.32 23.02
N SER G 311 9.44 -9.03 23.30
CA SER G 311 9.13 -8.06 22.26
C SER G 311 10.36 -7.35 21.72
N ILE G 312 10.58 -7.51 20.42
CA ILE G 312 11.71 -6.96 19.70
C ILE G 312 11.30 -5.81 18.79
N ARG G 313 11.94 -4.66 18.91
CA ARG G 313 11.55 -3.57 18.03
C ARG G 313 12.26 -3.67 16.69
N ILE G 314 11.48 -3.78 15.62
CA ILE G 314 11.98 -3.94 14.27
C ILE G 314 12.03 -2.61 13.56
N GLY G 315 11.02 -1.79 13.83
CA GLY G 315 10.92 -0.52 13.13
C GLY G 315 10.17 0.53 13.94
N PRO G 316 9.78 1.64 13.33
CA PRO G 316 9.15 2.78 13.94
C PRO G 316 7.72 2.49 14.31
N GLY G 317 7.56 1.85 15.48
CA GLY G 317 6.26 1.43 15.97
C GLY G 317 5.94 0.00 15.59
N GLN G 318 6.93 -0.71 15.08
CA GLN G 318 6.73 -2.08 14.64
C GLN G 318 7.43 -3.07 15.54
N TRP G 319 6.65 -3.85 16.25
CA TRP G 319 7.22 -4.82 17.16
C TRP G 319 7.04 -6.22 16.63
N PHE G 320 8.05 -7.05 16.84
CA PHE G 320 8.05 -8.47 16.53
C PHE G 320 7.95 -9.26 17.79
N TYR G 321 7.08 -10.26 17.80
CA TYR G 321 6.98 -11.05 19.01
C TYR G 321 7.68 -12.38 18.86
N ALA G 322 8.70 -12.55 19.66
CA ALA G 322 9.59 -13.69 19.62
C ALA G 322 9.42 -14.58 20.81
N THR G 323 9.79 -15.83 20.68
CA THR G 323 9.76 -16.70 21.84
C THR G 323 11.05 -16.44 22.60
N GLY G 324 10.93 -16.19 23.89
CA GLY G 324 12.07 -15.96 24.76
C GLY G 324 12.42 -17.27 25.44
N ASP G 325 13.14 -17.24 26.53
CA ASP G 325 13.52 -18.48 27.14
C ASP G 325 12.35 -19.29 27.66
N ILE G 326 12.48 -20.59 27.56
CA ILE G 326 11.51 -21.54 28.08
C ILE G 326 11.84 -21.79 29.51
N ILE G 327 10.83 -21.70 30.36
CA ILE G 327 11.03 -21.92 31.77
C ILE G 327 10.60 -23.31 32.13
N GLY G 328 11.47 -24.03 32.78
CA GLY G 328 11.17 -25.38 33.15
C GLY G 328 11.61 -26.37 32.12
N ASP G 329 10.93 -27.50 32.08
CA ASP G 329 11.31 -28.60 31.26
C ASP G 329 10.91 -28.39 29.84
N ILE G 330 11.59 -29.06 28.93
CA ILE G 330 11.17 -29.01 27.55
C ILE G 330 10.34 -30.25 27.36
N ARG G 331 9.08 -30.06 27.02
CA ARG G 331 8.13 -31.13 26.87
C ARG G 331 7.40 -31.06 25.54
N GLN G 332 6.90 -32.21 25.12
CA GLN G 332 6.18 -32.32 23.87
C GLN G 332 4.69 -32.05 24.02
N ALA G 333 4.15 -31.30 23.08
CA ALA G 333 2.72 -30.99 23.05
C ALA G 333 1.98 -32.26 22.75
N HIS G 334 0.77 -32.39 23.28
CA HIS G 334 0.02 -33.61 23.04
C HIS G 334 -1.46 -33.49 23.25
N CYS G 335 -2.20 -34.48 22.73
CA CYS G 335 -3.63 -34.59 22.96
C CYS G 335 -4.07 -35.92 23.55
N ASN G 336 -5.00 -35.88 24.47
CA ASN G 336 -5.52 -37.05 25.16
C ASN G 336 -6.95 -37.42 24.81
N ILE G 337 -7.14 -38.63 24.29
CA ILE G 337 -8.46 -39.16 23.93
C ILE G 337 -8.75 -40.41 24.74
N SER G 338 -9.89 -40.52 25.40
CA SER G 338 -10.12 -41.74 26.18
C SER G 338 -10.13 -42.96 25.28
N GLY G 339 -9.49 -44.05 25.72
CA GLY G 339 -9.40 -45.24 24.92
C GLY G 339 -10.74 -45.91 24.67
N THR G 340 -11.59 -45.96 25.69
CA THR G 340 -12.85 -46.65 25.53
C THR G 340 -13.87 -45.85 24.75
N LYS G 341 -13.85 -44.53 24.86
CA LYS G 341 -14.81 -43.76 24.11
C LYS G 341 -14.47 -43.84 22.65
N TRP G 342 -13.17 -43.80 22.33
CA TRP G 342 -12.80 -43.90 20.94
C TRP G 342 -13.19 -45.25 20.39
N ASN G 343 -12.99 -46.32 21.16
CA ASN G 343 -13.34 -47.63 20.64
C ASN G 343 -14.84 -47.78 20.44
N LYS G 344 -15.67 -47.23 21.34
CA LYS G 344 -17.11 -47.33 21.14
C LYS G 344 -17.50 -46.58 19.89
N THR G 345 -16.86 -45.44 19.68
CA THR G 345 -17.15 -44.63 18.53
C THR G 345 -16.84 -45.42 17.28
N LEU G 346 -15.69 -46.08 17.23
CA LEU G 346 -15.40 -46.85 16.04
C LEU G 346 -16.31 -48.03 15.86
N GLN G 347 -16.74 -48.70 16.94
CA GLN G 347 -17.64 -49.82 16.68
C GLN G 347 -18.89 -49.32 16.02
N GLN G 348 -19.39 -48.17 16.46
CA GLN G 348 -20.60 -47.63 15.90
C GLN G 348 -20.38 -47.16 14.46
N VAL G 349 -19.21 -46.56 14.17
CA VAL G 349 -18.92 -46.11 12.82
C VAL G 349 -18.84 -47.29 11.90
N VAL G 350 -18.21 -48.37 12.34
CA VAL G 350 -18.12 -49.54 11.50
C VAL G 350 -19.49 -50.18 11.28
N LYS G 351 -20.31 -50.31 12.31
CA LYS G 351 -21.62 -50.93 12.10
C LYS G 351 -22.42 -50.21 11.03
N LYS G 352 -22.33 -48.89 10.97
CA LYS G 352 -23.06 -48.11 9.98
C LYS G 352 -22.36 -48.02 8.64
N LEU G 353 -21.12 -48.47 8.56
CA LEU G 353 -20.34 -48.36 7.35
C LEU G 353 -20.58 -49.65 6.57
N ARG G 354 -20.86 -50.72 7.31
CA ARG G 354 -21.18 -52.04 6.76
C ARG G 354 -22.57 -52.03 6.13
N GLU G 355 -23.31 -50.94 6.30
CA GLU G 355 -24.61 -50.81 5.68
C GLU G 355 -24.47 -50.28 4.26
N HIS G 356 -23.30 -49.76 3.89
CA HIS G 356 -23.05 -49.24 2.55
C HIS G 356 -22.13 -50.15 1.77
N PHE G 357 -21.28 -50.85 2.51
CA PHE G 357 -20.29 -51.75 1.96
C PHE G 357 -20.76 -53.12 2.29
N ASN G 358 -20.31 -54.12 1.56
CA ASN G 358 -20.78 -55.45 1.87
C ASN G 358 -20.10 -55.87 3.15
N ASN G 359 -20.38 -57.09 3.63
CA ASN G 359 -19.82 -57.50 4.89
C ASN G 359 -18.38 -57.96 4.73
N LYS G 360 -17.54 -56.96 4.53
CA LYS G 360 -16.12 -57.07 4.31
C LYS G 360 -15.39 -56.63 5.54
N THR G 361 -14.15 -57.04 5.65
CA THR G 361 -13.27 -56.57 6.69
C THR G 361 -13.01 -55.09 6.44
N ILE G 362 -13.10 -54.30 7.51
CA ILE G 362 -12.83 -52.87 7.42
C ILE G 362 -11.59 -52.48 8.16
N ILE G 363 -10.65 -51.84 7.49
CA ILE G 363 -9.45 -51.45 8.17
C ILE G 363 -9.24 -49.96 8.14
N PHE G 364 -8.74 -49.45 9.23
CA PHE G 364 -8.40 -48.05 9.36
C PHE G 364 -6.91 -47.90 9.41
N ASN G 365 -6.39 -47.03 8.56
CA ASN G 365 -4.98 -46.76 8.50
C ASN G 365 -4.69 -45.27 8.64
N PRO G 366 -3.48 -44.86 9.04
CA PRO G 366 -3.00 -43.51 9.07
C PRO G 366 -2.96 -43.01 7.66
N SER G 367 -3.00 -41.69 7.46
CA SER G 367 -2.99 -41.21 6.09
C SER G 367 -1.67 -41.54 5.45
N SER G 368 -1.65 -41.60 4.12
CA SER G 368 -0.46 -42.00 3.38
C SER G 368 0.57 -40.95 3.04
N GLY G 369 0.22 -39.67 3.05
CA GLY G 369 1.23 -38.70 2.66
C GLY G 369 0.65 -37.32 2.47
N GLY G 370 1.47 -36.41 1.97
CA GLY G 370 1.08 -35.03 1.79
C GLY G 370 1.84 -34.18 2.78
N ASP G 371 1.50 -32.90 2.86
CA ASP G 371 2.25 -32.04 3.75
C ASP G 371 1.71 -32.24 5.15
N LEU G 372 2.26 -31.55 6.12
CA LEU G 372 1.85 -31.75 7.51
C LEU G 372 0.36 -31.44 7.69
N GLU G 373 -0.17 -30.51 6.89
CA GLU G 373 -1.59 -30.13 6.95
C GLU G 373 -2.52 -31.29 6.60
N ILE G 374 -2.00 -32.27 5.88
CA ILE G 374 -2.76 -33.41 5.42
C ILE G 374 -2.54 -34.62 6.33
N THR G 375 -1.27 -34.86 6.69
CA THR G 375 -0.94 -36.04 7.45
C THR G 375 -1.27 -35.94 8.93
N THR G 376 -1.44 -34.73 9.44
CA THR G 376 -1.79 -34.55 10.83
C THR G 376 -3.13 -33.86 11.05
N HIS G 377 -3.57 -33.92 12.29
CA HIS G 377 -4.77 -33.27 12.73
C HIS G 377 -4.41 -31.88 13.16
N SER G 378 -4.81 -30.87 12.40
CA SER G 378 -4.38 -29.56 12.81
C SER G 378 -5.51 -28.83 13.45
N PHE G 379 -5.18 -27.94 14.36
CA PHE G 379 -6.16 -27.07 14.98
C PHE G 379 -5.55 -25.88 15.68
N ASN G 380 -6.37 -24.89 15.95
CA ASN G 380 -5.96 -23.72 16.71
C ASN G 380 -6.43 -23.81 18.15
N CYS G 381 -5.51 -24.02 19.07
CA CYS G 381 -5.82 -24.18 20.48
C CYS G 381 -5.32 -22.99 21.27
N GLY G 382 -6.20 -22.06 21.53
CA GLY G 382 -5.80 -20.88 22.27
C GLY G 382 -4.89 -19.95 21.51
N GLY G 383 -4.86 -20.02 20.19
CA GLY G 383 -3.95 -19.21 19.40
C GLY G 383 -2.71 -19.97 18.93
N GLU G 384 -2.41 -21.16 19.49
CA GLU G 384 -1.25 -21.89 18.98
C GLU G 384 -1.69 -22.90 17.94
N PHE G 385 -0.87 -23.12 16.94
CA PHE G 385 -1.21 -24.04 15.89
C PHE G 385 -0.56 -25.39 16.06
N PHE G 386 -1.41 -26.37 16.36
CA PHE G 386 -1.03 -27.74 16.63
C PHE G 386 -1.20 -28.61 15.44
N TYR G 387 -0.29 -29.57 15.29
CA TYR G 387 -0.29 -30.60 14.27
C TYR G 387 -0.14 -31.97 14.91
N CYS G 388 -1.26 -32.64 15.20
CA CYS G 388 -1.18 -33.85 15.99
C CYS G 388 -1.19 -35.12 15.16
N ASN G 389 -0.44 -36.08 15.63
CA ASN G 389 -0.30 -37.39 15.00
C ASN G 389 -1.41 -38.34 15.41
N THR G 390 -2.28 -38.68 14.48
CA THR G 390 -3.48 -39.47 14.70
C THR G 390 -3.32 -40.93 14.35
N SER G 391 -2.08 -41.38 14.14
CA SER G 391 -1.82 -42.76 13.80
C SER G 391 -2.17 -43.67 14.96
N GLY G 392 -2.33 -43.07 16.13
CA GLY G 392 -2.72 -43.80 17.33
C GLY G 392 -4.22 -44.04 17.37
N LEU G 393 -4.97 -43.42 16.47
CA LEU G 393 -6.40 -43.58 16.42
C LEU G 393 -6.79 -44.44 15.25
N PHE G 394 -6.26 -44.10 14.08
CA PHE G 394 -6.62 -44.79 12.87
C PHE G 394 -5.69 -45.94 12.56
N ASN G 395 -5.68 -46.91 13.44
CA ASN G 395 -4.82 -48.08 13.27
C ASN G 395 -5.51 -49.33 13.80
N SER G 396 -6.44 -49.87 13.03
CA SER G 396 -7.22 -51.03 13.51
C SER G 396 -7.87 -51.87 12.41
N THR G 397 -8.22 -53.11 12.75
CA THR G 397 -8.96 -54.00 11.85
C THR G 397 -10.24 -54.48 12.46
N TRP G 398 -11.34 -54.31 11.72
CA TRP G 398 -12.63 -54.73 12.21
C TRP G 398 -13.21 -55.85 11.36
N ILE G 399 -13.68 -56.89 12.04
CA ILE G 399 -14.28 -58.05 11.40
C ILE G 399 -15.65 -58.31 11.98
N GLY G 400 -16.44 -59.14 11.32
CA GLY G 400 -17.77 -59.47 11.82
C GLY G 400 -17.79 -59.59 13.33
N ASP G 411 -7.90 -46.97 29.57
CA ASP G 411 -6.67 -46.28 29.30
C ASP G 411 -6.89 -45.01 28.47
N THR G 412 -5.79 -44.32 28.16
CA THR G 412 -5.83 -43.07 27.41
C THR G 412 -4.90 -43.14 26.22
N ILE G 413 -5.37 -42.62 25.10
CA ILE G 413 -4.57 -42.56 23.90
C ILE G 413 -3.89 -41.23 23.86
N THR G 414 -2.56 -41.22 23.82
CA THR G 414 -1.84 -39.95 23.82
C THR G 414 -1.27 -39.71 22.45
N LEU G 415 -1.63 -38.60 21.84
CA LEU G 415 -1.17 -38.26 20.51
C LEU G 415 -0.09 -37.19 20.65
N PRO G 416 1.14 -37.36 20.16
CA PRO G 416 2.15 -36.35 20.21
C PRO G 416 1.77 -35.30 19.21
N CYS G 417 2.11 -34.04 19.47
CA CYS G 417 1.83 -32.97 18.53
C CYS G 417 3.02 -32.06 18.28
N ARG G 418 3.06 -31.45 17.12
CA ARG G 418 4.07 -30.45 16.82
C ARG G 418 3.43 -29.08 16.79
N ILE G 419 4.21 -28.05 17.05
CA ILE G 419 3.72 -26.68 17.00
C ILE G 419 4.46 -25.89 15.93
N LYS G 420 3.73 -25.11 15.14
CA LYS G 420 4.38 -24.26 14.13
C LYS G 420 4.02 -22.82 14.31
N GLN G 421 4.93 -21.91 14.02
CA GLN G 421 4.58 -20.51 14.03
C GLN G 421 4.33 -19.95 12.64
N ILE G 422 4.93 -20.52 11.59
CA ILE G 422 4.69 -19.97 10.26
C ILE G 422 3.75 -20.87 9.52
N ILE G 423 2.57 -20.38 9.22
CA ILE G 423 1.56 -21.21 8.62
C ILE G 423 0.97 -20.66 7.32
N ASN G 424 0.37 -21.53 6.51
CA ASN G 424 -0.25 -21.17 5.24
C ASN G 424 -1.66 -21.77 5.15
N MET G 425 -2.62 -21.04 5.64
CA MET G 425 -3.98 -21.55 5.73
C MET G 425 -4.72 -21.55 4.41
N TRP G 426 -5.69 -22.45 4.31
CA TRP G 426 -6.58 -22.63 3.15
C TRP G 426 -5.86 -22.94 1.88
N GLN G 427 -4.70 -23.56 2.05
CA GLN G 427 -3.84 -24.01 0.99
C GLN G 427 -3.45 -22.89 0.04
N ARG G 428 -3.26 -21.68 0.56
CA ARG G 428 -2.83 -20.60 -0.30
C ARG G 428 -1.33 -20.46 -0.23
N VAL G 429 -0.68 -20.79 -1.31
CA VAL G 429 0.75 -20.73 -1.36
C VAL G 429 1.19 -19.31 -1.61
N GLY G 430 2.14 -18.82 -0.83
CA GLY G 430 2.65 -17.47 -0.99
C GLY G 430 2.06 -16.44 -0.04
N GLN G 431 1.22 -16.87 0.89
CA GLN G 431 0.67 -15.92 1.85
C GLN G 431 0.79 -16.41 3.29
N PRO G 432 2.01 -16.63 3.82
CA PRO G 432 2.29 -17.10 5.15
C PRO G 432 1.98 -16.09 6.22
N MET G 433 1.66 -16.60 7.37
CA MET G 433 1.41 -15.79 8.55
C MET G 433 2.22 -16.28 9.71
N TYR G 434 2.72 -15.35 10.53
CA TYR G 434 3.48 -15.73 11.70
C TYR G 434 2.66 -15.58 12.96
N ALA G 435 2.45 -16.67 13.65
CA ALA G 435 1.68 -16.60 14.86
C ALA G 435 2.62 -16.27 16.00
N PRO G 436 2.44 -15.19 16.74
CA PRO G 436 3.32 -14.80 17.80
C PRO G 436 3.12 -15.84 18.85
N PRO G 437 4.10 -16.12 19.68
CA PRO G 437 4.02 -17.07 20.75
C PRO G 437 3.11 -16.58 21.80
N ILE G 438 2.45 -17.49 22.46
CA ILE G 438 1.59 -17.14 23.56
C ILE G 438 2.19 -17.51 24.88
N GLN G 439 2.32 -16.52 25.74
CA GLN G 439 2.95 -16.71 27.03
C GLN G 439 2.11 -17.52 27.98
N GLY G 440 2.78 -18.44 28.67
CA GLY G 440 2.12 -19.29 29.67
C GLY G 440 1.77 -20.64 29.07
N LYS G 441 1.19 -21.52 29.89
CA LYS G 441 0.85 -22.85 29.40
C LYS G 441 -0.52 -22.81 28.75
N ILE G 442 -0.72 -23.67 27.75
CA ILE G 442 -2.00 -23.73 27.06
C ILE G 442 -2.73 -25.03 27.15
N ARG G 443 -4.00 -24.93 27.48
CA ARG G 443 -4.85 -26.10 27.52
C ARG G 443 -6.21 -25.79 26.94
N CYS G 444 -6.75 -26.73 26.16
CA CYS G 444 -8.10 -26.60 25.64
C CYS G 444 -8.79 -27.95 25.52
N VAL G 445 -10.09 -27.96 25.74
CA VAL G 445 -10.84 -29.18 25.61
C VAL G 445 -11.81 -29.09 24.49
N SER G 446 -11.67 -29.96 23.51
CA SER G 446 -12.55 -29.91 22.36
C SER G 446 -13.39 -31.15 22.23
N ASN G 447 -14.47 -31.02 21.49
CA ASN G 447 -15.37 -32.14 21.23
C ASN G 447 -15.21 -32.70 19.84
N ILE G 448 -14.86 -33.97 19.73
CA ILE G 448 -14.81 -34.54 18.40
C ILE G 448 -16.26 -34.85 18.10
N THR G 449 -16.79 -34.26 17.03
CA THR G 449 -18.18 -34.43 16.66
C THR G 449 -18.35 -35.13 15.33
N GLY G 450 -17.23 -35.43 14.71
CA GLY G 450 -17.26 -36.08 13.41
C GLY G 450 -15.87 -36.36 12.86
N LEU G 451 -15.85 -37.14 11.82
CA LEU G 451 -14.63 -37.57 11.15
C LEU G 451 -14.65 -37.33 9.66
N LEU G 452 -13.50 -37.07 9.06
CA LEU G 452 -13.45 -37.05 7.60
C LEU G 452 -12.64 -38.24 7.13
N LEU G 453 -13.28 -39.18 6.42
CA LEU G 453 -12.61 -40.37 5.95
C LEU G 453 -12.53 -40.46 4.43
N THR G 454 -11.49 -41.09 3.92
CA THR G 454 -11.33 -41.32 2.49
C THR G 454 -11.04 -42.80 2.21
N ARG G 455 -11.67 -43.35 1.17
CA ARG G 455 -11.39 -44.74 0.77
C ARG G 455 -10.19 -44.86 -0.13
N ASP G 456 -9.37 -45.86 0.14
CA ASP G 456 -8.24 -46.11 -0.73
C ASP G 456 -8.74 -46.90 -1.94
N GLY G 457 -7.99 -46.84 -3.01
CA GLY G 457 -8.32 -47.57 -4.23
C GLY G 457 -8.90 -48.94 -3.90
N THR G 465 -11.65 -56.52 1.42
CA THR G 465 -11.29 -55.64 2.52
C THR G 465 -11.27 -54.19 2.09
N GLU G 466 -12.01 -53.36 2.81
CA GLU G 466 -12.08 -51.93 2.51
C GLU G 466 -11.09 -51.17 3.35
N THR G 467 -10.44 -50.19 2.76
CA THR G 467 -9.46 -49.41 3.50
C THR G 467 -9.86 -47.97 3.64
N PHE G 468 -9.86 -47.48 4.88
CA PHE G 468 -10.20 -46.11 5.12
C PHE G 468 -9.07 -45.39 5.81
N ARG G 469 -8.84 -44.17 5.39
CA ARG G 469 -7.83 -43.33 5.99
C ARG G 469 -8.46 -42.00 6.33
N PRO G 470 -8.03 -41.32 7.38
CA PRO G 470 -8.53 -40.02 7.75
C PRO G 470 -7.99 -39.03 6.78
N GLY G 471 -8.68 -37.93 6.57
CA GLY G 471 -8.08 -36.88 5.76
C GLY G 471 -9.02 -35.99 5.00
N GLY G 472 -8.41 -35.08 4.26
CA GLY G 472 -9.05 -34.05 3.46
C GLY G 472 -8.77 -32.69 4.09
N GLY G 473 -7.95 -31.89 3.41
CA GLY G 473 -7.56 -30.57 3.89
C GLY G 473 -8.35 -29.44 3.24
N ASP G 474 -9.41 -29.81 2.52
CA ASP G 474 -10.25 -28.84 1.82
C ASP G 474 -11.34 -28.42 2.76
N MET G 475 -11.28 -27.18 3.20
CA MET G 475 -12.17 -26.65 4.20
C MET G 475 -13.62 -26.68 3.85
N ARG G 476 -13.95 -26.78 2.59
CA ARG G 476 -15.35 -26.80 2.28
C ARG G 476 -16.00 -28.04 2.86
N ASP G 477 -15.24 -29.12 3.09
CA ASP G 477 -15.85 -30.31 3.63
C ASP G 477 -16.17 -30.14 5.08
N ASN G 478 -15.59 -29.15 5.75
CA ASN G 478 -15.93 -28.99 7.15
C ASN G 478 -17.21 -28.22 7.21
N TRP G 479 -17.35 -27.24 6.33
CA TRP G 479 -18.54 -26.41 6.35
C TRP G 479 -19.76 -27.12 5.82
N ARG G 480 -19.56 -28.10 4.96
CA ARG G 480 -20.68 -28.88 4.48
C ARG G 480 -21.30 -29.67 5.61
N SER G 481 -20.57 -29.91 6.71
CA SER G 481 -21.12 -30.71 7.79
C SER G 481 -22.12 -29.92 8.64
N GLU G 482 -22.14 -28.58 8.51
CA GLU G 482 -23.07 -27.77 9.26
C GLU G 482 -24.17 -27.21 8.36
N LEU G 483 -23.85 -26.96 7.11
CA LEU G 483 -24.78 -26.38 6.16
C LEU G 483 -25.61 -27.39 5.39
N TYR G 484 -25.47 -28.66 5.70
CA TYR G 484 -26.18 -29.71 4.97
C TYR G 484 -27.69 -29.63 5.11
N LYS G 485 -28.16 -28.97 6.16
CA LYS G 485 -29.58 -28.87 6.39
C LYS G 485 -30.21 -27.71 5.67
N TYR G 486 -29.42 -26.81 5.09
CA TYR G 486 -30.05 -25.62 4.54
C TYR G 486 -30.03 -25.50 3.05
N LYS G 487 -31.11 -24.96 2.52
CA LYS G 487 -31.23 -24.70 1.11
C LYS G 487 -31.75 -23.29 0.86
N VAL G 488 -31.25 -22.62 -0.17
CA VAL G 488 -31.74 -21.29 -0.49
C VAL G 488 -32.65 -21.30 -1.69
N VAL G 489 -33.83 -20.71 -1.53
CA VAL G 489 -34.76 -20.66 -2.64
C VAL G 489 -35.19 -19.23 -2.87
N LYS G 490 -35.63 -18.95 -4.09
CA LYS G 490 -36.12 -17.64 -4.49
C LYS G 490 -37.61 -17.65 -4.57
N ILE G 491 -38.25 -16.62 -4.07
CA ILE G 491 -39.68 -16.57 -4.09
C ILE G 491 -40.15 -16.04 -5.42
N GLU G 492 -41.13 -16.74 -6.00
CA GLU G 492 -41.71 -16.39 -7.27
C GLU G 492 -43.18 -16.08 -7.05
N PRO G 493 -43.52 -14.85 -6.64
CA PRO G 493 -44.81 -14.44 -6.13
C PRO G 493 -45.91 -14.33 -7.15
N LEU G 494 -45.62 -14.37 -8.44
CA LEU G 494 -46.67 -14.16 -9.40
C LEU G 494 -47.16 -15.45 -10.03
N GLY G 495 -48.48 -15.60 -10.14
CA GLY G 495 -49.02 -16.77 -10.82
C GLY G 495 -50.48 -16.57 -11.17
N VAL G 496 -51.02 -17.50 -11.93
CA VAL G 496 -52.41 -17.39 -12.38
C VAL G 496 -53.16 -18.66 -12.12
N ALA G 497 -54.49 -18.56 -12.08
CA ALA G 497 -55.37 -19.71 -11.94
C ALA G 497 -56.77 -19.33 -12.44
N PRO G 498 -57.61 -20.25 -12.93
CA PRO G 498 -58.98 -19.96 -13.32
C PRO G 498 -59.89 -19.70 -12.15
N THR G 499 -60.71 -18.68 -12.27
CA THR G 499 -61.72 -18.30 -11.30
C THR G 499 -63.01 -17.97 -12.01
N ARG G 500 -64.09 -17.77 -11.26
CA ARG G 500 -65.36 -17.43 -11.89
C ARG G 500 -65.65 -15.94 -12.05
N CYS G 501 -64.72 -15.09 -11.65
CA CYS G 501 -64.89 -13.64 -11.75
C CYS G 501 -64.68 -13.19 -13.17
N LYS G 502 -65.19 -12.02 -13.52
CA LYS G 502 -64.90 -11.43 -14.81
C LYS G 502 -64.60 -9.96 -14.58
N ARG G 503 -63.58 -9.41 -15.21
CA ARG G 503 -63.30 -8.01 -15.02
C ARG G 503 -64.50 -7.18 -15.44
N PHE G 526 -53.25 -16.33 10.50
CA PHE G 526 -51.88 -15.95 10.21
C PHE G 526 -50.91 -17.07 10.50
N LEU G 527 -50.28 -17.58 9.46
CA LEU G 527 -49.33 -18.67 9.62
C LEU G 527 -47.88 -18.17 9.63
N GLY G 528 -47.63 -17.06 8.95
CA GLY G 528 -46.28 -16.54 8.79
C GLY G 528 -45.80 -16.80 7.38
N PHE G 529 -44.61 -16.29 7.06
CA PHE G 529 -44.08 -16.38 5.71
C PHE G 529 -43.96 -17.79 5.23
N LEU G 530 -44.57 -18.06 4.08
CA LEU G 530 -44.66 -19.37 3.44
C LEU G 530 -45.38 -20.37 4.30
N GLY G 531 -46.05 -19.95 5.35
CA GLY G 531 -46.75 -20.88 6.21
C GLY G 531 -47.83 -21.61 5.45
N ALA G 532 -48.36 -20.95 4.44
CA ALA G 532 -49.42 -21.47 3.61
C ALA G 532 -48.88 -22.30 2.47
N ALA G 533 -47.58 -22.52 2.40
CA ALA G 533 -47.01 -23.27 1.30
C ALA G 533 -47.64 -24.64 1.16
N GLY G 534 -48.03 -25.26 2.26
CA GLY G 534 -48.66 -26.57 2.20
C GLY G 534 -50.18 -26.53 2.14
N SER G 535 -50.76 -25.34 2.10
CA SER G 535 -52.20 -25.19 2.10
C SER G 535 -52.70 -25.29 0.70
N THR G 536 -53.99 -25.51 0.56
CA THR G 536 -54.53 -25.58 -0.77
C THR G 536 -54.63 -24.19 -1.33
N MET G 537 -54.81 -24.10 -2.63
CA MET G 537 -54.85 -22.81 -3.29
C MET G 537 -55.92 -21.89 -2.74
N GLY G 538 -57.08 -22.43 -2.39
CA GLY G 538 -58.18 -21.63 -1.90
C GLY G 538 -57.97 -21.10 -0.49
N ALA G 539 -56.95 -21.60 0.20
CA ALA G 539 -56.64 -21.16 1.54
C ALA G 539 -55.41 -20.28 1.51
N ALA G 540 -54.46 -20.63 0.64
CA ALA G 540 -53.21 -19.92 0.52
C ALA G 540 -53.40 -18.54 -0.08
N SER G 541 -54.44 -18.38 -0.89
CA SER G 541 -54.75 -17.11 -1.52
C SER G 541 -55.17 -16.07 -0.49
N MET G 542 -55.48 -16.49 0.73
CA MET G 542 -55.89 -15.54 1.75
C MET G 542 -54.73 -14.96 2.54
N THR G 543 -53.50 -15.38 2.25
CA THR G 543 -52.33 -14.89 2.96
C THR G 543 -51.30 -14.36 1.98
N LEU G 544 -51.73 -13.56 0.98
CA LEU G 544 -50.83 -13.06 -0.05
C LEU G 544 -49.99 -11.89 0.43
N THR G 545 -50.50 -11.12 1.39
CA THR G 545 -49.78 -9.95 1.88
C THR G 545 -48.54 -10.38 2.61
N VAL G 546 -48.56 -11.56 3.16
CA VAL G 546 -47.44 -12.03 3.93
C VAL G 546 -46.20 -12.17 3.06
N GLN G 547 -46.35 -12.72 1.85
CA GLN G 547 -45.21 -12.87 0.97
C GLN G 547 -44.92 -11.57 0.24
N ALA G 548 -45.92 -10.80 -0.13
CA ALA G 548 -45.64 -9.57 -0.87
C ALA G 548 -44.76 -8.63 -0.05
N ARG G 549 -44.95 -8.60 1.26
CA ARG G 549 -44.18 -7.74 2.14
C ARG G 549 -42.72 -8.16 2.27
N ASN G 550 -42.42 -9.40 1.91
CA ASN G 550 -41.08 -9.94 2.05
C ASN G 550 -40.31 -9.83 0.77
N LEU G 551 -40.86 -9.09 -0.19
CA LEU G 551 -40.13 -8.83 -1.42
C LEU G 551 -39.34 -7.56 -1.21
N LEU G 552 -39.82 -6.67 -0.34
CA LEU G 552 -39.09 -5.44 -0.07
C LEU G 552 -38.27 -5.54 1.19
N SER G 553 -38.79 -6.19 2.23
CA SER G 553 -38.09 -6.32 3.52
C SER G 553 -36.75 -5.59 3.58
N GLY G 566 -21.19 -3.15 2.28
CA GLY G 566 -20.21 -3.14 1.20
C GLY G 566 -20.88 -3.30 -0.15
N ILE G 567 -20.08 -3.50 -1.20
CA ILE G 567 -20.65 -3.63 -2.52
C ILE G 567 -21.53 -4.84 -2.66
N LYS G 568 -21.14 -5.99 -2.12
CA LYS G 568 -22.00 -7.13 -2.35
C LYS G 568 -23.41 -6.92 -1.78
N GLN G 569 -23.54 -6.14 -0.70
CA GLN G 569 -24.86 -5.91 -0.17
C GLN G 569 -25.58 -4.83 -0.94
N LEU G 570 -24.88 -3.82 -1.45
CA LEU G 570 -25.58 -2.85 -2.25
C LEU G 570 -26.05 -3.50 -3.52
N GLN G 571 -25.28 -4.41 -4.10
CA GLN G 571 -25.76 -5.01 -5.32
C GLN G 571 -27.00 -5.83 -5.03
N ALA G 572 -27.02 -6.55 -3.91
CA ALA G 572 -28.18 -7.33 -3.57
C ALA G 572 -29.40 -6.47 -3.31
N ARG G 573 -29.22 -5.32 -2.68
CA ARG G 573 -30.33 -4.43 -2.36
C ARG G 573 -30.80 -3.63 -3.55
N VAL G 574 -29.92 -3.27 -4.46
CA VAL G 574 -30.39 -2.57 -5.62
C VAL G 574 -31.17 -3.54 -6.47
N LEU G 575 -30.64 -4.75 -6.64
CA LEU G 575 -31.31 -5.75 -7.45
C LEU G 575 -32.65 -6.14 -6.86
N ALA G 576 -32.74 -6.22 -5.54
CA ALA G 576 -33.97 -6.55 -4.86
C ALA G 576 -35.07 -5.56 -5.18
N VAL G 577 -34.71 -4.30 -5.46
CA VAL G 577 -35.68 -3.30 -5.80
C VAL G 577 -36.00 -3.42 -7.27
N GLU G 578 -35.00 -3.58 -8.10
CA GLU G 578 -35.28 -3.63 -9.52
C GLU G 578 -36.21 -4.79 -9.86
N ARG G 579 -36.06 -5.94 -9.20
CA ARG G 579 -36.94 -7.06 -9.50
C ARG G 579 -38.34 -6.87 -8.94
N TYR G 580 -38.53 -5.91 -8.05
CA TYR G 580 -39.84 -5.62 -7.49
C TYR G 580 -40.55 -4.73 -8.44
N LEU G 581 -39.83 -3.72 -8.92
CA LEU G 581 -40.41 -2.76 -9.81
C LEU G 581 -40.78 -3.40 -11.12
N ARG G 582 -40.00 -4.37 -11.59
CA ARG G 582 -40.36 -5.03 -12.82
C ARG G 582 -41.69 -5.77 -12.70
N ASP G 583 -41.98 -6.36 -11.53
CA ASP G 583 -43.25 -7.06 -11.39
C ASP G 583 -44.36 -6.06 -11.27
N GLN G 584 -44.12 -4.93 -10.63
CA GLN G 584 -45.17 -3.94 -10.53
C GLN G 584 -45.44 -3.32 -11.89
N GLN G 585 -44.40 -3.15 -12.71
CA GLN G 585 -44.61 -2.60 -14.04
C GLN G 585 -45.43 -3.57 -14.85
N LEU G 586 -45.17 -4.87 -14.72
CA LEU G 586 -45.92 -5.86 -15.46
C LEU G 586 -47.37 -5.85 -15.07
N LEU G 587 -47.65 -5.76 -13.77
CA LEU G 587 -49.03 -5.74 -13.37
C LEU G 587 -49.66 -4.46 -13.87
N GLY G 588 -48.97 -3.33 -13.85
CA GLY G 588 -49.60 -2.12 -14.36
C GLY G 588 -49.97 -2.25 -15.83
N ILE G 589 -49.14 -2.93 -16.61
CA ILE G 589 -49.41 -3.16 -18.01
C ILE G 589 -50.61 -4.06 -18.21
N TRP G 590 -50.72 -5.14 -17.45
CA TRP G 590 -51.87 -6.04 -17.54
C TRP G 590 -53.17 -5.43 -17.00
N GLY G 591 -53.02 -4.56 -16.02
CA GLY G 591 -54.11 -3.90 -15.34
C GLY G 591 -53.98 -4.29 -13.89
N CYS G 592 -54.69 -3.61 -13.01
CA CYS G 592 -54.62 -3.86 -11.58
C CYS G 592 -53.25 -3.52 -10.99
N SER G 593 -52.75 -2.33 -11.25
CA SER G 593 -51.44 -1.98 -10.73
C SER G 593 -51.35 -2.02 -9.22
N GLY G 594 -52.45 -1.79 -8.54
CA GLY G 594 -52.46 -1.79 -7.08
C GLY G 594 -53.06 -3.03 -6.44
N LYS G 595 -53.31 -4.11 -7.18
CA LYS G 595 -54.00 -5.20 -6.51
C LYS G 595 -53.18 -6.47 -6.36
N LEU G 596 -53.44 -7.20 -5.28
CA LEU G 596 -52.82 -8.51 -5.12
C LEU G 596 -53.63 -9.56 -5.86
N ILE G 597 -54.94 -9.35 -5.98
CA ILE G 597 -55.75 -10.28 -6.75
C ILE G 597 -56.40 -9.52 -7.88
N CYS G 598 -56.07 -9.89 -9.09
CA CYS G 598 -56.53 -9.19 -10.27
C CYS G 598 -57.32 -10.03 -11.25
N CYS G 599 -58.56 -9.67 -11.44
CA CYS G 599 -59.39 -10.45 -12.33
C CYS G 599 -59.20 -9.91 -13.74
N THR G 600 -58.98 -10.78 -14.74
CA THR G 600 -58.77 -10.33 -16.13
C THR G 600 -59.91 -10.80 -17.02
N ASN G 601 -59.85 -10.39 -18.30
CA ASN G 601 -60.83 -10.79 -19.31
C ASN G 601 -60.37 -11.88 -20.23
N VAL G 602 -59.31 -12.60 -19.87
CA VAL G 602 -58.87 -13.69 -20.71
C VAL G 602 -59.64 -14.92 -20.28
N PRO G 603 -60.38 -15.61 -21.14
CA PRO G 603 -61.13 -16.78 -20.80
C PRO G 603 -60.15 -17.90 -20.53
N TRP G 604 -60.50 -18.81 -19.67
CA TRP G 604 -59.62 -19.93 -19.40
C TRP G 604 -59.75 -21.00 -20.45
N ASN G 605 -58.62 -21.47 -20.93
CA ASN G 605 -58.56 -22.56 -21.89
C ASN G 605 -58.45 -23.90 -21.19
N SER G 606 -59.43 -24.77 -21.40
CA SER G 606 -59.43 -26.08 -20.77
C SER G 606 -58.24 -26.92 -21.23
N SER G 607 -57.61 -26.51 -22.33
CA SER G 607 -56.44 -27.18 -22.82
C SER G 607 -55.22 -26.87 -21.96
N TRP G 608 -55.21 -25.76 -21.22
CA TRP G 608 -54.10 -25.42 -20.34
C TRP G 608 -54.25 -26.30 -19.12
N SER G 609 -55.49 -26.43 -18.70
CA SER G 609 -55.89 -27.27 -17.60
C SER G 609 -57.34 -27.56 -17.63
N ASN G 610 -57.68 -28.84 -17.52
CA ASN G 610 -59.05 -29.28 -17.53
C ASN G 610 -59.52 -29.77 -16.18
N LYS G 611 -58.87 -29.30 -15.12
CA LYS G 611 -59.28 -29.66 -13.77
C LYS G 611 -60.46 -28.78 -13.37
N SER G 612 -61.34 -29.32 -12.54
CA SER G 612 -62.50 -28.56 -12.10
C SER G 612 -62.10 -27.54 -11.08
N GLN G 613 -63.02 -26.62 -10.80
CA GLN G 613 -62.80 -25.60 -9.79
C GLN G 613 -62.56 -26.16 -8.41
N ASP G 614 -63.16 -27.28 -8.07
CA ASP G 614 -62.94 -27.78 -6.74
C ASP G 614 -61.61 -28.49 -6.71
N GLU G 615 -61.25 -29.17 -7.79
CA GLU G 615 -59.96 -29.85 -7.79
C GLU G 615 -58.82 -28.84 -7.65
N ILE G 616 -58.96 -27.69 -8.30
CA ILE G 616 -57.94 -26.67 -8.27
C ILE G 616 -57.92 -25.92 -6.96
N TRP G 617 -59.07 -25.48 -6.46
CA TRP G 617 -59.04 -24.67 -5.27
C TRP G 617 -59.08 -25.42 -3.94
N ASP G 618 -59.68 -26.62 -3.87
CA ASP G 618 -59.75 -27.34 -2.60
C ASP G 618 -58.71 -28.44 -2.40
N ASN G 619 -58.16 -29.00 -3.47
CA ASN G 619 -57.22 -30.09 -3.30
C ASN G 619 -55.77 -29.69 -3.57
N MET G 620 -55.53 -29.01 -4.67
CA MET G 620 -54.17 -28.63 -5.04
C MET G 620 -53.59 -27.50 -4.26
N THR G 621 -52.25 -27.50 -4.17
CA THR G 621 -51.47 -26.42 -3.58
C THR G 621 -50.94 -25.55 -4.71
N TRP G 622 -50.41 -24.36 -4.40
CA TRP G 622 -49.88 -23.51 -5.45
C TRP G 622 -48.63 -24.07 -6.07
N MET G 623 -47.87 -24.82 -5.29
CA MET G 623 -46.64 -25.39 -5.81
C MET G 623 -46.93 -26.44 -6.87
N GLU G 624 -48.02 -27.19 -6.70
CA GLU G 624 -48.36 -28.20 -7.69
C GLU G 624 -48.97 -27.56 -8.91
N TRP G 625 -49.75 -26.51 -8.71
CA TRP G 625 -50.39 -25.79 -9.79
C TRP G 625 -49.35 -25.19 -10.69
N ASP G 626 -48.31 -24.65 -10.09
CA ASP G 626 -47.25 -24.05 -10.86
C ASP G 626 -46.67 -25.07 -11.83
N LYS G 627 -46.58 -26.33 -11.43
CA LYS G 627 -46.05 -27.33 -12.33
C LYS G 627 -47.07 -27.68 -13.42
N GLU G 628 -48.34 -27.78 -13.06
CA GLU G 628 -49.36 -28.20 -14.03
C GLU G 628 -49.49 -27.26 -15.20
N ILE G 629 -49.33 -25.96 -14.98
CA ILE G 629 -49.45 -25.04 -16.09
C ILE G 629 -48.13 -24.38 -16.42
N ASN G 630 -47.01 -24.99 -16.05
CA ASN G 630 -45.71 -24.42 -16.29
C ASN G 630 -45.43 -24.14 -17.75
N ASN G 631 -46.00 -24.94 -18.64
CA ASN G 631 -45.72 -24.78 -20.05
C ASN G 631 -46.66 -23.79 -20.73
N TYR G 632 -47.59 -23.21 -19.98
CA TYR G 632 -48.52 -22.29 -20.58
C TYR G 632 -48.41 -20.88 -20.05
N THR G 633 -47.46 -20.58 -19.17
CA THR G 633 -47.48 -19.25 -18.61
C THR G 633 -47.03 -18.18 -19.57
N ASP G 634 -46.31 -18.52 -20.62
CA ASP G 634 -45.91 -17.47 -21.54
C ASP G 634 -47.09 -17.16 -22.45
N ILE G 635 -47.91 -18.16 -22.71
CA ILE G 635 -49.08 -17.95 -23.54
C ILE G 635 -50.07 -17.13 -22.78
N ILE G 636 -50.29 -17.48 -21.52
CA ILE G 636 -51.25 -16.79 -20.72
C ILE G 636 -50.82 -15.36 -20.52
N TYR G 637 -49.55 -15.12 -20.21
CA TYR G 637 -49.14 -13.76 -19.97
C TYR G 637 -49.31 -12.91 -21.22
N SER G 638 -49.02 -13.46 -22.40
CA SER G 638 -49.22 -12.66 -23.60
C SER G 638 -50.69 -12.35 -23.81
N LEU G 639 -51.57 -13.30 -23.55
CA LEU G 639 -52.99 -13.04 -23.73
C LEU G 639 -53.50 -11.99 -22.78
N ILE G 640 -52.98 -11.97 -21.55
CA ILE G 640 -53.44 -10.98 -20.60
C ILE G 640 -53.07 -9.60 -21.09
N GLU G 641 -51.83 -9.43 -21.56
CA GLU G 641 -51.43 -8.13 -22.06
C GLU G 641 -52.15 -7.73 -23.34
N GLU G 642 -52.29 -8.65 -24.29
CA GLU G 642 -52.93 -8.32 -25.55
C GLU G 642 -54.36 -7.91 -25.35
N SER G 643 -55.03 -8.52 -24.39
CA SER G 643 -56.42 -8.23 -24.12
C SER G 643 -56.61 -6.91 -23.39
N GLN G 644 -55.54 -6.32 -22.86
CA GLN G 644 -55.63 -5.05 -22.16
C GLN G 644 -55.59 -3.92 -23.17
N ASN G 645 -54.90 -4.16 -24.28
CA ASN G 645 -54.75 -3.16 -25.32
C ASN G 645 -56.01 -3.03 -26.16
N GLN G 646 -56.96 -3.92 -25.95
CA GLN G 646 -58.22 -3.95 -26.65
C GLN G 646 -59.33 -3.39 -25.78
N ALA H 1 37.68 -22.57 45.64
CA ALA H 1 36.50 -23.30 45.26
C ALA H 1 35.43 -23.40 46.37
N PRO H 2 35.75 -23.76 47.64
CA PRO H 2 34.78 -23.93 48.70
C PRO H 2 34.21 -22.63 49.26
N THR H 3 33.02 -22.77 49.81
CA THR H 3 32.30 -21.74 50.56
C THR H 3 32.33 -22.15 52.03
N PHE H 4 32.29 -21.19 52.94
CA PHE H 4 32.25 -21.55 54.35
C PHE H 4 31.07 -20.93 55.05
N VAL H 5 30.53 -21.66 56.01
CA VAL H 5 29.51 -21.13 56.90
C VAL H 5 29.93 -21.44 58.31
N SER H 6 29.44 -20.68 59.28
CA SER H 6 29.77 -20.93 60.68
C SER H 6 28.52 -20.82 61.50
N VAL H 7 28.18 -21.93 62.13
CA VAL H 7 26.95 -22.07 62.87
C VAL H 7 27.21 -22.55 64.30
N ALA H 8 26.63 -21.89 65.28
CA ALA H 8 26.83 -22.35 66.64
C ALA H 8 26.04 -23.63 66.80
N PRO H 9 26.45 -24.57 67.63
CA PRO H 9 25.69 -25.77 67.82
C PRO H 9 24.33 -25.36 68.32
N GLY H 10 23.32 -26.00 67.77
CA GLY H 10 21.93 -25.75 68.10
C GLY H 10 21.27 -24.80 67.08
N GLN H 11 22.06 -24.13 66.26
CA GLN H 11 21.55 -23.22 65.25
C GLN H 11 21.34 -23.96 63.94
N THR H 12 20.56 -23.38 63.04
CA THR H 12 20.31 -23.99 61.73
C THR H 12 21.30 -23.50 60.67
N ALA H 13 21.88 -24.44 59.93
CA ALA H 13 22.80 -24.09 58.86
C ALA H 13 22.10 -24.05 57.52
N ARG H 14 22.52 -23.16 56.66
CA ARG H 14 21.98 -23.18 55.31
C ARG H 14 23.10 -23.29 54.30
N ILE H 15 23.10 -24.41 53.59
CA ILE H 15 24.11 -24.70 52.61
C ILE H 15 23.56 -24.67 51.20
N THR H 16 24.17 -23.89 50.35
CA THR H 16 23.70 -23.84 48.98
C THR H 16 24.73 -24.43 48.06
N CYS H 17 24.29 -24.83 46.87
CA CYS H 17 25.20 -25.46 45.92
C CYS H 17 24.69 -25.42 44.48
N GLY H 18 25.59 -25.21 43.55
CA GLY H 18 25.25 -25.27 42.14
C GLY H 18 24.71 -23.98 41.55
N GLU H 19 24.30 -24.09 40.29
CA GLU H 19 23.79 -23.02 39.46
C GLU H 19 22.29 -23.00 39.53
N GLU H 20 21.67 -22.07 38.83
CA GLU H 20 20.23 -22.04 38.82
C GLU H 20 19.60 -23.22 38.08
N SER H 21 18.52 -23.72 38.64
CA SER H 21 17.71 -24.81 38.09
C SER H 21 17.13 -24.44 36.75
N LEU H 22 17.21 -25.34 35.75
CA LEU H 22 16.59 -25.03 34.48
C LEU H 22 15.34 -25.81 34.30
N GLY H 23 15.40 -27.06 34.69
CA GLY H 23 14.29 -27.98 34.53
C GLY H 23 14.11 -28.79 35.79
N SER H 24 13.38 -29.87 35.70
CA SER H 24 13.17 -30.67 36.87
C SER H 24 14.50 -31.22 37.31
N ARG H 25 14.71 -31.26 38.62
CA ARG H 25 15.98 -31.74 39.13
C ARG H 25 15.87 -32.81 40.17
N SER H 26 16.96 -33.53 40.32
CA SER H 26 17.13 -34.53 41.35
C SER H 26 18.47 -34.27 41.98
N VAL H 27 18.46 -33.57 43.10
CA VAL H 27 19.68 -33.18 43.77
C VAL H 27 20.08 -34.18 44.83
N ILE H 28 21.33 -34.59 44.79
CA ILE H 28 21.86 -35.55 45.74
C ILE H 28 22.91 -34.91 46.64
N TRP H 29 22.75 -35.00 47.96
CA TRP H 29 23.71 -34.38 48.86
C TRP H 29 24.56 -35.37 49.60
N TYR H 30 25.86 -35.06 49.71
CA TYR H 30 26.83 -35.86 50.43
C TYR H 30 27.56 -35.10 51.54
N GLN H 31 27.90 -35.81 52.62
CA GLN H 31 28.63 -35.26 53.76
C GLN H 31 29.99 -35.89 53.92
N GLN H 32 31.04 -35.08 53.95
CA GLN H 32 32.38 -35.63 54.07
C GLN H 32 33.18 -35.21 55.28
N ARG H 33 33.45 -36.18 56.12
CA ARG H 33 34.22 -35.95 57.31
C ARG H 33 35.67 -35.92 56.87
N PRO H 34 36.52 -34.99 57.33
CA PRO H 34 37.91 -34.96 56.93
C PRO H 34 38.55 -36.31 57.20
N GLY H 35 39.30 -36.81 56.21
CA GLY H 35 40.00 -38.08 56.30
C GLY H 35 39.15 -39.31 55.95
N GLN H 36 37.88 -39.09 55.64
CA GLN H 36 36.97 -40.18 55.34
C GLN H 36 36.28 -40.04 53.99
N ALA H 37 35.81 -41.17 53.46
CA ALA H 37 35.01 -41.16 52.24
C ALA H 37 33.72 -40.42 52.56
N PRO H 38 33.10 -39.74 51.62
CA PRO H 38 31.84 -39.06 51.76
C PRO H 38 30.74 -40.07 51.87
N SER H 39 29.61 -39.68 52.44
CA SER H 39 28.46 -40.55 52.48
C SER H 39 27.21 -39.79 52.10
N LEU H 40 26.18 -40.52 51.71
CA LEU H 40 24.93 -39.94 51.26
C LEU H 40 24.02 -39.47 52.37
N ILE H 41 23.53 -38.24 52.25
CA ILE H 41 22.60 -37.66 53.20
C ILE H 41 21.21 -37.61 52.58
N ILE H 42 21.12 -37.05 51.39
CA ILE H 42 19.83 -36.94 50.69
C ILE H 42 19.90 -37.36 49.24
N TYR H 43 18.95 -38.15 48.78
CA TYR H 43 18.88 -38.43 47.37
C TYR H 43 17.52 -37.96 46.87
N ASN H 44 17.41 -37.66 45.59
CA ASN H 44 16.13 -37.23 45.06
C ASN H 44 15.52 -36.03 45.79
N ASN H 45 16.33 -35.01 46.08
CA ASN H 45 15.90 -33.74 46.70
C ASN H 45 15.57 -33.85 48.19
N ASN H 46 14.64 -34.73 48.58
CA ASN H 46 14.32 -34.93 50.01
C ASN H 46 14.16 -36.35 50.53
N ASP H 47 14.73 -37.36 49.89
CA ASP H 47 14.57 -38.69 50.42
C ASP H 47 15.83 -39.11 51.13
N ARG H 48 15.80 -39.17 52.45
CA ARG H 48 17.02 -39.51 53.14
C ARG H 48 17.08 -41.02 53.32
N PRO H 49 18.24 -41.67 53.25
CA PRO H 49 18.44 -43.07 53.49
C PRO H 49 18.39 -43.34 54.97
N SER H 50 18.15 -44.58 55.35
CA SER H 50 18.13 -44.93 56.75
C SER H 50 19.46 -44.61 57.39
N GLY H 51 19.39 -44.10 58.62
CA GLY H 51 20.56 -43.72 59.40
C GLY H 51 20.75 -42.21 59.42
N ILE H 52 20.07 -41.51 58.52
CA ILE H 52 20.14 -40.06 58.48
C ILE H 52 18.93 -39.50 59.22
N PRO H 53 19.12 -38.58 60.18
CA PRO H 53 18.09 -37.97 60.98
C PRO H 53 17.29 -36.97 60.17
N ASP H 54 16.18 -36.55 60.75
CA ASP H 54 15.24 -35.63 60.13
C ASP H 54 15.68 -34.19 60.23
N ARG H 55 16.88 -33.99 60.74
CA ARG H 55 17.45 -32.69 60.83
C ARG H 55 17.98 -32.26 59.46
N PHE H 56 18.09 -33.22 58.52
CA PHE H 56 18.58 -32.89 57.17
C PHE H 56 17.46 -32.91 56.15
N SER H 57 17.26 -31.78 55.48
CA SER H 57 16.21 -31.67 54.45
C SER H 57 16.65 -30.64 53.43
N GLY H 58 15.94 -30.52 52.32
CA GLY H 58 16.36 -29.51 51.36
C GLY H 58 15.25 -29.00 50.45
N SER H 59 15.66 -28.21 49.46
CA SER H 59 14.73 -27.61 48.54
C SER H 59 14.16 -28.67 47.61
N PRO H 60 12.96 -28.47 47.06
CA PRO H 60 12.33 -29.31 46.08
C PRO H 60 13.02 -29.17 44.73
N GLY H 61 12.87 -30.18 43.89
CA GLY H 61 13.40 -30.16 42.53
C GLY H 61 12.37 -29.69 41.53
N SER H 62 11.22 -29.25 42.02
CA SER H 62 10.10 -28.82 41.21
C SER H 62 10.16 -27.38 40.75
N THR H 63 11.08 -26.59 41.28
CA THR H 63 11.14 -25.18 40.94
C THR H 63 12.27 -24.88 39.97
N PHE H 64 12.18 -23.70 39.35
CA PHE H 64 13.17 -23.31 38.38
C PHE H 64 13.72 -21.97 38.80
N GLY H 65 14.97 -21.67 38.44
CA GLY H 65 15.58 -20.38 38.76
C GLY H 65 16.20 -20.35 40.14
N THR H 66 16.10 -21.45 40.88
CA THR H 66 16.62 -21.56 42.23
C THR H 66 17.90 -22.34 42.29
N THR H 67 18.47 -22.45 43.48
CA THR H 67 19.72 -23.18 43.64
C THR H 67 19.53 -24.33 44.61
N ALA H 68 20.43 -25.31 44.61
CA ALA H 68 20.21 -26.39 45.54
C ALA H 68 20.40 -25.86 46.94
N THR H 69 19.54 -26.30 47.85
CA THR H 69 19.69 -25.92 49.25
C THR H 69 19.58 -27.12 50.19
N LEU H 70 20.51 -27.20 51.12
CA LEU H 70 20.50 -28.18 52.20
C LEU H 70 20.34 -27.44 53.52
N THR H 71 19.35 -27.83 54.29
CA THR H 71 19.08 -27.20 55.57
C THR H 71 19.42 -28.17 56.67
N ILE H 72 20.26 -27.73 57.60
CA ILE H 72 20.62 -28.62 58.71
C ILE H 72 20.13 -28.03 60.01
N THR H 73 19.13 -28.68 60.60
CA THR H 73 18.48 -28.23 61.82
C THR H 73 19.33 -28.60 63.02
N SER H 74 19.41 -27.70 64.00
CA SER H 74 20.10 -28.00 65.24
C SER H 74 21.47 -28.61 65.01
N VAL H 75 22.34 -27.88 64.33
CA VAL H 75 23.66 -28.40 63.98
C VAL H 75 24.40 -28.89 65.20
N GLU H 76 24.99 -30.08 65.10
CA GLU H 76 25.74 -30.65 66.21
C GLU H 76 27.22 -30.66 65.90
N ALA H 77 28.04 -31.05 66.88
CA ALA H 77 29.50 -31.17 66.65
C ALA H 77 29.79 -32.21 65.58
N GLY H 78 28.93 -33.22 65.49
CA GLY H 78 29.09 -34.30 64.53
C GLY H 78 28.78 -33.86 63.11
N ASP H 79 28.34 -32.61 62.92
CA ASP H 79 28.04 -32.14 61.59
C ASP H 79 29.18 -31.32 61.02
N GLU H 80 30.31 -31.27 61.74
CA GLU H 80 31.43 -30.53 61.18
C GLU H 80 32.03 -31.40 60.09
N ALA H 81 31.59 -31.12 58.89
CA ALA H 81 31.93 -31.86 57.70
C ALA H 81 31.79 -30.98 56.48
N ASP H 82 32.43 -31.38 55.40
CA ASP H 82 32.24 -30.67 54.15
C ASP H 82 30.95 -31.19 53.53
N TYR H 83 30.33 -30.40 52.69
CA TYR H 83 29.11 -30.85 52.00
C TYR H 83 29.14 -30.60 50.53
N TYR H 84 28.70 -31.60 49.75
CA TYR H 84 28.70 -31.51 48.30
C TYR H 84 27.37 -31.84 47.69
N CYS H 85 27.05 -31.18 46.61
CA CYS H 85 25.85 -31.57 45.90
C CYS H 85 26.25 -32.19 44.58
N HIS H 86 25.46 -33.14 44.15
CA HIS H 86 25.61 -33.72 42.84
C HIS H 86 24.27 -33.49 42.19
N ILE H 87 24.25 -32.68 41.16
CA ILE H 87 22.96 -32.30 40.60
C ILE H 87 22.64 -32.86 39.26
N TRP H 88 21.50 -33.54 39.19
CA TRP H 88 21.00 -34.01 37.93
C TRP H 88 19.93 -32.99 37.52
N ASP H 89 19.89 -32.63 36.26
CA ASP H 89 18.94 -31.63 35.72
C ASP H 89 18.49 -32.05 34.34
N SER H 90 17.19 -32.02 34.08
CA SER H 90 16.62 -32.48 32.83
C SER H 90 17.05 -31.73 31.57
N ARG H 91 17.60 -30.52 31.68
CA ARG H 91 18.06 -29.79 30.50
C ARG H 91 19.57 -29.76 30.41
N ARG H 92 20.25 -29.83 31.53
CA ARG H 92 21.71 -29.84 31.45
C ARG H 92 22.24 -31.26 31.14
N PRO H 93 23.39 -31.43 30.52
CA PRO H 93 24.09 -32.69 30.35
C PRO H 93 24.47 -33.26 31.70
N THR H 94 24.70 -34.55 31.76
CA THR H 94 25.09 -35.19 33.01
C THR H 94 26.33 -34.59 33.59
N ASN H 95 26.25 -34.28 34.87
CA ASN H 95 27.36 -33.75 35.62
C ASN H 95 28.17 -34.87 36.22
N TRP H 96 29.39 -35.02 35.75
CA TRP H 96 30.27 -36.08 36.20
C TRP H 96 31.13 -35.64 37.35
N VAL H 97 31.04 -34.38 37.70
CA VAL H 97 31.85 -33.80 38.74
C VAL H 97 30.90 -33.21 39.77
N PHE H 98 31.17 -33.45 41.02
CA PHE H 98 30.32 -32.95 42.08
C PHE H 98 30.49 -31.45 42.13
N GLY H 99 29.50 -30.73 42.63
CA GLY H 99 29.63 -29.29 42.72
C GLY H 99 30.57 -28.93 43.85
N GLU H 100 31.07 -27.70 43.85
CA GLU H 100 31.96 -27.23 44.89
C GLU H 100 31.22 -27.25 46.19
N GLY H 101 31.88 -27.67 47.25
CA GLY H 101 31.19 -27.78 48.50
C GLY H 101 31.23 -26.57 49.39
N THR H 102 30.53 -26.70 50.50
CA THR H 102 30.45 -25.72 51.54
C THR H 102 30.86 -26.35 52.85
N THR H 103 31.84 -25.78 53.51
CA THR H 103 32.29 -26.36 54.77
C THR H 103 31.48 -25.83 55.91
N LEU H 104 30.99 -26.73 56.74
CA LEU H 104 30.26 -26.31 57.91
C LEU H 104 31.14 -26.32 59.13
N ILE H 105 31.34 -25.14 59.69
CA ILE H 105 32.14 -24.92 60.87
C ILE H 105 31.22 -24.91 62.04
N VAL H 106 31.50 -25.74 63.03
CA VAL H 106 30.64 -25.81 64.19
C VAL H 106 31.40 -25.22 65.35
N LEU H 107 30.79 -24.25 65.99
CA LEU H 107 31.40 -23.49 67.07
C LEU H 107 31.30 -24.14 68.43
N SER H 108 32.02 -23.54 69.38
CA SER H 108 32.03 -23.95 70.78
C SER H 108 32.38 -25.41 71.03
N GLN H 109 33.40 -25.89 70.33
CA GLN H 109 33.83 -27.26 70.54
C GLN H 109 34.29 -27.44 71.97
N GLN I 1 25.17 -56.18 55.65
CA GLN I 1 26.16 -55.11 55.58
C GLN I 1 27.05 -55.27 54.36
N VAL I 2 27.45 -54.16 53.78
CA VAL I 2 28.35 -54.21 52.63
C VAL I 2 29.65 -53.54 52.98
N HIS I 3 30.72 -54.28 52.76
CA HIS I 3 32.03 -53.79 53.06
C HIS I 3 32.90 -53.74 51.84
N LEU I 4 33.50 -52.59 51.61
CA LEU I 4 34.36 -52.43 50.47
C LEU I 4 35.76 -52.07 50.91
N GLN I 5 36.72 -52.90 50.55
CA GLN I 5 38.12 -52.64 50.91
C GLN I 5 38.93 -52.35 49.69
N GLU I 6 39.83 -51.40 49.77
CA GLU I 6 40.61 -51.09 48.59
C GLU I 6 42.10 -51.12 48.77
N SER I 7 42.75 -51.47 47.68
CA SER I 7 44.18 -51.49 47.59
C SER I 7 44.67 -51.07 46.21
N GLY I 8 45.96 -50.76 46.15
CA GLY I 8 46.62 -50.36 44.93
C GLY I 8 48.10 -50.19 45.24
N PRO I 9 48.93 -49.86 44.25
CA PRO I 9 50.38 -49.74 44.36
C PRO I 9 50.87 -48.59 45.22
N GLY I 10 50.00 -47.59 45.46
CA GLY I 10 50.40 -46.42 46.21
C GLY I 10 51.13 -45.46 45.29
N LEU I 11 52.25 -45.93 44.75
CA LEU I 11 53.06 -45.19 43.81
C LEU I 11 53.01 -45.75 42.41
N VAL I 12 52.69 -44.88 41.47
CA VAL I 12 52.65 -45.27 40.08
C VAL I 12 53.52 -44.28 39.30
N LYS I 13 54.20 -44.79 38.29
CA LYS I 13 55.01 -43.95 37.45
C LYS I 13 54.11 -43.18 36.49
N PRO I 14 54.52 -42.01 35.99
CA PRO I 14 53.86 -41.29 34.93
C PRO I 14 53.86 -42.13 33.67
N SER I 15 52.82 -41.96 32.87
CA SER I 15 52.67 -42.64 31.59
C SER I 15 52.76 -44.14 31.74
N GLU I 16 52.08 -44.64 32.77
CA GLU I 16 52.01 -46.03 33.14
C GLU I 16 50.57 -46.35 33.52
N THR I 17 50.20 -47.61 33.46
CA THR I 17 48.84 -47.98 33.82
C THR I 17 48.66 -48.26 35.30
N LEU I 18 47.65 -47.63 35.87
CA LEU I 18 47.28 -47.80 37.25
C LEU I 18 46.17 -48.83 37.37
N SER I 19 46.31 -49.75 38.30
CA SER I 19 45.27 -50.74 38.50
C SER I 19 44.91 -50.86 39.96
N LEU I 20 43.67 -50.49 40.28
CA LEU I 20 43.18 -50.52 41.66
C LEU I 20 42.12 -51.59 41.85
N THR I 21 42.14 -52.23 43.01
CA THR I 21 41.16 -53.28 43.28
C THR I 21 40.33 -53.06 44.53
N CYS I 22 39.04 -53.24 44.34
CA CYS I 22 38.03 -53.15 45.38
C CYS I 22 37.47 -54.52 45.75
N ASN I 23 37.74 -54.94 46.96
CA ASN I 23 37.35 -56.24 47.47
C ASN I 23 35.96 -56.14 48.04
N VAL I 24 34.99 -56.79 47.39
CA VAL I 24 33.62 -56.68 47.82
C VAL I 24 33.23 -57.82 48.73
N SER I 25 32.62 -57.49 49.88
CA SER I 25 32.19 -58.49 50.82
C SER I 25 30.84 -58.16 51.45
N GLY I 26 29.99 -59.19 51.58
CA GLY I 26 28.64 -59.05 52.16
C GLY I 26 27.56 -58.97 51.08
N THR I 27 28.00 -58.85 49.84
CA THR I 27 27.14 -58.76 48.68
C THR I 27 27.93 -59.24 47.48
N LEU I 28 27.24 -59.60 46.43
CA LEU I 28 27.95 -60.00 45.24
C LEU I 28 28.03 -58.89 44.24
N VAL I 29 29.11 -58.91 43.52
CA VAL I 29 29.41 -57.96 42.48
C VAL I 29 28.37 -57.96 41.37
N ARG I 30 27.91 -59.15 41.02
CA ARG I 30 26.96 -59.34 39.93
C ARG I 30 25.59 -58.72 40.21
N ASP I 31 25.29 -58.41 41.47
CA ASP I 31 23.96 -57.91 41.80
C ASP I 31 23.83 -56.41 41.94
N ASN I 32 24.88 -55.63 41.66
CA ASN I 32 24.76 -54.18 41.82
C ASN I 32 25.51 -53.36 40.80
N TYR I 33 25.37 -52.05 40.93
CA TYR I 33 26.11 -51.13 40.08
C TYR I 33 27.29 -50.68 40.86
N TRP I 34 28.41 -50.52 40.19
CA TRP I 34 29.58 -50.05 40.89
C TRP I 34 30.12 -48.78 40.29
N SER I 35 30.61 -47.91 41.15
CA SER I 35 31.23 -46.68 40.68
C SER I 35 32.60 -46.47 41.23
N TRP I 36 33.40 -45.75 40.45
CA TRP I 36 34.70 -45.28 40.89
C TRP I 36 34.68 -43.78 40.95
N ILE I 37 35.21 -43.27 42.03
CA ILE I 37 35.25 -41.86 42.32
C ILE I 37 36.64 -41.45 42.73
N ARG I 38 37.08 -40.26 42.39
CA ARG I 38 38.37 -39.83 42.91
C ARG I 38 38.31 -38.42 43.44
N GLN I 39 39.11 -38.15 44.45
CA GLN I 39 39.15 -36.83 45.04
C GLN I 39 40.56 -36.28 45.17
N PRO I 40 41.01 -35.43 44.25
CA PRO I 40 42.30 -34.79 44.29
C PRO I 40 42.30 -34.03 45.58
N LEU I 41 43.43 -33.98 46.27
CA LEU I 41 43.43 -33.28 47.53
C LEU I 41 43.06 -31.82 47.35
N GLY I 42 42.11 -31.35 48.15
CA GLY I 42 41.66 -29.96 48.12
C GLY I 42 40.51 -29.72 47.15
N LYS I 43 40.11 -30.75 46.41
CA LYS I 43 39.04 -30.65 45.43
C LYS I 43 37.81 -31.46 45.79
N GLN I 44 36.71 -31.12 45.12
CA GLN I 44 35.47 -31.85 45.22
C GLN I 44 35.68 -33.12 44.41
N PRO I 45 35.05 -34.24 44.75
CA PRO I 45 35.19 -35.49 44.05
C PRO I 45 34.61 -35.51 42.63
N GLU I 46 35.26 -36.33 41.82
CA GLU I 46 34.92 -36.63 40.43
C GLU I 46 34.45 -38.06 40.25
N TRP I 47 33.37 -38.24 39.50
CA TRP I 47 32.80 -39.54 39.22
C TRP I 47 33.48 -39.99 37.93
N ILE I 48 34.25 -41.08 38.01
CA ILE I 48 35.04 -41.60 36.90
C ILE I 48 34.20 -42.26 35.86
N GLY I 49 33.26 -43.03 36.34
CA GLY I 49 32.39 -43.84 35.54
C GLY I 49 31.71 -44.84 36.45
N TYR I 50 30.83 -45.62 35.84
CA TYR I 50 30.14 -46.66 36.56
C TYR I 50 30.05 -47.88 35.67
N VAL I 51 30.04 -49.04 36.29
CA VAL I 51 29.98 -50.31 35.60
C VAL I 51 28.98 -51.29 36.19
N HIS I 52 28.35 -52.06 35.33
CA HIS I 52 27.37 -53.04 35.72
C HIS I 52 27.30 -54.13 34.68
N ASP I 53 26.46 -55.11 34.91
CA ASP I 53 26.29 -56.16 33.96
C ASP I 53 25.35 -55.63 32.88
N SER I 54 25.07 -56.47 31.90
CA SER I 54 24.17 -56.17 30.79
C SER I 54 24.66 -55.03 29.91
N GLY I 55 25.93 -54.66 30.04
CA GLY I 55 26.53 -53.62 29.23
C GLY I 55 26.19 -52.23 29.73
N ASP I 56 25.57 -52.11 30.92
CA ASP I 56 25.18 -50.77 31.38
C ASP I 56 26.35 -50.08 32.04
N THR I 57 27.26 -49.60 31.21
CA THR I 57 28.50 -48.97 31.63
C THR I 57 28.73 -47.64 30.92
N ASN I 58 29.15 -46.64 31.67
CA ASN I 58 29.48 -45.33 31.11
C ASN I 58 30.68 -44.72 31.78
N TYR I 59 31.33 -43.83 31.07
CA TYR I 59 32.52 -43.18 31.57
C TYR I 59 32.47 -41.69 31.50
N ASN I 60 33.17 -41.04 32.41
CA ASN I 60 33.36 -39.62 32.37
C ASN I 60 34.02 -39.35 31.05
N PRO I 61 33.47 -38.54 30.16
CA PRO I 61 34.02 -38.28 28.85
C PRO I 61 35.50 -37.92 28.88
N SER I 62 35.99 -37.22 29.92
CA SER I 62 37.41 -36.85 29.93
C SER I 62 38.34 -38.04 30.14
N LEU I 63 37.78 -39.12 30.66
CA LEU I 63 38.51 -40.34 30.92
C LEU I 63 38.01 -41.47 30.02
N LYS I 64 37.15 -41.17 29.07
CA LYS I 64 36.56 -42.26 28.29
C LYS I 64 37.59 -43.10 27.57
N SER I 65 38.64 -42.47 27.06
CA SER I 65 39.67 -43.17 26.31
C SER I 65 40.75 -43.78 27.20
N ARG I 66 40.73 -43.46 28.49
CA ARG I 66 41.77 -43.89 29.41
C ARG I 66 41.32 -44.94 30.42
N VAL I 67 40.02 -44.97 30.69
CA VAL I 67 39.49 -45.85 31.71
C VAL I 67 38.72 -47.03 31.22
N HIS I 68 39.07 -48.16 31.80
CA HIS I 68 38.38 -49.40 31.58
C HIS I 68 37.92 -49.94 32.93
N LEU I 69 36.61 -50.01 33.14
CA LEU I 69 36.09 -50.51 34.40
C LEU I 69 35.62 -51.93 34.20
N SER I 70 35.79 -52.77 35.21
CA SER I 70 35.31 -54.13 35.08
C SER I 70 34.92 -54.79 36.38
N LEU I 71 34.13 -55.85 36.25
CA LEU I 71 33.64 -56.63 37.36
C LEU I 71 34.05 -58.09 37.24
N ASP I 72 34.73 -58.62 38.26
CA ASP I 72 35.18 -60.01 38.28
C ASP I 72 34.24 -60.86 39.11
N LYS I 73 33.29 -61.52 38.44
CA LYS I 73 32.26 -62.26 39.16
C LYS I 73 32.80 -63.42 39.98
N SER I 74 33.83 -64.09 39.45
CA SER I 74 34.38 -65.26 40.12
C SER I 74 35.11 -64.91 41.41
N LYS I 75 35.86 -63.81 41.40
CA LYS I 75 36.58 -63.43 42.61
C LYS I 75 35.81 -62.42 43.44
N ASN I 76 34.67 -61.95 42.92
CA ASN I 76 33.80 -60.98 43.54
C ASN I 76 34.57 -59.68 43.80
N LEU I 77 35.33 -59.28 42.80
CA LEU I 77 36.11 -58.05 42.85
C LEU I 77 35.65 -57.02 41.85
N VAL I 78 35.85 -55.77 42.22
CA VAL I 78 35.55 -54.61 41.38
C VAL I 78 36.86 -53.91 41.06
N SER I 79 37.12 -53.58 39.80
CA SER I 79 38.40 -52.94 39.54
C SER I 79 38.40 -51.83 38.49
N LEU I 80 39.44 -51.00 38.61
CA LEU I 80 39.73 -49.88 37.74
C LEU I 80 41.07 -49.92 37.06
N ARG I 81 41.07 -49.82 35.73
CA ARG I 81 42.31 -49.77 34.97
C ARG I 81 42.44 -48.42 34.25
N LEU I 82 43.33 -47.57 34.75
CA LEU I 82 43.52 -46.22 34.22
C LEU I 82 44.86 -46.05 33.51
N THR I 83 44.83 -45.82 32.21
CA THR I 83 46.08 -45.72 31.47
C THR I 83 46.55 -44.27 31.40
N GLY I 84 47.84 -44.07 31.07
CA GLY I 84 48.35 -42.72 30.85
C GLY I 84 48.40 -41.87 32.11
N VAL I 85 48.72 -42.42 33.28
CA VAL I 85 48.63 -41.57 34.45
C VAL I 85 49.60 -40.39 34.45
N THR I 86 49.09 -39.27 34.94
CA THR I 86 49.83 -38.03 35.08
C THR I 86 49.66 -37.42 36.45
N ALA I 87 50.32 -36.29 36.68
CA ALA I 87 50.27 -35.62 37.99
C ALA I 87 48.86 -35.26 38.44
N ALA I 88 47.99 -34.96 37.48
CA ALA I 88 46.60 -34.59 37.72
C ALA I 88 45.79 -35.74 38.29
N ASP I 89 46.30 -36.97 38.20
CA ASP I 89 45.61 -38.16 38.65
C ASP I 89 46.00 -38.51 40.08
N SER I 90 46.82 -37.67 40.71
CA SER I 90 47.25 -37.93 42.09
C SER I 90 46.14 -37.54 43.06
N ALA I 91 45.26 -38.50 43.28
CA ALA I 91 44.02 -38.37 44.02
C ALA I 91 43.73 -39.60 44.85
N ILE I 92 42.80 -39.47 45.79
CA ILE I 92 42.38 -40.67 46.52
C ILE I 92 41.23 -41.28 45.75
N TYR I 93 41.33 -42.57 45.48
CA TYR I 93 40.33 -43.26 44.72
C TYR I 93 39.40 -44.03 45.63
N TYR I 94 38.12 -44.03 45.28
CA TYR I 94 37.13 -44.76 46.03
C TYR I 94 36.26 -45.64 45.17
N CYS I 95 35.92 -46.76 45.76
CA CYS I 95 34.98 -47.74 45.27
C CYS I 95 33.67 -47.55 46.01
N ALA I 96 32.57 -47.55 45.28
CA ALA I 96 31.28 -47.43 45.96
C ALA I 96 30.20 -48.19 45.24
N THR I 97 29.19 -48.61 45.99
CA THR I 97 28.05 -49.24 45.35
C THR I 97 27.24 -48.11 44.81
N THR I 98 26.41 -48.39 43.85
CA THR I 98 25.54 -47.38 43.29
C THR I 98 24.10 -47.86 43.21
N LYS I 99 23.19 -46.97 43.52
CA LYS I 99 21.77 -47.22 43.36
C LYS I 99 21.19 -46.19 42.43
N HIS I 100 20.04 -46.47 41.84
CA HIS I 100 19.48 -45.54 40.91
C HIS I 100 17.98 -45.56 40.93
N GLY I 101 17.40 -44.59 40.26
CA GLY I 101 15.96 -44.51 40.12
C GLY I 101 15.60 -43.48 39.08
N ARG I 102 14.32 -43.30 38.80
CA ARG I 102 13.97 -42.34 37.78
C ARG I 102 13.22 -41.14 38.27
N ARG I 103 13.55 -40.03 37.67
CA ARG I 103 12.87 -38.78 37.89
C ARG I 103 11.92 -38.61 36.74
N ILE I 104 10.64 -38.56 37.01
CA ILE I 104 9.67 -38.45 35.92
C ILE I 104 9.15 -37.06 35.91
N TYR I 105 9.24 -36.36 34.78
CA TYR I 105 8.75 -35.00 34.78
C TYR I 105 7.61 -34.78 33.81
N GLY I 106 7.47 -35.64 32.81
CA GLY I 106 6.42 -35.50 31.82
C GLY I 106 5.80 -36.84 31.48
N VAL I 107 5.49 -37.04 30.20
CA VAL I 107 4.84 -38.25 29.73
C VAL I 107 5.87 -39.36 29.60
N VAL I 108 5.64 -40.49 30.24
CA VAL I 108 6.65 -41.54 30.16
C VAL I 108 6.80 -42.12 28.78
N ALA I 109 5.72 -42.13 28.03
CA ALA I 109 5.67 -42.64 26.67
C ALA I 109 6.52 -41.83 25.72
N PHE I 110 6.85 -40.59 26.09
CA PHE I 110 7.63 -39.73 25.24
C PHE I 110 9.04 -39.63 25.80
N LYS I 111 9.34 -40.47 26.78
CA LYS I 111 10.58 -40.51 27.50
C LYS I 111 10.90 -39.22 28.22
N GLU I 112 9.90 -38.58 28.81
CA GLU I 112 10.14 -37.35 29.56
C GLU I 112 10.51 -37.65 31.00
N TRP I 113 11.69 -38.22 31.12
CA TRP I 113 12.28 -38.66 32.36
C TRP I 113 13.77 -38.86 32.24
N PHE I 114 14.42 -39.01 33.38
CA PHE I 114 15.84 -39.36 33.37
C PHE I 114 16.20 -40.26 34.52
N THR I 115 17.31 -40.97 34.37
CA THR I 115 17.77 -41.85 35.42
C THR I 115 18.86 -41.18 36.18
N TYR I 116 18.74 -41.15 37.49
CA TYR I 116 19.76 -40.56 38.32
C TYR I 116 20.41 -41.63 39.14
N PHE I 117 21.65 -41.39 39.51
CA PHE I 117 22.41 -42.32 40.31
C PHE I 117 22.95 -41.67 41.56
N TYR I 118 23.05 -42.46 42.61
CA TYR I 118 23.65 -42.04 43.86
C TYR I 118 24.46 -43.13 44.53
N MET I 119 25.45 -42.73 45.32
CA MET I 119 26.27 -43.72 46.00
C MET I 119 26.01 -43.79 47.49
N ASP I 120 25.51 -44.93 47.95
CA ASP I 120 25.19 -45.13 49.34
C ASP I 120 26.36 -45.69 50.16
N VAL I 121 26.95 -46.79 49.68
CA VAL I 121 28.05 -47.42 50.39
C VAL I 121 29.38 -47.12 49.75
N TRP I 122 30.25 -46.50 50.54
CA TRP I 122 31.58 -46.11 50.08
C TRP I 122 32.65 -46.90 50.81
N GLY I 123 33.72 -47.22 50.12
CA GLY I 123 34.86 -47.87 50.76
C GLY I 123 35.74 -46.84 51.42
N LYS I 124 36.83 -47.28 52.03
CA LYS I 124 37.74 -46.36 52.70
C LYS I 124 38.63 -45.62 51.71
N GLY I 125 38.83 -46.22 50.55
CA GLY I 125 39.62 -45.66 49.47
C GLY I 125 41.11 -45.97 49.56
N THR I 126 41.81 -45.65 48.50
CA THR I 126 43.26 -45.85 48.44
C THR I 126 43.94 -44.65 47.81
N SER I 127 45.03 -44.20 48.41
CA SER I 127 45.73 -43.02 47.94
C SER I 127 46.78 -43.32 46.88
N VAL I 128 46.65 -42.67 45.71
CA VAL I 128 47.59 -42.93 44.63
C VAL I 128 48.36 -41.69 44.21
N THR I 129 49.68 -41.82 44.21
CA THR I 129 50.57 -40.74 43.82
C THR I 129 51.25 -41.05 42.51
N VAL I 130 51.20 -40.10 41.58
CA VAL I 130 51.89 -40.28 40.32
C VAL I 130 53.18 -39.47 40.42
N SER I 131 54.32 -40.12 40.28
CA SER I 131 55.58 -39.39 40.49
C SER I 131 56.29 -39.00 39.19
C1 NAG J . -41.57 6.34 -43.29
C2 NAG J . -42.59 5.40 -42.58
C3 NAG J . -43.25 4.54 -43.66
C4 NAG J . -43.97 5.49 -44.63
C5 NAG J . -42.91 6.42 -45.25
C6 NAG J . -43.52 7.39 -46.23
C7 NAG J . -42.44 4.31 -40.46
C8 NAG J . -41.65 3.53 -39.45
N2 NAG J . -41.90 4.56 -41.63
O3 NAG J . -44.18 3.63 -43.08
O4 NAG J . -44.60 4.75 -45.68
O5 NAG J . -42.24 7.18 -44.23
O6 NAG J . -44.42 8.28 -45.57
O7 NAG J . -43.58 4.71 -40.21
C1 NAG J . -46.10 4.86 -45.63
C2 NAG J . -46.70 4.41 -46.99
C3 NAG J . -48.21 4.51 -46.89
C4 NAG J . -48.68 3.61 -45.75
C5 NAG J . -48.03 4.08 -44.45
C6 NAG J . -48.44 3.19 -43.31
C7 NAG J . -45.58 4.86 -49.09
C8 NAG J . -45.12 5.89 -50.06
N2 NAG J . -46.22 5.29 -48.02
O3 NAG J . -48.81 4.11 -48.13
O4 NAG J . -50.09 3.68 -45.64
O5 NAG J . -46.59 4.04 -44.58
O6 NAG J . -49.86 3.04 -43.28
O7 NAG J . -45.40 3.65 -49.28
C1 NAG K . 33.13 -2.26 -15.56
C2 NAG K . 34.15 -2.43 -14.39
C3 NAG K . 35.53 -2.27 -15.01
C4 NAG K . 35.82 -3.36 -16.06
C5 NAG K . 34.67 -3.18 -17.09
C6 NAG K . 34.67 -4.26 -18.16
C7 NAG K . 33.12 -1.66 -12.35
C8 NAG K . 32.90 -0.58 -11.35
N2 NAG K . 33.92 -1.42 -13.36
O3 NAG K . 36.49 -2.30 -13.95
O4 NAG K . 37.09 -3.01 -16.68
O5 NAG K . 33.34 -3.28 -16.53
O6 NAG K . 35.83 -4.20 -18.96
O7 NAG K . 32.58 -2.77 -12.24
C1 NAG K . 38.14 -4.11 -16.75
C2 NAG K . 38.89 -4.27 -15.39
C3 NAG K . 39.99 -5.33 -15.58
C4 NAG K . 39.31 -6.64 -15.98
C5 NAG K . 38.56 -6.39 -17.30
C6 NAG K . 37.87 -7.65 -17.76
C7 NAG K . 39.85 -2.71 -13.81
C8 NAG K . 40.46 -1.37 -13.57
N2 NAG K . 39.50 -2.99 -15.04
O3 NAG K . 40.71 -5.52 -14.36
O4 NAG K . 40.28 -7.65 -16.16
O5 NAG K . 37.56 -5.36 -17.13
O6 NAG K . 38.72 -8.78 -17.65
O7 NAG K . 39.66 -3.52 -12.89
C1 NAG L . 16.24 12.98 -14.47
C2 NAG L . 15.93 14.49 -14.68
C3 NAG L . 15.56 14.65 -16.16
C4 NAG L . 16.74 14.19 -17.03
C5 NAG L . 17.02 12.74 -16.68
C6 NAG L . 18.18 12.21 -17.47
C7 NAG L . 14.93 15.59 -12.78
C8 NAG L . 13.71 15.79 -11.95
N2 NAG L . 14.80 14.85 -13.85
O3 NAG L . 15.27 16.03 -16.44
O4 NAG L . 16.34 14.22 -18.40
O5 NAG L . 17.34 12.55 -15.28
O6 NAG L . 19.35 12.97 -17.24
O7 NAG L . 16.02 16.09 -12.47
C1 NAG L . 17.13 15.18 -19.23
C2 NAG L . 16.89 14.85 -20.72
C3 NAG L . 17.69 15.85 -21.56
C4 NAG L . 17.19 17.26 -21.21
C5 NAG L . 17.43 17.50 -19.72
C6 NAG L . 16.93 18.87 -19.33
C7 NAG L . 16.61 12.54 -21.45
C8 NAG L . 17.24 11.20 -21.61
N2 NAG L . 17.37 13.50 -20.98
O3 NAG L . 17.48 15.60 -22.95
O4 NAG L . 17.90 18.21 -21.97
O5 NAG L . 16.71 16.51 -18.94
O6 NAG L . 17.40 19.86 -20.23
O7 NAG L . 15.43 12.75 -21.75
C1 NAG M . -12.32 26.95 -38.84
C2 NAG M . -13.21 27.94 -38.05
C3 NAG M . -13.21 29.28 -38.79
C4 NAG M . -11.78 29.81 -38.89
C5 NAG M . -10.98 28.76 -39.66
C6 NAG M . -9.52 29.12 -39.87
C7 NAG M . -15.06 26.86 -36.92
C8 NAG M . -16.45 26.34 -37.01
N2 NAG M . -14.56 27.43 -37.99
O3 NAG M . -14.05 30.21 -38.12
O4 NAG M . -11.80 31.05 -39.62
O5 NAG M . -11.00 27.50 -38.96
O6 NAG M . -8.85 29.33 -38.64
O7 NAG M . -14.39 26.77 -35.89
C1 NAG M . -11.04 32.14 -38.92
C2 NAG M . -10.68 33.25 -39.93
C3 NAG M . -9.87 34.32 -39.20
C4 NAG M . -10.73 34.86 -38.07
C5 NAG M . -11.10 33.70 -37.14
C6 NAG M . -11.95 34.20 -36.00
C7 NAG M . -10.31 32.59 -42.24
C8 NAG M . -9.41 31.92 -43.22
N2 NAG M . -9.88 32.67 -41.00
O3 NAG M . -9.51 35.36 -40.11
O4 NAG M . -10.01 35.85 -37.35
O5 NAG M . -11.82 32.68 -37.85
O6 NAG M . -11.33 35.28 -35.33
O7 NAG M . -11.41 33.05 -42.58
C1 NAG N . 16.76 -18.95 -30.08
C2 NAG N . 16.35 -19.93 -31.22
C3 NAG N . 15.75 -21.14 -30.54
C4 NAG N . 16.71 -21.85 -29.59
C5 NAG N . 17.12 -20.76 -28.57
C6 NAG N . 18.20 -21.23 -27.63
C7 NAG N . 15.42 -19.29 -33.34
C8 NAG N . 14.28 -18.64 -34.06
N2 NAG N . 15.35 -19.30 -32.04
O3 NAG N . 15.31 -22.07 -31.52
O4 NAG N . 15.86 -22.85 -28.99
O5 NAG N . 17.69 -19.59 -29.21
O6 NAG N . 19.38 -21.56 -28.34
O7 NAG N . 16.38 -19.78 -33.95
C1 NAG N . 16.40 -24.25 -28.71
C2 NAG N . 17.29 -24.86 -29.84
C3 NAG N . 17.59 -26.31 -29.42
C4 NAG N . 18.34 -26.27 -28.09
C5 NAG N . 17.41 -25.61 -27.08
C6 NAG N . 18.03 -25.60 -25.71
C7 NAG N . 17.15 -25.14 -32.25
C8 NAG N . 16.29 -25.10 -33.47
N2 NAG N . 16.58 -24.80 -31.11
O3 NAG N . 18.40 -27.00 -30.39
O4 NAG N . 18.65 -27.58 -27.65
O5 NAG N . 17.08 -24.26 -27.46
O6 NAG N . 18.77 -26.80 -25.51
O7 NAG N . 18.34 -25.47 -32.29
C1 NAG O . -3.51 -6.61 -35.77
C2 NAG O . -2.46 -6.58 -34.61
C3 NAG O . -1.43 -7.64 -34.93
C4 NAG O . -2.09 -9.01 -35.00
C5 NAG O . -3.15 -8.92 -36.11
C6 NAG O . -3.91 -10.20 -36.30
C7 NAG O . -1.54 -4.70 -33.43
C8 NAG O . -0.87 -3.38 -33.49
N2 NAG O . -1.80 -5.29 -34.58
O3 NAG O . -0.42 -7.64 -33.93
O4 NAG O . -1.07 -9.95 -35.35
O5 NAG O . -4.12 -7.90 -35.82
O6 NAG O . -4.70 -10.50 -35.16
O7 NAG O . -1.86 -5.23 -32.38
C1 NAG O . -1.09 -11.13 -34.44
C2 NAG O . -0.27 -12.28 -35.06
C3 NAG O . -0.42 -13.48 -34.14
C4 NAG O . 0.13 -13.10 -32.77
C5 NAG O . -0.67 -11.90 -32.26
C6 NAG O . -0.16 -11.43 -30.93
C7 NAG O . 0.01 -12.68 -37.41
C8 NAG O . -0.60 -12.82 -38.76
N2 NAG O . -0.79 -12.56 -36.39
O3 NAG O . 0.32 -14.61 -34.64
O4 NAG O . -0.15 -14.21 -31.93
O5 NAG O . -0.57 -10.78 -33.15
O6 NAG O . 1.11 -10.80 -31.10
O7 NAG O . 1.24 -12.69 -37.25
C1 BMA O . 1.07 -14.76 -31.27
C2 BMA O . 0.61 -15.48 -29.99
C3 BMA O . 1.82 -16.10 -29.29
C4 BMA O . 2.42 -17.08 -30.30
C5 BMA O . 2.84 -16.34 -31.57
C6 BMA O . 3.36 -17.31 -32.59
O2 BMA O . -0.33 -16.49 -30.33
O3 BMA O . 1.38 -16.81 -28.12
O4 BMA O . 3.54 -17.71 -29.70
O5 BMA O . 1.69 -15.69 -32.15
O6 BMA O . 2.40 -18.36 -32.78
C1 MAN O . 1.18 -15.93 -26.93
C2 MAN O . 2.24 -16.28 -25.87
C3 MAN O . 2.09 -17.74 -25.45
C4 MAN O . 0.70 -17.88 -24.84
C5 MAN O . -0.32 -17.50 -25.91
C6 MAN O . -1.73 -17.64 -25.38
O2 MAN O . 2.04 -15.44 -24.74
O3 MAN O . 3.10 -18.13 -24.50
O4 MAN O . 0.48 -19.22 -24.43
O5 MAN O . -0.11 -16.14 -26.36
O6 MAN O . -1.96 -18.94 -24.88
C1 MAN O . 4.43 -18.41 -25.15
C2 MAN O . 5.16 -19.55 -24.41
C3 MAN O . 5.43 -19.14 -22.95
C4 MAN O . 6.30 -17.87 -23.02
C5 MAN O . 5.54 -16.80 -23.78
C6 MAN O . 6.35 -15.54 -23.83
O2 MAN O . 6.39 -19.82 -25.06
O3 MAN O . 6.11 -20.18 -22.27
O4 MAN O . 6.57 -17.40 -21.71
O5 MAN O . 5.24 -17.22 -25.14
O6 MAN O . 6.86 -15.24 -22.54
C1 MAN O . 2.78 -19.33 -33.85
C2 MAN O . 1.50 -19.93 -34.47
C3 MAN O . 0.69 -20.69 -33.41
C4 MAN O . 1.61 -21.80 -32.89
C5 MAN O . 2.86 -21.17 -32.28
C6 MAN O . 3.80 -22.23 -31.77
O2 MAN O . 1.85 -20.81 -35.52
O3 MAN O . -0.49 -21.25 -33.99
O4 MAN O . 0.93 -22.55 -31.88
O5 MAN O . 3.57 -20.40 -33.29
O6 MAN O . 3.13 -23.08 -30.84
C1 NAG P . 14.42 8.71 -39.44
C2 NAG P . 15.02 9.64 -38.34
C3 NAG P . 15.56 10.86 -39.08
C4 NAG P . 16.61 10.44 -40.10
C5 NAG P . 15.94 9.47 -41.07
C6 NAG P . 16.91 8.97 -42.10
C7 NAG P . 13.75 9.52 -36.28
C8 NAG P . 12.55 9.98 -35.51
N2 NAG P . 13.93 10.06 -37.46
O3 NAG P . 16.15 11.76 -38.14
O4 NAG P . 17.00 11.59 -40.87
O5 NAG P . 15.42 8.32 -40.40
O6 NAG P . 16.54 7.68 -42.55
O7 NAG P . 14.52 8.68 -35.83
C1 NAG P . 18.45 11.91 -40.73
C2 NAG P . 18.85 12.87 -41.87
C3 NAG P . 20.33 13.20 -41.71
C4 NAG P . 20.51 13.86 -40.35
C5 NAG P . 20.07 12.87 -39.27
C6 NAG P . 20.19 13.52 -37.91
C7 NAG P . 17.95 12.78 -44.12
C8 NAG P . 17.75 11.97 -45.36
N2 NAG P . 18.62 12.21 -43.14
O3 NAG P . 20.74 14.08 -42.76
O4 NAG P . 21.88 14.19 -40.16
O5 NAG P . 18.68 12.52 -39.46
O6 NAG P . 21.18 14.54 -37.91
O7 NAG P . 17.51 13.93 -44.01
C1 NAG Q . 12.92 12.33 -49.51
C2 NAG Q . 14.20 12.33 -48.58
C3 NAG Q . 15.30 13.08 -49.34
C4 NAG Q . 15.61 12.34 -50.65
C5 NAG Q . 14.31 12.32 -51.46
C6 NAG Q . 14.51 11.57 -52.75
C7 NAG Q . 14.14 12.41 -46.16
C8 NAG Q . 13.82 13.19 -44.93
N2 NAG Q . 13.92 13.00 -47.32
O3 NAG Q . 16.45 13.17 -48.50
O4 NAG Q . 16.60 13.04 -51.42
O5 NAG Q . 13.24 11.68 -50.75
O6 NAG Q . 13.32 10.91 -53.14
O7 NAG Q . 14.58 11.26 -46.08
C1 NAG Q . 18.01 12.60 -51.14
C2 NAG Q . 18.79 12.47 -52.47
C3 NAG Q . 20.22 12.02 -52.13
C4 NAG Q . 20.85 13.07 -51.22
C5 NAG Q . 20.00 13.17 -49.95
C6 NAG Q . 20.57 14.23 -49.01
C7 NAG Q . 17.77 11.73 -54.54
C8 NAG Q . 17.12 10.61 -55.28
N2 NAG Q . 18.16 11.47 -53.31
O3 NAG Q . 20.99 11.88 -53.33
O4 NAG Q . 22.17 12.67 -50.88
O5 NAG Q . 18.65 13.56 -50.29
O6 NAG Q . 21.96 14.03 -48.82
O7 NAG Q . 17.92 12.84 -55.04
C1 NAG R . -6.26 -7.04 -43.13
C2 NAG R . -7.19 -7.81 -42.13
C3 NAG R . -7.45 -9.18 -42.72
C4 NAG R . -8.14 -9.02 -44.07
C5 NAG R . -7.19 -8.20 -44.97
C6 NAG R . -7.81 -7.96 -46.33
C7 NAG R . -6.95 -7.28 -39.80
C8 NAG R . -6.12 -7.36 -38.56
N2 NAG R . -6.52 -7.92 -40.86
O3 NAG R . -8.28 -9.92 -41.82
O4 NAG R . -8.34 -10.33 -44.62
O5 NAG R . -6.89 -6.91 -44.41
O6 NAG R . -6.94 -7.18 -47.14
O7 NAG R . -7.99 -6.63 -39.83
C1 NAG R . -9.75 -10.70 -44.99
C2 NAG R . -10.04 -12.12 -44.46
C3 NAG R . -11.43 -12.55 -44.91
C4 NAG R . -12.42 -11.54 -44.32
C5 NAG R . -12.08 -10.15 -44.86
C6 NAG R . -13.02 -9.13 -44.30
C7 NAG R . -8.69 -14.13 -44.37
C8 NAG R . -7.62 -14.96 -45.00
N2 NAG R . -9.03 -13.02 -44.99
O3 NAG R . -11.74 -13.86 -44.42
O4 NAG R . -13.74 -11.88 -44.71
O5 NAG R . -10.73 -9.79 -44.48
O6 NAG R . -14.38 -9.50 -44.54
O7 NAG R . -9.22 -14.45 -43.29
C1 NAG S . 3.72 -9.53 -45.25
C2 NAG S . 4.17 -9.37 -46.73
C3 NAG S . 3.07 -9.99 -47.61
C4 NAG S . 2.93 -11.47 -47.23
C5 NAG S . 2.53 -11.51 -45.76
C6 NAG S . 2.29 -12.91 -45.26
C7 NAG S . 5.46 -7.39 -47.28
C8 NAG S . 5.47 -5.91 -47.44
N2 NAG S . 4.30 -7.94 -47.00
O3 NAG S . 3.43 -9.84 -48.99
O4 NAG S . 1.89 -12.10 -48.00
O5 NAG S . 3.54 -10.92 -44.93
O6 NAG S . 3.31 -13.31 -44.36
O7 NAG S . 6.47 -8.08 -47.41
C1 NAG S . 2.42 -13.11 -48.98
C2 NAG S . 1.24 -13.98 -49.48
C3 NAG S . 1.78 -15.00 -50.47
C4 NAG S . 2.40 -14.22 -51.63
C5 NAG S . 3.54 -13.36 -51.08
C6 NAG S . 4.16 -12.55 -52.19
C7 NAG S . -0.56 -14.55 -47.96
C8 NAG S . -0.99 -15.29 -46.74
N2 NAG S . 0.69 -14.69 -48.33
O3 NAG S . 0.72 -15.82 -50.95
O4 NAG S . 2.92 -15.13 -52.60
O5 NAG S . 3.02 -12.44 -50.08
O6 NAG S . 4.54 -13.39 -53.27
O7 NAG S . -1.34 -13.83 -48.60
C1 NAG T . 11.58 -6.73 -45.47
C2 NAG T . 11.83 -8.10 -44.77
C3 NAG T . 13.32 -8.28 -44.77
C4 NAG T . 13.85 -8.26 -46.20
C5 NAG T . 13.47 -6.93 -46.81
C6 NAG T . 13.91 -6.78 -48.23
C7 NAG T . 10.19 -8.56 -43.07
C8 NAG T . 9.64 -8.25 -41.72
N2 NAG T . 11.31 -8.00 -43.42
O3 NAG T . 13.60 -9.52 -44.13
O4 NAG T . 15.29 -8.30 -46.18
O5 NAG T . 12.05 -6.73 -46.81
O6 NAG T . 13.11 -7.54 -49.12
O7 NAG T . 9.61 -9.34 -43.83
C1 NAG T . 15.87 -9.64 -46.46
C2 NAG T . 17.25 -9.48 -47.13
C3 NAG T . 17.80 -10.86 -47.37
C4 NAG T . 17.96 -11.59 -46.03
C5 NAG T . 16.58 -11.62 -45.40
C6 NAG T . 16.69 -12.26 -44.04
C7 NAG T . 17.67 -7.63 -48.60
C8 NAG T . 17.53 -7.02 -49.94
N2 NAG T . 17.14 -8.81 -48.41
O3 NAG T . 19.03 -10.69 -48.06
O4 NAG T . 18.20 -12.96 -46.25
O5 NAG T . 16.00 -10.33 -45.22
O6 NAG T . 16.05 -11.48 -43.04
O7 NAG T . 18.24 -7.06 -47.68
C1 BMA T . 19.62 -13.35 -46.37
C2 BMA T . 19.68 -14.85 -46.07
C3 BMA T . 21.09 -15.38 -46.25
C4 BMA T . 21.46 -15.09 -47.71
C5 BMA T . 21.40 -13.59 -47.96
C6 BMA T . 21.75 -13.28 -49.38
O2 BMA T . 18.79 -15.54 -46.95
O3 BMA T . 21.04 -16.79 -46.00
O4 BMA T . 22.76 -15.58 -48.01
O5 BMA T . 20.06 -13.12 -47.71
O6 BMA T . 21.09 -14.18 -50.26
C1 MAN T . 22.29 -17.35 -45.43
C2 MAN T . 22.13 -18.87 -45.29
C3 MAN T . 21.04 -19.13 -44.25
C4 MAN T . 21.45 -18.50 -42.93
C5 MAN T . 21.62 -17.01 -43.14
C6 MAN T . 22.08 -16.34 -41.87
O2 MAN T . 23.39 -19.46 -44.90
O3 MAN T . 20.85 -20.53 -44.07
O4 MAN T . 20.42 -18.74 -41.99
O5 MAN T . 22.62 -16.77 -44.16
O6 MAN T . 23.36 -16.81 -41.49
C1 MAN T . 23.86 -20.47 -45.91
C2 MAN T . 25.03 -21.32 -45.37
C3 MAN T . 26.25 -20.40 -45.16
C4 MAN T . 26.60 -19.80 -46.50
C5 MAN T . 25.42 -19.00 -46.98
C6 MAN T . 25.77 -18.37 -48.31
O2 MAN T . 25.40 -22.31 -46.34
O3 MAN T . 27.38 -21.11 -44.64
O4 MAN T . 27.72 -18.94 -46.43
O5 MAN T . 24.26 -19.83 -47.13
O6 MAN T . 27.07 -17.78 -48.25
C1 MAN T . 24.79 -23.66 -46.13
C2 MAN T . 25.61 -24.73 -46.88
C3 MAN T . 25.59 -24.46 -48.39
C4 MAN T . 24.13 -24.53 -48.83
C5 MAN T . 23.35 -23.48 -48.06
C6 MAN T . 21.91 -23.50 -48.47
O2 MAN T . 25.03 -26.01 -46.63
O3 MAN T . 26.37 -25.45 -49.08
O4 MAN T . 24.04 -24.26 -50.22
O5 MAN T . 23.44 -23.71 -46.63
O6 MAN T . 21.78 -23.15 -49.84
C1 MAN T . 20.64 -13.57 -51.56
C2 MAN T . 19.51 -14.43 -52.19
C3 MAN T . 20.02 -15.85 -52.48
C4 MAN T . 21.18 -15.68 -53.46
C5 MAN T . 22.26 -14.81 -52.80
C6 MAN T . 23.41 -14.65 -53.76
O2 MAN T . 19.08 -13.83 -53.38
O3 MAN T . 18.97 -16.62 -53.06
O4 MAN T . 21.73 -16.95 -53.77
O5 MAN T . 21.74 -13.50 -52.48
O6 MAN T . 24.19 -13.50 -53.43
C1 MAN T . 18.98 -18.06 -52.59
C2 MAN T . 18.31 -18.97 -53.63
C3 MAN T . 16.82 -18.60 -53.78
C4 MAN T . 16.18 -18.78 -52.40
C5 MAN T . 16.88 -17.86 -51.41
C6 MAN T . 16.27 -17.99 -50.05
O2 MAN T . 18.41 -20.33 -53.20
O3 MAN T . 16.20 -19.47 -54.73
O4 MAN T . 14.80 -18.45 -52.44
O5 MAN T . 18.30 -18.18 -51.33
O6 MAN T . 14.84 -18.06 -50.16
C1 MAN T . 25.59 -13.83 -53.04
C2 MAN T . 26.42 -12.54 -52.83
C3 MAN T . 26.58 -11.81 -54.18
C4 MAN T . 27.27 -12.77 -55.14
C5 MAN T . 26.40 -14.01 -55.31
C6 MAN T . 27.04 -14.97 -56.26
O2 MAN T . 27.68 -12.90 -52.29
O3 MAN T . 27.39 -10.63 -54.00
O4 MAN T . 27.45 -12.16 -56.41
O5 MAN T . 26.22 -14.66 -54.03
O6 MAN T . 27.60 -14.26 -57.35
C1 NAG U . -18.71 16.89 -43.09
C2 NAG U . -17.85 18.16 -43.36
C3 NAG U . -18.63 19.32 -42.76
C4 NAG U . -20.01 19.42 -43.42
C5 NAG U . -20.70 18.07 -43.20
C6 NAG U . -22.08 18.08 -43.80
C7 NAG U . -15.42 18.28 -43.33
C8 NAG U . -14.15 18.04 -42.59
N2 NAG U . -16.56 18.00 -42.71
O3 NAG U . -17.90 20.54 -42.92
O4 NAG U . -20.79 20.39 -42.71
O5 NAG U . -19.98 16.96 -43.75
O6 NAG U . -22.08 18.48 -45.15
O7 NAG U . -15.44 18.73 -44.47
C1 NAG U . -21.09 21.60 -43.54
C2 NAG U . -22.17 22.44 -42.82
C3 NAG U . -22.48 23.67 -43.68
C4 NAG U . -21.18 24.45 -43.82
C5 NAG U . -20.14 23.59 -44.50
C6 NAG U . -18.83 24.33 -44.61
C7 NAG U . -23.82 21.28 -41.48
C8 NAG U . -25.04 20.41 -41.45
N2 NAG U . -23.37 21.62 -42.66
O3 NAG U . -23.49 24.46 -43.04
O4 NAG U . -21.42 25.62 -44.59
O5 NAG U . -19.91 22.39 -43.71
O6 NAG U . -19.03 25.64 -45.10
O7 NAG U . -23.27 21.66 -40.43
C1 NAG V . -29.78 1.94 -43.84
C2 NAG V . -29.58 1.19 -45.19
C3 NAG V . -30.03 -0.26 -44.93
C4 NAG V . -29.19 -0.88 -43.82
C5 NAG V . -29.37 -0.02 -42.59
C6 NAG V . -28.55 -0.52 -41.42
C7 NAG V . -29.93 2.54 -47.14
C8 NAG V . -30.91 3.14 -48.10
N2 NAG V . -30.42 1.79 -46.20
O3 NAG V . -29.89 -1.03 -46.12
O4 NAG V . -29.75 -2.16 -43.49
O5 NAG V . -28.99 1.34 -42.81
O6 NAG V . -27.18 -0.65 -41.78
O7 NAG V . -28.72 2.76 -47.24
C1 NAG V . -28.82 -3.29 -43.73
C2 NAG V . -29.32 -4.53 -42.92
C3 NAG V . -28.38 -5.69 -43.22
C4 NAG V . -28.43 -5.96 -44.71
C5 NAG V . -27.96 -4.70 -45.46
C6 NAG V . -28.04 -4.94 -46.95
C7 NAG V . -30.37 -4.15 -40.75
C8 NAG V . -30.18 -3.80 -39.31
N2 NAG V . -29.29 -4.21 -41.50
O3 NAG V . -28.79 -6.85 -42.49
O4 NAG V . -27.59 -7.05 -45.04
O5 NAG V . -28.81 -3.59 -45.12
O6 NAG V . -28.14 -6.32 -47.24
O7 NAG V . -31.50 -4.36 -41.22
C1 NAG W . 34.34 -4.92 -37.59
C2 NAG W . 34.37 -5.45 -39.07
C3 NAG W . 35.52 -4.73 -39.76
C4 NAG W . 35.31 -3.22 -39.73
C5 NAG W . 35.24 -2.80 -38.27
C6 NAG W . 34.97 -1.33 -38.11
C7 NAG W . 33.73 -7.78 -39.17
C8 NAG W . 34.17 -9.19 -39.19
N2 NAG W . 34.67 -6.87 -39.10
O3 NAG W . 35.63 -5.17 -41.11
O4 NAG W . 36.45 -2.61 -40.36
O5 NAG W . 34.17 -3.49 -37.59
O6 NAG W . 33.66 -0.98 -38.57
O7 NAG W . 32.54 -7.45 -39.21
C1 NAG W . 36.03 -1.84 -41.57
C2 NAG W . 37.22 -1.00 -42.11
C3 NAG W . 36.71 -0.16 -43.28
C4 NAG W . 36.23 -1.11 -44.38
C5 NAG W . 35.15 -1.99 -43.76
C6 NAG W . 34.67 -3.01 -44.77
C7 NAG W . 37.26 0.77 -40.41
C8 NAG W . 38.10 1.46 -39.38
N2 NAG W . 37.85 -0.20 -41.07
O3 NAG W . 37.75 0.69 -43.76
O4 NAG W . 35.54 -0.33 -45.36
O5 NAG W . 35.61 -2.73 -42.60
O6 NAG W . 35.74 -3.72 -45.35
O7 NAG W . 36.09 1.10 -40.61
C1 BMA W . 36.28 -0.14 -46.63
C2 BMA W . 35.24 0.01 -47.77
C3 BMA W . 35.97 0.23 -49.09
C4 BMA W . 36.78 1.52 -48.93
C5 BMA W . 37.77 1.33 -47.78
C6 BMA W . 38.57 2.59 -47.54
O2 BMA W . 34.40 1.11 -47.50
O3 BMA W . 35.01 0.36 -50.16
O4 BMA W . 37.48 1.79 -50.13
O5 BMA W . 37.06 1.05 -46.55
O6 BMA W . 38.97 2.65 -46.17
C1 MAN W . 35.02 -0.83 -51.08
C2 MAN W . 34.18 -0.56 -52.35
C3 MAN W . 32.71 -0.38 -51.95
C4 MAN W . 32.24 -1.68 -51.28
C5 MAN W . 33.11 -1.90 -50.05
C6 MAN W . 32.69 -3.19 -49.37
O2 MAN W . 34.34 -1.68 -53.23
O3 MAN W . 31.88 -0.08 -53.07
O4 MAN W . 30.88 -1.56 -50.91
O5 MAN W . 34.51 -2.00 -50.43
O6 MAN W . 33.66 -3.62 -48.43
C1 MAN W . 34.42 -1.28 -54.67
C2 MAN W . 34.33 -2.52 -55.59
C3 MAN W . 35.53 -3.44 -55.38
C4 MAN W . 36.78 -2.63 -55.71
C5 MAN W . 36.83 -1.42 -54.77
C6 MAN W . 38.03 -0.56 -55.05
O2 MAN W . 34.31 -2.10 -56.95
O3 MAN W . 35.42 -4.57 -56.24
O4 MAN W . 37.91 -3.45 -55.56
O5 MAN W . 35.65 -0.59 -54.95
O6 MAN W . 37.86 0.21 -56.23
C1 MAN W . 40.32 3.27 -45.97
C2 MAN W . 40.87 2.95 -44.56
C3 MAN W . 39.99 3.56 -43.48
C4 MAN W . 39.97 5.06 -43.74
C5 MAN W . 39.40 5.33 -45.14
C6 MAN W . 39.37 6.81 -45.40
O2 MAN W . 42.20 3.44 -44.47
O3 MAN W . 40.56 3.32 -42.20
O4 MAN W . 39.16 5.72 -42.78
O5 MAN W . 40.24 4.68 -46.13
O6 MAN W . 38.90 7.50 -44.25
C1 NAG X . -50.23 30.73 13.13
C2 NAG X . -50.85 30.51 11.72
C3 NAG X . -51.54 31.81 11.31
C4 NAG X . -52.63 32.12 12.35
C5 NAG X . -51.94 32.28 13.71
C6 NAG X . -52.93 32.59 14.81
C7 NAG X . -50.03 29.23 9.88
C8 NAG X . -48.90 28.81 9.00
N2 NAG X . -49.81 30.16 10.78
O3 NAG X . -52.11 31.69 10.01
O4 NAG X . -53.30 33.34 12.02
O5 NAG X . -51.25 31.07 14.07
O6 NAG X . -53.84 31.50 14.99
O7 NAG X . -51.15 28.73 9.77
C1 NAG X . -54.74 33.11 11.67
C2 NAG X . -55.51 34.46 11.74
C3 NAG X . -56.96 34.20 11.35
C4 NAG X . -56.97 33.63 9.93
C5 NAG X . -56.18 32.32 9.92
C6 NAG X . -56.14 31.74 8.53
C7 NAG X . -54.99 36.14 13.40
C8 NAG X . -54.97 36.50 14.85
N2 NAG X . -55.45 34.95 13.09
O3 NAG X . -57.71 35.41 11.41
O4 NAG X . -58.32 33.37 9.54
O5 NAG X . -54.82 32.58 10.34
O6 NAG X . -57.45 31.67 7.98
O7 NAG X . -54.60 36.92 12.52
C1 NAG Y . 28.75 17.35 14.74
C2 NAG Y . 30.01 16.51 14.37
C3 NAG Y . 31.16 17.09 15.18
C4 NAG Y . 31.44 18.55 14.82
C5 NAG Y . 30.09 19.26 15.11
C6 NAG Y . 30.08 20.71 14.69
C7 NAG Y . 29.30 14.28 13.79
C8 NAG Y . 29.07 12.86 14.19
N2 NAG Y . 29.80 15.11 14.69
O3 NAG Y . 32.30 16.26 14.96
O4 NAG Y . 32.46 19.02 15.76
O5 NAG Y . 28.96 18.71 14.38
O6 NAG Y . 31.01 21.47 15.43
O7 NAG Y . 29.04 14.69 12.66
C1 NAG Y . 33.67 19.71 15.17
C2 NAG Y . 34.71 18.67 14.65
C3 NAG Y . 35.93 19.46 14.15
C4 NAG Y . 35.48 20.40 13.03
C5 NAG Y . 34.44 21.35 13.62
C6 NAG Y . 33.94 22.32 12.58
C7 NAG Y . 35.62 16.61 15.51
C8 NAG Y . 35.97 15.79 16.71
N2 NAG Y . 35.09 17.79 15.73
O3 NAG Y . 36.93 18.56 13.64
O4 NAG Y . 36.59 21.14 12.55
O5 NAG Y . 33.29 20.61 14.13
O6 NAG Y . 35.02 22.85 11.83
O7 NAG Y . 35.82 16.21 14.36
C1 NAG Z . 9.60 7.31 22.17
C2 NAG Z . 8.96 6.71 23.47
C3 NAG Z . 8.25 7.87 24.17
C4 NAG Z . 9.28 8.96 24.52
C5 NAG Z . 9.89 9.40 23.20
C6 NAG Z . 10.89 10.50 23.41
C7 NAG Z . 8.20 4.43 23.24
C8 NAG Z . 7.16 3.50 22.70
N2 NAG Z . 7.99 5.71 23.07
O3 NAG Z . 7.63 7.39 25.37
O4 NAG Z . 8.61 10.10 25.07
O5 NAG Z . 10.56 8.34 22.49
O6 NAG Z . 11.82 10.18 24.44
O7 NAG Z . 9.20 4.02 23.84
C1 NAG Z . 8.96 10.36 26.51
C2 NAG Z . 8.60 11.82 26.86
C3 NAG Z . 8.91 12.03 28.34
C4 NAG Z . 8.10 11.03 29.16
C5 NAG Z . 8.50 9.61 28.74
C6 NAG Z . 7.68 8.60 29.51
C7 NAG Z . 8.97 13.67 25.33
C8 NAG Z . 9.97 14.49 24.57
N2 NAG Z . 9.45 12.71 26.08
O3 NAG Z . 8.58 13.37 28.72
O4 NAG Z . 8.37 11.22 30.54
O5 NAG Z . 8.24 9.44 27.32
O6 NAG Z . 7.70 8.89 30.90
O7 NAG Z . 7.75 13.89 25.23
C1 NAG AA . -25.71 19.06 36.94
C2 NAG AA . -26.62 17.80 37.16
C3 NAG AA . -27.04 17.81 38.63
C4 NAG AA . -25.81 17.73 39.52
C5 NAG AA . -24.97 18.98 39.21
C6 NAG AA . -23.70 19.09 40.02
C7 NAG AA . -27.91 17.26 35.20
C8 NAG AA . -29.15 17.50 34.40
N2 NAG AA . -27.79 17.92 36.31
O3 NAG AA . -27.92 16.70 38.87
O4 NAG AA . -26.24 17.75 40.89
O5 NAG AA . -24.59 18.99 37.82
O6 NAG AA . -22.85 17.97 39.82
O7 NAG AA . -27.04 16.47 34.82
C1 NAG AA . -25.60 16.67 41.71
C2 NAG AA . -25.71 17.02 43.21
C3 NAG AA . -25.01 15.93 44.01
C4 NAG AA . -25.71 14.61 43.70
C5 NAG AA . -25.63 14.35 42.21
C6 NAG AA . -26.33 13.06 41.85
C7 NAG AA . -25.67 19.38 43.78
C8 NAG AA . -24.86 20.63 43.92
N2 NAG AA . -25.03 18.29 43.44
O3 NAG AA . -25.07 16.22 45.41
O4 NAG AA . -25.09 13.55 44.41
O5 NAG AA . -26.24 15.41 41.45
O6 NAG AA . -25.83 11.98 42.64
O7 NAG AA . -26.90 19.37 43.98
C1 NAG BA . 13.56 36.88 2.58
C2 NAG BA . 12.76 38.17 2.22
C3 NAG BA . 12.64 38.19 0.71
C4 NAG BA . 13.95 38.24 -0.06
C5 NAG BA . 14.67 36.96 0.46
C6 NAG BA . 16.08 36.85 -0.06
C7 NAG BA . 10.86 39.00 3.45
C8 NAG BA . 9.42 38.77 3.77
N2 NAG BA . 11.42 38.07 2.73
O3 NAG BA . 11.86 39.32 0.35
O4 NAG BA . 13.47 38.15 -1.44
O5 NAG BA . 14.83 36.92 1.91
O6 NAG BA . 16.96 36.52 0.98
O7 NAG BA . 11.47 39.99 3.85
C1 NAG BA . 14.41 38.42 -2.59
C2 NAG BA . 15.17 39.78 -2.47
C3 NAG BA . 16.00 39.96 -3.74
C4 NAG BA . 16.97 38.78 -3.84
C5 NAG BA . 16.13 37.51 -3.92
C6 NAG BA . 17.02 36.31 -4.09
C7 NAG BA . 14.51 42.02 -1.85
C8 NAG BA . 13.43 43.06 -1.81
N2 NAG BA . 14.20 40.86 -2.36
O3 NAG BA . 16.74 41.18 -3.69
O4 NAG BA . 17.79 38.89 -4.99
O5 NAG BA . 15.31 37.33 -2.75
O6 NAG BA . 18.15 36.65 -4.88
O7 NAG BA . 15.66 42.26 -1.43
C1 NAG CA . -9.62 33.89 9.76
C2 NAG CA . -8.38 32.96 9.57
C3 NAG CA . -7.24 33.86 9.12
C4 NAG CA . -7.60 34.55 7.81
C5 NAG CA . -8.86 35.36 8.08
C6 NAG CA . -9.35 36.10 6.87
C7 NAG CA . -7.65 31.09 10.89
C8 NAG CA . -7.29 30.56 12.23
N2 NAG CA . -8.01 32.35 10.82
O3 NAG CA . -6.05 33.08 8.95
O4 NAG CA . -6.49 35.39 7.47
O5 NAG CA . -9.93 34.53 8.52
O6 NAG CA . -9.80 35.19 5.87
O7 NAG CA . -7.60 30.41 9.87
C1 NAG CA . -6.08 35.17 6.05
C2 NAG CA . -5.18 36.34 5.59
C3 NAG CA . -4.90 36.12 4.11
C4 NAG CA . -4.16 34.78 3.98
C5 NAG CA . -5.04 33.69 4.57
C6 NAG CA . -4.37 32.35 4.52
C7 NAG CA . -5.33 38.60 6.40
C8 NAG CA . -6.16 39.78 6.72
N2 NAG CA . -5.90 37.58 5.80
O3 NAG CA . -4.08 37.16 3.59
O4 NAG CA . -4.03 34.53 2.60
O5 NAG CA . -5.37 33.93 5.94
O6 NAG CA . -3.34 32.30 5.48
O7 NAG CA . -4.13 38.56 6.67
C1 BMA CA . -2.62 34.39 2.16
C2 BMA CA . -2.61 33.65 0.82
C3 BMA CA . -1.17 33.49 0.34
C4 BMA CA . -0.63 34.90 0.18
C5 BMA CA . -0.67 35.62 1.52
C6 BMA CA . -0.15 37.03 1.40
O2 BMA CA . -3.37 34.38 -0.13
O3 BMA CA . -1.17 32.80 -0.93
O4 BMA CA . 0.71 34.86 -0.29
O5 BMA CA . -2.04 35.69 2.00
O6 BMA CA . -0.03 37.41 0.03
C1 MAN CA . -1.27 31.30 -0.79
C2 MAN CA . 0.04 30.66 -1.25
C3 MAN CA . 0.30 31.00 -2.72
C4 MAN CA . -0.86 30.42 -3.52
C5 MAN CA . -2.15 31.08 -3.02
C6 MAN CA . -3.34 30.56 -3.78
O2 MAN CA . -0.08 29.24 -1.11
O3 MAN CA . 1.55 30.46 -3.17
O4 MAN CA . -0.68 30.71 -4.89
O5 MAN CA . -2.34 30.80 -1.61
O6 MAN CA . -3.16 30.73 -5.19
C1 MAN CA . 2.74 31.28 -2.73
C2 MAN CA . 3.83 31.25 -3.83
C3 MAN CA . 4.31 29.81 -4.05
C4 MAN CA . 4.86 29.32 -2.73
C5 MAN CA . 3.76 29.39 -1.68
C6 MAN CA . 4.26 28.88 -0.36
O2 MAN CA . 4.92 32.06 -3.42
O3 MAN CA . 5.33 29.80 -5.06
O4 MAN CA . 5.31 27.97 -2.83
O5 MAN CA . 3.27 30.74 -1.51
O6 MAN CA . 4.94 27.65 -0.55
C1 MAN CA . 0.04 38.89 -0.17
C2 MAN CA . -1.35 39.50 -0.45
C3 MAN CA . -1.95 38.94 -1.74
C4 MAN CA . -0.97 39.32 -2.86
C5 MAN CA . 0.39 38.69 -2.55
C6 MAN CA . 1.37 39.01 -3.65
O2 MAN CA . -1.23 40.91 -0.55
O3 MAN CA . -3.23 39.53 -1.99
O4 MAN CA . -1.44 38.83 -4.10
O5 MAN CA . 0.90 39.19 -1.28
O6 MAN CA . 0.74 38.87 -4.91
C1 NAG DA . 3.48 30.95 29.49
C2 NAG DA . 4.09 29.58 29.96
C3 NAG DA . 4.20 29.67 31.47
C4 NAG DA . 5.07 30.85 31.89
C5 NAG DA . 4.43 32.10 31.32
C6 NAG DA . 5.24 33.32 31.64
C7 NAG DA . 3.33 27.75 28.55
C8 NAG DA . 2.25 26.75 28.28
N2 NAG DA . 3.16 28.52 29.60
O3 NAG DA . 4.76 28.46 31.98
O4 NAG DA . 5.03 30.96 33.31
O5 NAG DA . 4.32 32.05 29.88
O6 NAG DA . 5.05 34.33 30.65
O7 NAG DA . 4.33 27.84 27.86
C1 NAG DA . 6.38 30.82 33.94
C2 NAG DA . 6.31 31.35 35.39
C3 NAG DA . 7.69 31.18 36.02
C4 NAG DA . 8.01 29.69 36.00
C5 NAG DA . 8.03 29.19 34.55
C6 NAG DA . 8.30 27.71 34.51
C7 NAG DA . 5.00 33.26 36.08
C8 NAG DA . 4.70 34.71 35.91
N2 NAG DA . 5.97 32.76 35.34
O3 NAG DA . 7.67 31.66 37.37
O4 NAG DA . 9.28 29.48 36.60
O5 NAG DA . 6.74 29.43 33.95
O6 NAG DA . 9.02 27.29 35.67
O7 NAG DA . 4.35 32.56 36.87
C1 NAG EA . -0.86 37.71 36.72
C2 NAG EA . 0.54 37.02 36.66
C3 NAG EA . 1.28 37.38 37.95
C4 NAG EA . 1.46 38.92 38.02
C5 NAG EA . 0.04 39.51 38.01
C6 NAG EA . 0.12 41.02 38.01
C7 NAG EA . 1.00 34.88 35.61
C8 NAG EA . 0.78 33.40 35.61
N2 NAG EA . 0.42 35.58 36.57
O3 NAG EA . 2.55 36.72 37.97
O4 NAG EA . 2.10 39.32 39.24
O5 NAG EA . -0.69 39.13 36.83
O6 NAG EA . -0.98 41.58 37.31
O7 NAG EA . 1.68 35.42 34.73
C1 NAG EA . 3.59 39.41 39.14
C2 NAG EA . 4.09 40.70 39.87
C3 NAG EA . 5.61 40.75 39.72
C4 NAG EA . 6.19 39.48 40.37
C5 NAG EA . 5.63 38.27 39.64
C6 NAG EA . 6.16 36.98 40.24
C7 NAG EA . 2.81 42.76 39.90
C8 NAG EA . 2.27 43.90 39.11
N2 NAG EA . 3.51 41.86 39.23
O3 NAG EA . 6.11 41.91 40.38
O4 NAG EA . 7.61 39.51 40.25
O5 NAG EA . 4.18 38.25 39.74
O6 NAG EA . 7.57 37.03 40.39
O7 NAG EA . 2.63 42.64 41.11
C1 NAG FA . -13.71 40.23 11.97
C2 NAG FA . -14.22 39.67 10.60
C3 NAG FA . -14.31 40.83 9.64
C4 NAG FA . -15.30 41.86 10.20
C5 NAG FA . -14.75 42.31 11.56
C6 NAG FA . -15.68 43.31 12.21
C7 NAG FA . -13.61 37.41 10.05
C8 NAG FA . -12.53 36.45 9.66
N2 NAG FA . -13.28 38.68 10.12
O3 NAG FA . -14.74 40.35 8.36
O4 NAG FA . -15.32 42.98 9.29
O5 NAG FA . -14.62 41.21 12.49
O6 NAG FA . -15.20 43.71 13.48
O7 NAG FA . -14.75 37.02 10.31
C1 NAG FA . -16.68 43.36 8.73
C2 NAG FA . -16.53 43.58 7.21
C3 NAG FA . -17.86 44.06 6.65
C4 NAG FA . -18.89 42.96 6.94
C5 NAG FA . -18.98 42.77 8.45
C6 NAG FA . -19.98 41.68 8.77
C7 NAG FA . -14.79 44.61 5.88
C8 NAG FA . -13.74 45.66 5.78
N2 NAG FA . -15.49 44.57 6.98
O3 NAG FA . -17.76 44.26 5.23
O4 NAG FA . -20.16 43.36 6.43
O5 NAG FA . -17.69 42.37 8.97
O6 NAG FA . -21.23 41.96 8.17
O7 NAG FA . -15.00 43.80 4.96
C1 NAG GA . -4.12 44.14 13.70
C2 NAG GA . -4.06 45.37 14.65
C3 NAG GA . -5.16 46.34 14.21
C4 NAG GA . -4.89 46.74 12.74
C5 NAG GA . -4.94 45.44 11.92
C6 NAG GA . -4.76 45.69 10.44
C7 NAG GA . -3.36 44.96 16.94
C8 NAG GA . -3.70 44.37 18.25
N2 NAG GA . -4.28 44.91 16.01
O3 NAG GA . -5.15 47.49 15.06
O4 NAG GA . -5.93 47.61 12.25
O5 NAG GA . -3.92 44.52 12.34
O6 NAG GA . -3.52 45.18 9.99
O7 NAG GA . -2.28 45.51 16.71
C1 NAG GA . -5.43 49.01 12.00
C2 NAG GA . -6.46 49.75 11.15
C3 NAG GA . -5.96 51.18 10.90
C4 NAG GA . -5.79 51.84 12.26
C5 NAG GA . -4.77 51.05 13.07
C6 NAG GA . -4.59 51.70 14.41
C7 NAG GA . -7.75 48.57 9.47
C8 NAG GA . -7.73 47.85 8.17
N2 NAG GA . -6.61 49.06 9.88
O3 NAG GA . -6.91 51.91 10.11
O4 NAG GA . -5.33 53.18 12.12
O5 NAG GA . -5.23 49.68 13.25
O6 NAG GA . -4.61 53.11 14.27
O7 NAG GA . -8.78 48.70 10.14
C1 NAG HA . 2.74 43.59 18.44
C2 NAG HA . 3.42 43.68 17.04
C3 NAG HA . 4.88 43.90 17.32
C4 NAG HA . 5.08 45.18 18.13
C5 NAG HA . 4.30 45.00 19.43
C6 NAG HA . 4.39 46.19 20.33
C7 NAG HA . 2.31 42.31 15.40
C8 NAG HA . 2.01 40.94 14.89
N2 NAG HA . 3.19 42.43 16.36
O3 NAG HA . 5.55 43.99 16.06
O4 NAG HA . 6.45 45.29 18.52
O5 NAG HA . 2.90 44.78 19.18
O6 NAG HA . 3.59 47.26 19.87
O7 NAG HA . 1.76 43.30 14.93
C1 NAG HA . 7.23 46.25 17.68
C2 NAG HA . 8.38 46.87 18.52
C3 NAG HA . 9.14 47.81 17.63
C4 NAG HA . 9.73 47.03 16.46
C5 NAG HA . 8.55 46.39 15.73
C6 NAG HA . 9.09 45.54 14.61
C7 NAG HA . 8.06 47.24 20.87
C8 NAG HA . 7.51 48.09 21.95
N2 NAG HA . 7.86 47.62 19.64
O3 NAG HA . 10.13 48.42 18.44
O4 NAG HA . 10.20 47.93 15.46
O5 NAG HA . 7.77 45.54 16.57
O6 NAG HA . 8.52 44.24 14.63
O7 NAG HA . 8.69 46.21 21.09
C1 BMA HA . 11.62 48.33 15.60
C2 BMA HA . 12.06 48.82 14.21
C3 BMA HA . 13.48 49.35 14.25
C4 BMA HA . 13.47 50.50 15.26
C5 BMA HA . 13.03 49.97 16.63
C6 BMA HA . 13.00 51.08 17.64
O2 BMA HA . 11.19 49.85 13.78
O3 BMA HA . 13.79 49.81 12.93
O4 BMA HA . 14.75 51.11 15.36
O5 BMA HA . 11.71 49.41 16.52
O6 BMA HA . 12.36 52.23 17.09
C1 MAN HA . 15.22 49.70 12.56
C2 MAN HA . 15.40 50.31 11.15
C3 MAN HA . 14.63 49.43 10.17
C4 MAN HA . 15.17 48.02 10.22
C5 MAN HA . 14.99 47.49 11.63
C6 MAN HA . 15.56 46.10 11.76
O2 MAN HA . 16.79 50.39 10.81
O3 MAN HA . 14.75 49.95 8.85
O4 MAN HA . 14.43 47.23 9.32
O5 MAN HA . 15.69 48.35 12.57
O6 MAN HA . 16.96 46.10 11.55
C1 MAN HA . 17.21 51.82 10.57
C2 MAN HA . 18.57 51.90 9.82
C3 MAN HA . 19.68 51.34 10.70
C4 MAN HA . 19.71 52.21 11.95
C5 MAN HA . 18.36 52.08 12.66
C6 MAN HA . 18.37 52.90 13.92
O2 MAN HA . 18.90 53.28 9.58
O3 MAN HA . 20.93 51.42 10.02
O4 MAN HA . 20.75 51.86 12.84
O5 MAN HA . 17.30 52.55 11.79
O6 MAN HA . 19.51 52.58 14.70
C1 MAN HA . 18.59 53.76 8.20
C2 MAN HA . 19.43 55.03 7.90
C3 MAN HA . 19.07 56.14 8.89
C4 MAN HA . 17.58 56.45 8.69
C5 MAN HA . 16.80 55.18 8.96
C6 MAN HA . 15.33 55.42 8.79
O2 MAN HA . 19.16 55.46 6.57
O3 MAN HA . 19.85 57.30 8.63
O4 MAN HA . 17.17 57.46 9.59
O5 MAN HA . 17.20 54.11 8.06
O6 MAN HA . 14.87 56.38 9.73
C1 MAN HA . 11.53 52.99 18.07
C2 MAN HA . 10.49 53.86 17.32
C3 MAN HA . 11.20 54.88 16.41
C4 MAN HA . 12.06 55.73 17.33
C5 MAN HA . 13.05 54.84 18.07
C6 MAN HA . 13.91 55.67 18.99
O2 MAN HA . 9.68 54.56 18.25
O3 MAN HA . 10.23 55.68 15.72
O4 MAN HA . 12.78 56.70 16.58
O5 MAN HA . 12.35 53.84 18.87
O6 MAN HA . 14.47 54.88 20.04
C1 MAN HA . 10.65 56.00 14.32
C2 MAN HA . 9.94 57.29 13.81
C3 MAN HA . 8.43 57.07 13.76
C4 MAN HA . 8.18 55.91 12.79
C5 MAN HA . 8.89 54.67 13.32
C6 MAN HA . 8.66 53.50 12.40
O2 MAN HA . 10.42 57.62 12.52
O3 MAN HA . 7.78 58.26 13.29
O4 MAN HA . 6.79 55.63 12.68
O5 MAN HA . 10.33 54.91 13.42
O6 MAN HA . 7.30 53.49 11.97
C1 MAN HA . 15.96 54.81 19.97
C2 MAN HA . 16.53 54.06 21.20
C3 MAN HA . 16.25 54.88 22.48
C4 MAN HA . 16.91 56.24 22.30
C5 MAN HA . 16.30 56.92 21.07
C6 MAN HA . 16.93 58.28 20.87
O2 MAN HA . 17.92 53.86 21.02
O3 MAN HA . 16.81 54.20 23.61
O4 MAN HA . 16.70 57.06 23.45
O5 MAN HA . 16.54 56.11 19.89
O6 MAN HA . 17.10 58.92 22.14
C1 NAG IA . -30.55 27.33 28.56
C2 NAG IA . -30.09 27.05 30.03
C3 NAG IA . -30.95 25.88 30.50
C4 NAG IA . -32.42 26.26 30.45
C5 NAG IA . -32.74 26.64 29.00
C6 NAG IA . -34.19 27.04 28.84
C7 NAG IA . -27.78 27.57 30.47
C8 NAG IA . -26.35 27.13 30.55
N2 NAG IA . -28.69 26.70 30.09
O3 NAG IA . -30.58 25.52 31.84
O4 NAG IA . -33.20 25.09 30.75
O5 NAG IA . -31.92 27.73 28.51
O6 NAG IA . -34.52 28.14 29.66
O7 NAG IA . -28.13 28.73 30.73
C1 NAG IA . -33.99 25.23 32.02
C2 NAG IA . -35.04 24.09 32.08
C3 NAG IA . -35.83 24.24 33.37
C4 NAG IA . -34.84 24.14 34.53
C5 NAG IA . -33.81 25.27 34.40
C6 NAG IA . -32.80 25.17 35.51
C7 NAG IA . -36.00 23.26 30.02
C8 NAG IA . -36.90 23.50 28.86
N2 NAG IA . -35.91 24.19 30.94
O3 NAG IA . -36.81 23.21 33.48
O4 NAG IA . -35.54 24.26 35.76
O5 NAG IA . -33.12 25.15 33.15
O6 NAG IA . -33.43 25.00 36.78
O7 NAG IA . -35.35 22.20 30.11
C1 NAG JA . -38.23 34.40 13.04
C2 NAG JA . -38.23 35.96 13.08
C3 NAG JA . -38.28 36.42 11.62
C4 NAG JA . -37.07 35.88 10.85
C5 NAG JA . -37.12 34.37 10.96
C6 NAG JA . -35.92 33.74 10.28
C7 NAG JA . -39.37 36.83 15.02
C8 NAG JA . -40.66 37.23 15.64
N2 NAG JA . -39.41 36.42 13.78
O3 NAG JA . -38.29 37.85 11.55
O4 NAG JA . -37.26 36.19 9.46
O5 NAG JA . -37.10 33.92 12.32
O6 NAG JA . -34.71 34.25 10.84
O7 NAG JA . -38.30 36.89 15.63
C1 NAG JA . -36.19 37.05 8.90
C2 NAG JA . -36.21 36.94 7.35
C3 NAG JA . -35.14 37.87 6.80
C4 NAG JA . -35.48 39.29 7.25
C5 NAG JA . -35.47 39.34 8.78
C6 NAG JA . -35.84 40.72 9.25
C7 NAG JA . -36.83 34.76 6.45
C8 NAG JA . -36.38 33.36 6.11
N2 NAG JA . -35.92 35.57 6.96
O3 NAG JA . -35.11 37.80 5.37
O4 NAG JA . -34.52 40.20 6.73
O5 NAG JA . -36.44 38.40 9.30
O6 NAG JA . -35.71 41.66 8.20
O7 NAG JA . -37.99 35.13 6.26
C1 NAG KA . 25.74 37.80 22.90
C2 NAG KA . 25.58 39.34 23.13
C3 NAG KA . 26.37 39.68 24.40
C4 NAG KA . 25.82 38.89 25.57
C5 NAG KA . 25.97 37.41 25.24
C6 NAG KA . 25.45 36.53 26.36
C7 NAG KA . 25.44 40.53 21.04
C8 NAG KA . 26.16 41.28 19.97
N2 NAG KA . 26.17 40.09 22.04
O3 NAG KA . 26.28 41.08 24.67
O4 NAG KA . 26.58 39.21 26.74
O5 NAG KA . 25.26 37.07 24.04
O6 NAG KA . 24.10 36.84 26.67
O7 NAG KA . 24.23 40.30 20.98
C1 NAG KA . 25.72 39.86 27.78
C2 NAG KA . 26.42 39.78 29.15
C3 NAG KA . 25.45 40.38 30.16
C4 NAG KA . 25.18 41.84 29.80
C5 NAG KA . 24.60 41.85 28.39
C6 NAG KA . 24.30 43.26 27.92
C7 NAG KA . 27.77 38.07 30.13
C8 NAG KA . 28.06 36.61 30.26
N2 NAG KA . 26.70 38.39 29.45
O3 NAG KA . 26.01 40.29 31.47
O4 NAG KA . 24.16 42.31 30.68
O5 NAG KA . 25.48 41.23 27.43
O6 NAG KA . 25.40 44.13 28.13
O7 NAG KA . 28.48 38.92 30.65
C1 BMA KA . 24.61 43.36 31.64
C2 BMA KA . 23.37 44.20 32.01
C3 BMA KA . 23.78 45.30 32.99
C4 BMA KA . 24.35 44.57 34.23
C5 BMA KA . 25.55 43.74 33.79
C6 BMA KA . 26.13 42.99 34.96
O2 BMA KA . 22.39 43.37 32.59
O3 BMA KA . 22.63 46.10 33.34
O4 BMA KA . 24.72 45.54 35.20
O5 BMA KA . 25.15 42.76 32.80
O6 BMA KA . 26.80 41.81 34.50
C1 MAN KA . 22.69 47.47 32.73
C2 MAN KA . 21.57 48.38 33.30
C3 MAN KA . 20.21 47.80 32.85
C4 MAN KA . 20.15 47.79 31.33
C5 MAN KA . 21.29 46.91 30.84
C6 MAN KA . 21.32 46.84 29.34
O2 MAN KA . 21.74 49.70 32.77
O3 MAN KA . 19.11 48.55 33.37
O4 MAN KA . 18.93 47.19 30.92
O5 MAN KA . 22.58 47.42 31.31
O6 MAN KA . 22.65 46.97 28.85
C1 MAN KA . 21.42 50.76 33.78
C2 MAN KA . 21.42 52.17 33.12
C3 MAN KA . 22.80 52.55 32.61
C4 MAN KA . 23.73 52.53 33.82
C5 MAN KA . 23.71 51.12 34.43
C6 MAN KA . 24.60 51.03 35.65
O2 MAN KA . 21.00 53.13 34.09
O3 MAN KA . 22.77 53.86 32.04
O4 MAN KA . 25.03 52.89 33.40
O5 MAN KA . 22.38 50.77 34.85
O6 MAN KA . 24.01 51.66 36.78
C1 MAN KA . 27.92 41.37 35.38
C2 MAN KA . 28.89 40.43 34.61
C3 MAN KA . 28.15 39.16 34.19
C4 MAN KA . 27.66 38.48 35.46
C5 MAN KA . 26.71 39.45 36.18
C6 MAN KA . 26.20 38.83 37.46
O2 MAN KA . 29.99 40.11 35.44
O3 MAN KA . 29.05 38.30 33.47
O4 MAN KA . 26.96 37.28 35.12
O5 MAN KA . 27.42 40.67 36.52
O6 MAN KA . 25.63 37.55 37.21
C1 NAG LA . -51.57 -30.83 5.41
C2 NAG LA . -52.44 -29.56 5.67
C3 NAG LA . -53.45 -29.90 6.75
C4 NAG LA . -54.33 -31.04 6.22
C5 NAG LA . -53.41 -32.24 5.95
C6 NAG LA . -54.19 -33.42 5.43
C7 NAG LA . -51.78 -27.26 5.67
C8 NAG LA . -50.81 -26.18 6.05
N2 NAG LA . -51.57 -28.47 6.11
O3 NAG LA . -54.26 -28.76 7.07
O4 NAG LA . -55.30 -31.43 7.21
O5 NAG LA . -52.42 -31.91 4.98
O6 NAG LA . -54.78 -33.14 4.17
O7 NAG LA . -52.76 -27.01 4.97
C1 NAG LA . -56.71 -31.13 6.77
C2 NAG LA . -57.69 -31.92 7.65
C3 NAG LA . -59.11 -31.58 7.18
C4 NAG LA . -59.32 -30.08 7.34
C5 NAG LA . -58.28 -29.36 6.48
C6 NAG LA . -58.43 -27.86 6.63
C7 NAG LA . -57.20 -34.15 8.47
C8 NAG LA . -56.94 -35.58 8.13
N2 NAG LA . -57.45 -33.34 7.47
O3 NAG LA . -60.07 -32.30 7.97
O4 NAG LA . -60.62 -29.73 6.92
O5 NAG LA . -56.95 -29.73 6.89
O6 NAG LA . -59.78 -27.46 6.44
O7 NAG LA . -57.19 -33.74 9.64
C1 NAG MA . 26.93 -18.96 16.15
C2 NAG MA . 28.22 -18.10 15.97
C3 NAG MA . 29.38 -19.00 16.42
C4 NAG MA . 29.27 -19.39 17.90
C5 NAG MA . 27.88 -20.11 17.97
C6 NAG MA . 27.48 -20.48 19.38
C7 NAG MA . 27.89 -16.54 14.15
C8 NAG MA . 28.07 -16.20 12.72
N2 NAG MA . 28.39 -17.69 14.59
O3 NAG MA . 30.59 -18.29 16.17
O4 NAG MA . 30.33 -20.35 18.16
O5 NAG MA . 26.77 -19.31 17.52
O6 NAG MA . 28.37 -21.42 19.95
O7 NAG MA . 27.31 -15.80 14.94
C1 NAG MA . 31.21 -20.08 19.35
C2 NAG MA . 32.31 -19.04 19.02
C3 NAG MA . 33.21 -18.89 20.26
C4 NAG MA . 32.33 -18.44 21.43
C5 NAG MA . 31.27 -19.50 21.66
C6 NAG MA . 30.37 -19.11 22.81
C7 NAG MA . 33.80 -18.69 17.15
C8 NAG MA . 34.57 -19.27 16.02
N2 NAG MA . 33.09 -19.51 17.90
O3 NAG MA . 34.25 -17.93 20.02
O4 NAG MA . 33.14 -18.29 22.59
O5 NAG MA . 30.45 -19.66 20.49
O6 NAG MA . 31.12 -18.65 23.92
O7 NAG MA . 33.84 -17.47 17.40
C1 NAG NA . 12.42 -22.04 -1.04
C2 NAG NA . 12.12 -22.88 -2.32
C3 NAG NA . 11.38 -24.14 -1.84
C4 NAG NA . 12.28 -24.91 -0.87
C5 NAG NA . 12.60 -23.97 0.29
C6 NAG NA . 13.48 -24.67 1.30
C7 NAG NA . 11.65 -21.60 -4.31
C8 NAG NA . 10.67 -20.71 -5.02
N2 NAG NA . 11.24 -22.09 -3.17
O3 NAG NA . 11.07 -24.97 -2.97
O4 NAG NA . 11.51 -25.99 -0.32
O5 NAG NA . 13.27 -22.76 -0.13
O6 NAG NA . 14.61 -25.27 0.68
O7 NAG NA . 12.75 -21.85 -4.78
C1 NAG NA . 12.07 -27.32 -0.65
C2 NAG NA . 11.41 -28.38 0.28
C3 NAG NA . 11.99 -29.75 -0.08
C4 NAG NA . 11.70 -30.03 -1.55
C5 NAG NA . 12.35 -28.93 -2.40
C6 NAG NA . 12.05 -29.16 -3.86
C7 NAG NA . 10.81 -27.80 2.56
C8 NAG NA . 11.29 -27.42 3.92
N2 NAG NA . 11.73 -28.05 1.65
O3 NAG NA . 11.39 -30.76 0.74
O4 NAG NA . 12.21 -31.30 -1.91
O5 NAG NA . 11.83 -27.63 -2.03
O6 NAG NA . 12.32 -30.51 -4.23
O7 NAG NA . 9.60 -27.88 2.29
C1 NAG OA . -20.65 -43.55 -8.23
C2 NAG OA . -21.19 -43.18 -9.63
C3 NAG OA . -21.29 -44.47 -10.43
C4 NAG OA . -19.91 -45.13 -10.55
C5 NAG OA . -19.45 -45.41 -9.12
C6 NAG OA . -18.09 -46.06 -9.03
C7 NAG OA . -22.73 -41.31 -9.58
C8 NAG OA . -24.12 -40.84 -9.38
N2 NAG OA . -22.51 -42.60 -9.49
O3 NAG OA . -21.83 -44.21 -11.73
O4 NAG OA . -20.04 -46.35 -11.29
O5 NAG OA . -19.38 -44.18 -8.36
O6 NAG OA . -17.08 -45.27 -9.63
O7 NAG OA . -21.80 -40.53 -9.82
C1 NAG OA . -19.02 -46.45 -12.39
C2 NAG OA . -18.88 -47.94 -12.81
C3 NAG OA . -17.81 -48.02 -13.89
C4 NAG OA . -18.26 -47.16 -15.07
C5 NAG OA . -18.43 -45.73 -14.57
C6 NAG OA . -18.89 -44.83 -15.69
C7 NAG OA . -19.25 -49.61 -11.08
C8 NAG OA . -18.71 -50.29 -9.87
N2 NAG OA . -18.46 -48.72 -11.66
O3 NAG OA . -17.64 -49.38 -14.31
O4 NAG OA . -17.28 -47.21 -16.09
O5 NAG OA . -19.41 -45.66 -13.51
O6 NAG OA . -18.01 -44.93 -16.81
O7 NAG OA . -20.36 -49.87 -11.55
C1 NAG PA . 5.67 -19.41 33.67
C2 NAG PA . 5.05 -19.86 35.02
C3 NAG PA . 4.52 -18.61 35.69
C4 NAG PA . 5.59 -17.55 35.96
C5 NAG PA . 6.15 -17.25 34.56
C6 NAG PA . 7.25 -16.24 34.58
C7 NAG PA . 3.70 -21.84 35.35
C8 NAG PA . 2.48 -22.59 34.95
N2 NAG PA . 3.93 -20.72 34.73
O3 NAG PA . 3.93 -18.98 36.95
O4 NAG PA . 4.85 -16.42 36.48
O5 NAG PA . 6.69 -18.43 33.89
O6 NAG PA . 7.92 -16.17 33.34
O7 NAG PA . 4.48 -22.26 36.22
C1 NAG PA . 5.48 -15.63 37.61
C2 NAG PA . 5.61 -16.47 38.93
C3 NAG PA . 6.12 -15.53 40.02
C4 NAG PA . 7.48 -14.98 39.56
C5 NAG PA . 7.28 -14.23 38.26
C6 NAG PA . 8.55 -13.63 37.74
C7 NAG PA . 3.54 -16.93 40.26
C8 NAG PA . 2.28 -17.75 40.29
N2 NAG PA . 4.33 -17.12 39.21
O3 NAG PA . 6.27 -16.23 41.26
O4 NAG PA . 8.00 -14.10 40.55
O5 NAG PA . 6.75 -15.10 37.23
O6 NAG PA . 9.45 -13.38 38.81
O7 NAG PA . 3.79 -16.15 41.18
C1 NAG QA . -14.22 -26.07 21.30
C2 NAG QA . -12.88 -25.34 20.97
C3 NAG QA . -12.09 -25.30 22.26
C4 NAG QA . -12.85 -24.54 23.33
C5 NAG QA . -14.17 -25.30 23.54
C6 NAG QA . -15.06 -24.68 24.58
C7 NAG QA . -11.52 -25.50 19.00
C8 NAG QA . -10.78 -26.36 18.04
N2 NAG QA . -12.13 -26.09 19.99
O3 NAG QA . -10.83 -24.67 22.02
O4 NAG QA . -12.05 -24.57 24.53
O5 NAG QA . -14.93 -25.35 22.32
O6 NAG QA . -15.65 -23.49 24.11
O7 NAG QA . -11.58 -24.27 18.87
C1 NAG QA . -11.90 -23.21 25.10
C2 NAG QA . -11.39 -23.33 26.57
C3 NAG QA . -11.37 -21.92 27.13
C4 NAG QA . -10.43 -21.08 26.29
C5 NAG QA . -10.93 -21.09 24.85
C6 NAG QA . -10.01 -20.34 23.94
C7 NAG QA . -11.82 -25.17 28.04
C8 NAG QA . -12.80 -26.10 28.65
N2 NAG QA . -12.28 -24.20 27.31
O3 NAG QA . -10.91 -21.94 28.49
O4 NAG QA . -10.54 -19.76 26.76
O5 NAG QA . -11.00 -22.44 24.33
O6 NAG QA . -8.81 -21.07 23.75
O7 NAG QA . -10.62 -25.29 28.24
C1 BMA QA . -9.25 -19.19 27.23
C2 BMA QA . -9.39 -17.66 27.24
C3 BMA QA . -8.08 -17.04 27.72
C4 BMA QA . -7.84 -17.58 29.12
C5 BMA QA . -7.73 -19.11 29.07
C6 BMA QA . -7.51 -19.67 30.45
O2 BMA QA . -10.44 -17.29 28.12
O3 BMA QA . -8.20 -15.60 27.74
O4 BMA QA . -6.65 -17.04 29.65
O5 BMA QA . -8.97 -19.67 28.54
O6 BMA QA . -7.75 -18.66 31.44
C1 MAN QA . -7.98 -14.96 26.40
C2 MAN QA . -6.68 -14.16 26.43
C3 MAN QA . -6.78 -13.06 27.49
C4 MAN QA . -7.93 -12.15 27.06
C5 MAN QA . -9.20 -12.99 27.02
C6 MAN QA . -10.38 -12.14 26.62
O2 MAN QA . -6.47 -13.57 25.16
O3 MAN QA . -5.55 -12.32 27.61
O4 MAN QA . -8.07 -11.09 28.01
O5 MAN QA . -9.06 -14.08 26.08
O6 MAN QA . -10.51 -11.00 27.46
C1 MAN QA . -4.51 -13.04 28.42
C2 MAN QA . -3.69 -12.03 29.25
C3 MAN QA . -2.95 -11.06 28.32
C4 MAN QA . -2.03 -11.93 27.45
C5 MAN QA . -2.89 -12.91 26.67
C6 MAN QA . -2.02 -13.75 25.77
O2 MAN QA . -2.76 -12.74 30.07
O3 MAN QA . -2.18 -10.14 29.10
O4 MAN QA . -1.30 -11.13 26.54
O5 MAN QA . -3.64 -13.79 27.56
O6 MAN QA . -1.16 -12.91 25.04
C1 MAN QA . -8.06 -19.21 32.80
C2 MAN QA . -9.58 -19.42 32.99
C3 MAN QA . -10.32 -18.08 32.89
C4 MAN QA . -9.76 -17.19 34.00
C5 MAN QA . -8.25 -17.02 33.77
C6 MAN QA . -7.69 -16.13 34.85
O2 MAN QA . -9.82 -19.99 34.26
O3 MAN QA . -11.72 -18.27 33.08
O4 MAN QA . -10.38 -15.92 33.98
O5 MAN QA . -7.58 -18.31 33.81
O6 MAN QA . -8.54 -15.01 35.05
C1 NAG RA . 3.13 -40.58 13.58
C2 NAG RA . 4.09 -40.24 12.39
C3 NAG RA . 4.50 -41.58 11.80
C4 NAG RA . 5.17 -42.45 12.86
C5 NAG RA . 4.18 -42.64 13.99
C6 NAG RA . 4.76 -43.46 15.11
C7 NAG RA . 3.44 -38.19 11.28
C8 NAG RA . 2.56 -37.54 10.26
N2 NAG RA . 3.35 -39.48 11.40
O3 NAG RA . 5.41 -41.37 10.72
O4 NAG RA . 5.42 -43.75 12.30
O5 NAG RA . 3.78 -41.39 14.57
O6 NAG RA . 4.16 -43.12 16.34
O7 NAG RA . 4.23 -37.54 11.97
C1 NAG RA . 6.87 -44.10 12.27
C2 NAG RA . 7.01 -45.62 12.04
C3 NAG RA . 8.50 -45.96 12.00
C4 NAG RA . 9.12 -45.18 10.85
C5 NAG RA . 8.92 -43.68 11.11
C6 NAG RA . 9.49 -42.88 9.97
C7 NAG RA . 5.49 -47.28 12.95
C8 NAG RA . 4.87 -47.87 14.16
N2 NAG RA . 6.37 -46.31 13.14
O3 NAG RA . 8.67 -47.37 11.80
O4 NAG RA . 10.50 -45.47 10.77
O5 NAG RA . 7.51 -43.38 11.21
O6 NAG RA . 10.50 -43.61 9.29
O7 NAG RA . 5.20 -47.65 11.82
C1 NAG SA . -0.90 -50.54 14.71
C2 NAG SA . 0.57 -50.02 14.57
C3 NAG SA . 1.48 -51.25 14.50
C4 NAG SA . 1.33 -52.06 15.80
C5 NAG SA . -0.14 -52.47 15.90
C6 NAG SA . -0.39 -53.23 17.17
C7 NAG SA . 1.22 -48.00 13.39
C8 NAG SA . 1.33 -47.29 12.08
N2 NAG SA . 0.74 -49.22 13.37
O3 NAG SA . 2.82 -50.84 14.29
O4 NAG SA . 2.12 -53.27 15.75
O5 NAG SA . -1.01 -51.33 15.91
O6 NAG SA . -1.69 -52.99 17.66
O7 NAG SA . 1.58 -47.47 14.44
C1 NAG SA . 3.50 -53.11 16.30
C2 NAG SA . 3.87 -54.33 17.20
C3 NAG SA . 5.29 -54.12 17.73
C4 NAG SA . 6.24 -53.99 16.55
C5 NAG SA . 5.80 -52.79 15.69
C6 NAG SA . 6.69 -52.63 14.49
C7 NAG SA . 2.22 -55.49 18.54
C8 NAG SA . 1.29 -55.45 19.71
N2 NAG SA . 2.94 -54.41 18.30
O3 NAG SA . 5.66 -55.22 18.55
O4 NAG SA . 7.56 -53.79 17.02
O5 NAG SA . 4.44 -52.99 15.22
O6 NAG SA . 8.06 -52.68 14.87
O7 NAG SA . 2.32 -56.50 17.83
C1 NAG TA . -18.98 -31.49 24.44
C2 NAG TA . -19.64 -30.07 24.44
C3 NAG TA . -20.18 -29.81 25.84
C4 NAG TA . -21.22 -30.88 26.16
C5 NAG TA . -20.51 -32.25 26.07
C6 NAG TA . -21.47 -33.38 26.34
C7 NAG TA . -18.68 -28.41 22.97
C8 NAG TA . -17.55 -27.50 22.67
N2 NAG TA . -18.63 -29.08 24.10
O3 NAG TA . -20.76 -28.51 25.89
O4 NAG TA . -21.68 -30.65 27.50
O5 NAG TA . -19.94 -32.50 24.77
O6 NAG TA . -20.83 -34.64 26.24
O7 NAG TA . -19.65 -28.52 22.22
C1 NAG TA . -23.16 -30.51 27.68
C2 NAG TA . -23.42 -29.31 28.63
C3 NAG TA . -24.92 -29.20 28.91
C4 NAG TA . -25.62 -28.99 27.56
C5 NAG TA . -25.30 -30.17 26.65
C6 NAG TA . -25.96 -29.98 25.31
C7 NAG TA . -22.28 -28.55 30.62
C8 NAG TA . -21.52 -28.91 31.86
N2 NAG TA . -22.70 -29.54 29.87
O3 NAG TA . -25.20 -28.11 29.78
O4 NAG TA . -27.02 -28.88 27.76
O5 NAG TA . -23.88 -30.29 26.45
O6 NAG TA . -27.35 -29.73 25.46
O7 NAG TA . -22.51 -27.38 30.33
C1 NAG UA . -10.29 -34.12 29.70
C2 NAG UA . -10.28 -35.55 30.32
C3 NAG UA . -11.63 -35.75 31.03
C4 NAG UA . -11.78 -34.67 32.11
C5 NAG UA . -11.73 -33.31 31.39
C6 NAG UA . -11.92 -32.16 32.32
C7 NAG UA . -9.04 -37.26 29.14
C8 NAG UA . -8.96 -38.14 27.93
N2 NAG UA . -10.12 -36.52 29.24
O3 NAG UA . -11.68 -37.06 31.60
O4 NAG UA . -13.05 -34.77 32.78
O5 NAG UA . -10.47 -33.13 30.71
O6 NAG UA . -10.73 -31.39 32.45
O7 NAG UA . -8.18 -37.26 30.01
C1 NAG UA . -12.92 -35.21 34.20
C2 NAG UA . -14.25 -34.94 34.93
C3 NAG UA . -14.11 -35.39 36.38
C4 NAG UA . -13.80 -36.89 36.37
C5 NAG UA . -12.48 -37.10 35.61
C6 NAG UA . -12.16 -38.57 35.56
C7 NAG UA . -15.58 -33.00 34.35
C8 NAG UA . -15.67 -31.51 34.34
N2 NAG UA . -14.51 -33.51 34.89
O3 NAG UA . -15.33 -35.15 37.08
O4 NAG UA . -13.66 -37.36 37.70
O5 NAG UA . -12.61 -36.60 34.26
O6 NAG UA . -12.18 -39.15 36.86
O7 NAG UA . -16.45 -33.72 33.85
C1 NAG VA . -2.62 -37.37 29.06
C2 NAG VA . -2.29 -36.15 29.97
C3 NAG VA . -0.88 -36.37 30.45
C4 NAG VA . -0.79 -37.69 31.21
C5 NAG VA . -1.22 -38.79 30.25
C6 NAG VA . -1.18 -40.15 30.87
C7 NAG VA . -3.41 -34.14 29.24
C8 NAG VA . -3.52 -33.04 28.25
N2 NAG VA . -2.39 -34.96 29.16
O3 NAG VA . -0.54 -35.27 31.29
O4 NAG VA . 0.59 -37.96 31.54
O5 NAG VA . -2.55 -38.60 29.77
O6 NAG VA . -2.27 -40.36 31.75
O7 NAG VA . -4.24 -34.28 30.14
C1 NAG VA . 0.95 -37.64 32.95
C2 NAG VA . 2.10 -38.56 33.41
C3 NAG VA . 2.44 -38.18 34.83
C4 NAG VA . 2.90 -36.72 34.89
C5 NAG VA . 1.75 -35.90 34.32
C6 NAG VA . 2.18 -34.46 34.28
C7 NAG VA . 2.22 -40.81 32.58
C8 NAG VA . 1.75 -42.22 32.66
N2 NAG VA . 1.69 -39.95 33.40
O3 NAG VA . 3.45 -39.07 35.26
O4 NAG VA . 2.93 -36.27 36.23
O5 NAG VA . 1.36 -36.28 33.00
O6 NAG VA . 1.94 -33.89 32.99
O7 NAG VA . 3.08 -40.45 31.78
C1 BMA VA . 4.21 -36.48 36.95
C2 BMA VA . 4.22 -35.50 38.13
C3 BMA VA . 5.46 -35.70 38.97
C4 BMA VA . 5.40 -37.15 39.46
C5 BMA VA . 5.41 -38.09 38.25
C6 BMA VA . 5.35 -39.52 38.69
O2 BMA VA . 3.06 -35.71 38.92
O3 BMA VA . 5.38 -34.78 40.08
O4 BMA VA . 6.51 -37.44 40.29
O5 BMA VA . 4.24 -37.81 37.45
O6 BMA VA . 4.41 -39.69 39.76
C1 MAN VA . 6.69 -34.27 40.54
C2 MAN VA . 6.45 -33.32 41.73
C3 MAN VA . 5.70 -32.09 41.20
C4 MAN VA . 6.54 -31.42 40.13
C5 MAN VA . 6.75 -32.41 39.00
C6 MAN VA . 7.62 -31.82 37.93
O2 MAN VA . 7.70 -32.95 42.34
O3 MAN VA . 5.43 -31.18 42.26
O4 MAN VA . 5.88 -30.26 39.65
O5 MAN VA . 7.42 -33.59 39.51
O6 MAN VA . 8.91 -31.49 38.44
C1 MAN VA . 7.76 -33.41 43.76
C2 MAN VA . 8.88 -32.69 44.56
C3 MAN VA . 10.24 -33.09 44.00
C4 MAN VA . 10.35 -34.61 44.16
C5 MAN VA . 9.24 -35.27 43.36
C6 MAN VA . 9.35 -36.76 43.47
O2 MAN VA . 8.86 -33.14 45.93
O3 MAN VA . 11.29 -32.44 44.74
O4 MAN VA . 11.60 -35.11 43.76
O5 MAN VA . 7.94 -34.83 43.85
O6 MAN VA . 10.67 -37.18 43.18
C1 MAN VA . 8.16 -32.20 46.88
C2 MAN VA . 8.64 -32.50 48.32
C3 MAN VA . 8.28 -33.93 48.72
C4 MAN VA . 6.75 -34.04 48.64
C5 MAN VA . 6.33 -33.73 47.21
C6 MAN VA . 4.84 -33.83 47.08
O2 MAN VA . 8.01 -31.58 49.21
O3 MAN VA . 8.74 -34.21 50.04
O4 MAN VA . 6.34 -35.36 48.97
O5 MAN VA . 6.74 -32.39 46.84
O6 MAN VA . 4.41 -35.16 47.34
C1 MAN VA . 3.75 -41.04 39.78
C2 MAN VA . 2.41 -40.95 40.57
C3 MAN VA . 2.67 -40.51 42.00
C4 MAN VA . 3.59 -41.58 42.62
C5 MAN VA . 4.88 -41.65 41.80
C6 MAN VA . 5.79 -42.69 42.39
O2 MAN VA . 1.78 -42.22 40.56
O3 MAN VA . 1.43 -40.43 42.72
O4 MAN VA . 3.90 -41.25 43.96
O5 MAN VA . 4.61 -41.99 40.42
O6 MAN VA . 6.66 -43.24 41.41
C1 MAN VA . 1.40 -39.30 43.71
C2 MAN VA . 0.35 -39.57 44.81
C3 MAN VA . -1.06 -39.62 44.20
C4 MAN VA . -1.29 -38.25 43.54
C5 MAN VA . -0.23 -38.04 42.47
C6 MAN VA . -0.45 -36.71 41.79
O2 MAN VA . 0.41 -38.53 45.77
O3 MAN VA . -2.03 -39.85 45.22
O4 MAN VA . -2.58 -38.19 42.95
O5 MAN VA . 1.09 -38.06 43.06
O6 MAN VA . -1.84 -36.50 41.55
C1 MAN VA . 8.09 -43.20 41.82
C2 MAN VA . 8.98 -43.97 40.82
C3 MAN VA . 8.64 -45.47 40.84
C4 MAN VA . 8.87 -45.96 42.28
C5 MAN VA . 7.96 -45.17 43.22
C6 MAN VA . 8.16 -45.64 44.63
O2 MAN VA . 10.34 -43.79 41.18
O3 MAN VA . 9.49 -46.18 39.95
O4 MAN VA . 8.57 -47.35 42.38
O5 MAN VA . 8.27 -43.75 43.13
O6 MAN VA . 8.28 -47.05 44.66
C1 NAG WA . -28.77 -40.77 1.11
C2 NAG WA . -27.95 -41.84 0.34
C3 NAG WA . -28.40 -41.74 -1.11
C4 NAG WA . -29.90 -42.03 -1.19
C5 NAG WA . -30.61 -41.02 -0.31
C6 NAG WA . -32.10 -41.23 -0.31
C7 NAG WA . -25.66 -42.49 0.68
C8 NAG WA . -24.23 -42.09 0.90
N2 NAG WA . -26.53 -41.55 0.49
O3 NAG WA . -27.67 -42.67 -1.92
O4 NAG WA . -30.33 -41.78 -2.54
O5 NAG WA . -30.18 -41.06 1.07
O6 NAG WA . -32.44 -42.53 0.15
O7 NAG WA . -26.00 -43.67 0.68
C1 NAG WA . -30.83 -43.00 -3.23
C2 NAG WA . -31.59 -42.58 -4.51
C3 NAG WA . -32.10 -43.84 -5.21
C4 NAG WA . -30.88 -44.68 -5.55
C5 NAG WA . -30.14 -45.06 -4.27
C6 NAG WA . -28.92 -45.86 -4.59
C7 NAG WA . -32.78 -40.46 -4.50
C8 NAG WA . -33.96 -39.68 -4.02
N2 NAG WA . -32.70 -41.72 -4.14
O3 NAG WA . -32.82 -43.48 -6.40
O4 NAG WA . -31.29 -45.86 -6.23
O5 NAG WA . -29.73 -43.85 -3.58
O6 NAG WA . -29.00 -46.40 -5.91
O7 NAG WA . -31.93 -39.95 -5.23
C1 NAG XA . -40.92 -31.57 11.99
C2 NAG XA . -41.24 -32.39 13.29
C3 NAG XA . -41.71 -31.36 14.33
C4 NAG XA . -40.61 -30.33 14.58
C5 NAG XA . -40.31 -29.67 13.24
C6 NAG XA . -39.18 -28.67 13.37
C7 NAG XA . -42.09 -34.59 12.82
C8 NAG XA . -43.28 -35.44 12.49
N2 NAG XA . -42.31 -33.32 13.02
O3 NAG XA . -42.03 -32.01 15.56
O4 NAG XA . -41.15 -29.30 15.42
O5 NAG XA . -39.90 -30.61 12.26
O6 NAG XA . -38.03 -29.29 13.92
O7 NAG XA . -40.95 -35.07 12.90
C1 NAG XA . -40.43 -29.16 16.72
C2 NAG XA . -40.76 -27.77 17.32
C3 NAG XA . -40.05 -27.66 18.67
C4 NAG XA . -40.58 -28.79 19.56
C5 NAG XA . -40.26 -30.13 18.90
C6 NAG XA . -40.81 -31.26 19.74
C7 NAG XA . -41.07 -25.94 15.72
C8 NAG XA . -40.43 -24.92 14.84
N2 NAG XA . -40.27 -26.71 16.43
O3 NAG XA . -40.31 -26.39 19.27
O4 NAG XA . -39.97 -28.71 20.83
O5 NAG XA . -40.87 -30.19 17.60
O6 NAG XA . -41.10 -30.80 21.06
O7 NAG XA . -42.31 -26.06 15.79
C1 NAG YA . 21.49 -36.46 28.67
C2 NAG YA . 21.06 -37.43 29.82
C3 NAG YA . 22.03 -38.60 29.78
C4 NAG YA . 21.98 -39.30 28.43
C5 NAG YA . 22.35 -38.27 27.37
C6 NAG YA . 22.31 -38.88 25.99
C7 NAG YA . 20.21 -36.20 31.73
C8 NAG YA . 20.52 -35.60 33.06
N2 NAG YA . 21.21 -36.79 31.12
O3 NAG YA . 21.69 -39.53 30.81
O4 NAG YA . 22.98 -40.32 28.44
O5 NAG YA . 21.45 -37.15 27.40
O6 NAG YA . 21.04 -39.44 25.71
O7 NAG YA . 19.10 -36.15 31.22
C1 NAG YA . 22.38 -41.67 28.25
C2 NAG YA . 23.49 -42.75 28.21
C3 NAG YA . 22.81 -44.09 27.94
C4 NAG YA . 21.80 -44.40 29.05
C5 NAG YA . 20.83 -43.23 29.13
C6 NAG YA . 19.88 -43.45 30.27
C7 NAG YA . 25.60 -41.87 27.25
C8 NAG YA . 26.10 -41.43 28.60
N2 NAG YA . 24.42 -42.46 27.11
O3 NAG YA . 23.81 -45.12 27.99
O4 NAG YA . 20.99 -45.48 28.59
O5 NAG YA . 21.48 -41.97 29.32
O6 NAG YA . 20.57 -43.73 31.47
O7 NAG YA . 26.27 -41.66 26.23
C1 BMA YA . 21.31 -46.81 29.16
C2 BMA YA . 19.99 -47.57 29.39
C3 BMA YA . 20.28 -48.96 29.95
C4 BMA YA . 21.15 -49.66 28.90
C5 BMA YA . 22.44 -48.87 28.69
C6 BMA YA . 23.32 -49.51 27.64
O2 BMA YA . 19.30 -47.69 28.16
O3 BMA YA . 19.05 -49.67 30.13
O4 BMA YA . 21.45 -50.97 29.35
O5 BMA YA . 22.12 -47.54 28.23
O6 BMA YA . 24.00 -48.49 26.91
C1 MAN YA . 18.65 -49.78 31.57
C2 MAN YA . 17.51 -50.83 31.74
C3 MAN YA . 16.26 -50.30 31.02
C4 MAN YA . 15.85 -48.97 31.66
C5 MAN YA . 17.01 -48.00 31.46
C6 MAN YA . 16.66 -46.64 32.03
O2 MAN YA . 17.27 -51.05 33.14
O3 MAN YA . 15.17 -51.22 31.09
O4 MAN YA . 14.67 -48.48 31.03
O5 MAN YA . 18.21 -48.52 32.10
O6 MAN YA . 17.31 -46.37 33.26
C1 MAN YA . 16.96 -52.49 33.45
C2 MAN YA . 16.53 -52.66 34.92
C3 MAN YA . 17.68 -52.30 35.87
C4 MAN YA . 18.81 -53.26 35.54
C5 MAN YA . 19.22 -53.06 34.08
C6 MAN YA . 20.34 -53.98 33.67
O2 MAN YA . 16.14 -54.00 35.15
O3 MAN YA . 17.27 -52.49 37.22
O4 MAN YA . 19.90 -52.99 36.41
O5 MAN YA . 18.10 -53.33 33.20
O6 MAN YA . 19.90 -55.32 33.51
C1 MAN YA . 25.44 -48.76 26.66
C2 MAN YA . 26.20 -47.44 26.39
C3 MAN YA . 25.65 -46.76 25.14
C4 MAN YA . 25.84 -47.73 23.98
C5 MAN YA . 25.10 -49.03 24.29
C6 MAN YA . 25.29 -50.02 23.17
O2 MAN YA . 27.58 -47.73 26.23
O3 MAN YA . 26.33 -45.54 24.90
O4 MAN YA . 25.35 -47.14 22.79
O5 MAN YA . 25.60 -49.61 25.51
O6 MAN YA . 24.94 -49.44 21.91
C1 NAG ZA . 29.39 -4.43 -6.45
C2 NAG ZA . 30.05 -3.30 -7.31
C3 NAG ZA . 31.56 -3.55 -7.31
C4 NAG ZA . 32.06 -3.48 -5.87
C5 NAG ZA . 31.36 -4.58 -5.08
C6 NAG ZA . 31.80 -4.56 -3.64
C7 NAG ZA . 29.12 -2.38 -9.36
C8 NAG ZA . 28.77 -2.59 -10.80
N2 NAG ZA . 29.60 -3.40 -8.69
O3 NAG ZA . 32.21 -2.55 -8.09
O4 NAG ZA . 33.46 -3.68 -5.86
O5 NAG ZA . 29.93 -4.38 -5.11
O6 NAG ZA . 33.17 -4.21 -3.53
O7 NAG ZA . 28.96 -1.28 -8.81
C1 NAG AB . 32.66 6.01 -17.44
C2 NAG AB . 32.54 7.29 -18.34
C3 NAG AB . 33.86 7.46 -19.09
C4 NAG AB . 34.94 7.63 -18.04
C5 NAG AB . 34.97 6.38 -17.13
C6 NAG AB . 36.03 6.54 -16.08
C7 NAG AB . 30.24 7.67 -18.96
C8 NAG AB . 29.09 7.39 -19.86
N2 NAG AB . 31.41 7.14 -19.24
O3 NAG AB . 33.80 8.61 -19.93
O4 NAG AB . 36.20 7.78 -18.67
O5 NAG AB . 33.69 6.18 -16.46
O6 NAG AB . 37.18 7.20 -16.60
O7 NAG AB . 30.12 8.40 -17.97
C1 NAG BB . -11.30 2.93 -52.52
C2 NAG BB . -11.93 1.90 -53.53
C3 NAG BB . -11.31 2.07 -54.92
C4 NAG BB . -11.64 3.50 -55.34
C5 NAG BB . -11.02 4.46 -54.33
C6 NAG BB . -11.33 5.88 -54.75
C7 NAG BB . -12.60 -0.23 -52.59
C8 NAG BB . -12.17 -1.52 -51.97
N2 NAG BB . -11.64 0.56 -53.03
O3 NAG BB . -11.89 1.15 -55.84
O4 NAG BB . -11.13 3.75 -56.65
O5 NAG BB . -11.57 4.26 -53.01
O6 NAG BB . -11.37 5.96 -56.17
O7 NAG BB . -13.79 0.06 -52.71
C1 NAG CB . 4.80 6.77 -56.62
C2 NAG CB . 5.93 6.02 -57.39
C3 NAG CB . 6.99 7.05 -57.77
C4 NAG CB . 6.29 8.10 -58.66
C5 NAG CB . 5.16 8.75 -57.86
C6 NAG CB . 4.45 9.79 -58.68
C7 NAG CB . 6.38 3.70 -56.80
C8 NAG CB . 6.87 2.72 -55.77
N2 NAG CB . 6.48 4.99 -56.51
O3 NAG CB . 8.05 6.43 -58.50
O4 NAG CB . 7.22 9.09 -59.06
O5 NAG CB . 4.17 7.77 -57.46
O6 NAG CB . 5.37 10.80 -59.10
O7 NAG CB . 5.90 3.32 -57.86
C1 NAG DB . -55.83 29.25 -23.15
C2 NAG DB . -56.93 28.84 -22.10
C3 NAG DB . -57.71 30.10 -21.73
C4 NAG DB . -56.72 31.08 -21.11
C5 NAG DB . -55.63 31.40 -22.14
C6 NAG DB . -54.63 32.37 -21.56
C7 NAG DB . -57.75 26.58 -22.35
C8 NAG DB . -58.54 25.61 -23.17
N2 NAG DB . -57.80 27.84 -22.70
O3 NAG DB . -58.74 29.78 -20.78
O4 NAG DB . -57.40 32.27 -20.75
O5 NAG DB . -54.91 30.20 -22.55
O6 NAG DB . -55.29 33.37 -20.79
O7 NAG DB . -57.06 26.22 -21.39
C1 NAG EB . 27.58 10.25 7.69
C2 NAG EB . 27.79 10.49 9.23
C3 NAG EB . 29.28 10.72 9.46
C4 NAG EB . 30.04 9.49 8.99
C5 NAG EB . 29.77 9.31 7.50
C6 NAG EB . 30.49 8.09 6.97
C7 NAG EB . 26.26 11.71 10.69
C8 NAG EB . 25.67 13.03 11.08
N2 NAG EB . 27.08 11.69 9.65
O3 NAG EB . 29.52 10.94 10.85
O4 NAG EB . 31.43 9.69 9.22
O5 NAG EB . 28.36 9.13 7.27
O6 NAG EB . 31.74 7.92 7.61
O7 NAG EB . 25.99 10.67 11.30
C1 NAG FB . 26.16 14.77 22.45
C2 NAG FB . 25.60 14.94 23.89
C3 NAG FB . 26.68 15.60 24.75
C4 NAG FB . 27.87 14.65 24.73
C5 NAG FB . 28.35 14.46 23.29
C6 NAG FB . 29.52 13.52 23.24
C7 NAG FB . 23.19 15.16 23.84
C8 NAG FB . 21.99 16.02 23.69
N2 NAG FB . 24.38 15.73 23.85
O3 NAG FB . 26.21 15.78 26.09
O4 NAG FB . 28.93 15.21 25.51
O5 NAG FB . 27.30 13.89 22.45
O6 NAG FB . 30.13 13.40 24.52
O7 NAG FB . 23.11 13.93 23.97
C1 NAG GB . -22.64 42.92 23.21
C2 NAG GB . -23.20 44.28 22.68
C3 NAG GB . -22.94 45.37 23.71
C4 NAG GB . -23.64 44.95 25.01
C5 NAG GB . -23.07 43.61 25.46
C6 NAG GB . -23.75 43.14 26.72
C7 NAG GB . -23.16 44.56 20.28
C8 NAG GB . -22.32 44.77 19.05
N2 NAG GB . -22.53 44.59 21.43
O3 NAG GB . -23.48 46.62 23.26
O4 NAG GB . -23.44 45.94 26.01
O5 NAG GB . -23.26 42.60 24.46
O6 NAG GB . -24.18 44.24 27.50
O7 NAG GB . -24.37 44.40 20.20
C1 NAG HB . -8.95 45.93 32.92
C2 NAG HB . -7.86 47.06 32.96
C3 NAG HB . -7.15 46.96 34.32
C4 NAG HB . -8.23 47.15 35.40
C5 NAG HB . -9.28 46.04 35.26
C6 NAG HB . -10.35 46.18 36.31
C7 NAG HB . -6.82 47.74 30.87
C8 NAG HB . -5.93 47.38 29.72
N2 NAG HB . -6.94 46.86 31.86
O3 NAG HB . -6.15 47.98 34.43
O4 NAG HB . -7.64 47.07 36.69
O5 NAG HB . -9.92 46.11 33.97
O6 NAG HB . -9.78 46.10 37.61
O7 NAG HB . -7.43 48.81 30.91
C1 NAG IB . -64.36 0.76 19.11
C2 NAG IB . -65.12 -0.03 17.97
C3 NAG IB . -66.05 -1.04 18.63
C4 NAG IB . -65.17 -1.98 19.46
C5 NAG IB . -64.43 -1.15 20.51
C6 NAG IB . -63.55 -2.05 21.34
C7 NAG IB . -65.46 1.25 15.94
C8 NAG IB . -66.20 2.37 15.26
N2 NAG IB . -65.87 0.91 17.14
O3 NAG IB . -66.76 -1.78 17.63
O4 NAG IB . -66.00 -2.94 20.10
O5 NAG IB . -63.57 -0.15 19.89
O6 NAG IB . -64.23 -3.27 21.66
O7 NAG IB . -64.52 0.65 15.40
C1 NAG JB . 25.80 -9.41 13.06
C2 NAG JB . 26.28 -10.84 12.63
C3 NAG JB . 27.71 -11.03 13.16
C4 NAG JB . 28.60 -9.96 12.56
C5 NAG JB . 28.06 -8.60 13.00
C6 NAG JB . 28.90 -7.49 12.41
C7 NAG JB . 24.88 -12.82 12.55
C8 NAG JB . 24.11 -13.86 13.32
N2 NAG JB . 25.44 -11.87 13.24
O3 NAG JB . 28.18 -12.33 12.79
O4 NAG JB . 29.92 -10.13 13.03
O5 NAG JB . 26.71 -8.43 12.53
O6 NAG JB . 30.26 -7.86 12.34
O7 NAG JB . 24.98 -12.88 11.33
C1 NAG KB . 26.63 -24.56 9.77
C2 NAG KB . 26.37 -25.92 9.05
C3 NAG KB . 27.42 -26.92 9.53
C4 NAG KB . 28.77 -26.34 9.13
C5 NAG KB . 28.95 -24.97 9.80
C6 NAG KB . 30.29 -24.38 9.42
C7 NAG KB . 24.02 -26.16 8.50
C8 NAG KB . 22.65 -26.54 8.91
N2 NAG KB . 25.01 -26.37 9.35
O3 NAG KB . 27.22 -28.19 8.90
O4 NAG KB . 29.81 -27.22 9.56
O5 NAG KB . 27.92 -24.04 9.40
O6 NAG KB . 31.28 -25.39 9.36
O7 NAG KB . 24.27 -25.66 7.39
C1 NAG LB . -25.65 -43.32 18.94
C2 NAG LB . -26.60 -43.60 20.15
C3 NAG LB . -26.36 -45.01 20.67
C4 NAG LB . -26.66 -45.96 19.51
C5 NAG LB . -25.73 -45.64 18.34
C6 NAG LB . -26.00 -46.53 17.17
C7 NAG LB . -27.15 -41.67 21.51
C8 NAG LB . -26.66 -40.64 22.48
N2 NAG LB . -26.30 -42.61 21.18
O3 NAG LB . -27.25 -45.29 21.76
O4 NAG LB . -26.46 -47.30 19.93
O5 NAG LB . -25.91 -44.28 17.89
O6 NAG LB . -26.49 -47.79 17.59
O7 NAG LB . -28.30 -41.64 21.07
C1 NAG MB . -11.16 -52.03 21.04
C2 NAG MB . -10.36 -52.53 22.29
C3 NAG MB . -9.38 -53.60 21.79
C4 NAG MB . -10.21 -54.71 21.14
C5 NAG MB . -11.02 -54.13 19.97
C6 NAG MB . -11.84 -55.19 19.30
C7 NAG MB . -9.96 -50.97 24.11
C8 NAG MB . -9.28 -49.73 24.59
N2 NAG MB . -9.67 -51.40 22.89
O3 NAG MB . -8.61 -54.12 22.88
O4 NAG MB . -9.36 -55.74 20.66
O5 NAG MB . -11.92 -53.10 20.42
O6 NAG MB . -11.00 -56.22 18.80
O7 NAG MB . -10.75 -51.59 24.82
C1 NAG NB . -57.47 -22.29 -26.64
C2 NAG NB . -58.27 -20.97 -26.99
C3 NAG NB . -58.80 -21.11 -28.42
C4 NAG NB . -57.59 -21.28 -29.33
C5 NAG NB . -56.82 -22.54 -28.91
C6 NAG NB . -55.62 -22.74 -29.80
C7 NAG NB . -59.30 -19.87 -25.09
C8 NAG NB . -60.38 -19.92 -24.06
N2 NAG NB . -59.36 -20.79 -26.04
O3 NAG NB . -59.54 -19.94 -28.78
O4 NAG NB . -58.04 -21.42 -30.67
O5 NAG NB . -56.36 -22.44 -27.53
O6 NAG NB . -55.93 -22.45 -31.15
O7 NAG NB . -58.39 -19.04 -25.07
#